data_9D9L
#
_entry.id   9D9L
#
_entity_poly.entity_id   1
_entity_poly.type   'polypeptide(L)'
_entity_poly.pdbx_seq_one_letter_code
;MALKDDAVLIAARGYVYTAAVGTAAPTPSQLKLIDLEHPEAWDRTGWDLVGHTSEDDLPEFGFDGGDSEVRGSWQKKKLR
EVETEEIADYVVINLTQFDETALELYFGPNQSATPGIFGVKSGSVVNERALLIVIVDNDVRLGFHARKASLKREDAISLA
TDEFGALPVRATFLDYQSYNLYEWIEEDWFNAVDAPVVYLLDLGGATGGDYTLLVGGKSTGDIAYNANASAIKTAIGAVD
DGVAESAWTVTADGSDFEISGPLAVALGVDSTTGGSGVTVDVV
;
_entity_poly.pdbx_strand_id   A,B,C,D,E,F,G,H,I,J,K,L
#
# COMPACT_ATOMS: atom_id res chain seq x y z
N ALA A 2 28.61 -17.79 29.04
CA ALA A 2 28.97 -18.25 27.71
C ALA A 2 28.28 -17.47 26.58
N LEU A 3 27.51 -16.42 26.89
CA LEU A 3 26.98 -15.49 25.90
C LEU A 3 28.12 -14.65 25.29
N LYS A 4 28.32 -14.72 23.98
CA LYS A 4 29.39 -14.00 23.27
C LYS A 4 28.84 -13.31 22.02
N ASP A 5 28.61 -12.01 22.11
CA ASP A 5 27.94 -11.25 21.05
C ASP A 5 28.76 -11.17 19.76
N ASP A 6 30.08 -11.29 19.84
CA ASP A 6 30.97 -11.31 18.66
C ASP A 6 30.81 -12.59 17.83
N ALA A 7 30.23 -13.67 18.38
CA ALA A 7 30.09 -14.97 17.74
C ALA A 7 28.70 -15.23 17.14
N VAL A 8 27.83 -14.22 17.07
CA VAL A 8 26.49 -14.31 16.48
C VAL A 8 26.53 -13.93 14.99
N LEU A 9 26.76 -14.91 14.13
CA LEU A 9 27.18 -14.73 12.74
C LEU A 9 26.08 -14.18 11.81
N ILE A 10 26.36 -13.12 11.05
CA ILE A 10 25.58 -12.72 9.85
C ILE A 10 26.43 -12.91 8.59
N ALA A 11 25.99 -13.72 7.65
CA ALA A 11 26.76 -14.07 6.46
C ALA A 11 26.76 -12.99 5.37
N ALA A 12 26.97 -11.72 5.72
CA ALA A 12 26.76 -10.56 4.84
C ALA A 12 27.56 -10.60 3.54
N ARG A 13 28.74 -11.23 3.55
CA ARG A 13 29.61 -11.44 2.37
C ARG A 13 30.34 -12.77 2.52
N GLY A 14 30.71 -13.44 1.45
CA GLY A 14 31.40 -14.73 1.57
C GLY A 14 31.88 -15.29 0.25
N TYR A 15 32.72 -16.31 0.30
CA TYR A 15 33.44 -16.84 -0.85
C TYR A 15 33.40 -18.37 -0.86
N VAL A 16 33.48 -18.99 -2.04
CA VAL A 16 33.46 -20.46 -2.22
C VAL A 16 34.59 -20.87 -3.15
N TYR A 17 35.39 -21.86 -2.75
CA TYR A 17 36.56 -22.35 -3.47
C TYR A 17 36.48 -23.85 -3.65
N THR A 18 37.24 -24.40 -4.58
CA THR A 18 37.20 -25.82 -4.91
C THR A 18 38.57 -26.31 -5.43
N ALA A 19 38.92 -27.56 -5.22
CA ALA A 19 40.24 -28.09 -5.55
C ALA A 19 40.23 -29.61 -5.66
N ALA A 20 41.31 -30.25 -6.15
CA ALA A 20 41.40 -31.70 -6.24
C ALA A 20 41.17 -32.36 -4.88
N VAL A 21 40.58 -33.56 -4.84
CA VAL A 21 40.22 -34.22 -3.56
C VAL A 21 41.42 -34.34 -2.64
N GLY A 22 41.20 -34.13 -1.35
CA GLY A 22 42.22 -34.24 -0.31
C GLY A 22 43.03 -32.97 -0.04
N THR A 23 42.95 -31.94 -0.89
CA THR A 23 43.72 -30.70 -0.70
C THR A 23 43.40 -29.99 0.61
N ALA A 24 44.43 -29.41 1.24
CA ALA A 24 44.36 -28.77 2.56
C ALA A 24 43.94 -27.30 2.50
N ALA A 25 43.03 -26.88 3.37
CA ALA A 25 42.64 -25.48 3.53
C ALA A 25 43.73 -24.66 4.25
N PRO A 26 43.66 -23.32 4.22
CA PRO A 26 44.43 -22.44 5.09
C PRO A 26 44.31 -22.85 6.55
N THR A 27 45.40 -22.83 7.32
CA THR A 27 45.31 -23.06 8.77
C THR A 27 44.54 -21.90 9.41
N PRO A 28 43.94 -22.06 10.59
CA PRO A 28 43.17 -21.00 11.23
C PRO A 28 43.94 -19.69 11.41
N SER A 29 45.25 -19.74 11.63
CA SER A 29 46.12 -18.56 11.73
C SER A 29 46.40 -17.88 10.38
N GLN A 30 46.38 -18.62 9.27
CA GLN A 30 46.47 -18.06 7.91
C GLN A 30 45.15 -17.44 7.46
N LEU A 31 44.00 -17.98 7.88
CA LEU A 31 42.67 -17.56 7.45
C LEU A 31 42.35 -16.08 7.69
N LYS A 32 43.00 -15.44 8.67
CA LYS A 32 42.92 -14.00 8.96
C LYS A 32 43.74 -13.10 8.03
N LEU A 33 44.72 -13.68 7.31
CA LEU A 33 45.71 -12.95 6.51
C LEU A 33 45.46 -13.08 5.01
N ILE A 34 44.97 -14.22 4.53
CA ILE A 34 44.81 -14.51 3.11
C ILE A 34 43.94 -13.47 2.39
N ASP A 35 44.26 -13.21 1.12
CA ASP A 35 43.48 -12.34 0.23
C ASP A 35 42.43 -13.17 -0.51
N LEU A 36 41.16 -13.04 -0.12
CA LEU A 36 40.12 -14.00 -0.49
C LEU A 36 39.77 -13.99 -1.98
N GLU A 37 40.13 -12.96 -2.74
CA GLU A 37 39.83 -12.90 -4.18
C GLU A 37 41.00 -13.35 -5.07
N HIS A 38 42.12 -13.78 -4.49
CA HIS A 38 43.30 -14.24 -5.23
C HIS A 38 43.91 -15.54 -4.68
N PRO A 39 43.23 -16.69 -4.80
CA PRO A 39 43.77 -18.01 -4.45
C PRO A 39 45.11 -18.37 -5.08
N GLU A 40 45.48 -17.78 -6.22
CA GLU A 40 46.79 -17.95 -6.84
C GLU A 40 47.96 -17.43 -5.97
N ALA A 41 47.69 -16.58 -4.98
CA ALA A 41 48.70 -15.98 -4.11
C ALA A 41 48.92 -16.71 -2.77
N TRP A 42 48.05 -17.64 -2.38
CA TRP A 42 48.07 -18.22 -1.03
C TRP A 42 49.26 -19.17 -0.78
N ASP A 43 49.63 -19.34 0.50
CA ASP A 43 50.63 -20.30 0.96
C ASP A 43 50.17 -21.76 0.79
N ARG A 44 48.86 -22.02 0.88
CA ARG A 44 48.22 -23.30 0.51
C ARG A 44 47.89 -23.31 -0.98
N THR A 45 48.79 -23.84 -1.79
CA THR A 45 48.58 -23.97 -3.23
C THR A 45 47.44 -24.96 -3.54
N GLY A 46 46.65 -24.68 -4.58
CA GLY A 46 45.69 -25.62 -5.17
C GLY A 46 44.23 -25.17 -5.25
N TRP A 47 43.83 -24.15 -4.47
CA TRP A 47 42.46 -23.63 -4.48
C TRP A 47 42.19 -22.67 -5.63
N ASP A 48 40.98 -22.67 -6.17
CA ASP A 48 40.48 -21.62 -7.05
C ASP A 48 38.99 -21.39 -6.82
N LEU A 49 38.46 -20.24 -7.24
CA LEU A 49 37.08 -19.86 -6.93
C LEU A 49 36.10 -20.55 -7.86
N VAL A 50 34.92 -20.83 -7.34
CA VAL A 50 33.74 -21.28 -8.08
C VAL A 50 33.10 -20.15 -8.92
N GLY A 51 33.58 -18.91 -8.79
CA GLY A 51 32.97 -17.73 -9.40
C GLY A 51 31.84 -17.16 -8.55
N HIS A 52 31.03 -16.25 -9.11
CA HIS A 52 29.92 -15.62 -8.39
C HIS A 52 28.85 -16.61 -7.90
N THR A 53 28.28 -16.32 -6.74
CA THR A 53 27.19 -17.07 -6.08
C THR A 53 26.03 -16.13 -5.82
N SER A 54 24.77 -16.58 -5.90
CA SER A 54 23.62 -15.70 -5.65
C SER A 54 23.67 -15.07 -4.27
N GLU A 55 23.18 -13.84 -4.14
CA GLU A 55 23.07 -13.18 -2.84
C GLU A 55 21.80 -13.59 -2.08
N ASP A 56 20.70 -13.84 -2.79
CA ASP A 56 19.43 -14.22 -2.18
C ASP A 56 19.46 -15.62 -1.54
N ASP A 57 20.06 -16.61 -2.22
CA ASP A 57 20.12 -18.01 -1.84
C ASP A 57 21.54 -18.44 -1.46
N LEU A 58 21.90 -18.29 -0.19
CA LEU A 58 23.21 -18.68 0.34
C LEU A 58 23.39 -20.22 0.43
N PRO A 59 24.62 -20.74 0.60
CA PRO A 59 24.85 -22.15 0.91
C PRO A 59 23.95 -22.73 1.98
N GLU A 60 23.19 -23.77 1.66
CA GLU A 60 22.23 -24.42 2.57
C GLU A 60 22.81 -25.72 3.16
N PHE A 61 23.35 -25.70 4.38
CA PHE A 61 24.02 -26.86 5.00
C PHE A 61 23.03 -27.91 5.53
N GLY A 62 22.21 -28.47 4.65
CA GLY A 62 21.21 -29.48 5.02
C GLY A 62 21.77 -30.86 5.30
N PHE A 63 20.87 -31.80 5.55
CA PHE A 63 21.13 -33.23 5.63
C PHE A 63 19.87 -34.01 5.29
N ASP A 64 20.03 -35.28 4.95
CA ASP A 64 18.92 -36.21 4.70
C ASP A 64 19.09 -37.47 5.55
N GLY A 65 18.00 -38.17 5.86
CA GLY A 65 18.02 -39.28 6.79
C GLY A 65 18.19 -38.82 8.24
N GLY A 66 18.83 -39.66 9.06
CA GLY A 66 18.95 -39.46 10.50
C GLY A 66 17.72 -39.92 11.30
N ASP A 67 16.73 -40.54 10.65
CA ASP A 67 15.57 -41.10 11.34
C ASP A 67 16.00 -42.17 12.36
N SER A 68 15.37 -42.15 13.52
CA SER A 68 15.73 -42.98 14.67
C SER A 68 14.49 -43.41 15.44
N GLU A 69 14.57 -44.54 16.12
CA GLU A 69 13.49 -45.09 16.95
C GLU A 69 14.05 -45.77 18.20
N VAL A 70 13.25 -45.89 19.26
CA VAL A 70 13.62 -46.61 20.48
C VAL A 70 12.89 -47.95 20.53
N ARG A 71 13.61 -49.05 20.78
CA ARG A 71 13.06 -50.40 20.72
C ARG A 71 13.55 -51.30 21.86
N GLY A 72 12.77 -52.32 22.19
CA GLY A 72 13.03 -53.23 23.33
C GLY A 72 12.52 -54.65 23.08
N SER A 73 12.32 -55.40 24.15
CA SER A 73 11.90 -56.80 24.09
C SER A 73 10.87 -57.16 25.16
N TRP A 74 10.22 -58.31 24.98
CA TRP A 74 9.36 -58.96 25.97
C TRP A 74 10.06 -59.10 27.34
N GLN A 75 11.36 -59.37 27.33
CA GLN A 75 12.21 -59.46 28.52
C GLN A 75 12.38 -58.09 29.23
N LYS A 76 12.53 -56.99 28.47
CA LYS A 76 13.09 -55.67 28.88
C LYS A 76 12.47 -54.53 28.07
N LYS A 77 11.65 -53.69 28.68
CA LYS A 77 10.90 -52.61 28.00
C LYS A 77 11.82 -51.45 27.59
N LYS A 78 11.63 -50.91 26.37
CA LYS A 78 12.28 -49.68 25.84
C LYS A 78 13.81 -49.64 26.05
N LEU A 79 14.51 -50.60 25.47
CA LEU A 79 15.90 -50.96 25.80
C LEU A 79 16.96 -50.02 25.18
N ARG A 80 16.91 -49.76 23.87
CA ARG A 80 17.95 -49.01 23.13
C ARG A 80 17.38 -48.21 21.97
N GLU A 81 17.96 -47.07 21.65
CA GLU A 81 17.74 -46.34 20.39
C GLU A 81 18.52 -46.97 19.23
N VAL A 82 17.96 -46.92 18.02
CA VAL A 82 18.71 -47.21 16.78
C VAL A 82 18.46 -46.12 15.75
N GLU A 83 19.50 -45.76 15.01
CA GLU A 83 19.41 -44.87 13.85
C GLU A 83 19.13 -45.73 12.61
N THR A 84 17.90 -45.68 12.09
CA THR A 84 17.43 -46.65 11.09
C THR A 84 17.93 -46.38 9.67
N GLU A 85 18.40 -45.16 9.39
CA GLU A 85 19.22 -44.86 8.20
C GLU A 85 20.28 -43.80 8.51
N GLU A 86 21.49 -43.99 7.98
CA GLU A 86 22.64 -43.15 8.27
C GLU A 86 22.46 -41.72 7.74
N ILE A 87 22.74 -40.71 8.55
CA ILE A 87 22.58 -39.30 8.18
C ILE A 87 23.53 -38.90 7.05
N ALA A 88 23.00 -38.23 6.03
CA ALA A 88 23.70 -37.84 4.81
C ALA A 88 23.75 -36.32 4.68
N ASP A 89 24.80 -35.69 5.19
CA ASP A 89 25.07 -34.26 5.07
C ASP A 89 25.29 -33.80 3.63
N TYR A 90 24.99 -32.54 3.35
CA TYR A 90 25.27 -31.89 2.07
C TYR A 90 25.32 -30.37 2.22
N VAL A 91 25.74 -29.64 1.20
CA VAL A 91 25.50 -28.20 1.09
C VAL A 91 25.04 -27.86 -0.31
N VAL A 92 24.06 -26.97 -0.50
CA VAL A 92 23.61 -26.55 -1.84
C VAL A 92 24.13 -25.16 -2.15
N ILE A 93 24.88 -24.97 -3.23
CA ILE A 93 25.42 -23.66 -3.64
C ILE A 93 24.73 -23.20 -4.93
N ASN A 94 24.09 -22.04 -4.95
CA ASN A 94 23.52 -21.49 -6.18
C ASN A 94 24.58 -20.70 -6.93
N LEU A 95 25.23 -21.30 -7.91
CA LEU A 95 26.21 -20.59 -8.74
C LEU A 95 25.49 -19.57 -9.64
N THR A 96 26.15 -18.56 -10.19
CA THR A 96 25.53 -17.67 -11.20
C THR A 96 26.38 -17.37 -12.42
N GLN A 97 27.66 -17.74 -12.46
CA GLN A 97 28.41 -17.67 -13.71
C GLN A 97 27.95 -18.75 -14.69
N PHE A 98 27.83 -18.41 -15.96
CA PHE A 98 27.69 -19.38 -17.04
C PHE A 98 29.03 -19.65 -17.74
N ASP A 99 30.15 -19.23 -17.16
CA ASP A 99 31.48 -19.58 -17.64
C ASP A 99 31.79 -21.07 -17.39
N GLU A 100 32.77 -21.64 -18.09
CA GLU A 100 33.14 -23.04 -17.92
C GLU A 100 33.48 -23.40 -16.49
N THR A 101 34.14 -22.52 -15.74
CA THR A 101 34.50 -22.73 -14.33
C THR A 101 33.31 -22.94 -13.41
N ALA A 102 32.09 -22.60 -13.83
CA ALA A 102 30.86 -22.85 -13.07
C ALA A 102 29.93 -23.86 -13.74
N LEU A 103 29.95 -24.02 -15.07
CA LEU A 103 29.27 -25.14 -15.72
C LEU A 103 29.91 -26.47 -15.31
N GLU A 104 31.23 -26.56 -15.13
CA GLU A 104 31.89 -27.82 -14.78
C GLU A 104 31.49 -28.41 -13.42
N LEU A 105 31.05 -27.61 -12.45
CA LEU A 105 30.55 -28.13 -11.19
C LEU A 105 29.15 -28.74 -11.37
N TYR A 106 28.31 -28.12 -12.20
CA TYR A 106 26.92 -28.50 -12.39
C TYR A 106 26.76 -29.67 -13.37
N PHE A 107 27.52 -29.70 -14.48
CA PHE A 107 27.44 -30.74 -15.51
C PHE A 107 28.60 -31.76 -15.52
N GLY A 108 29.54 -31.68 -14.59
CA GLY A 108 30.78 -32.47 -14.69
C GLY A 108 31.70 -31.96 -15.80
N PRO A 109 32.82 -32.62 -16.09
CA PRO A 109 33.77 -32.16 -17.10
C PRO A 109 33.17 -31.93 -18.48
N ASN A 110 33.76 -31.01 -19.25
CA ASN A 110 33.34 -30.69 -20.62
C ASN A 110 33.53 -31.91 -21.54
N GLN A 111 32.49 -32.37 -22.21
CA GLN A 111 32.54 -33.57 -23.07
C GLN A 111 32.99 -33.31 -24.51
N SER A 112 33.44 -32.08 -24.85
CA SER A 112 33.88 -31.70 -26.19
C SER A 112 35.22 -30.97 -26.18
N ALA A 113 36.11 -31.33 -27.10
CA ALA A 113 37.42 -30.68 -27.26
C ALA A 113 37.37 -29.36 -28.08
N THR A 114 36.27 -29.10 -28.79
CA THR A 114 36.10 -27.95 -29.70
C THR A 114 36.12 -26.61 -28.94
N PRO A 115 36.87 -25.59 -29.39
CA PRO A 115 36.92 -24.29 -28.73
C PRO A 115 35.59 -23.56 -28.88
N GLY A 116 35.06 -23.03 -27.79
CA GLY A 116 33.80 -22.28 -27.76
C GLY A 116 32.53 -23.09 -27.51
N ILE A 117 32.59 -24.40 -27.27
CA ILE A 117 31.41 -25.19 -26.87
C ILE A 117 31.67 -26.07 -25.65
N PHE A 118 30.59 -26.40 -24.95
CA PHE A 118 30.60 -27.22 -23.76
C PHE A 118 29.57 -28.33 -23.93
N GLY A 119 29.99 -29.50 -24.41
CA GLY A 119 29.07 -30.61 -24.61
C GLY A 119 28.72 -31.33 -23.32
N VAL A 120 27.50 -31.84 -23.21
CA VAL A 120 27.01 -32.68 -22.11
C VAL A 120 26.55 -34.03 -22.65
N LYS A 121 26.68 -35.12 -21.88
CA LYS A 121 26.39 -36.50 -22.31
C LYS A 121 25.45 -37.23 -21.35
N SER A 122 24.83 -38.30 -21.82
CA SER A 122 23.94 -39.16 -21.03
C SER A 122 24.65 -39.83 -19.84
N GLY A 123 23.87 -40.32 -18.88
CA GLY A 123 24.36 -41.16 -17.78
C GLY A 123 25.01 -40.41 -16.62
N SER A 124 25.52 -41.18 -15.66
CA SER A 124 26.17 -40.68 -14.44
C SER A 124 27.54 -40.08 -14.74
N VAL A 125 27.93 -39.04 -13.99
CA VAL A 125 29.29 -38.49 -13.97
C VAL A 125 29.74 -38.25 -12.53
N VAL A 126 31.00 -38.55 -12.22
CA VAL A 126 31.49 -38.66 -10.83
C VAL A 126 31.69 -37.31 -10.13
N ASN A 127 32.57 -36.45 -10.67
CA ASN A 127 32.79 -35.07 -10.23
C ASN A 127 33.05 -34.85 -8.72
N GLU A 128 33.72 -35.78 -8.05
CA GLU A 128 34.16 -35.59 -6.66
C GLU A 128 35.31 -34.58 -6.59
N ARG A 129 35.26 -33.62 -5.66
CA ARG A 129 36.32 -32.62 -5.44
C ARG A 129 36.26 -32.00 -4.04
N ALA A 130 37.34 -31.39 -3.57
CA ALA A 130 37.36 -30.73 -2.27
C ALA A 130 36.55 -29.43 -2.30
N LEU A 131 36.16 -28.90 -1.15
CA LEU A 131 35.37 -27.68 -1.03
C LEU A 131 35.88 -26.84 0.13
N LEU A 132 36.01 -25.53 -0.04
CA LEU A 132 36.27 -24.58 1.05
C LEU A 132 35.29 -23.43 0.91
N ILE A 133 34.67 -23.00 1.99
CA ILE A 133 33.73 -21.89 2.04
C ILE A 133 34.23 -20.93 3.12
N VAL A 134 34.21 -19.63 2.88
CA VAL A 134 34.61 -18.63 3.87
C VAL A 134 33.49 -17.62 4.02
N ILE A 135 32.90 -17.52 5.20
CA ILE A 135 31.78 -16.62 5.47
C ILE A 135 32.34 -15.42 6.24
N VAL A 136 32.17 -14.21 5.72
CA VAL A 136 32.89 -13.00 6.18
C VAL A 136 31.93 -12.00 6.81
N ASP A 137 31.59 -12.20 8.08
CA ASP A 137 30.80 -11.24 8.85
C ASP A 137 31.69 -10.10 9.35
N ASN A 138 31.83 -9.04 8.55
CA ASN A 138 32.43 -7.77 9.00
C ASN A 138 33.75 -7.96 9.78
N ASP A 139 34.74 -8.56 9.13
CA ASP A 139 36.08 -8.88 9.68
C ASP A 139 36.18 -10.04 10.71
N VAL A 140 35.16 -10.88 10.89
CA VAL A 140 35.37 -12.28 11.33
C VAL A 140 35.07 -13.24 10.18
N ARG A 141 35.88 -14.29 10.02
CA ARG A 141 35.96 -15.11 8.81
C ARG A 141 35.80 -16.59 9.14
N LEU A 142 34.58 -17.04 9.41
CA LEU A 142 34.29 -18.44 9.69
C LEU A 142 34.49 -19.27 8.43
N GLY A 143 35.56 -20.05 8.34
CA GLY A 143 35.81 -20.97 7.24
C GLY A 143 35.14 -22.32 7.45
N PHE A 144 34.92 -23.05 6.37
CA PHE A 144 34.42 -24.43 6.37
C PHE A 144 35.13 -25.24 5.30
N HIS A 145 35.58 -26.46 5.58
CA HIS A 145 36.38 -27.25 4.64
C HIS A 145 35.92 -28.71 4.59
N ALA A 146 35.75 -29.28 3.41
CA ALA A 146 35.49 -30.70 3.24
C ALA A 146 36.49 -31.28 2.24
N ARG A 147 37.29 -32.26 2.66
CA ARG A 147 38.36 -32.83 1.83
C ARG A 147 37.85 -33.61 0.64
N LYS A 148 36.60 -34.07 0.65
CA LYS A 148 35.94 -34.73 -0.48
C LYS A 148 34.43 -34.50 -0.45
N ALA A 149 33.90 -33.87 -1.48
CA ALA A 149 32.47 -33.73 -1.70
C ALA A 149 32.11 -34.25 -3.09
N SER A 150 30.94 -34.83 -3.30
CA SER A 150 30.45 -35.23 -4.61
C SER A 150 29.37 -34.28 -5.09
N LEU A 151 29.58 -33.67 -6.27
CA LEU A 151 28.78 -32.53 -6.72
C LEU A 151 27.79 -32.99 -7.79
N LYS A 152 26.50 -32.84 -7.51
CA LYS A 152 25.40 -33.15 -8.43
C LYS A 152 24.53 -31.93 -8.64
N ARG A 153 23.93 -31.78 -9.82
CA ARG A 153 22.95 -30.72 -10.02
C ARG A 153 21.70 -30.94 -9.18
N GLU A 154 21.27 -29.92 -8.47
CA GLU A 154 20.21 -30.01 -7.45
C GLU A 154 18.83 -29.65 -7.98
N ASP A 155 18.73 -28.84 -9.02
CA ASP A 155 17.47 -28.34 -9.57
C ASP A 155 17.70 -27.78 -10.98
N ALA A 156 16.64 -27.39 -11.69
CA ALA A 156 16.71 -26.73 -12.98
C ALA A 156 17.63 -25.49 -12.98
N ILE A 157 18.27 -25.17 -14.11
CA ILE A 157 18.86 -23.85 -14.31
C ILE A 157 17.74 -22.82 -14.23
N SER A 158 17.91 -21.79 -13.42
CA SER A 158 16.96 -20.69 -13.33
C SER A 158 17.35 -19.60 -14.32
N LEU A 159 16.42 -19.20 -15.19
CA LEU A 159 16.53 -18.03 -16.05
C LEU A 159 15.36 -17.08 -15.78
N ALA A 160 15.65 -15.78 -15.74
CA ALA A 160 14.67 -14.72 -15.63
C ALA A 160 15.18 -13.49 -16.38
N THR A 161 14.31 -12.55 -16.73
CA THR A 161 14.65 -11.33 -17.49
C THR A 161 15.18 -10.17 -16.63
N ASP A 162 14.98 -10.20 -15.31
CA ASP A 162 15.21 -9.08 -14.39
C ASP A 162 15.99 -9.48 -13.13
N GLU A 163 16.65 -10.64 -13.16
CA GLU A 163 17.40 -11.24 -12.07
C GLU A 163 18.47 -12.18 -12.64
N PHE A 164 19.64 -12.30 -12.03
CA PHE A 164 20.71 -13.15 -12.59
C PHE A 164 20.32 -14.63 -12.69
N GLY A 165 20.65 -15.28 -13.80
CA GLY A 165 20.43 -16.71 -13.96
C GLY A 165 21.32 -17.53 -13.01
N ALA A 166 20.87 -18.71 -12.59
CA ALA A 166 21.53 -19.48 -11.54
C ALA A 166 21.57 -20.99 -11.80
N LEU A 167 22.63 -21.66 -11.37
CA LEU A 167 22.84 -23.09 -11.51
C LEU A 167 22.98 -23.74 -10.12
N PRO A 168 21.93 -24.35 -9.54
CA PRO A 168 22.02 -24.92 -8.20
C PRO A 168 22.83 -26.22 -8.18
N VAL A 169 23.98 -26.27 -7.51
CA VAL A 169 24.73 -27.51 -7.33
C VAL A 169 24.67 -27.98 -5.89
N ARG A 170 24.46 -29.27 -5.62
CA ARG A 170 24.53 -29.86 -4.29
C ARG A 170 25.82 -30.64 -4.13
N ALA A 171 26.59 -30.31 -3.11
CA ALA A 171 27.82 -31.00 -2.75
C ALA A 171 27.57 -31.90 -1.56
N THR A 172 27.38 -33.20 -1.77
CA THR A 172 27.22 -34.20 -0.70
C THR A 172 28.56 -34.51 -0.09
N PHE A 173 28.68 -34.67 1.23
CA PHE A 173 29.99 -34.91 1.87
C PHE A 173 30.27 -36.40 2.02
N LEU A 174 31.47 -36.82 1.61
CA LEU A 174 31.92 -38.21 1.63
C LEU A 174 33.19 -38.37 2.47
N ASP A 175 33.35 -39.53 3.10
CA ASP A 175 34.48 -39.83 3.98
C ASP A 175 35.77 -40.05 3.17
N TYR A 176 36.86 -39.38 3.53
CA TYR A 176 38.15 -39.51 2.84
C TYR A 176 39.27 -39.94 3.78
N GLN A 177 39.88 -41.12 3.53
CA GLN A 177 40.93 -41.69 4.37
C GLN A 177 40.55 -41.69 5.86
N SER A 178 41.47 -41.28 6.75
CA SER A 178 41.26 -41.14 8.19
C SER A 178 40.75 -39.75 8.61
N TYR A 179 40.60 -38.81 7.68
CA TYR A 179 40.23 -37.42 7.98
C TYR A 179 38.79 -37.28 8.46
N ASN A 180 38.44 -36.12 9.04
CA ASN A 180 37.08 -35.77 9.38
C ASN A 180 36.18 -35.68 8.14
N LEU A 181 34.87 -35.71 8.32
CA LEU A 181 33.93 -35.58 7.20
C LEU A 181 33.96 -34.16 6.63
N TYR A 182 33.96 -33.16 7.51
CA TYR A 182 34.22 -31.74 7.24
C TYR A 182 34.62 -31.00 8.53
N GLU A 183 35.20 -29.82 8.40
CA GLU A 183 35.74 -29.04 9.51
C GLU A 183 35.35 -27.58 9.38
N TRP A 184 35.03 -26.93 10.49
CA TRP A 184 34.88 -25.48 10.57
C TRP A 184 36.15 -24.89 11.14
N ILE A 185 36.72 -23.88 10.50
CA ILE A 185 38.05 -23.35 10.84
C ILE A 185 37.91 -21.89 11.25
N GLU A 186 38.32 -21.56 12.48
CA GLU A 186 38.36 -20.20 13.03
C GLU A 186 39.22 -20.18 14.30
N GLU A 187 40.27 -19.35 14.35
CA GLU A 187 41.27 -19.40 15.42
C GLU A 187 40.73 -18.91 16.77
N ASP A 188 39.83 -17.94 16.75
CA ASP A 188 39.36 -17.24 17.96
C ASP A 188 38.51 -18.12 18.89
N TRP A 189 37.75 -19.08 18.35
CA TRP A 189 36.58 -19.57 19.07
C TRP A 189 36.28 -21.07 18.96
N PHE A 190 37.07 -21.86 18.23
CA PHE A 190 37.02 -23.33 18.28
C PHE A 190 38.28 -23.90 18.94
N ASN A 191 38.13 -24.85 19.86
CA ASN A 191 39.21 -25.46 20.64
C ASN A 191 40.21 -24.44 21.25
N ALA A 192 39.73 -23.23 21.55
CA ALA A 192 40.54 -22.13 22.07
C ALA A 192 40.70 -22.20 23.59
N VAL A 193 41.67 -21.46 24.11
CA VAL A 193 41.96 -21.38 25.56
C VAL A 193 40.79 -20.76 26.34
N ASP A 194 40.57 -21.24 27.57
CA ASP A 194 39.62 -20.66 28.53
C ASP A 194 40.12 -19.31 29.08
N ALA A 195 40.07 -18.26 28.24
CA ALA A 195 40.55 -16.93 28.58
C ALA A 195 39.74 -16.31 29.75
N PRO A 196 40.39 -15.91 30.87
CA PRO A 196 39.72 -15.27 32.00
C PRO A 196 38.93 -14.01 31.60
N VAL A 197 37.82 -13.76 32.30
CA VAL A 197 37.09 -12.49 32.23
C VAL A 197 37.41 -11.68 33.48
N VAL A 198 37.84 -10.43 33.28
CA VAL A 198 38.44 -9.57 34.30
C VAL A 198 37.99 -8.13 34.08
N TYR A 199 37.84 -7.37 35.17
CA TYR A 199 37.43 -5.97 35.13
C TYR A 199 38.57 -5.08 35.65
N LEU A 200 38.74 -3.92 35.05
CA LEU A 200 39.74 -2.92 35.41
C LEU A 200 39.03 -1.66 35.90
N LEU A 201 39.26 -1.31 37.15
CA LEU A 201 38.78 -0.10 37.83
C LEU A 201 39.93 0.93 37.83
N ASP A 202 39.83 1.91 36.93
CA ASP A 202 40.93 2.80 36.56
C ASP A 202 41.49 3.63 37.73
N LEU A 203 40.62 4.40 38.40
CA LEU A 203 40.95 5.30 39.51
C LEU A 203 42.14 6.23 39.21
N GLY A 204 42.32 6.63 37.94
CA GLY A 204 43.50 7.33 37.41
C GLY A 204 43.59 8.82 37.72
N GLY A 205 43.16 9.25 38.90
CA GLY A 205 43.11 10.65 39.34
C GLY A 205 42.15 10.84 40.52
N ALA A 206 41.57 12.03 40.64
CA ALA A 206 40.49 12.34 41.58
C ALA A 206 40.82 12.01 43.05
N THR A 207 41.91 12.61 43.57
CA THR A 207 42.27 12.53 45.00
C THR A 207 41.20 13.21 45.85
N GLY A 208 40.47 12.43 46.65
CA GLY A 208 39.34 12.90 47.47
C GLY A 208 37.97 12.38 47.03
N GLY A 209 37.07 12.20 47.99
CA GLY A 209 35.70 11.74 47.76
C GLY A 209 35.57 10.22 47.57
N ASP A 210 34.39 9.78 47.14
CA ASP A 210 33.94 8.39 47.23
C ASP A 210 33.05 7.96 46.05
N TYR A 211 32.86 6.65 45.91
CA TYR A 211 32.05 6.00 44.87
C TYR A 211 31.42 4.70 45.41
N THR A 212 30.40 4.18 44.73
CA THR A 212 29.93 2.80 44.92
C THR A 212 30.43 1.89 43.79
N LEU A 213 30.15 0.59 43.84
CA LEU A 213 30.23 -0.31 42.69
C LEU A 213 28.91 -1.07 42.56
N LEU A 214 28.42 -1.22 41.33
CA LEU A 214 27.23 -1.98 40.98
C LEU A 214 27.67 -3.40 40.59
N VAL A 215 27.49 -4.38 41.48
CA VAL A 215 27.95 -5.75 41.31
C VAL A 215 26.77 -6.71 41.18
N GLY A 216 26.69 -7.46 40.07
CA GLY A 216 25.54 -8.31 39.76
C GLY A 216 24.20 -7.55 39.69
N GLY A 217 24.23 -6.24 39.46
CA GLY A 217 23.05 -5.37 39.50
C GLY A 217 22.63 -4.91 40.92
N LYS A 218 23.41 -5.20 41.96
CA LYS A 218 23.21 -4.71 43.33
C LYS A 218 24.29 -3.68 43.68
N SER A 219 23.93 -2.50 44.16
CA SER A 219 24.95 -1.53 44.61
C SER A 219 25.52 -1.96 45.96
N THR A 220 26.84 -2.03 46.09
CA THR A 220 27.46 -1.96 47.42
C THR A 220 27.37 -0.54 47.98
N GLY A 221 27.79 -0.33 49.23
CA GLY A 221 27.86 0.98 49.88
C GLY A 221 28.99 1.87 49.35
N ASP A 222 29.13 3.05 49.96
CA ASP A 222 30.18 4.02 49.60
C ASP A 222 31.58 3.53 49.99
N ILE A 223 32.58 3.75 49.14
CA ILE A 223 34.00 3.52 49.41
C ILE A 223 34.84 4.70 48.90
N ALA A 224 35.84 5.13 49.69
CA ALA A 224 36.65 6.30 49.41
C ALA A 224 37.82 6.03 48.44
N TYR A 225 38.30 7.10 47.78
CA TYR A 225 39.43 7.07 46.84
C TYR A 225 40.73 6.47 47.43
N ASN A 226 40.92 6.54 48.75
CA ASN A 226 42.11 6.07 49.45
C ASN A 226 42.12 4.54 49.66
N ALA A 227 41.06 3.82 49.32
CA ALA A 227 40.90 2.40 49.64
C ALA A 227 41.97 1.49 49.01
N ASN A 228 42.37 0.44 49.74
CA ASN A 228 43.27 -0.61 49.28
C ASN A 228 42.51 -1.83 48.72
N ALA A 229 43.24 -2.79 48.14
CA ALA A 229 42.67 -3.99 47.52
C ALA A 229 41.75 -4.80 48.46
N SER A 230 42.14 -5.02 49.73
CA SER A 230 41.32 -5.76 50.69
C SER A 230 40.04 -4.99 51.08
N ALA A 231 40.10 -3.66 51.16
CA ALA A 231 38.93 -2.82 51.40
C ALA A 231 37.94 -2.91 50.22
N ILE A 232 38.43 -2.81 48.98
CA ILE A 232 37.61 -3.01 47.77
C ILE A 232 37.01 -4.42 47.75
N LYS A 233 37.79 -5.46 48.05
CA LYS A 233 37.30 -6.84 48.17
C LYS A 233 36.17 -6.99 49.18
N THR A 234 36.30 -6.49 50.41
CA THR A 234 35.23 -6.64 51.40
C THR A 234 34.02 -5.75 51.11
N ALA A 235 34.20 -4.59 50.48
CA ALA A 235 33.09 -3.77 49.99
C ALA A 235 32.31 -4.49 48.87
N ILE A 236 32.99 -5.08 47.89
CA ILE A 236 32.36 -5.94 46.86
C ILE A 236 31.70 -7.16 47.50
N GLY A 237 32.33 -7.80 48.48
CA GLY A 237 31.80 -8.97 49.18
C GLY A 237 30.63 -8.69 50.13
N ALA A 238 30.31 -7.43 50.42
CA ALA A 238 29.28 -7.06 51.40
C ALA A 238 27.83 -7.26 50.91
N VAL A 239 27.59 -7.32 49.60
CA VAL A 239 26.23 -7.42 49.04
C VAL A 239 25.52 -8.72 49.43
N ASP A 240 24.19 -8.70 49.40
CA ASP A 240 23.38 -9.85 49.82
C ASP A 240 23.49 -11.06 48.89
N ASP A 241 23.97 -10.89 47.66
CA ASP A 241 23.66 -11.79 46.54
C ASP A 241 24.52 -13.05 46.45
N GLY A 242 24.49 -13.90 47.49
CA GLY A 242 24.92 -15.30 47.42
C GLY A 242 26.42 -15.57 47.30
N VAL A 243 27.28 -14.56 47.46
CA VAL A 243 28.75 -14.64 47.27
C VAL A 243 29.51 -13.93 48.38
N ALA A 244 30.76 -14.31 48.60
CA ALA A 244 31.60 -13.87 49.72
C ALA A 244 33.06 -13.63 49.31
N GLU A 245 33.87 -13.03 50.18
CA GLU A 245 35.27 -12.63 49.89
C GLU A 245 36.20 -13.77 49.41
N SER A 246 35.84 -15.04 49.60
CA SER A 246 36.57 -16.18 49.04
C SER A 246 36.42 -16.33 47.52
N ALA A 247 35.31 -15.87 46.92
CA ALA A 247 35.05 -15.99 45.49
C ALA A 247 35.71 -14.91 44.63
N TRP A 248 35.92 -13.71 45.20
CA TRP A 248 36.49 -12.55 44.51
C TRP A 248 38.03 -12.52 44.53
N THR A 249 38.64 -11.89 43.53
CA THR A 249 40.04 -11.46 43.55
C THR A 249 40.14 -9.98 43.21
N VAL A 250 41.06 -9.28 43.89
CA VAL A 250 41.39 -7.87 43.65
C VAL A 250 42.91 -7.74 43.65
N THR A 251 43.45 -7.02 42.67
CA THR A 251 44.89 -6.76 42.49
C THR A 251 45.08 -5.32 42.02
N ALA A 252 46.28 -4.75 42.12
CA ALA A 252 46.52 -3.35 41.78
C ALA A 252 47.83 -3.13 41.00
N ASP A 253 47.80 -2.23 40.02
CA ASP A 253 48.95 -1.73 39.25
C ASP A 253 49.44 -0.35 39.77
N GLY A 254 49.27 -0.09 41.07
CA GLY A 254 49.47 1.22 41.70
C GLY A 254 48.23 2.11 41.55
N SER A 255 47.38 2.12 42.58
CA SER A 255 46.10 2.87 42.66
C SER A 255 45.24 2.72 41.38
N ASP A 256 45.19 1.51 40.82
CA ASP A 256 44.54 1.16 39.57
C ASP A 256 44.25 -0.36 39.61
N PHE A 257 42.99 -0.76 39.77
CA PHE A 257 42.63 -2.08 40.32
C PHE A 257 42.11 -3.05 39.26
N GLU A 258 42.69 -4.25 39.20
CA GLU A 258 42.28 -5.33 38.32
C GLU A 258 41.63 -6.45 39.15
N ILE A 259 40.36 -6.77 38.85
CA ILE A 259 39.47 -7.55 39.72
C ILE A 259 38.71 -8.62 38.94
N SER A 260 38.41 -9.75 39.57
CA SER A 260 37.66 -10.85 38.96
C SER A 260 36.82 -11.63 39.98
N GLY A 261 35.81 -12.35 39.51
CA GLY A 261 34.90 -13.10 40.40
C GLY A 261 33.68 -13.64 39.67
N PRO A 262 32.67 -14.10 40.41
CA PRO A 262 31.50 -14.79 39.84
C PRO A 262 30.46 -13.88 39.16
N LEU A 263 30.53 -12.55 39.32
CA LEU A 263 29.51 -11.60 38.86
C LEU A 263 30.14 -10.41 38.12
N ALA A 264 29.36 -9.72 37.28
CA ALA A 264 29.81 -8.50 36.59
C ALA A 264 29.87 -7.29 37.52
N VAL A 265 30.79 -6.35 37.25
CA VAL A 265 30.98 -5.12 38.04
C VAL A 265 30.89 -3.90 37.14
N ALA A 266 30.18 -2.86 37.59
CA ALA A 266 29.97 -1.59 36.89
C ALA A 266 30.05 -0.39 37.87
N LEU A 267 30.15 0.82 37.34
CA LEU A 267 30.51 2.04 38.09
C LEU A 267 29.54 2.44 39.21
N GLY A 268 28.25 2.08 39.14
CA GLY A 268 27.26 2.45 40.15
C GLY A 268 27.07 3.97 40.24
N VAL A 269 27.59 4.61 41.29
CA VAL A 269 27.59 6.07 41.46
C VAL A 269 29.00 6.57 41.80
N ASP A 270 29.44 7.64 41.14
CA ASP A 270 30.69 8.37 41.42
C ASP A 270 30.39 9.71 42.11
N SER A 271 31.15 10.06 43.15
CA SER A 271 31.15 11.36 43.82
C SER A 271 32.55 11.81 44.24
N THR A 272 33.59 11.30 43.58
CA THR A 272 35.00 11.72 43.75
C THR A 272 35.26 13.14 43.24
N THR A 273 36.40 13.73 43.60
CA THR A 273 36.81 15.09 43.22
C THR A 273 37.15 15.22 41.72
N GLY A 274 37.45 16.44 41.26
CA GLY A 274 37.88 16.70 39.88
C GLY A 274 39.15 15.94 39.49
N GLY A 275 39.21 15.47 38.24
CA GLY A 275 40.28 14.65 37.67
C GLY A 275 39.81 13.45 36.84
N SER A 276 38.51 13.12 36.87
CA SER A 276 37.88 12.08 36.05
C SER A 276 38.44 10.66 36.25
N GLY A 277 38.92 10.34 37.46
CA GLY A 277 39.61 9.08 37.73
C GLY A 277 38.73 7.83 37.75
N VAL A 278 37.50 7.89 38.27
CA VAL A 278 36.64 6.71 38.43
C VAL A 278 36.05 6.26 37.09
N THR A 279 36.27 5.00 36.74
CA THR A 279 35.79 4.31 35.52
C THR A 279 36.08 2.81 35.70
N VAL A 280 35.14 1.93 35.32
CA VAL A 280 35.37 0.49 35.33
C VAL A 280 34.86 -0.17 34.05
N ASP A 281 35.66 -1.04 33.45
CA ASP A 281 35.39 -1.71 32.18
C ASP A 281 36.17 -3.03 32.09
N VAL A 282 35.81 -3.93 31.17
CA VAL A 282 36.54 -5.21 31.00
C VAL A 282 37.95 -5.04 30.45
N VAL A 283 38.83 -5.96 30.82
CA VAL A 283 40.20 -6.11 30.28
C VAL A 283 40.18 -6.74 28.89
N ALA B 2 38.03 -18.41 -11.28
CA ALA B 2 38.01 -16.99 -10.92
C ALA B 2 36.62 -16.37 -10.99
N LEU B 3 36.42 -15.24 -10.30
CA LEU B 3 35.23 -14.42 -10.50
C LEU B 3 35.38 -13.67 -11.83
N LYS B 4 34.36 -13.68 -12.69
CA LYS B 4 34.26 -12.73 -13.81
C LYS B 4 32.86 -12.16 -13.92
N ASP B 5 32.79 -10.87 -14.20
CA ASP B 5 31.52 -10.15 -14.28
C ASP B 5 30.92 -10.19 -15.70
N ASP B 6 31.67 -10.69 -16.68
CA ASP B 6 31.22 -10.83 -18.07
C ASP B 6 30.19 -11.94 -18.25
N ALA B 7 30.20 -12.95 -17.36
CA ALA B 7 29.53 -14.23 -17.53
C ALA B 7 28.34 -14.48 -16.58
N VAL B 8 27.95 -13.49 -15.80
CA VAL B 8 26.69 -13.52 -15.03
C VAL B 8 25.51 -13.19 -15.94
N LEU B 9 25.00 -14.21 -16.65
CA LEU B 9 23.94 -14.08 -17.65
C LEU B 9 22.67 -13.46 -17.06
N ILE B 10 21.98 -12.60 -17.81
CA ILE B 10 20.68 -12.03 -17.41
C ILE B 10 19.56 -12.17 -18.47
N ALA B 11 19.84 -12.68 -19.67
CA ALA B 11 18.84 -13.29 -20.53
C ALA B 11 17.63 -12.41 -20.91
N ALA B 12 17.84 -11.11 -21.08
CA ALA B 12 16.77 -10.14 -21.29
C ALA B 12 15.94 -10.38 -22.56
N ARG B 13 16.57 -10.84 -23.64
CA ARG B 13 15.94 -11.19 -24.92
C ARG B 13 16.53 -12.48 -25.46
N GLY B 14 15.83 -13.19 -26.33
CA GLY B 14 16.36 -14.42 -26.89
C GLY B 14 15.48 -14.98 -27.99
N TYR B 15 16.02 -15.88 -28.81
CA TYR B 15 15.34 -16.42 -29.98
C TYR B 15 15.39 -17.95 -29.92
N VAL B 16 14.29 -18.62 -30.25
CA VAL B 16 14.18 -20.08 -30.24
C VAL B 16 13.97 -20.58 -31.65
N TYR B 17 14.80 -21.51 -32.12
CA TYR B 17 14.77 -22.05 -33.48
C TYR B 17 14.63 -23.56 -33.46
N THR B 18 14.07 -24.15 -34.48
CA THR B 18 13.92 -25.61 -34.64
C THR B 18 14.28 -26.07 -36.05
N ALA B 19 14.62 -27.34 -36.21
CA ALA B 19 15.00 -27.93 -37.50
C ALA B 19 14.80 -29.44 -37.51
N ALA B 20 14.85 -30.10 -38.66
CA ALA B 20 14.81 -31.56 -38.74
C ALA B 20 15.95 -32.19 -37.93
N VAL B 21 15.79 -33.38 -37.37
CA VAL B 21 16.78 -33.94 -36.44
C VAL B 21 18.17 -34.03 -37.06
N GLY B 22 19.19 -33.69 -36.28
CA GLY B 22 20.59 -33.82 -36.67
C GLY B 22 21.24 -32.59 -37.30
N THR B 23 20.50 -31.54 -37.70
CA THR B 23 21.11 -30.36 -38.35
C THR B 23 21.96 -29.57 -37.38
N ALA B 24 23.18 -29.18 -37.79
CA ALA B 24 24.11 -28.46 -36.93
C ALA B 24 23.77 -26.98 -36.75
N ALA B 25 24.06 -26.44 -35.57
CA ALA B 25 23.94 -25.01 -35.25
C ALA B 25 25.09 -24.17 -35.84
N PRO B 26 24.96 -22.83 -35.94
CA PRO B 26 26.05 -21.94 -36.29
C PRO B 26 27.18 -22.03 -35.25
N THR B 27 28.43 -22.05 -35.70
CA THR B 27 29.61 -22.28 -34.84
C THR B 27 29.87 -21.11 -33.89
N PRO B 28 30.67 -21.27 -32.83
CA PRO B 28 30.97 -20.20 -31.87
C PRO B 28 31.41 -18.86 -32.49
N SER B 29 32.23 -18.88 -33.54
CA SER B 29 32.70 -17.67 -34.24
C SER B 29 31.65 -17.05 -35.15
N GLN B 30 30.68 -17.82 -35.66
CA GLN B 30 29.56 -17.31 -36.45
C GLN B 30 28.46 -16.75 -35.55
N LEU B 31 28.21 -17.35 -34.39
CA LEU B 31 27.17 -16.93 -33.45
C LEU B 31 27.32 -15.47 -33.02
N LYS B 32 28.55 -14.96 -32.96
CA LYS B 32 28.88 -13.56 -32.64
C LYS B 32 28.55 -12.58 -33.77
N LEU B 33 28.15 -13.05 -34.96
CA LEU B 33 28.07 -12.25 -36.19
C LEU B 33 26.75 -12.43 -36.97
N ILE B 34 26.02 -13.54 -36.84
CA ILE B 34 24.74 -13.79 -37.52
C ILE B 34 23.66 -12.75 -37.19
N ASP B 35 22.73 -12.54 -38.12
CA ASP B 35 21.50 -11.77 -37.90
C ASP B 35 20.40 -12.69 -37.40
N LEU B 36 19.98 -12.55 -36.14
CA LEU B 36 19.18 -13.56 -35.46
C LEU B 36 17.76 -13.70 -36.00
N GLU B 37 17.16 -12.64 -36.52
CA GLU B 37 15.75 -12.66 -36.92
C GLU B 37 15.49 -13.30 -38.29
N HIS B 38 16.55 -13.69 -39.02
CA HIS B 38 16.46 -14.20 -40.40
C HIS B 38 17.28 -15.48 -40.63
N PRO B 39 16.84 -16.66 -40.13
CA PRO B 39 17.53 -17.94 -40.32
C PRO B 39 17.79 -18.40 -41.76
N GLU B 40 17.13 -17.83 -42.76
CA GLU B 40 17.38 -18.11 -44.18
C GLU B 40 18.66 -17.46 -44.72
N ALA B 41 19.25 -16.50 -44.00
CA ALA B 41 20.48 -15.84 -44.39
C ALA B 41 21.77 -16.59 -43.99
N TRP B 42 21.72 -17.45 -42.99
CA TRP B 42 22.90 -18.01 -42.34
C TRP B 42 23.67 -19.05 -43.19
N ASP B 43 24.98 -19.21 -42.94
CA ASP B 43 25.65 -20.49 -43.15
C ASP B 43 25.20 -21.46 -42.05
N ARG B 44 25.27 -22.79 -42.25
CA ARG B 44 24.57 -23.79 -41.41
C ARG B 44 23.06 -23.62 -41.51
N THR B 45 22.54 -23.78 -42.72
CA THR B 45 21.12 -23.66 -43.09
C THR B 45 20.25 -24.76 -42.50
N GLY B 46 18.93 -24.57 -42.55
CA GLY B 46 17.91 -25.56 -42.16
C GLY B 46 17.07 -25.17 -40.94
N TRP B 47 17.49 -24.15 -40.20
CA TRP B 47 16.80 -23.63 -39.02
C TRP B 47 15.59 -22.78 -39.37
N ASP B 48 14.52 -22.88 -38.59
CA ASP B 48 13.37 -21.96 -38.65
C ASP B 48 13.08 -21.37 -37.29
N LEU B 49 12.72 -20.10 -37.25
CA LEU B 49 12.42 -19.39 -36.00
C LEU B 49 11.01 -19.75 -35.56
N VAL B 50 10.84 -20.24 -34.34
CA VAL B 50 9.59 -20.87 -33.87
C VAL B 50 8.44 -19.88 -33.60
N GLY B 51 8.71 -18.58 -33.66
CA GLY B 51 7.73 -17.52 -33.38
C GLY B 51 7.84 -16.95 -31.97
N HIS B 52 6.91 -16.07 -31.61
CA HIS B 52 6.95 -15.35 -30.35
C HIS B 52 6.86 -16.27 -29.14
N THR B 53 7.73 -16.06 -28.16
CA THR B 53 7.78 -16.81 -26.89
C THR B 53 7.52 -15.86 -25.73
N SER B 54 6.83 -16.30 -24.68
CA SER B 54 6.36 -15.41 -23.62
C SER B 54 7.51 -14.72 -22.89
N GLU B 55 7.35 -13.45 -22.50
CA GLU B 55 8.43 -12.67 -21.88
C GLU B 55 8.59 -12.87 -20.37
N ASP B 56 7.63 -13.53 -19.74
CA ASP B 56 7.56 -13.80 -18.30
C ASP B 56 7.92 -15.26 -17.98
N ASP B 57 7.32 -16.22 -18.66
CA ASP B 57 7.63 -17.65 -18.63
C ASP B 57 8.72 -18.01 -19.66
N LEU B 58 9.98 -17.68 -19.36
CA LEU B 58 11.15 -18.09 -20.16
C LEU B 58 11.32 -19.62 -20.23
N PRO B 59 12.13 -20.16 -21.15
CA PRO B 59 12.42 -21.59 -21.21
C PRO B 59 13.00 -22.13 -19.90
N GLU B 60 12.37 -23.15 -19.31
CA GLU B 60 12.80 -23.73 -18.04
C GLU B 60 13.54 -25.05 -18.26
N PHE B 61 14.83 -25.13 -17.94
CA PHE B 61 15.67 -26.31 -18.19
C PHE B 61 15.54 -27.40 -17.10
N GLY B 62 14.32 -27.84 -16.81
CA GLY B 62 14.04 -28.84 -15.78
C GLY B 62 14.66 -30.22 -16.04
N PHE B 63 14.58 -31.09 -15.05
CA PHE B 63 14.78 -32.53 -15.22
C PHE B 63 13.94 -33.33 -14.22
N ASP B 64 13.67 -34.57 -14.57
CA ASP B 64 13.02 -35.56 -13.72
C ASP B 64 14.01 -36.69 -13.41
N GLY B 65 13.89 -37.34 -12.26
CA GLY B 65 14.89 -38.30 -11.80
C GLY B 65 16.10 -37.63 -11.17
N GLY B 66 17.26 -38.27 -11.21
CA GLY B 66 18.45 -37.86 -10.47
C GLY B 66 18.43 -38.22 -8.98
N ASP B 67 17.43 -38.97 -8.51
CA ASP B 67 17.38 -39.49 -7.14
C ASP B 67 18.66 -40.26 -6.81
N SER B 68 19.35 -39.87 -5.74
CA SER B 68 20.68 -40.37 -5.42
C SER B 68 20.81 -40.69 -3.95
N GLU B 69 21.53 -41.75 -3.63
CA GLU B 69 21.72 -42.25 -2.27
C GLU B 69 23.20 -42.47 -2.02
N VAL B 70 23.69 -42.14 -0.82
CA VAL B 70 25.06 -42.46 -0.40
C VAL B 70 25.10 -43.90 0.08
N ARG B 71 26.07 -44.69 -0.37
CA ARG B 71 26.19 -46.11 -0.04
C ARG B 71 27.60 -46.46 0.41
N GLY B 72 27.71 -47.56 1.13
CA GLY B 72 28.99 -48.15 1.53
C GLY B 72 28.76 -49.51 2.19
N SER B 73 29.79 -50.35 2.25
CA SER B 73 29.66 -51.67 2.84
C SER B 73 29.65 -51.63 4.37
N TRP B 74 29.44 -52.78 4.99
CA TRP B 74 29.43 -52.99 6.44
C TRP B 74 30.65 -52.35 7.15
N GLN B 75 31.84 -52.43 6.53
CA GLN B 75 33.12 -51.94 7.08
C GLN B 75 33.39 -50.43 6.90
N LYS B 76 32.71 -49.73 5.99
CA LYS B 76 33.12 -48.43 5.44
C LYS B 76 31.88 -47.64 4.96
N LYS B 77 31.28 -46.84 5.83
CA LYS B 77 29.85 -46.50 5.78
C LYS B 77 29.39 -45.55 4.66
N LYS B 78 30.29 -44.72 4.10
CA LYS B 78 30.01 -43.65 3.11
C LYS B 78 31.13 -43.59 2.08
N LEU B 79 31.05 -44.33 0.98
CA LEU B 79 32.16 -44.46 0.02
C LEU B 79 31.81 -44.09 -1.43
N ARG B 80 30.52 -44.11 -1.80
CA ARG B 80 30.03 -43.77 -3.15
C ARG B 80 28.67 -43.09 -3.04
N GLU B 81 28.34 -42.21 -3.98
CA GLU B 81 27.00 -41.68 -4.15
C GLU B 81 26.47 -42.17 -5.49
N VAL B 82 25.33 -42.87 -5.50
CA VAL B 82 24.85 -43.59 -6.69
C VAL B 82 23.45 -43.13 -7.10
N GLU B 83 23.21 -43.02 -8.40
CA GLU B 83 21.90 -42.63 -8.94
C GLU B 83 20.94 -43.81 -8.96
N THR B 84 19.92 -43.76 -8.11
CA THR B 84 18.81 -44.70 -8.13
C THR B 84 17.95 -44.55 -9.40
N GLU B 85 17.83 -43.33 -9.94
CA GLU B 85 17.15 -43.06 -11.22
C GLU B 85 17.94 -42.05 -12.07
N GLU B 86 18.15 -42.32 -13.36
CA GLU B 86 18.96 -41.45 -14.22
C GLU B 86 18.19 -40.20 -14.70
N ILE B 87 18.91 -39.11 -14.98
CA ILE B 87 18.34 -37.77 -15.15
C ILE B 87 17.65 -37.62 -16.52
N ALA B 88 16.32 -37.57 -16.58
CA ALA B 88 15.56 -37.31 -17.80
C ALA B 88 15.37 -35.80 -17.97
N ASP B 89 15.81 -35.24 -19.09
CA ASP B 89 16.25 -33.84 -19.16
C ASP B 89 15.47 -33.07 -20.24
N TYR B 90 15.02 -31.85 -20.00
CA TYR B 90 14.11 -31.13 -20.91
C TYR B 90 14.15 -29.62 -20.80
N VAL B 91 13.59 -28.90 -21.77
CA VAL B 91 13.37 -27.45 -21.72
C VAL B 91 11.94 -27.13 -22.08
N VAL B 92 11.23 -26.36 -21.28
CA VAL B 92 9.81 -26.05 -21.51
C VAL B 92 9.63 -24.69 -22.14
N ILE B 93 9.17 -24.58 -23.39
CA ILE B 93 9.05 -23.31 -24.11
C ILE B 93 7.57 -22.87 -24.18
N ASN B 94 7.21 -21.70 -23.65
CA ASN B 94 5.86 -21.13 -23.76
C ASN B 94 5.70 -20.31 -25.03
N LEU B 95 5.42 -20.96 -26.16
CA LEU B 95 5.11 -20.27 -27.42
C LEU B 95 3.85 -19.42 -27.21
N THR B 96 3.68 -18.29 -27.91
CA THR B 96 2.49 -17.42 -27.78
C THR B 96 1.96 -16.94 -29.12
N GLN B 97 2.08 -17.74 -30.17
CA GLN B 97 1.71 -17.39 -31.54
C GLN B 97 0.85 -18.53 -32.11
N PHE B 98 -0.28 -18.22 -32.74
CA PHE B 98 -1.26 -19.23 -33.15
C PHE B 98 -1.20 -19.59 -34.64
N ASP B 99 -0.11 -19.31 -35.34
CA ASP B 99 0.13 -19.81 -36.70
C ASP B 99 0.29 -21.34 -36.75
N GLU B 100 0.18 -21.92 -37.94
CA GLU B 100 0.56 -23.30 -38.19
C GLU B 100 1.99 -23.62 -37.76
N THR B 101 2.93 -22.67 -37.92
CA THR B 101 4.35 -22.86 -37.54
C THR B 101 4.57 -23.05 -36.04
N ALA B 102 3.62 -22.65 -35.19
CA ALA B 102 3.74 -22.70 -33.75
C ALA B 102 2.65 -23.53 -33.06
N LEU B 103 1.54 -23.87 -33.73
CA LEU B 103 0.68 -24.99 -33.34
C LEU B 103 1.29 -26.34 -33.70
N GLU B 104 2.05 -26.48 -34.79
CA GLU B 104 2.66 -27.75 -35.19
C GLU B 104 3.53 -28.39 -34.09
N LEU B 105 4.20 -27.60 -33.25
CA LEU B 105 4.97 -28.10 -32.13
C LEU B 105 4.07 -28.60 -30.98
N TYR B 106 2.93 -27.96 -30.75
CA TYR B 106 2.01 -28.30 -29.67
C TYR B 106 1.11 -29.50 -30.03
N PHE B 107 0.68 -29.63 -31.29
CA PHE B 107 -0.25 -30.66 -31.76
C PHE B 107 0.30 -31.66 -32.80
N GLY B 108 1.54 -31.54 -33.27
CA GLY B 108 2.01 -32.27 -34.45
C GLY B 108 1.49 -31.65 -35.75
N PRO B 109 1.71 -32.25 -36.93
CA PRO B 109 1.40 -31.65 -38.23
C PRO B 109 -0.10 -31.41 -38.50
N ASN B 110 -0.43 -30.62 -39.52
CA ASN B 110 -1.77 -30.04 -39.73
C ASN B 110 -2.90 -31.07 -39.87
N GLN B 111 -2.61 -32.26 -40.39
CA GLN B 111 -3.57 -33.37 -40.47
C GLN B 111 -4.80 -33.12 -41.38
N SER B 112 -4.86 -32.02 -42.13
CA SER B 112 -5.93 -31.75 -43.11
C SER B 112 -5.41 -31.01 -44.35
N ALA B 113 -6.08 -31.17 -45.50
CA ALA B 113 -5.65 -30.53 -46.74
C ALA B 113 -6.21 -29.10 -46.91
N THR B 114 -7.29 -28.75 -46.19
CA THR B 114 -8.13 -27.59 -46.47
C THR B 114 -7.40 -26.27 -46.22
N PRO B 115 -7.49 -25.26 -47.11
CA PRO B 115 -6.91 -23.94 -46.85
C PRO B 115 -7.69 -23.23 -45.75
N GLY B 116 -7.00 -22.66 -44.77
CA GLY B 116 -7.63 -21.94 -43.66
C GLY B 116 -8.01 -22.80 -42.45
N ILE B 117 -7.56 -24.05 -42.35
CA ILE B 117 -7.93 -24.97 -41.27
C ILE B 117 -6.71 -25.76 -40.76
N PHE B 118 -6.66 -26.03 -39.45
CA PHE B 118 -5.68 -26.92 -38.83
C PHE B 118 -6.40 -27.94 -37.95
N GLY B 119 -6.23 -29.24 -38.18
CA GLY B 119 -6.98 -30.30 -37.50
C GLY B 119 -6.17 -31.15 -36.51
N VAL B 120 -6.84 -31.87 -35.62
CA VAL B 120 -6.22 -32.83 -34.67
C VAL B 120 -6.94 -34.19 -34.70
N LYS B 121 -6.22 -35.31 -34.59
CA LYS B 121 -6.79 -36.67 -34.72
C LYS B 121 -6.82 -37.50 -33.43
N SER B 122 -5.76 -37.45 -32.62
CA SER B 122 -5.59 -38.37 -31.47
C SER B 122 -4.52 -37.82 -30.51
N GLY B 123 -4.43 -38.41 -29.32
CA GLY B 123 -3.45 -38.03 -28.30
C GLY B 123 -2.00 -38.36 -28.69
N SER B 124 -1.75 -39.55 -29.27
CA SER B 124 -0.42 -40.02 -29.64
C SER B 124 0.09 -39.41 -30.95
N VAL B 125 1.29 -38.84 -30.94
CA VAL B 125 2.04 -38.41 -32.14
C VAL B 125 3.54 -38.50 -31.87
N VAL B 126 4.35 -38.62 -32.93
CA VAL B 126 5.82 -38.51 -32.87
C VAL B 126 6.24 -37.17 -33.47
N ASN B 127 6.98 -36.36 -32.72
CA ASN B 127 7.32 -35.00 -33.08
C ASN B 127 8.74 -34.71 -32.59
N GLU B 128 9.74 -35.21 -33.34
CA GLU B 128 11.14 -35.11 -32.97
C GLU B 128 11.85 -34.07 -33.85
N ARG B 129 12.56 -33.12 -33.23
CA ARG B 129 13.18 -31.96 -33.87
C ARG B 129 14.53 -31.66 -33.26
N ALA B 130 15.44 -31.06 -34.00
CA ALA B 130 16.57 -30.36 -33.41
C ALA B 130 16.08 -29.04 -32.81
N LEU B 131 16.81 -28.49 -31.85
CA LEU B 131 16.47 -27.25 -31.16
C LEU B 131 17.73 -26.38 -31.04
N LEU B 132 17.60 -25.07 -31.20
CA LEU B 132 18.65 -24.10 -30.90
C LEU B 132 18.00 -22.94 -30.15
N ILE B 133 18.56 -22.50 -29.04
CA ILE B 133 18.10 -21.32 -28.32
C ILE B 133 19.27 -20.35 -28.29
N VAL B 134 19.09 -19.09 -28.68
CA VAL B 134 20.10 -18.05 -28.51
C VAL B 134 19.61 -17.05 -27.48
N ILE B 135 20.35 -16.86 -26.39
CA ILE B 135 19.98 -16.01 -25.27
C ILE B 135 20.88 -14.78 -25.30
N VAL B 136 20.31 -13.58 -25.37
CA VAL B 136 21.04 -12.34 -25.66
C VAL B 136 20.94 -11.37 -24.48
N ASP B 137 22.07 -10.90 -23.97
CA ASP B 137 22.10 -9.66 -23.18
C ASP B 137 23.40 -8.88 -23.41
N ASN B 138 23.32 -7.55 -23.45
CA ASN B 138 24.39 -6.69 -23.94
C ASN B 138 24.94 -7.22 -25.29
N ASP B 139 26.24 -7.55 -25.36
CA ASP B 139 26.88 -8.19 -26.52
C ASP B 139 27.07 -9.72 -26.40
N VAL B 140 26.83 -10.35 -25.24
CA VAL B 140 27.00 -11.81 -25.09
C VAL B 140 25.74 -12.54 -25.54
N ARG B 141 25.91 -13.66 -26.26
CA ARG B 141 24.84 -14.36 -26.99
C ARG B 141 24.88 -15.87 -26.75
N LEU B 142 24.82 -16.31 -25.50
CA LEU B 142 24.93 -17.71 -25.13
C LEU B 142 23.94 -18.57 -25.93
N GLY B 143 24.43 -19.47 -26.77
CA GLY B 143 23.62 -20.41 -27.52
C GLY B 143 23.44 -21.73 -26.77
N PHE B 144 22.41 -22.49 -27.09
CA PHE B 144 22.18 -23.84 -26.58
C PHE B 144 21.62 -24.71 -27.68
N HIS B 145 22.20 -25.87 -27.97
CA HIS B 145 21.82 -26.67 -29.13
C HIS B 145 21.61 -28.14 -28.79
N ALA B 146 20.48 -28.72 -29.19
CA ALA B 146 20.20 -30.14 -29.02
C ALA B 146 19.94 -30.80 -30.38
N ARG B 147 20.69 -31.86 -30.72
CA ARG B 147 20.62 -32.50 -32.04
C ARG B 147 19.31 -33.23 -32.29
N LYS B 148 18.64 -33.72 -31.24
CA LYS B 148 17.34 -34.39 -31.26
C LYS B 148 16.63 -34.20 -29.94
N ALA B 149 15.44 -33.63 -29.98
CA ALA B 149 14.56 -33.42 -28.85
C ALA B 149 13.16 -33.91 -29.22
N SER B 150 12.45 -34.55 -28.31
CA SER B 150 11.07 -34.99 -28.49
C SER B 150 10.13 -33.96 -27.89
N LEU B 151 9.24 -33.38 -28.70
CA LEU B 151 8.36 -32.30 -28.29
C LEU B 151 6.98 -32.85 -27.89
N LYS B 152 6.47 -32.48 -26.71
CA LYS B 152 5.07 -32.72 -26.34
C LYS B 152 4.47 -31.53 -25.62
N ARG B 153 3.16 -31.40 -25.56
CA ARG B 153 2.52 -30.35 -24.77
C ARG B 153 2.74 -30.56 -23.28
N GLU B 154 3.07 -29.49 -22.55
CA GLU B 154 3.39 -29.55 -21.12
C GLU B 154 2.11 -29.48 -20.28
N ASP B 155 1.23 -28.52 -20.54
CA ASP B 155 -0.12 -28.47 -19.99
C ASP B 155 -1.08 -27.67 -20.91
N ALA B 156 -2.23 -27.25 -20.40
CA ALA B 156 -3.31 -26.62 -21.17
C ALA B 156 -2.87 -25.37 -21.96
N ILE B 157 -3.56 -25.06 -23.06
CA ILE B 157 -3.44 -23.75 -23.71
C ILE B 157 -3.96 -22.69 -22.73
N SER B 158 -3.13 -21.73 -22.36
CA SER B 158 -3.56 -20.60 -21.53
C SER B 158 -4.26 -19.55 -22.37
N LEU B 159 -5.33 -18.95 -21.86
CA LEU B 159 -6.00 -17.78 -22.44
C LEU B 159 -6.31 -16.75 -21.34
N ALA B 160 -6.31 -15.48 -21.69
CA ALA B 160 -6.70 -14.39 -20.80
C ALA B 160 -7.18 -13.19 -21.62
N THR B 161 -7.91 -12.27 -20.97
CA THR B 161 -8.47 -11.07 -21.59
C THR B 161 -7.48 -9.92 -21.73
N ASP B 162 -6.33 -9.95 -21.05
CA ASP B 162 -5.35 -8.86 -21.00
C ASP B 162 -3.87 -9.32 -21.07
N GLU B 163 -3.62 -10.58 -21.40
CA GLU B 163 -2.29 -11.20 -21.55
C GLU B 163 -2.34 -12.24 -22.68
N PHE B 164 -1.25 -12.46 -23.41
CA PHE B 164 -1.28 -13.29 -24.62
C PHE B 164 -1.53 -14.77 -24.32
N GLY B 165 -2.31 -15.44 -25.18
CA GLY B 165 -2.52 -16.88 -25.06
C GLY B 165 -1.24 -17.69 -25.32
N ALA B 166 -1.05 -18.81 -24.63
CA ALA B 166 0.21 -19.55 -24.63
C ALA B 166 0.04 -21.05 -24.90
N LEU B 167 1.01 -21.65 -25.59
CA LEU B 167 1.00 -23.01 -26.09
C LEU B 167 2.24 -23.76 -25.57
N PRO B 168 2.32 -24.13 -24.29
CA PRO B 168 3.58 -24.57 -23.69
C PRO B 168 4.00 -25.98 -24.14
N VAL B 169 5.20 -26.12 -24.72
CA VAL B 169 5.76 -27.42 -25.16
C VAL B 169 7.00 -27.79 -24.38
N ARG B 170 7.09 -29.02 -23.91
CA ARG B 170 8.29 -29.59 -23.28
C ARG B 170 9.11 -30.24 -24.36
N ALA B 171 10.31 -29.76 -24.64
CA ALA B 171 11.25 -30.47 -25.49
C ALA B 171 12.13 -31.36 -24.63
N THR B 172 12.05 -32.68 -24.77
CA THR B 172 12.80 -33.65 -23.95
C THR B 172 13.97 -34.20 -24.72
N PHE B 173 15.19 -34.14 -24.20
CA PHE B 173 16.39 -34.43 -25.00
C PHE B 173 16.63 -35.93 -25.12
N LEU B 174 16.92 -36.41 -26.33
CA LEU B 174 17.18 -37.82 -26.63
C LEU B 174 18.56 -37.96 -27.27
N ASP B 175 19.24 -39.09 -27.04
CA ASP B 175 20.62 -39.29 -27.46
C ASP B 175 20.69 -39.63 -28.95
N TYR B 176 21.49 -38.90 -29.73
CA TYR B 176 21.52 -39.01 -31.20
C TYR B 176 22.88 -39.46 -31.73
N GLN B 177 23.01 -40.76 -32.00
CA GLN B 177 24.26 -41.40 -32.44
C GLN B 177 25.50 -40.93 -31.67
N SER B 178 26.59 -40.55 -32.33
CA SER B 178 27.88 -40.24 -31.68
C SER B 178 27.91 -38.94 -30.87
N TYR B 179 26.94 -38.04 -31.07
CA TYR B 179 26.98 -36.67 -30.57
C TYR B 179 26.65 -36.54 -29.08
N ASN B 180 26.95 -35.37 -28.54
CA ASN B 180 26.53 -34.95 -27.21
C ASN B 180 25.01 -34.87 -27.12
N LEU B 181 24.47 -34.92 -25.91
CA LEU B 181 23.04 -34.77 -25.69
C LEU B 181 22.59 -33.35 -26.02
N TYR B 182 23.39 -32.35 -25.66
CA TYR B 182 23.30 -30.96 -26.08
C TYR B 182 24.61 -30.21 -25.81
N GLU B 183 24.76 -29.03 -26.40
CA GLU B 183 25.94 -28.19 -26.28
C GLU B 183 25.55 -26.76 -25.95
N TRP B 184 26.20 -26.13 -24.99
CA TRP B 184 26.18 -24.67 -24.86
C TRP B 184 27.24 -24.07 -25.77
N ILE B 185 26.95 -22.96 -26.43
CA ILE B 185 27.84 -22.37 -27.43
C ILE B 185 28.12 -20.91 -27.04
N GLU B 186 29.36 -20.54 -26.73
CA GLU B 186 29.78 -19.14 -26.57
C GLU B 186 31.32 -19.05 -26.62
N GLU B 187 31.91 -18.40 -27.63
CA GLU B 187 33.35 -18.54 -27.90
C GLU B 187 34.23 -17.95 -26.81
N ASP B 188 33.77 -16.91 -26.13
CA ASP B 188 34.55 -16.18 -25.14
C ASP B 188 34.79 -16.99 -23.85
N TRP B 189 33.96 -17.99 -23.57
CA TRP B 189 33.86 -18.65 -22.27
C TRP B 189 34.38 -20.08 -22.28
N PHE B 190 33.72 -20.99 -23.00
CA PHE B 190 34.01 -22.43 -22.98
C PHE B 190 35.25 -22.78 -23.80
N ASN B 191 36.15 -23.63 -23.30
CA ASN B 191 37.38 -24.02 -24.00
C ASN B 191 38.19 -22.81 -24.53
N ALA B 192 38.17 -21.68 -23.84
CA ALA B 192 38.82 -20.45 -24.29
C ALA B 192 40.34 -20.64 -24.50
N VAL B 193 40.89 -20.02 -25.55
CA VAL B 193 42.32 -20.10 -25.88
C VAL B 193 43.19 -19.37 -24.84
N ASP B 194 44.41 -19.88 -24.60
CA ASP B 194 45.32 -19.37 -23.56
C ASP B 194 45.76 -17.90 -23.79
N ALA B 195 45.90 -17.50 -25.05
CA ALA B 195 46.25 -16.14 -25.47
C ALA B 195 45.62 -15.85 -26.86
N PRO B 196 45.33 -14.59 -27.21
CA PRO B 196 44.69 -14.26 -28.47
C PRO B 196 45.53 -14.73 -29.67
N VAL B 197 44.92 -15.52 -30.54
CA VAL B 197 45.62 -16.28 -31.59
C VAL B 197 46.19 -15.38 -32.69
N VAL B 198 47.34 -15.78 -33.23
CA VAL B 198 48.01 -15.14 -34.38
C VAL B 198 48.35 -16.20 -35.43
N TYR B 199 48.20 -15.86 -36.71
CA TYR B 199 48.53 -16.69 -37.86
C TYR B 199 49.77 -16.12 -38.58
N LEU B 200 50.77 -16.95 -38.84
CA LEU B 200 51.90 -16.58 -39.69
C LEU B 200 51.53 -16.67 -41.18
N LEU B 201 52.21 -15.87 -42.01
CA LEU B 201 52.16 -15.95 -43.46
C LEU B 201 53.54 -15.69 -44.08
N ASP B 202 53.89 -16.40 -45.14
CA ASP B 202 55.19 -16.29 -45.82
C ASP B 202 55.12 -15.47 -47.12
N LEU B 203 56.02 -14.50 -47.30
CA LEU B 203 56.48 -14.10 -48.64
C LEU B 203 57.81 -14.78 -49.00
N GLY B 204 58.61 -15.18 -47.99
CA GLY B 204 59.60 -16.26 -48.09
C GLY B 204 60.74 -16.09 -49.12
N GLY B 205 61.01 -14.87 -49.59
CA GLY B 205 61.99 -14.62 -50.65
C GLY B 205 61.56 -15.08 -52.05
N ALA B 206 60.26 -15.31 -52.27
CA ALA B 206 59.69 -15.67 -53.57
C ALA B 206 59.78 -14.53 -54.61
N THR B 207 59.22 -14.74 -55.80
CA THR B 207 59.08 -13.74 -56.87
C THR B 207 57.71 -13.90 -57.55
N GLY B 208 57.17 -12.86 -58.18
CA GLY B 208 55.91 -12.87 -58.93
C GLY B 208 54.63 -12.91 -58.06
N GLY B 209 54.59 -13.79 -57.05
CA GLY B 209 53.77 -13.65 -55.84
C GLY B 209 52.25 -13.50 -56.00
N ASP B 210 51.63 -13.98 -57.07
CA ASP B 210 50.16 -14.07 -57.14
C ASP B 210 49.66 -15.26 -56.28
N TYR B 211 48.79 -15.02 -55.29
CA TYR B 211 48.23 -16.04 -54.40
C TYR B 211 46.84 -15.65 -53.86
N THR B 212 46.14 -16.60 -53.21
CA THR B 212 44.79 -16.40 -52.68
C THR B 212 44.68 -16.94 -51.26
N LEU B 213 44.00 -16.24 -50.34
CA LEU B 213 43.75 -16.72 -48.97
C LEU B 213 42.33 -17.28 -48.80
N LEU B 214 42.08 -17.91 -47.66
CA LEU B 214 40.79 -18.38 -47.21
C LEU B 214 40.55 -17.95 -45.75
N VAL B 215 39.35 -17.43 -45.48
CA VAL B 215 38.87 -17.07 -44.13
C VAL B 215 37.41 -17.47 -43.98
N GLY B 216 37.01 -17.99 -42.81
CA GLY B 216 35.61 -18.39 -42.57
C GLY B 216 35.04 -19.37 -43.60
N GLY B 217 35.88 -20.28 -44.12
CA GLY B 217 35.51 -21.24 -45.16
C GLY B 217 35.37 -20.66 -46.58
N LYS B 218 35.68 -19.39 -46.81
CA LYS B 218 35.47 -18.66 -48.06
C LYS B 218 36.77 -18.00 -48.55
N SER B 219 37.02 -18.05 -49.86
CA SER B 219 38.23 -17.49 -50.47
C SER B 219 38.21 -15.96 -50.52
N THR B 220 39.35 -15.31 -50.28
CA THR B 220 39.52 -13.85 -50.42
C THR B 220 39.55 -13.42 -51.90
N GLY B 221 39.59 -12.11 -52.15
CA GLY B 221 40.21 -11.61 -53.39
C GLY B 221 41.70 -11.99 -53.46
N ASP B 222 42.29 -11.98 -54.67
CA ASP B 222 43.69 -12.35 -54.87
C ASP B 222 44.68 -11.27 -54.38
N ILE B 223 45.87 -11.72 -53.99
CA ILE B 223 46.96 -10.91 -53.44
C ILE B 223 48.19 -11.06 -54.35
N ALA B 224 48.94 -9.98 -54.54
CA ALA B 224 50.13 -9.90 -55.40
C ALA B 224 51.45 -9.91 -54.59
N TYR B 225 52.59 -9.92 -55.31
CA TYR B 225 53.91 -9.85 -54.71
C TYR B 225 54.15 -8.57 -53.90
N ASN B 226 55.00 -8.67 -52.86
CA ASN B 226 55.41 -7.57 -51.97
C ASN B 226 54.25 -6.72 -51.40
N ALA B 227 53.07 -7.33 -51.22
CA ALA B 227 51.87 -6.63 -50.76
C ALA B 227 52.07 -5.96 -49.38
N ASN B 228 51.50 -4.77 -49.21
CA ASN B 228 51.48 -4.06 -47.93
C ASN B 228 50.52 -4.74 -46.93
N ALA B 229 50.74 -4.54 -45.62
CA ALA B 229 49.86 -5.04 -44.58
C ALA B 229 48.41 -4.55 -44.75
N SER B 230 48.21 -3.30 -45.18
CA SER B 230 46.88 -2.75 -45.50
C SER B 230 46.25 -3.43 -46.72
N ALA B 231 47.04 -3.76 -47.76
CA ALA B 231 46.56 -4.46 -48.94
C ALA B 231 46.12 -5.91 -48.60
N ILE B 232 46.87 -6.60 -47.74
CA ILE B 232 46.47 -7.90 -47.21
C ILE B 232 45.21 -7.76 -46.36
N LYS B 233 45.17 -6.80 -45.43
CA LYS B 233 44.02 -6.59 -44.53
C LYS B 233 42.72 -6.30 -45.31
N THR B 234 42.77 -5.42 -46.30
CA THR B 234 41.59 -5.12 -47.12
C THR B 234 41.20 -6.28 -48.03
N ALA B 235 42.16 -7.07 -48.54
CA ALA B 235 41.85 -8.29 -49.29
C ALA B 235 41.16 -9.36 -48.40
N ILE B 236 41.55 -9.47 -47.14
CA ILE B 236 40.88 -10.30 -46.12
C ILE B 236 39.50 -9.72 -45.75
N GLY B 237 39.31 -8.41 -45.82
CA GLY B 237 38.00 -7.71 -45.74
C GLY B 237 37.07 -7.96 -46.95
N ALA B 238 37.01 -9.17 -47.47
CA ALA B 238 36.17 -9.57 -48.61
C ALA B 238 34.67 -9.58 -48.26
N VAL B 239 33.84 -9.01 -49.14
CA VAL B 239 32.39 -8.82 -48.93
C VAL B 239 31.55 -10.11 -48.94
N ASP B 240 32.16 -11.26 -49.21
CA ASP B 240 31.54 -12.58 -49.02
C ASP B 240 31.40 -12.97 -47.53
N ASP B 241 32.12 -12.30 -46.63
CA ASP B 241 32.16 -12.61 -45.19
C ASP B 241 31.14 -11.81 -44.35
N GLY B 242 31.08 -12.06 -43.04
CA GLY B 242 30.30 -11.29 -42.06
C GLY B 242 31.09 -10.20 -41.31
N VAL B 243 32.41 -10.08 -41.55
CA VAL B 243 33.33 -9.26 -40.74
C VAL B 243 33.95 -8.10 -41.51
N ALA B 244 33.81 -6.88 -40.98
CA ALA B 244 34.42 -5.67 -41.52
C ALA B 244 35.95 -5.61 -41.37
N GLU B 245 36.62 -4.89 -42.27
CA GLU B 245 38.09 -4.71 -42.27
C GLU B 245 38.63 -4.15 -40.94
N SER B 246 37.84 -3.32 -40.25
CA SER B 246 38.20 -2.73 -38.95
C SER B 246 38.46 -3.76 -37.84
N ALA B 247 37.93 -4.98 -37.94
CA ALA B 247 38.12 -6.03 -36.93
C ALA B 247 39.42 -6.83 -37.08
N TRP B 248 40.08 -6.75 -38.25
CA TRP B 248 41.33 -7.47 -38.54
C TRP B 248 42.58 -6.66 -38.17
N THR B 249 43.71 -7.36 -38.02
CA THR B 249 45.04 -6.79 -37.75
C THR B 249 46.12 -7.56 -38.51
N VAL B 250 47.14 -6.85 -39.00
CA VAL B 250 48.26 -7.39 -39.78
C VAL B 250 49.57 -6.68 -39.41
N THR B 251 50.72 -7.36 -39.46
CA THR B 251 52.07 -6.81 -39.19
C THR B 251 53.12 -7.62 -39.95
N ALA B 252 54.32 -7.08 -40.22
CA ALA B 252 55.29 -7.72 -41.12
C ALA B 252 56.77 -7.46 -40.80
N ASP B 253 57.61 -8.42 -41.19
CA ASP B 253 59.08 -8.35 -41.27
C ASP B 253 59.59 -8.43 -42.73
N GLY B 254 58.72 -8.20 -43.71
CA GLY B 254 59.01 -8.24 -45.15
C GLY B 254 59.13 -9.66 -45.73
N SER B 255 59.90 -10.53 -45.09
CA SER B 255 59.94 -11.98 -45.37
C SER B 255 58.69 -12.70 -44.86
N ASP B 256 58.24 -12.33 -43.67
CA ASP B 256 57.18 -12.99 -42.92
C ASP B 256 56.13 -11.97 -42.46
N PHE B 257 54.86 -12.40 -42.36
CA PHE B 257 53.72 -11.61 -41.91
C PHE B 257 53.04 -12.28 -40.71
N GLU B 258 52.49 -11.44 -39.84
CA GLU B 258 51.60 -11.77 -38.72
C GLU B 258 50.18 -11.31 -39.06
N ILE B 259 49.17 -12.16 -38.88
CA ILE B 259 47.75 -11.84 -39.12
C ILE B 259 46.92 -12.27 -37.92
N SER B 260 45.99 -11.45 -37.44
CA SER B 260 45.08 -11.79 -36.34
C SER B 260 43.73 -11.10 -36.46
N GLY B 261 42.67 -11.76 -35.96
CA GLY B 261 41.29 -11.32 -36.11
C GLY B 261 40.28 -12.36 -35.59
N PRO B 262 38.98 -12.17 -35.85
CA PRO B 262 37.91 -12.97 -35.26
C PRO B 262 37.65 -14.33 -35.94
N LEU B 263 38.26 -14.63 -37.09
CA LEU B 263 38.15 -15.93 -37.77
C LEU B 263 39.51 -16.48 -38.20
N ALA B 264 39.57 -17.81 -38.40
CA ALA B 264 40.79 -18.49 -38.80
C ALA B 264 41.22 -18.16 -40.23
N VAL B 265 42.54 -18.07 -40.45
CA VAL B 265 43.17 -17.76 -41.74
C VAL B 265 43.87 -19.01 -42.28
N ALA B 266 43.70 -19.28 -43.58
CA ALA B 266 44.37 -20.38 -44.28
C ALA B 266 44.82 -19.93 -45.69
N LEU B 267 45.80 -20.64 -46.25
CA LEU B 267 46.20 -20.46 -47.64
C LEU B 267 45.14 -21.08 -48.56
N GLY B 268 44.51 -20.29 -49.42
CA GLY B 268 43.45 -20.73 -50.32
C GLY B 268 44.01 -21.33 -51.62
N VAL B 269 44.95 -20.63 -52.25
CA VAL B 269 45.76 -21.08 -53.38
C VAL B 269 47.19 -20.60 -53.18
N ASP B 270 48.17 -21.50 -53.30
CA ASP B 270 49.59 -21.19 -53.16
C ASP B 270 50.15 -20.40 -54.37
N SER B 271 51.28 -19.73 -54.18
CA SER B 271 51.82 -18.74 -55.12
C SER B 271 52.05 -19.31 -56.52
N THR B 272 51.36 -18.78 -57.54
CA THR B 272 51.33 -19.32 -58.90
C THR B 272 52.72 -19.36 -59.58
N THR B 273 53.62 -18.46 -59.22
CA THR B 273 54.98 -18.37 -59.78
C THR B 273 55.94 -19.45 -59.26
N GLY B 274 55.59 -20.17 -58.19
CA GLY B 274 56.46 -21.17 -57.56
C GLY B 274 57.60 -20.54 -56.75
N GLY B 275 58.84 -20.97 -56.98
CA GLY B 275 60.01 -20.56 -56.20
C GLY B 275 60.03 -21.17 -54.79
N SER B 276 60.34 -20.38 -53.77
CA SER B 276 60.30 -20.79 -52.36
C SER B 276 58.89 -20.98 -51.79
N GLY B 277 57.84 -20.57 -52.51
CA GLY B 277 56.45 -20.80 -52.15
C GLY B 277 55.93 -19.95 -50.98
N VAL B 278 54.80 -20.38 -50.40
CA VAL B 278 54.14 -19.74 -49.26
C VAL B 278 53.44 -20.78 -48.38
N THR B 279 53.36 -20.53 -47.08
CA THR B 279 52.58 -21.29 -46.09
C THR B 279 51.84 -20.35 -45.13
N VAL B 280 50.81 -20.86 -44.46
CA VAL B 280 50.04 -20.19 -43.41
C VAL B 280 49.78 -21.17 -42.26
N ASP B 281 49.94 -20.76 -41.01
CA ASP B 281 49.75 -21.61 -39.82
C ASP B 281 49.52 -20.77 -38.55
N VAL B 282 49.05 -21.39 -37.46
CA VAL B 282 49.00 -20.75 -36.13
C VAL B 282 50.40 -20.63 -35.54
N VAL B 283 50.70 -19.48 -34.93
CA VAL B 283 51.93 -19.20 -34.17
C VAL B 283 51.94 -19.90 -32.81
N ALA C 2 8.42 -18.84 -38.64
CA ALA C 2 8.74 -17.42 -38.60
C ALA C 2 7.95 -16.65 -37.54
N LEU C 3 8.51 -15.55 -37.04
CA LEU C 3 7.82 -14.68 -36.08
C LEU C 3 6.89 -13.70 -36.79
N LYS C 4 5.58 -13.84 -36.55
CA LYS C 4 4.53 -12.99 -37.11
C LYS C 4 3.83 -12.25 -35.99
N ASP C 5 3.82 -10.92 -36.03
CA ASP C 5 3.23 -10.09 -34.96
C ASP C 5 1.70 -10.07 -35.04
N ASP C 6 1.12 -10.32 -36.21
CA ASP C 6 -0.32 -10.36 -36.46
C ASP C 6 -1.04 -11.53 -35.78
N ALA C 7 -0.33 -12.61 -35.45
CA ALA C 7 -0.91 -13.88 -34.96
C ALA C 7 -0.73 -14.14 -33.46
N VAL C 8 -0.15 -13.20 -32.72
CA VAL C 8 -0.10 -13.22 -31.25
C VAL C 8 -1.46 -12.77 -30.73
N LEU C 9 -2.17 -13.58 -29.93
CA LEU C 9 -3.61 -13.40 -29.65
C LEU C 9 -3.95 -13.02 -28.21
N ILE C 10 -4.80 -11.99 -28.03
CA ILE C 10 -5.47 -11.63 -26.76
C ILE C 10 -6.95 -12.05 -26.86
N ALA C 11 -7.50 -12.83 -25.92
CA ALA C 11 -8.87 -13.33 -26.00
C ALA C 11 -9.94 -12.32 -25.51
N ALA C 12 -9.86 -11.06 -25.92
CA ALA C 12 -10.58 -9.94 -25.29
C ALA C 12 -12.11 -10.10 -25.22
N ARG C 13 -12.71 -10.75 -26.21
CA ARG C 13 -14.13 -11.12 -26.30
C ARG C 13 -14.26 -12.44 -27.04
N GLY C 14 -15.33 -13.19 -26.83
CA GLY C 14 -15.53 -14.43 -27.55
C GLY C 14 -16.94 -14.98 -27.42
N TYR C 15 -17.28 -15.98 -28.21
CA TYR C 15 -18.61 -16.57 -28.28
C TYR C 15 -18.53 -18.09 -28.27
N VAL C 16 -19.53 -18.78 -27.74
CA VAL C 16 -19.59 -20.24 -27.69
C VAL C 16 -20.95 -20.72 -28.16
N TYR C 17 -20.99 -21.67 -29.08
CA TYR C 17 -22.19 -22.20 -29.72
C TYR C 17 -22.21 -23.71 -29.63
N THR C 18 -23.38 -24.31 -29.69
CA THR C 18 -23.55 -25.76 -29.75
C THR C 18 -24.67 -26.15 -30.69
N ALA C 19 -24.73 -27.41 -31.10
CA ALA C 19 -25.76 -27.96 -31.98
C ALA C 19 -25.80 -29.48 -31.87
N ALA C 20 -26.80 -30.14 -32.43
CA ALA C 20 -26.84 -31.59 -32.53
C ALA C 20 -25.55 -32.13 -33.17
N VAL C 21 -25.08 -33.31 -32.76
CA VAL C 21 -23.74 -33.77 -33.11
C VAL C 21 -23.49 -33.82 -34.62
N GLY C 22 -22.27 -33.49 -35.03
CA GLY C 22 -21.81 -33.59 -36.41
C GLY C 22 -21.98 -32.33 -37.26
N THR C 23 -22.70 -31.30 -36.83
CA THR C 23 -22.95 -30.11 -37.69
C THR C 23 -21.67 -29.40 -38.09
N ALA C 24 -21.59 -28.93 -39.34
CA ALA C 24 -20.47 -28.14 -39.84
C ALA C 24 -20.46 -26.71 -39.25
N ALA C 25 -19.30 -26.23 -38.81
CA ALA C 25 -19.11 -24.82 -38.46
C ALA C 25 -19.05 -23.93 -39.71
N PRO C 26 -19.18 -22.60 -39.60
CA PRO C 26 -18.86 -21.67 -40.67
C PRO C 26 -17.47 -21.95 -41.27
N THR C 27 -17.36 -21.95 -42.60
CA THR C 27 -16.08 -22.14 -43.29
C THR C 27 -15.13 -20.97 -42.98
N PRO C 28 -13.81 -21.11 -43.15
CA PRO C 28 -12.86 -20.08 -42.76
C PRO C 28 -13.02 -18.75 -43.52
N SER C 29 -13.60 -18.76 -44.73
CA SER C 29 -13.95 -17.54 -45.46
C SER C 29 -15.22 -16.88 -44.91
N GLN C 30 -16.22 -17.66 -44.48
CA GLN C 30 -17.45 -17.14 -43.86
C GLN C 30 -17.17 -16.54 -42.49
N LEU C 31 -16.33 -17.16 -41.66
CA LEU C 31 -16.15 -16.76 -40.26
C LEU C 31 -15.71 -15.29 -40.08
N LYS C 32 -15.06 -14.68 -41.07
CA LYS C 32 -14.68 -13.26 -41.07
C LYS C 32 -15.81 -12.30 -41.48
N LEU C 33 -16.91 -12.81 -42.04
CA LEU C 33 -18.07 -12.04 -42.50
C LEU C 33 -19.33 -12.28 -41.64
N ILE C 34 -19.42 -13.45 -41.01
CA ILE C 34 -20.48 -13.91 -40.10
C ILE C 34 -20.77 -12.90 -38.98
N ASP C 35 -22.05 -12.76 -38.60
CA ASP C 35 -22.48 -11.99 -37.44
C ASP C 35 -22.63 -12.90 -36.21
N LEU C 36 -21.78 -12.70 -35.20
CA LEU C 36 -21.58 -13.66 -34.13
C LEU C 36 -22.76 -13.76 -33.17
N GLU C 37 -23.53 -12.70 -32.97
CA GLU C 37 -24.62 -12.71 -31.98
C GLU C 37 -25.93 -13.32 -32.51
N HIS C 38 -25.97 -13.75 -33.78
CA HIS C 38 -27.19 -14.20 -34.46
C HIS C 38 -26.99 -15.49 -35.29
N PRO C 39 -26.87 -16.67 -34.67
CA PRO C 39 -26.87 -17.95 -35.37
C PRO C 39 -28.09 -18.22 -36.25
N GLU C 40 -29.22 -17.57 -36.01
CA GLU C 40 -30.39 -17.60 -36.90
C GLU C 40 -30.16 -16.89 -38.25
N ALA C 41 -29.08 -16.13 -38.41
CA ALA C 41 -28.71 -15.48 -39.67
C ALA C 41 -27.63 -16.21 -40.49
N TRP C 42 -27.04 -17.29 -39.98
CA TRP C 42 -25.90 -17.97 -40.62
C TRP C 42 -26.32 -18.89 -41.78
N ASP C 43 -25.46 -19.03 -42.80
CA ASP C 43 -25.64 -19.99 -43.91
C ASP C 43 -25.41 -21.45 -43.50
N ARG C 44 -24.60 -21.66 -42.45
CA ARG C 44 -24.45 -22.94 -41.75
C ARG C 44 -25.45 -23.02 -40.60
N THR C 45 -26.70 -23.33 -40.91
CA THR C 45 -27.79 -23.38 -39.91
C THR C 45 -27.59 -24.50 -38.90
N GLY C 46 -28.23 -24.37 -37.74
CA GLY C 46 -28.26 -25.39 -36.67
C GLY C 46 -27.50 -25.01 -35.41
N TRP C 47 -26.55 -24.08 -35.49
CA TRP C 47 -25.87 -23.54 -34.31
C TRP C 47 -26.79 -22.67 -33.48
N ASP C 48 -26.64 -22.66 -32.17
CA ASP C 48 -27.25 -21.68 -31.27
C ASP C 48 -26.32 -21.39 -30.08
N LEU C 49 -26.43 -20.19 -29.53
CA LEU C 49 -25.53 -19.70 -28.48
C LEU C 49 -25.75 -20.44 -27.17
N VAL C 50 -24.67 -20.71 -26.45
CA VAL C 50 -24.73 -21.37 -25.13
C VAL C 50 -25.16 -20.44 -23.98
N GLY C 51 -25.37 -19.15 -24.27
CA GLY C 51 -25.63 -18.12 -23.28
C GLY C 51 -24.35 -17.49 -22.73
N HIS C 52 -24.48 -16.53 -21.81
CA HIS C 52 -23.34 -15.80 -21.25
C HIS C 52 -22.35 -16.72 -20.55
N THR C 53 -21.06 -16.43 -20.69
CA THR C 53 -19.94 -17.19 -20.14
C THR C 53 -18.98 -16.26 -19.38
N SER C 54 -18.38 -16.73 -18.30
CA SER C 54 -17.59 -15.92 -17.36
C SER C 54 -16.47 -15.16 -18.06
N GLU C 55 -16.28 -13.88 -17.70
CA GLU C 55 -15.13 -13.09 -18.14
C GLU C 55 -13.84 -13.45 -17.39
N ASP C 56 -13.96 -13.89 -16.14
CA ASP C 56 -12.82 -14.28 -15.30
C ASP C 56 -12.27 -15.67 -15.65
N ASP C 57 -13.12 -16.57 -16.17
CA ASP C 57 -12.79 -17.98 -16.40
C ASP C 57 -12.95 -18.37 -17.89
N LEU C 58 -12.07 -17.87 -18.77
CA LEU C 58 -12.11 -18.19 -20.20
C LEU C 58 -11.93 -19.70 -20.45
N PRO C 59 -12.48 -20.28 -21.52
CA PRO C 59 -12.44 -21.72 -21.77
C PRO C 59 -11.05 -22.34 -21.63
N GLU C 60 -10.89 -23.35 -20.78
CA GLU C 60 -9.59 -23.96 -20.49
C GLU C 60 -9.35 -25.20 -21.35
N PHE C 61 -8.60 -25.11 -22.45
CA PHE C 61 -8.38 -26.23 -23.39
C PHE C 61 -7.39 -27.28 -22.88
N GLY C 62 -7.61 -27.80 -21.68
CA GLY C 62 -6.74 -28.78 -21.04
C GLY C 62 -6.72 -30.16 -21.70
N PHE C 63 -6.04 -31.07 -21.03
CA PHE C 63 -6.03 -32.50 -21.29
C PHE C 63 -5.79 -33.25 -19.97
N ASP C 64 -6.12 -34.53 -19.91
CA ASP C 64 -5.69 -35.41 -18.81
C ASP C 64 -5.17 -36.75 -19.35
N GLY C 65 -4.39 -37.45 -18.54
CA GLY C 65 -3.45 -38.45 -19.02
C GLY C 65 -2.23 -37.83 -19.71
N GLY C 66 -1.60 -38.54 -20.65
CA GLY C 66 -0.43 -38.06 -21.38
C GLY C 66 0.90 -38.18 -20.64
N ASP C 67 1.00 -39.01 -19.61
CA ASP C 67 2.28 -39.31 -18.97
C ASP C 67 3.23 -40.05 -19.93
N SER C 68 4.53 -39.79 -19.85
CA SER C 68 5.53 -40.47 -20.67
C SER C 68 6.88 -40.58 -19.96
N GLU C 69 7.64 -41.62 -20.27
CA GLU C 69 8.97 -41.88 -19.71
C GLU C 69 9.98 -41.97 -20.85
N VAL C 70 11.21 -41.49 -20.64
CA VAL C 70 12.32 -41.79 -21.55
C VAL C 70 12.80 -43.21 -21.26
N ARG C 71 12.98 -44.05 -22.28
CA ARG C 71 13.48 -45.43 -22.14
C ARG C 71 14.76 -45.64 -22.92
N GLY C 72 15.59 -46.56 -22.48
CA GLY C 72 16.78 -46.95 -23.23
C GLY C 72 17.32 -48.32 -22.85
N SER C 73 18.31 -48.77 -23.59
CA SER C 73 19.03 -50.02 -23.38
C SER C 73 20.08 -49.88 -22.27
N TRP C 74 20.87 -50.92 -22.04
CA TRP C 74 22.07 -50.86 -21.20
C TRP C 74 23.17 -50.03 -21.91
N GLN C 75 23.29 -50.17 -23.23
CA GLN C 75 24.27 -49.49 -24.08
C GLN C 75 24.08 -47.97 -24.20
N LYS C 76 22.85 -47.49 -24.45
CA LYS C 76 22.54 -46.07 -24.78
C LYS C 76 21.30 -45.61 -24.02
N LYS C 77 21.49 -44.82 -22.97
CA LYS C 77 20.50 -44.67 -21.90
C LYS C 77 19.20 -43.95 -22.27
N LYS C 78 19.14 -43.17 -23.37
CA LYS C 78 18.00 -42.35 -23.80
C LYS C 78 17.78 -42.46 -25.30
N LEU C 79 16.85 -43.30 -25.78
CA LEU C 79 16.68 -43.48 -27.22
C LEU C 79 15.24 -43.41 -27.75
N ARG C 80 14.24 -43.45 -26.87
CA ARG C 80 12.83 -43.24 -27.22
C ARG C 80 12.10 -42.67 -26.02
N GLU C 81 11.06 -41.88 -26.24
CA GLU C 81 10.14 -41.44 -25.20
C GLU C 81 8.79 -42.13 -25.41
N VAL C 82 8.36 -42.94 -24.45
CA VAL C 82 7.16 -43.80 -24.58
C VAL C 82 6.04 -43.32 -23.68
N GLU C 83 4.82 -43.28 -24.19
CA GLU C 83 3.64 -42.89 -23.42
C GLU C 83 3.23 -43.98 -22.44
N THR C 84 3.15 -43.66 -21.14
CA THR C 84 2.64 -44.56 -20.11
C THR C 84 1.12 -44.71 -20.26
N GLU C 85 0.43 -43.62 -20.57
CA GLU C 85 -1.01 -43.56 -20.85
C GLU C 85 -1.35 -42.44 -21.82
N GLU C 86 -2.44 -42.57 -22.55
CA GLU C 86 -2.79 -41.64 -23.64
C GLU C 86 -3.30 -40.29 -23.15
N ILE C 87 -3.10 -39.26 -23.96
CA ILE C 87 -3.80 -37.97 -23.83
C ILE C 87 -5.30 -38.16 -24.13
N ALA C 88 -6.16 -37.51 -23.36
CA ALA C 88 -7.56 -37.26 -23.67
C ALA C 88 -7.85 -35.76 -23.54
N ASP C 89 -8.51 -35.18 -24.52
CA ASP C 89 -8.65 -33.73 -24.70
C ASP C 89 -10.02 -33.22 -24.24
N TYR C 90 -10.06 -32.07 -23.56
CA TYR C 90 -11.30 -31.46 -23.09
C TYR C 90 -11.25 -29.93 -23.11
N VAL C 91 -12.38 -29.26 -22.92
CA VAL C 91 -12.44 -27.84 -22.61
C VAL C 91 -13.40 -27.59 -21.45
N VAL C 92 -13.04 -26.75 -20.48
CA VAL C 92 -13.91 -26.38 -19.36
C VAL C 92 -14.47 -25.00 -19.58
N ILE C 93 -15.80 -24.87 -19.59
CA ILE C 93 -16.54 -23.66 -19.93
C ILE C 93 -17.35 -23.22 -18.70
N ASN C 94 -17.15 -22.01 -18.17
CA ASN C 94 -17.94 -21.52 -17.03
C ASN C 94 -19.14 -20.72 -17.50
N LEU C 95 -20.26 -21.38 -17.77
CA LEU C 95 -21.50 -20.69 -18.12
C LEU C 95 -21.98 -19.85 -16.93
N THR C 96 -22.70 -18.75 -17.15
CA THR C 96 -23.26 -17.92 -16.06
C THR C 96 -24.75 -17.61 -16.20
N GLN C 97 -25.35 -17.88 -17.35
CA GLN C 97 -26.79 -17.72 -17.58
C GLN C 97 -27.57 -18.91 -17.01
N PHE C 98 -28.78 -18.72 -16.45
CA PHE C 98 -29.55 -19.77 -15.78
C PHE C 98 -30.83 -20.23 -16.50
N ASP C 99 -31.08 -19.87 -17.76
CA ASP C 99 -32.17 -20.45 -18.54
C ASP C 99 -32.04 -21.96 -18.74
N GLU C 100 -33.11 -22.61 -19.20
CA GLU C 100 -33.05 -23.98 -19.71
C GLU C 100 -31.95 -24.17 -20.75
N THR C 101 -31.70 -23.17 -21.60
CA THR C 101 -30.65 -23.20 -22.63
C THR C 101 -29.23 -23.37 -22.06
N ALA C 102 -28.99 -23.08 -20.79
CA ALA C 102 -27.68 -23.25 -20.15
C ALA C 102 -27.69 -24.28 -19.01
N LEU C 103 -28.80 -24.47 -18.29
CA LEU C 103 -28.93 -25.63 -17.39
C LEU C 103 -28.90 -26.94 -18.18
N GLU C 104 -29.40 -26.99 -19.41
CA GLU C 104 -29.41 -28.23 -20.18
C GLU C 104 -28.00 -28.79 -20.44
N LEU C 105 -26.99 -27.96 -20.68
CA LEU C 105 -25.61 -28.43 -20.84
C LEU C 105 -25.05 -28.97 -19.51
N TYR C 106 -25.34 -28.28 -18.40
CA TYR C 106 -24.78 -28.64 -17.11
C TYR C 106 -25.46 -29.87 -16.49
N PHE C 107 -26.79 -29.93 -16.47
CA PHE C 107 -27.56 -31.04 -15.89
C PHE C 107 -27.98 -32.15 -16.87
N GLY C 108 -28.01 -31.88 -18.16
CA GLY C 108 -28.64 -32.74 -19.17
C GLY C 108 -30.06 -32.28 -19.52
N PRO C 109 -30.76 -32.95 -20.45
CA PRO C 109 -32.10 -32.54 -20.90
C PRO C 109 -33.11 -32.39 -19.76
N ASN C 110 -34.07 -31.48 -19.91
CA ASN C 110 -35.09 -31.23 -18.89
C ASN C 110 -35.98 -32.47 -18.69
N GLN C 111 -36.02 -33.01 -17.48
CA GLN C 111 -36.75 -34.26 -17.19
C GLN C 111 -38.24 -34.08 -16.88
N SER C 112 -38.78 -32.85 -16.91
CA SER C 112 -40.20 -32.56 -16.67
C SER C 112 -40.83 -31.68 -17.75
N ALA C 113 -42.11 -31.89 -18.06
CA ALA C 113 -42.83 -31.20 -19.13
C ALA C 113 -43.65 -29.97 -18.69
N THR C 114 -43.91 -29.77 -17.40
CA THR C 114 -44.79 -28.69 -16.91
C THR C 114 -44.14 -27.31 -17.02
N PRO C 115 -44.89 -26.24 -17.33
CA PRO C 115 -44.34 -24.90 -17.54
C PRO C 115 -43.69 -24.33 -16.27
N GLY C 116 -42.59 -23.60 -16.43
CA GLY C 116 -41.92 -22.90 -15.35
C GLY C 116 -41.04 -23.71 -14.41
N ILE C 117 -40.77 -24.99 -14.67
CA ILE C 117 -39.78 -25.77 -13.90
C ILE C 117 -38.80 -26.50 -14.80
N PHE C 118 -37.63 -26.82 -14.24
CA PHE C 118 -36.64 -27.69 -14.84
C PHE C 118 -36.37 -28.84 -13.88
N GLY C 119 -36.67 -30.08 -14.26
CA GLY C 119 -36.54 -31.23 -13.36
C GLY C 119 -35.26 -32.02 -13.59
N VAL C 120 -34.71 -32.64 -12.56
CA VAL C 120 -33.49 -33.46 -12.62
C VAL C 120 -33.73 -34.85 -12.00
N LYS C 121 -33.16 -35.90 -12.57
CA LYS C 121 -33.32 -37.30 -12.14
C LYS C 121 -32.01 -37.85 -11.58
N SER C 122 -32.03 -39.10 -11.09
CA SER C 122 -30.81 -39.84 -10.73
C SER C 122 -29.81 -39.92 -11.90
N GLY C 123 -28.52 -40.09 -11.60
CA GLY C 123 -27.41 -39.70 -12.47
C GLY C 123 -27.12 -40.54 -13.75
N SER C 124 -25.95 -40.28 -14.35
CA SER C 124 -25.42 -40.94 -15.56
C SER C 124 -26.28 -40.76 -16.83
N VAL C 125 -26.83 -39.58 -17.06
CA VAL C 125 -27.37 -39.16 -18.36
C VAL C 125 -26.26 -38.95 -19.39
N VAL C 126 -26.53 -39.15 -20.68
CA VAL C 126 -25.59 -38.86 -21.80
C VAL C 126 -26.04 -37.62 -22.58
N ASN C 127 -25.10 -36.71 -22.86
CA ASN C 127 -25.39 -35.35 -23.31
C ASN C 127 -24.44 -34.89 -24.44
N GLU C 128 -24.17 -35.74 -25.41
CA GLU C 128 -23.26 -35.44 -26.51
C GLU C 128 -23.79 -34.33 -27.42
N ARG C 129 -22.93 -33.38 -27.81
CA ARG C 129 -23.29 -32.17 -28.57
C ARG C 129 -22.11 -31.70 -29.43
N ALA C 130 -22.35 -31.01 -30.53
CA ALA C 130 -21.28 -30.34 -31.28
C ALA C 130 -20.91 -29.03 -30.58
N LEU C 131 -19.68 -28.54 -30.75
CA LEU C 131 -19.20 -27.33 -30.08
C LEU C 131 -18.43 -26.44 -31.03
N LEU C 132 -18.71 -25.14 -31.03
CA LEU C 132 -17.97 -24.13 -31.78
C LEU C 132 -17.64 -22.97 -30.85
N ILE C 133 -16.43 -22.44 -30.90
CA ILE C 133 -15.97 -21.33 -30.07
C ILE C 133 -15.31 -20.31 -30.99
N VAL C 134 -15.51 -19.02 -30.78
CA VAL C 134 -14.92 -17.96 -31.60
C VAL C 134 -14.30 -16.91 -30.70
N ILE C 135 -12.98 -16.81 -30.68
CA ILE C 135 -12.24 -15.87 -29.85
C ILE C 135 -11.82 -14.68 -30.72
N VAL C 136 -12.30 -13.47 -30.42
CA VAL C 136 -12.22 -12.32 -31.34
C VAL C 136 -11.39 -11.16 -30.78
N ASP C 137 -10.40 -10.71 -31.55
CA ASP C 137 -9.37 -9.73 -31.18
C ASP C 137 -9.22 -8.68 -32.28
N ASN C 138 -9.90 -7.53 -32.18
CA ASN C 138 -9.93 -6.50 -33.22
C ASN C 138 -10.20 -7.09 -34.62
N ASP C 139 -11.20 -7.97 -34.68
CA ASP C 139 -11.67 -8.71 -35.85
C ASP C 139 -10.70 -9.73 -36.47
N VAL C 140 -9.62 -10.11 -35.78
CA VAL C 140 -9.00 -11.44 -35.94
C VAL C 140 -9.86 -12.43 -35.15
N ARG C 141 -10.21 -13.60 -35.72
CA ARG C 141 -11.20 -14.52 -35.13
C ARG C 141 -10.68 -15.94 -35.03
N LEU C 142 -9.98 -16.30 -33.95
CA LEU C 142 -9.55 -17.68 -33.71
C LEU C 142 -10.79 -18.55 -33.51
N GLY C 143 -11.13 -19.39 -34.47
CA GLY C 143 -12.29 -20.27 -34.39
C GLY C 143 -11.89 -21.67 -33.97
N PHE C 144 -12.70 -22.37 -33.19
CA PHE C 144 -12.46 -23.75 -32.78
C PHE C 144 -13.73 -24.57 -32.95
N HIS C 145 -13.67 -25.76 -33.53
CA HIS C 145 -14.85 -26.60 -33.78
C HIS C 145 -14.60 -28.05 -33.42
N ALA C 146 -15.53 -28.70 -32.72
CA ALA C 146 -15.52 -30.14 -32.48
C ALA C 146 -16.85 -30.77 -32.90
N ARG C 147 -16.81 -31.78 -33.78
CA ARG C 147 -18.02 -32.41 -34.35
C ARG C 147 -18.85 -33.11 -33.27
N LYS C 148 -18.22 -33.78 -32.32
CA LYS C 148 -18.86 -34.34 -31.13
C LYS C 148 -18.02 -34.04 -29.89
N ALA C 149 -18.67 -33.58 -28.83
CA ALA C 149 -18.11 -33.49 -27.50
C ALA C 149 -19.12 -34.07 -26.50
N SER C 150 -18.69 -34.84 -25.51
CA SER C 150 -19.57 -35.32 -24.43
C SER C 150 -19.43 -34.39 -23.23
N LEU C 151 -20.53 -33.75 -22.87
CA LEU C 151 -20.57 -32.77 -21.79
C LEU C 151 -20.72 -33.45 -20.43
N LYS C 152 -20.10 -32.93 -19.39
CA LYS C 152 -20.40 -33.24 -17.98
C LYS C 152 -20.13 -32.05 -17.09
N ARG C 153 -20.81 -31.91 -15.96
CA ARG C 153 -20.48 -30.87 -14.99
C ARG C 153 -19.12 -31.10 -14.37
N GLU C 154 -18.33 -30.04 -14.18
CA GLU C 154 -16.92 -30.14 -13.78
C GLU C 154 -16.70 -29.96 -12.27
N ASP C 155 -17.54 -29.17 -11.61
CA ASP C 155 -17.42 -28.76 -10.20
C ASP C 155 -18.78 -28.28 -9.70
N ALA C 156 -18.92 -27.94 -8.42
CA ALA C 156 -20.16 -27.41 -7.87
C ALA C 156 -20.66 -26.14 -8.59
N ILE C 157 -21.97 -25.87 -8.56
CA ILE C 157 -22.50 -24.56 -8.98
C ILE C 157 -21.95 -23.49 -8.03
N SER C 158 -21.22 -22.52 -8.56
CA SER C 158 -20.73 -21.40 -7.76
C SER C 158 -21.82 -20.35 -7.59
N LEU C 159 -22.03 -19.86 -6.37
CA LEU C 159 -22.85 -18.69 -6.07
C LEU C 159 -22.03 -17.66 -5.30
N ALA C 160 -22.34 -16.38 -5.49
CA ALA C 160 -21.78 -15.28 -4.71
C ALA C 160 -22.82 -14.16 -4.57
N THR C 161 -22.62 -13.28 -3.59
CA THR C 161 -23.50 -12.14 -3.32
C THR C 161 -23.23 -10.92 -4.21
N ASP C 162 -22.09 -10.86 -4.90
CA ASP C 162 -21.71 -9.75 -5.79
C ASP C 162 -21.20 -10.24 -7.16
N GLU C 163 -20.34 -11.26 -7.24
CA GLU C 163 -20.01 -11.90 -8.51
C GLU C 163 -21.19 -12.71 -9.09
N PHE C 164 -21.17 -13.02 -10.38
CA PHE C 164 -22.20 -13.88 -10.99
C PHE C 164 -22.10 -15.32 -10.51
N GLY C 165 -23.24 -15.99 -10.38
CA GLY C 165 -23.25 -17.45 -10.23
C GLY C 165 -22.75 -18.13 -11.50
N ALA C 166 -22.16 -19.32 -11.39
CA ALA C 166 -21.57 -20.02 -12.54
C ALA C 166 -21.79 -21.53 -12.52
N LEU C 167 -21.99 -22.10 -13.70
CA LEU C 167 -22.25 -23.51 -13.96
C LEU C 167 -21.06 -24.09 -14.74
N PRO C 168 -19.98 -24.55 -14.09
CA PRO C 168 -18.81 -25.02 -14.80
C PRO C 168 -19.09 -26.36 -15.48
N VAL C 169 -18.99 -26.42 -16.81
CA VAL C 169 -19.21 -27.64 -17.59
C VAL C 169 -17.94 -28.01 -18.35
N ARG C 170 -17.57 -29.30 -18.38
CA ARG C 170 -16.44 -29.83 -19.15
C ARG C 170 -17.00 -30.53 -20.38
N ALA C 171 -16.55 -30.14 -21.56
CA ALA C 171 -16.78 -30.86 -22.80
C ALA C 171 -15.57 -31.73 -23.12
N THR C 172 -15.71 -33.05 -23.25
CA THR C 172 -14.61 -33.96 -23.61
C THR C 172 -14.74 -34.36 -25.07
N PHE C 173 -13.68 -34.28 -25.87
CA PHE C 173 -13.79 -34.46 -27.32
C PHE C 173 -13.81 -35.92 -27.71
N LEU C 174 -14.78 -36.31 -28.53
CA LEU C 174 -15.01 -37.67 -29.01
C LEU C 174 -14.78 -37.74 -30.52
N ASP C 175 -14.06 -38.76 -30.96
CA ASP C 175 -13.84 -39.02 -32.38
C ASP C 175 -15.15 -39.43 -33.06
N TYR C 176 -15.61 -38.68 -34.04
CA TYR C 176 -16.88 -38.90 -34.72
C TYR C 176 -16.71 -39.25 -36.20
N GLN C 177 -17.16 -40.43 -36.61
CA GLN C 177 -17.44 -40.78 -38.01
C GLN C 177 -16.31 -40.40 -38.99
N SER C 178 -15.05 -40.67 -38.62
CA SER C 178 -13.85 -40.38 -39.41
C SER C 178 -13.56 -38.90 -39.70
N TYR C 179 -14.30 -37.94 -39.13
CA TYR C 179 -13.86 -36.54 -39.08
C TYR C 179 -12.68 -36.36 -38.11
N ASN C 180 -12.06 -35.18 -38.10
CA ASN C 180 -11.07 -34.83 -37.08
C ASN C 180 -11.70 -34.78 -35.68
N LEU C 181 -10.87 -34.91 -34.65
CA LEU C 181 -11.30 -34.81 -33.26
C LEU C 181 -11.80 -33.38 -32.96
N TYR C 182 -11.02 -32.38 -33.36
CA TYR C 182 -11.36 -30.96 -33.34
C TYR C 182 -10.41 -30.18 -34.24
N GLU C 183 -10.68 -28.89 -34.44
CA GLU C 183 -10.26 -28.17 -35.62
C GLU C 183 -10.24 -26.66 -35.39
N TRP C 184 -9.19 -25.97 -35.81
CA TRP C 184 -9.02 -24.52 -35.67
C TRP C 184 -9.17 -23.83 -37.03
N ILE C 185 -9.83 -22.67 -37.11
CA ILE C 185 -10.41 -22.15 -38.36
C ILE C 185 -10.05 -20.68 -38.63
N GLU C 186 -8.81 -20.37 -39.07
CA GLU C 186 -8.44 -19.04 -39.59
C GLU C 186 -7.95 -19.12 -41.03
N GLU C 187 -8.52 -18.32 -41.94
CA GLU C 187 -8.14 -18.36 -43.35
C GLU C 187 -6.69 -17.96 -43.61
N ASP C 188 -6.20 -16.95 -42.91
CA ASP C 188 -4.89 -16.32 -43.16
C ASP C 188 -3.71 -17.06 -42.53
N TRP C 189 -3.93 -17.97 -41.58
CA TRP C 189 -2.87 -18.55 -40.75
C TRP C 189 -2.53 -20.00 -41.07
N PHE C 190 -3.51 -20.80 -41.51
CA PHE C 190 -3.37 -22.26 -41.65
C PHE C 190 -3.42 -22.73 -43.09
N ASN C 191 -2.55 -23.65 -43.49
CA ASN C 191 -2.38 -24.10 -44.89
C ASN C 191 -2.22 -22.94 -45.89
N ALA C 192 -1.81 -21.75 -45.42
CA ALA C 192 -1.65 -20.56 -46.22
C ALA C 192 -0.47 -20.67 -47.19
N VAL C 193 -0.56 -19.99 -48.33
CA VAL C 193 0.47 -20.03 -49.38
C VAL C 193 1.78 -19.41 -48.89
N ASP C 194 2.90 -20.10 -49.10
CA ASP C 194 4.25 -19.58 -48.81
C ASP C 194 4.70 -18.56 -49.87
N ALA C 195 4.17 -17.34 -49.77
CA ALA C 195 4.60 -16.20 -50.60
C ALA C 195 5.77 -15.47 -49.91
N PRO C 196 6.96 -15.39 -50.54
CA PRO C 196 8.10 -14.65 -49.99
C PRO C 196 7.79 -13.16 -49.78
N VAL C 197 8.47 -12.53 -48.81
CA VAL C 197 8.38 -11.09 -48.60
C VAL C 197 8.97 -10.32 -49.78
N VAL C 198 8.29 -9.28 -50.25
CA VAL C 198 8.81 -8.33 -51.25
C VAL C 198 8.86 -6.94 -50.65
N TYR C 199 10.03 -6.32 -50.68
CA TYR C 199 10.18 -4.90 -50.39
C TYR C 199 9.87 -4.14 -51.67
N LEU C 200 8.84 -3.31 -51.62
CA LEU C 200 8.33 -2.54 -52.75
C LEU C 200 8.97 -1.15 -52.72
N LEU C 201 10.15 -1.02 -53.32
CA LEU C 201 10.84 0.25 -53.45
C LEU C 201 10.15 1.12 -54.51
N ASP C 202 10.10 2.43 -54.28
CA ASP C 202 9.71 3.41 -55.29
C ASP C 202 10.67 4.61 -55.24
N LEU C 203 11.22 5.02 -56.38
CA LEU C 203 12.09 6.18 -56.49
C LEU C 203 11.32 7.51 -56.38
N GLY C 204 9.99 7.48 -56.40
CA GLY C 204 9.13 8.60 -55.97
C GLY C 204 9.18 9.86 -56.84
N GLY C 205 9.64 9.77 -58.09
CA GLY C 205 9.83 10.93 -58.98
C GLY C 205 11.20 11.62 -58.87
N ALA C 206 12.22 10.92 -58.36
CA ALA C 206 13.61 11.40 -58.25
C ALA C 206 14.21 11.94 -59.56
N THR C 207 15.13 12.91 -59.45
CA THR C 207 15.86 13.51 -60.58
C THR C 207 17.24 14.01 -60.13
N GLY C 208 18.31 13.36 -60.61
CA GLY C 208 19.68 13.63 -60.19
C GLY C 208 20.05 12.99 -58.86
N GLY C 209 21.35 13.00 -58.53
CA GLY C 209 21.84 12.53 -57.22
C GLY C 209 21.73 11.02 -56.96
N ASP C 210 21.83 10.65 -55.69
CA ASP C 210 22.06 9.28 -55.22
C ASP C 210 21.34 8.97 -53.89
N TYR C 211 21.17 7.68 -53.57
CA TYR C 211 20.62 7.18 -52.31
C TYR C 211 21.33 5.89 -51.85
N THR C 212 21.12 5.47 -50.61
CA THR C 212 21.69 4.24 -50.05
C THR C 212 20.63 3.37 -49.39
N LEU C 213 20.57 2.09 -49.79
CA LEU C 213 19.81 1.07 -49.09
C LEU C 213 20.50 0.64 -47.79
N LEU C 214 19.69 0.30 -46.79
CA LEU C 214 20.12 -0.29 -45.53
C LEU C 214 19.56 -1.73 -45.48
N VAL C 215 20.42 -2.74 -45.41
CA VAL C 215 20.05 -4.16 -45.46
C VAL C 215 20.60 -4.88 -44.24
N GLY C 216 19.75 -5.59 -43.49
CA GLY C 216 20.13 -6.21 -42.21
C GLY C 216 20.67 -5.23 -41.16
N GLY C 217 20.34 -3.94 -41.27
CA GLY C 217 20.94 -2.88 -40.43
C GLY C 217 22.33 -2.39 -40.85
N LYS C 218 22.85 -2.81 -42.02
CA LYS C 218 24.15 -2.43 -42.60
C LYS C 218 23.96 -1.74 -43.95
N SER C 219 24.78 -0.76 -44.29
CA SER C 219 24.55 0.14 -45.43
C SER C 219 25.34 -0.26 -46.69
N THR C 220 24.68 -0.20 -47.86
CA THR C 220 25.39 -0.28 -49.16
C THR C 220 26.09 1.04 -49.53
N GLY C 221 26.70 1.11 -50.70
CA GLY C 221 27.29 2.34 -51.25
C GLY C 221 26.26 3.32 -51.83
N ASP C 222 26.71 4.17 -52.75
CA ASP C 222 25.83 5.07 -53.50
C ASP C 222 25.08 4.31 -54.61
N ILE C 223 23.77 4.47 -54.67
CA ILE C 223 22.91 4.06 -55.77
C ILE C 223 22.44 5.31 -56.53
N ALA C 224 22.72 5.40 -57.83
CA ALA C 224 22.28 6.54 -58.64
C ALA C 224 20.75 6.56 -58.83
N TYR C 225 20.16 7.74 -58.97
CA TYR C 225 18.71 7.92 -59.18
C TYR C 225 18.14 7.22 -60.42
N ASN C 226 18.99 6.78 -61.34
CA ASN C 226 18.65 6.09 -62.58
C ASN C 226 19.33 4.70 -62.73
N ALA C 227 19.83 4.12 -61.63
CA ALA C 227 20.44 2.80 -61.64
C ALA C 227 19.45 1.70 -62.07
N ASN C 228 19.95 0.65 -62.74
CA ASN C 228 19.14 -0.47 -63.22
C ASN C 228 19.09 -1.63 -62.21
N ALA C 229 18.19 -2.59 -62.44
CA ALA C 229 17.98 -3.74 -61.53
C ALA C 229 19.25 -4.57 -61.29
N SER C 230 20.06 -4.83 -62.31
CA SER C 230 21.32 -5.57 -62.13
C SER C 230 22.33 -4.81 -61.28
N ALA C 231 22.41 -3.49 -61.41
CA ALA C 231 23.27 -2.64 -60.58
C ALA C 231 22.78 -2.60 -59.12
N ILE C 232 21.46 -2.49 -58.90
CA ILE C 232 20.88 -2.53 -57.55
C ILE C 232 21.14 -3.89 -56.90
N LYS C 233 20.88 -5.00 -57.61
CA LYS C 233 21.20 -6.36 -57.13
C LYS C 233 22.69 -6.50 -56.81
N THR C 234 23.56 -5.97 -57.68
CA THR C 234 25.02 -5.94 -57.46
C THR C 234 25.37 -5.19 -56.18
N ALA C 235 24.81 -4.00 -55.96
CA ALA C 235 25.14 -3.19 -54.80
C ALA C 235 24.62 -3.77 -53.48
N ILE C 236 23.46 -4.45 -53.48
CA ILE C 236 22.97 -5.16 -52.29
C ILE C 236 23.84 -6.39 -52.02
N GLY C 237 24.16 -7.17 -53.05
CA GLY C 237 25.05 -8.34 -52.93
C GLY C 237 26.48 -7.99 -52.50
N ALA C 238 26.97 -6.82 -52.87
CA ALA C 238 28.27 -6.27 -52.47
C ALA C 238 28.32 -5.74 -51.03
N VAL C 239 27.22 -5.75 -50.27
CA VAL C 239 27.28 -5.47 -48.82
C VAL C 239 27.99 -6.62 -48.09
N ASP C 240 28.92 -6.24 -47.21
CA ASP C 240 29.78 -7.13 -46.43
C ASP C 240 29.00 -7.85 -45.31
N ASP C 241 28.15 -8.81 -45.69
CA ASP C 241 27.12 -9.40 -44.82
C ASP C 241 26.75 -10.87 -45.13
N GLY C 242 27.73 -11.70 -45.52
CA GLY C 242 27.59 -13.16 -45.55
C GLY C 242 26.70 -13.80 -46.62
N VAL C 243 25.82 -13.05 -47.29
CA VAL C 243 24.92 -13.54 -48.36
C VAL C 243 25.42 -13.11 -49.75
N ALA C 244 25.43 -14.03 -50.71
CA ALA C 244 25.90 -13.77 -52.07
C ALA C 244 24.88 -12.98 -52.91
N GLU C 245 25.33 -12.38 -54.02
CA GLU C 245 24.47 -11.69 -54.99
C GLU C 245 23.34 -12.59 -55.50
N SER C 246 23.63 -13.87 -55.72
CA SER C 246 22.66 -14.88 -56.18
C SER C 246 21.52 -15.18 -55.19
N ALA C 247 21.60 -14.71 -53.94
CA ALA C 247 20.51 -14.83 -52.97
C ALA C 247 19.37 -13.81 -53.19
N TRP C 248 19.61 -12.75 -53.97
CA TRP C 248 18.68 -11.64 -54.17
C TRP C 248 17.95 -11.69 -55.51
N THR C 249 16.77 -11.08 -55.57
CA THR C 249 16.07 -10.71 -56.81
C THR C 249 15.65 -9.25 -56.78
N VAL C 250 15.72 -8.62 -57.96
CA VAL C 250 15.32 -7.23 -58.18
C VAL C 250 14.57 -7.15 -59.51
N THR C 251 13.41 -6.50 -59.56
CA THR C 251 12.55 -6.42 -60.78
C THR C 251 11.92 -5.03 -60.87
N ALA C 252 11.83 -4.45 -62.07
CA ALA C 252 11.58 -3.01 -62.25
C ALA C 252 10.33 -2.66 -63.06
N ASP C 253 9.69 -1.53 -62.75
CA ASP C 253 8.62 -0.86 -63.50
C ASP C 253 8.77 0.68 -63.40
N GLY C 254 9.81 1.22 -64.05
CA GLY C 254 10.11 2.66 -64.05
C GLY C 254 10.64 3.15 -62.70
N SER C 255 9.80 3.85 -61.93
CA SER C 255 10.12 4.27 -60.56
C SER C 255 9.99 3.13 -59.52
N ASP C 256 9.14 2.14 -59.81
CA ASP C 256 8.84 0.97 -58.97
C ASP C 256 9.93 -0.11 -59.10
N PHE C 257 10.37 -0.69 -57.97
CA PHE C 257 11.15 -1.93 -57.92
C PHE C 257 10.64 -2.92 -56.86
N GLU C 258 10.52 -4.19 -57.23
CA GLU C 258 10.67 -5.29 -56.28
C GLU C 258 12.12 -5.39 -55.86
N ILE C 259 12.37 -5.55 -54.56
CA ILE C 259 13.57 -6.19 -54.03
C ILE C 259 13.10 -7.34 -53.13
N SER C 260 13.69 -8.53 -53.26
CA SER C 260 13.45 -9.61 -52.29
C SER C 260 14.63 -10.55 -52.17
N GLY C 261 14.75 -11.22 -51.02
CA GLY C 261 15.92 -12.01 -50.65
C GLY C 261 15.93 -12.33 -49.15
N PRO C 262 17.09 -12.78 -48.62
CA PRO C 262 17.17 -13.38 -47.28
C PRO C 262 17.14 -12.41 -46.10
N LEU C 263 17.21 -11.09 -46.28
CA LEU C 263 17.35 -10.10 -45.20
C LEU C 263 16.38 -8.91 -45.37
N ALA C 264 16.09 -8.20 -44.28
CA ALA C 264 15.25 -7.00 -44.30
C ALA C 264 15.95 -5.83 -45.02
N VAL C 265 15.20 -5.04 -45.79
CA VAL C 265 15.72 -3.89 -46.56
C VAL C 265 14.95 -2.61 -46.23
N ALA C 266 15.66 -1.51 -46.09
CA ALA C 266 15.18 -0.17 -45.74
C ALA C 266 16.02 0.91 -46.43
N LEU C 267 15.78 2.19 -46.16
CA LEU C 267 16.60 3.31 -46.65
C LEU C 267 17.50 3.89 -45.56
N GLY C 268 18.75 4.15 -45.91
CA GLY C 268 19.66 5.06 -45.20
C GLY C 268 19.51 6.47 -45.76
N VAL C 269 20.62 7.12 -46.12
CA VAL C 269 20.60 8.46 -46.73
C VAL C 269 19.94 8.46 -48.13
N ASP C 270 19.30 9.59 -48.46
CA ASP C 270 18.75 9.89 -49.77
C ASP C 270 19.10 11.35 -50.14
N SER C 271 19.59 11.56 -51.35
CA SER C 271 19.95 12.86 -51.92
C SER C 271 19.53 12.97 -53.40
N THR C 272 18.38 12.36 -53.74
CA THR C 272 17.91 12.17 -55.13
C THR C 272 17.11 13.34 -55.75
N THR C 273 17.04 14.49 -55.07
CA THR C 273 16.69 15.81 -55.64
C THR C 273 15.49 15.89 -56.60
N GLY C 274 14.39 15.19 -56.30
CA GLY C 274 13.16 15.25 -57.09
C GLY C 274 11.99 14.48 -56.46
N GLY C 275 10.76 14.88 -56.78
CA GLY C 275 9.54 14.22 -56.30
C GLY C 275 9.46 14.14 -54.77
N SER C 276 9.07 12.98 -54.24
CA SER C 276 9.09 12.70 -52.79
C SER C 276 10.46 12.28 -52.24
N GLY C 277 11.47 12.10 -53.10
CA GLY C 277 12.60 11.20 -52.81
C GLY C 277 12.17 9.72 -52.75
N VAL C 278 13.12 8.82 -52.51
CA VAL C 278 12.91 7.36 -52.53
C VAL C 278 12.12 6.88 -51.31
N THR C 279 11.30 5.85 -51.47
CA THR C 279 10.53 5.19 -50.39
C THR C 279 10.55 3.66 -50.55
N VAL C 280 10.24 2.94 -49.47
CA VAL C 280 10.28 1.47 -49.40
C VAL C 280 9.09 0.93 -48.59
N ASP C 281 8.08 0.43 -49.28
CA ASP C 281 6.96 -0.30 -48.67
C ASP C 281 7.29 -1.79 -48.57
N VAL C 282 6.40 -2.59 -47.97
CA VAL C 282 6.48 -4.06 -47.95
C VAL C 282 5.14 -4.67 -48.36
N VAL C 283 5.17 -5.66 -49.24
CA VAL C 283 3.98 -6.33 -49.82
C VAL C 283 3.29 -7.24 -48.80
N ALA D 2 -29.81 -19.05 -27.00
CA ALA D 2 -30.03 -17.61 -26.97
C ALA D 2 -29.25 -16.92 -25.87
N LEU D 3 -28.53 -15.86 -26.23
CA LEU D 3 -27.70 -15.06 -25.34
C LEU D 3 -28.56 -14.01 -24.64
N LYS D 4 -28.99 -14.27 -23.40
CA LYS D 4 -29.99 -13.46 -22.70
C LYS D 4 -29.47 -12.84 -21.41
N ASP D 5 -29.45 -11.52 -21.39
CA ASP D 5 -28.99 -10.64 -20.31
C ASP D 5 -29.84 -10.80 -19.03
N ASP D 6 -31.14 -11.05 -19.19
CA ASP D 6 -32.14 -11.08 -18.10
C ASP D 6 -31.91 -12.17 -17.05
N ALA D 7 -31.23 -13.26 -17.41
CA ALA D 7 -31.13 -14.50 -16.62
C ALA D 7 -29.73 -14.79 -16.06
N VAL D 8 -28.82 -13.81 -16.07
CA VAL D 8 -27.52 -13.90 -15.40
C VAL D 8 -27.72 -13.55 -13.92
N LEU D 9 -27.55 -14.51 -13.02
CA LEU D 9 -28.00 -14.45 -11.62
C LEU D 9 -26.88 -14.02 -10.67
N ILE D 10 -27.17 -13.09 -9.76
CA ILE D 10 -26.34 -12.71 -8.61
C ILE D 10 -27.12 -13.00 -7.33
N ALA D 11 -26.62 -13.82 -6.40
CA ALA D 11 -27.40 -14.35 -5.29
C ALA D 11 -27.51 -13.36 -4.11
N ALA D 12 -27.97 -12.13 -4.35
CA ALA D 12 -27.88 -11.04 -3.38
C ALA D 12 -28.63 -11.27 -2.06
N ARG D 13 -29.77 -11.98 -2.09
CA ARG D 13 -30.59 -12.39 -0.95
C ARG D 13 -31.18 -13.77 -1.22
N GLY D 14 -31.58 -14.49 -0.18
CA GLY D 14 -32.20 -15.80 -0.37
C GLY D 14 -32.60 -16.47 0.93
N TYR D 15 -33.53 -17.41 0.85
CA TYR D 15 -34.18 -18.03 2.00
C TYR D 15 -34.18 -19.54 1.85
N VAL D 16 -33.97 -20.28 2.93
CA VAL D 16 -33.96 -21.74 2.94
C VAL D 16 -35.09 -22.25 3.82
N TYR D 17 -35.95 -23.11 3.30
CA TYR D 17 -37.12 -23.67 3.99
C TYR D 17 -37.04 -25.19 4.05
N THR D 18 -37.72 -25.78 5.02
CA THR D 18 -37.70 -27.21 5.31
C THR D 18 -39.11 -27.69 5.65
N ALA D 19 -39.40 -28.97 5.48
CA ALA D 19 -40.69 -29.59 5.79
C ALA D 19 -40.52 -31.11 5.89
N ALA D 20 -41.52 -31.84 6.37
CA ALA D 20 -41.48 -33.31 6.33
C ALA D 20 -41.35 -33.83 4.88
N VAL D 21 -40.73 -35.01 4.70
CA VAL D 21 -40.44 -35.56 3.36
C VAL D 21 -41.71 -35.63 2.50
N GLY D 22 -41.57 -35.40 1.20
CA GLY D 22 -42.71 -35.42 0.29
C GLY D 22 -43.53 -34.12 0.25
N THR D 23 -43.25 -33.12 1.08
CA THR D 23 -43.96 -31.82 0.99
C THR D 23 -43.64 -31.12 -0.33
N ALA D 24 -44.62 -30.47 -0.96
CA ALA D 24 -44.47 -29.84 -2.27
C ALA D 24 -44.21 -28.33 -2.20
N ALA D 25 -43.23 -27.83 -2.96
CA ALA D 25 -42.96 -26.40 -3.08
C ALA D 25 -44.09 -25.66 -3.83
N PRO D 26 -44.27 -24.35 -3.62
CA PRO D 26 -45.26 -23.57 -4.34
C PRO D 26 -44.91 -23.49 -5.83
N THR D 27 -45.93 -23.46 -6.70
CA THR D 27 -45.77 -23.55 -8.15
C THR D 27 -45.07 -22.31 -8.74
N PRO D 28 -44.50 -22.37 -9.95
CA PRO D 28 -43.81 -21.23 -10.57
C PRO D 28 -44.63 -19.94 -10.62
N SER D 29 -45.95 -20.04 -10.84
CA SER D 29 -46.87 -18.90 -10.86
C SER D 29 -47.18 -18.37 -9.46
N GLN D 30 -47.13 -19.18 -8.41
CA GLN D 30 -47.17 -18.71 -7.02
C GLN D 30 -45.85 -18.07 -6.58
N LEU D 31 -44.71 -18.61 -7.00
CA LEU D 31 -43.40 -18.20 -6.48
C LEU D 31 -43.07 -16.72 -6.74
N LYS D 32 -43.58 -16.11 -7.83
CA LYS D 32 -43.44 -14.67 -8.09
C LYS D 32 -44.35 -13.78 -7.23
N LEU D 33 -45.29 -14.35 -6.48
CA LEU D 33 -46.38 -13.62 -5.80
C LEU D 33 -46.35 -13.75 -4.26
N ILE D 34 -45.92 -14.88 -3.71
CA ILE D 34 -45.85 -15.12 -2.24
C ILE D 34 -44.92 -14.14 -1.49
N ASP D 35 -45.10 -14.02 -0.17
CA ASP D 35 -44.17 -13.31 0.71
C ASP D 35 -43.28 -14.30 1.47
N LEU D 36 -41.97 -14.03 1.49
CA LEU D 36 -40.95 -15.05 1.75
C LEU D 36 -40.62 -15.21 3.23
N GLU D 37 -40.68 -14.17 4.06
CA GLU D 37 -40.37 -14.32 5.48
C GLU D 37 -41.43 -15.06 6.29
N HIS D 38 -42.60 -15.39 5.71
CA HIS D 38 -43.78 -15.93 6.42
C HIS D 38 -44.39 -17.15 5.72
N PRO D 39 -43.77 -18.34 5.76
CA PRO D 39 -44.27 -19.53 5.09
C PRO D 39 -45.61 -20.09 5.62
N GLU D 40 -46.13 -19.57 6.73
CA GLU D 40 -47.51 -19.82 7.16
C GLU D 40 -48.56 -19.08 6.30
N ALA D 41 -48.17 -18.08 5.50
CA ALA D 41 -49.09 -17.29 4.69
C ALA D 41 -49.44 -17.89 3.32
N TRP D 42 -48.65 -18.86 2.82
CA TRP D 42 -48.55 -19.18 1.39
C TRP D 42 -49.75 -19.85 0.73
N ASP D 43 -50.67 -20.45 1.48
CA ASP D 43 -51.65 -21.41 0.93
C ASP D 43 -50.98 -22.60 0.22
N ARG D 44 -49.83 -23.00 0.75
CA ARG D 44 -49.04 -24.20 0.41
C ARG D 44 -48.48 -24.79 1.70
N THR D 45 -49.37 -25.06 2.65
CA THR D 45 -49.04 -25.32 4.05
C THR D 45 -48.04 -26.46 4.23
N GLY D 46 -47.08 -26.28 5.14
CA GLY D 46 -46.13 -27.32 5.55
C GLY D 46 -44.70 -26.81 5.70
N TRP D 47 -44.32 -25.76 4.98
CA TRP D 47 -42.98 -25.19 5.01
C TRP D 47 -42.73 -24.37 6.27
N ASP D 48 -41.54 -24.50 6.82
CA ASP D 48 -41.02 -23.65 7.90
C ASP D 48 -39.62 -23.16 7.55
N LEU D 49 -39.25 -22.01 8.06
CA LEU D 49 -38.07 -21.26 7.60
C LEU D 49 -36.90 -21.55 8.54
N VAL D 50 -35.78 -22.03 8.01
CA VAL D 50 -34.70 -22.71 8.76
C VAL D 50 -33.86 -21.81 9.68
N GLY D 51 -34.21 -20.53 9.82
CA GLY D 51 -33.39 -19.54 10.50
C GLY D 51 -32.38 -18.89 9.55
N HIS D 52 -31.62 -17.93 10.07
CA HIS D 52 -30.61 -17.20 9.32
C HIS D 52 -29.54 -18.14 8.75
N THR D 53 -29.09 -17.85 7.53
CA THR D 53 -27.96 -18.49 6.85
C THR D 53 -26.85 -17.47 6.68
N SER D 54 -25.58 -17.88 6.72
CA SER D 54 -24.48 -16.92 6.63
C SER D 54 -24.33 -16.33 5.23
N GLU D 55 -23.72 -15.15 5.14
CA GLU D 55 -23.65 -14.35 3.91
C GLU D 55 -22.40 -14.62 3.06
N ASP D 56 -21.27 -15.00 3.66
CA ASP D 56 -20.03 -15.31 2.93
C ASP D 56 -20.07 -16.70 2.28
N ASP D 57 -20.40 -17.74 3.04
CA ASP D 57 -20.43 -19.14 2.60
C ASP D 57 -21.86 -19.56 2.21
N LEU D 58 -22.32 -19.08 1.06
CA LEU D 58 -23.60 -19.45 0.44
C LEU D 58 -23.72 -20.96 0.15
N PRO D 59 -24.94 -21.48 -0.09
CA PRO D 59 -25.16 -22.85 -0.54
C PRO D 59 -24.24 -23.34 -1.67
N GLU D 60 -23.61 -24.50 -1.50
CA GLU D 60 -22.76 -25.16 -2.49
C GLU D 60 -23.49 -26.38 -3.05
N PHE D 61 -23.95 -26.35 -4.29
CA PHE D 61 -24.65 -27.48 -4.94
C PHE D 61 -23.68 -28.52 -5.52
N GLY D 62 -22.71 -28.95 -4.72
CA GLY D 62 -21.68 -29.90 -5.13
C GLY D 62 -22.18 -31.33 -5.36
N PHE D 63 -21.26 -32.24 -5.69
CA PHE D 63 -21.53 -33.66 -5.78
C PHE D 63 -20.24 -34.46 -5.55
N ASP D 64 -20.36 -35.65 -4.98
CA ASP D 64 -19.28 -36.65 -5.01
C ASP D 64 -19.49 -37.63 -6.17
N GLY D 65 -18.45 -38.35 -6.56
CA GLY D 65 -18.52 -39.35 -7.63
C GLY D 65 -18.51 -38.76 -9.04
N GLY D 66 -19.02 -39.52 -10.01
CA GLY D 66 -18.97 -39.15 -11.44
C GLY D 66 -17.62 -39.44 -12.12
N ASP D 67 -16.71 -40.16 -11.47
CA ASP D 67 -15.46 -40.61 -12.06
C ASP D 67 -15.66 -41.72 -13.10
N SER D 68 -14.89 -41.66 -14.20
CA SER D 68 -15.02 -42.55 -15.34
C SER D 68 -13.70 -42.75 -16.07
N GLU D 69 -13.54 -43.88 -16.75
CA GLU D 69 -12.30 -44.31 -17.39
C GLU D 69 -12.57 -44.92 -18.77
N VAL D 70 -11.75 -44.59 -19.79
CA VAL D 70 -11.80 -45.24 -21.10
C VAL D 70 -11.18 -46.64 -21.02
N ARG D 71 -11.92 -47.68 -21.37
CA ARG D 71 -11.54 -49.07 -21.05
C ARG D 71 -10.52 -49.69 -22.01
N GLY D 72 -10.52 -49.28 -23.28
CA GLY D 72 -9.49 -49.64 -24.28
C GLY D 72 -9.45 -51.10 -24.75
N SER D 73 -8.60 -51.36 -25.74
CA SER D 73 -8.23 -52.67 -26.30
C SER D 73 -6.85 -52.54 -26.99
N TRP D 74 -6.35 -53.57 -27.69
CA TRP D 74 -5.00 -53.52 -28.29
C TRP D 74 -4.99 -52.69 -29.59
N GLN D 75 -5.78 -53.09 -30.59
CA GLN D 75 -5.92 -52.34 -31.86
C GLN D 75 -7.01 -51.25 -31.87
N LYS D 76 -8.01 -51.33 -30.97
CA LYS D 76 -9.09 -50.34 -30.81
C LYS D 76 -8.83 -49.56 -29.53
N LYS D 77 -8.77 -48.23 -29.58
CA LYS D 77 -8.44 -47.38 -28.41
C LYS D 77 -9.53 -46.34 -28.14
N LYS D 78 -9.75 -46.02 -26.86
CA LYS D 78 -10.95 -45.32 -26.39
C LYS D 78 -12.25 -46.02 -26.85
N LEU D 79 -12.26 -47.34 -26.72
CA LEU D 79 -13.32 -48.23 -27.21
C LEU D 79 -14.68 -47.99 -26.53
N ARG D 80 -14.70 -47.91 -25.20
CA ARG D 80 -15.90 -47.74 -24.37
C ARG D 80 -15.54 -47.07 -23.05
N GLU D 81 -16.39 -46.19 -22.52
CA GLU D 81 -16.21 -45.65 -21.17
C GLU D 81 -16.87 -46.56 -20.13
N VAL D 82 -16.29 -46.65 -18.94
CA VAL D 82 -16.93 -47.23 -17.75
C VAL D 82 -16.93 -46.22 -16.61
N GLU D 83 -17.96 -46.22 -15.77
CA GLU D 83 -18.13 -45.29 -14.65
C GLU D 83 -17.92 -46.03 -13.32
N THR D 84 -17.01 -45.55 -12.49
CA THR D 84 -16.54 -46.29 -11.30
C THR D 84 -17.19 -45.83 -10.00
N GLU D 85 -17.70 -44.59 -9.94
CA GLU D 85 -18.41 -44.05 -8.78
C GLU D 85 -19.70 -43.32 -9.20
N GLU D 86 -20.82 -43.63 -8.56
CA GLU D 86 -22.13 -43.02 -8.83
C GLU D 86 -22.19 -41.56 -8.35
N ILE D 87 -22.83 -40.67 -9.11
CA ILE D 87 -22.95 -39.25 -8.77
C ILE D 87 -23.89 -39.08 -7.58
N ALA D 88 -23.39 -38.51 -6.49
CA ALA D 88 -24.14 -38.26 -5.25
C ALA D 88 -24.31 -36.76 -5.04
N ASP D 89 -25.42 -36.20 -5.52
CA ASP D 89 -25.72 -34.77 -5.41
C ASP D 89 -26.03 -34.33 -3.99
N TYR D 90 -25.65 -33.12 -3.61
CA TYR D 90 -25.95 -32.54 -2.30
C TYR D 90 -26.12 -31.03 -2.37
N VAL D 91 -26.50 -30.39 -1.27
CA VAL D 91 -26.22 -28.97 -1.02
C VAL D 91 -25.64 -28.80 0.38
N VAL D 92 -24.61 -27.97 0.55
CA VAL D 92 -24.02 -27.65 1.87
C VAL D 92 -24.40 -26.25 2.29
N ILE D 93 -25.00 -26.11 3.47
CA ILE D 93 -25.66 -24.89 3.97
C ILE D 93 -25.03 -24.47 5.30
N ASN D 94 -24.56 -23.22 5.44
CA ASN D 94 -24.07 -22.72 6.73
C ASN D 94 -25.19 -22.00 7.49
N LEU D 95 -25.96 -22.71 8.31
CA LEU D 95 -26.93 -22.09 9.20
C LEU D 95 -26.19 -21.23 10.23
N THR D 96 -26.81 -20.22 10.83
CA THR D 96 -26.10 -19.33 11.78
C THR D 96 -26.89 -18.97 13.04
N GLN D 97 -28.17 -19.29 13.13
CA GLN D 97 -28.86 -19.34 14.43
C GLN D 97 -28.37 -20.51 15.27
N PHE D 98 -28.43 -20.39 16.60
CA PHE D 98 -28.14 -21.49 17.53
C PHE D 98 -29.38 -22.01 18.26
N ASP D 99 -30.60 -21.60 17.92
CA ASP D 99 -31.78 -22.16 18.57
C ASP D 99 -32.20 -23.53 18.01
N GLU D 100 -33.25 -24.12 18.58
CA GLU D 100 -33.70 -25.46 18.22
C GLU D 100 -34.08 -25.60 16.74
N THR D 101 -34.48 -24.52 16.07
CA THR D 101 -34.88 -24.57 14.66
C THR D 101 -33.70 -24.92 13.77
N ALA D 102 -32.47 -24.63 14.19
CA ALA D 102 -31.25 -24.87 13.42
C ALA D 102 -30.38 -25.98 14.01
N LEU D 103 -30.32 -26.16 15.33
CA LEU D 103 -29.63 -27.32 15.90
C LEU D 103 -30.31 -28.62 15.49
N GLU D 104 -31.63 -28.68 15.33
CA GLU D 104 -32.30 -29.92 14.95
C GLU D 104 -31.94 -30.44 13.54
N LEU D 105 -31.40 -29.58 12.66
CA LEU D 105 -30.84 -30.01 11.38
C LEU D 105 -29.40 -30.53 11.55
N TYR D 106 -28.57 -29.84 12.33
CA TYR D 106 -27.16 -30.20 12.50
C TYR D 106 -26.97 -31.43 13.39
N PHE D 107 -27.60 -31.49 14.56
CA PHE D 107 -27.51 -32.60 15.53
C PHE D 107 -28.65 -33.61 15.45
N GLY D 108 -29.62 -33.47 14.55
CA GLY D 108 -30.78 -34.35 14.47
C GLY D 108 -31.84 -34.03 15.53
N PRO D 109 -32.89 -34.86 15.67
CA PRO D 109 -34.00 -34.58 16.58
C PRO D 109 -33.53 -34.48 18.04
N ASN D 110 -34.12 -33.54 18.78
CA ASN D 110 -33.78 -33.24 20.17
C ASN D 110 -33.98 -34.45 21.10
N GLN D 111 -32.96 -34.84 21.84
CA GLN D 111 -32.99 -36.06 22.68
C GLN D 111 -33.39 -35.82 24.14
N SER D 112 -33.88 -34.63 24.53
CA SER D 112 -34.30 -34.31 25.90
C SER D 112 -35.73 -33.77 26.00
N ALA D 113 -36.46 -34.16 27.03
CA ALA D 113 -37.82 -33.67 27.32
C ALA D 113 -37.85 -32.35 28.12
N THR D 114 -36.77 -31.99 28.82
CA THR D 114 -36.75 -30.87 29.77
C THR D 114 -36.73 -29.49 29.08
N PRO D 115 -37.55 -28.51 29.52
CA PRO D 115 -37.48 -27.14 29.05
C PRO D 115 -36.08 -26.56 29.15
N GLY D 116 -35.60 -25.90 28.09
CA GLY D 116 -34.33 -25.19 28.07
C GLY D 116 -33.08 -26.03 27.82
N ILE D 117 -33.17 -27.33 27.56
CA ILE D 117 -32.01 -28.19 27.30
C ILE D 117 -32.16 -28.93 25.97
N PHE D 118 -31.29 -28.70 25.01
CA PHE D 118 -31.20 -29.52 23.79
C PHE D 118 -30.15 -30.61 24.00
N GLY D 119 -30.57 -31.82 24.32
CA GLY D 119 -29.67 -32.95 24.55
C GLY D 119 -29.27 -33.67 23.27
N VAL D 120 -28.08 -34.28 23.26
CA VAL D 120 -27.55 -35.05 22.12
C VAL D 120 -27.05 -36.41 22.58
N LYS D 121 -27.31 -37.47 21.79
CA LYS D 121 -26.86 -38.86 22.02
C LYS D 121 -25.68 -39.20 21.11
N SER D 122 -25.22 -40.46 21.09
CA SER D 122 -24.17 -40.89 20.13
C SER D 122 -24.55 -40.51 18.69
N GLY D 123 -23.59 -39.99 17.91
CA GLY D 123 -23.86 -39.05 16.82
C GLY D 123 -24.61 -39.56 15.58
N SER D 124 -24.64 -40.86 15.33
CA SER D 124 -25.27 -41.45 14.13
C SER D 124 -26.79 -41.63 14.31
N VAL D 125 -27.58 -40.65 13.85
CA VAL D 125 -29.05 -40.62 13.90
C VAL D 125 -29.61 -40.22 12.53
N VAL D 126 -30.68 -40.88 12.07
CA VAL D 126 -31.33 -40.58 10.78
C VAL D 126 -32.22 -39.33 10.85
N ASN D 127 -32.08 -38.44 9.87
CA ASN D 127 -32.73 -37.13 9.83
C ASN D 127 -33.02 -36.75 8.38
N GLU D 128 -34.27 -36.80 7.96
CA GLU D 128 -34.67 -36.59 6.56
C GLU D 128 -35.79 -35.57 6.46
N ARG D 129 -35.70 -34.70 5.46
CA ARG D 129 -36.61 -33.56 5.27
C ARG D 129 -36.83 -33.30 3.80
N ALA D 130 -37.91 -32.66 3.41
CA ALA D 130 -37.95 -31.94 2.15
C ALA D 130 -37.10 -30.68 2.25
N LEU D 131 -36.82 -30.01 1.14
CA LEU D 131 -36.04 -28.78 1.13
C LEU D 131 -36.56 -27.85 0.03
N LEU D 132 -36.51 -26.55 0.26
CA LEU D 132 -36.80 -25.52 -0.72
C LEU D 132 -35.83 -24.38 -0.48
N ILE D 133 -35.28 -23.79 -1.52
CA ILE D 133 -34.39 -22.63 -1.44
C ILE D 133 -34.91 -21.63 -2.45
N VAL D 134 -34.99 -20.35 -2.12
CA VAL D 134 -35.30 -19.31 -3.11
C VAL D 134 -34.18 -18.29 -3.11
N ILE D 135 -33.55 -18.10 -4.25
CA ILE D 135 -32.46 -17.16 -4.44
C ILE D 135 -33.06 -15.97 -5.17
N VAL D 136 -32.93 -14.76 -4.62
CA VAL D 136 -33.70 -13.60 -5.08
C VAL D 136 -32.82 -12.38 -5.28
N ASP D 137 -33.02 -11.69 -6.39
CA ASP D 137 -32.37 -10.41 -6.68
C ASP D 137 -33.21 -9.60 -7.68
N ASN D 138 -33.52 -8.35 -7.35
CA ASN D 138 -34.22 -7.43 -8.24
C ASN D 138 -35.48 -8.05 -8.89
N ASP D 139 -36.33 -8.67 -8.07
CA ASP D 139 -37.58 -9.36 -8.42
C ASP D 139 -37.48 -10.59 -9.37
N VAL D 140 -36.28 -11.00 -9.78
CA VAL D 140 -36.02 -12.40 -10.20
C VAL D 140 -35.93 -13.27 -8.95
N ARG D 141 -36.63 -14.41 -8.92
CA ARG D 141 -36.71 -15.29 -7.72
C ARG D 141 -36.60 -16.77 -8.08
N LEU D 142 -35.42 -17.22 -8.51
CA LEU D 142 -35.16 -18.63 -8.82
C LEU D 142 -35.35 -19.50 -7.58
N GLY D 143 -36.29 -20.44 -7.63
CA GLY D 143 -36.47 -21.46 -6.61
C GLY D 143 -35.68 -22.73 -6.91
N PHE D 144 -35.42 -23.52 -5.90
CA PHE D 144 -34.90 -24.88 -5.99
C PHE D 144 -35.63 -25.75 -4.99
N HIS D 145 -36.06 -26.96 -5.33
CA HIS D 145 -36.85 -27.82 -4.47
C HIS D 145 -36.35 -29.26 -4.50
N ALA D 146 -36.13 -29.89 -3.34
CA ALA D 146 -35.84 -31.31 -3.26
C ALA D 146 -36.93 -32.01 -2.45
N ARG D 147 -37.58 -33.00 -3.04
CA ARG D 147 -38.74 -33.68 -2.46
C ARG D 147 -38.36 -34.50 -1.22
N LYS D 148 -37.11 -34.93 -1.12
CA LYS D 148 -36.47 -35.53 0.06
C LYS D 148 -34.96 -35.25 0.07
N ALA D 149 -34.38 -35.09 1.24
CA ALA D 149 -32.94 -34.99 1.47
C ALA D 149 -32.60 -35.58 2.84
N SER D 150 -31.38 -36.09 3.05
CA SER D 150 -30.90 -36.48 4.37
C SER D 150 -29.89 -35.48 4.90
N LEU D 151 -30.10 -34.93 6.09
CA LEU D 151 -29.33 -33.80 6.60
C LEU D 151 -28.31 -34.27 7.66
N LYS D 152 -27.03 -33.95 7.49
CA LYS D 152 -25.98 -34.36 8.43
C LYS D 152 -24.93 -33.28 8.68
N ARG D 153 -24.27 -33.27 9.83
CA ARG D 153 -23.24 -32.26 10.12
C ARG D 153 -22.07 -32.39 9.17
N GLU D 154 -21.70 -31.31 8.50
CA GLU D 154 -20.71 -31.31 7.43
C GLU D 154 -19.29 -31.03 7.93
N ASP D 155 -19.17 -30.25 9.00
CA ASP D 155 -17.89 -29.84 9.59
C ASP D 155 -18.13 -29.34 11.03
N ALA D 156 -17.07 -29.04 11.77
CA ALA D 156 -17.14 -28.48 13.12
C ALA D 156 -18.00 -27.21 13.21
N ILE D 157 -18.59 -26.93 14.38
CA ILE D 157 -19.23 -25.64 14.65
C ILE D 157 -18.17 -24.55 14.66
N SER D 158 -18.35 -23.47 13.91
CA SER D 158 -17.45 -22.32 13.94
C SER D 158 -17.91 -21.32 14.98
N LEU D 159 -17.01 -20.89 15.87
CA LEU D 159 -17.17 -19.76 16.77
C LEU D 159 -16.14 -18.69 16.42
N ALA D 160 -16.52 -17.42 16.56
CA ALA D 160 -15.63 -16.27 16.46
C ALA D 160 -16.12 -15.14 17.38
N THR D 161 -15.22 -14.23 17.77
CA THR D 161 -15.52 -13.12 18.68
C THR D 161 -16.09 -11.88 17.99
N ASP D 162 -15.98 -11.78 16.66
CA ASP D 162 -16.37 -10.60 15.88
C ASP D 162 -17.04 -10.96 14.53
N GLU D 163 -17.53 -12.19 14.39
CA GLU D 163 -18.29 -12.67 13.25
C GLU D 163 -19.26 -13.78 13.71
N PHE D 164 -20.38 -13.98 13.03
CA PHE D 164 -21.40 -14.92 13.49
C PHE D 164 -20.92 -16.37 13.50
N GLY D 165 -21.25 -17.13 14.54
CA GLY D 165 -21.01 -18.57 14.57
C GLY D 165 -21.85 -19.32 13.54
N ALA D 166 -21.39 -20.49 13.09
CA ALA D 166 -22.03 -21.22 12.00
C ALA D 166 -22.12 -22.72 12.24
N LEU D 167 -23.22 -23.32 11.78
CA LEU D 167 -23.54 -24.74 11.87
C LEU D 167 -23.61 -25.33 10.45
N PRO D 168 -22.50 -25.75 9.84
CA PRO D 168 -22.53 -26.24 8.46
C PRO D 168 -23.19 -27.61 8.35
N VAL D 169 -24.26 -27.74 7.57
CA VAL D 169 -25.02 -28.99 7.40
C VAL D 169 -25.11 -29.37 5.92
N ARG D 170 -24.99 -30.65 5.59
CA ARG D 170 -25.06 -31.17 4.22
C ARG D 170 -26.37 -31.88 4.00
N ALA D 171 -27.12 -31.47 3.00
CA ALA D 171 -28.33 -32.13 2.58
C ALA D 171 -28.06 -33.02 1.36
N THR D 172 -27.74 -34.29 1.55
CA THR D 172 -27.62 -35.22 0.41
C THR D 172 -29.00 -35.52 -0.15
N PHE D 173 -29.25 -35.31 -1.44
CA PHE D 173 -30.58 -35.57 -2.01
C PHE D 173 -30.82 -37.05 -2.19
N LEU D 174 -32.07 -37.48 -2.06
CA LEU D 174 -32.50 -38.87 -2.22
C LEU D 174 -33.70 -38.96 -3.15
N ASP D 175 -33.73 -39.97 -4.00
CA ASP D 175 -34.81 -40.19 -4.95
C ASP D 175 -36.07 -40.66 -4.20
N TYR D 176 -37.20 -39.98 -4.37
CA TYR D 176 -38.42 -40.23 -3.61
C TYR D 176 -39.61 -40.56 -4.51
N GLN D 177 -40.19 -41.75 -4.35
CA GLN D 177 -41.51 -42.12 -4.85
C GLN D 177 -41.76 -41.78 -6.34
N SER D 178 -40.76 -41.99 -7.19
CA SER D 178 -40.74 -41.68 -8.63
C SER D 178 -40.83 -40.20 -9.05
N TYR D 179 -40.84 -39.25 -8.10
CA TYR D 179 -40.64 -37.84 -8.41
C TYR D 179 -39.20 -37.54 -8.83
N ASN D 180 -38.95 -36.33 -9.32
CA ASN D 180 -37.61 -35.85 -9.59
C ASN D 180 -36.73 -35.87 -8.34
N LEU D 181 -35.42 -35.97 -8.53
CA LEU D 181 -34.44 -35.88 -7.46
C LEU D 181 -34.48 -34.47 -6.84
N TYR D 182 -34.54 -33.45 -7.70
CA TYR D 182 -34.83 -32.06 -7.35
C TYR D 182 -35.28 -31.27 -8.58
N GLU D 183 -35.82 -30.08 -8.38
CA GLU D 183 -36.35 -29.23 -9.44
C GLU D 183 -35.91 -27.79 -9.24
N TRP D 184 -35.58 -27.06 -10.31
CA TRP D 184 -35.45 -25.61 -10.30
C TRP D 184 -36.75 -24.97 -10.74
N ILE D 185 -37.16 -23.88 -10.13
CA ILE D 185 -38.48 -23.27 -10.32
C ILE D 185 -38.31 -21.81 -10.76
N GLU D 186 -38.80 -21.47 -11.96
CA GLU D 186 -38.92 -20.08 -12.45
C GLU D 186 -39.82 -20.06 -13.68
N GLU D 187 -40.93 -19.32 -13.65
CA GLU D 187 -41.88 -19.27 -14.77
C GLU D 187 -41.28 -18.63 -16.03
N ASP D 188 -40.38 -17.65 -15.90
CA ASP D 188 -39.89 -16.90 -17.06
C ASP D 188 -38.79 -17.62 -17.84
N TRP D 189 -38.11 -18.62 -17.25
CA TRP D 189 -36.83 -19.15 -17.76
C TRP D 189 -36.87 -20.58 -18.28
N PHE D 190 -37.69 -21.45 -17.69
CA PHE D 190 -37.72 -22.87 -18.02
C PHE D 190 -38.83 -23.20 -19.02
N ASN D 191 -39.45 -24.39 -18.96
CA ASN D 191 -40.51 -24.78 -19.92
C ASN D 191 -41.50 -23.64 -20.21
N ALA D 192 -41.92 -23.51 -21.46
CA ALA D 192 -42.69 -22.38 -21.99
C ALA D 192 -41.94 -21.04 -21.93
N VAL D 193 -40.79 -20.97 -22.63
CA VAL D 193 -40.06 -19.74 -22.97
C VAL D 193 -40.78 -18.84 -24.00
N ASP D 194 -41.92 -19.27 -24.52
CA ASP D 194 -42.62 -18.69 -25.68
C ASP D 194 -43.73 -17.67 -25.29
N ALA D 195 -44.64 -17.38 -26.23
CA ALA D 195 -45.66 -16.34 -26.12
C ALA D 195 -46.60 -16.50 -24.91
N PRO D 196 -47.14 -15.39 -24.35
CA PRO D 196 -47.96 -15.41 -23.15
C PRO D 196 -49.31 -16.10 -23.38
N VAL D 197 -49.80 -16.77 -22.33
CA VAL D 197 -51.12 -17.42 -22.31
C VAL D 197 -52.25 -16.38 -22.36
N VAL D 198 -53.33 -16.72 -23.05
CA VAL D 198 -54.53 -15.91 -23.24
C VAL D 198 -55.76 -16.82 -23.28
N TYR D 199 -56.90 -16.32 -22.81
CA TYR D 199 -58.14 -17.08 -22.66
C TYR D 199 -59.29 -16.39 -23.41
N LEU D 200 -60.22 -17.18 -23.96
CA LEU D 200 -61.49 -16.68 -24.46
C LEU D 200 -62.66 -17.25 -23.64
N LEU D 201 -63.57 -16.38 -23.26
CA LEU D 201 -64.82 -16.64 -22.57
C LEU D 201 -65.98 -16.47 -23.56
N ASP D 202 -66.90 -17.42 -23.58
CA ASP D 202 -68.05 -17.50 -24.49
C ASP D 202 -69.30 -17.88 -23.68
N LEU D 203 -70.41 -17.19 -23.93
CA LEU D 203 -71.66 -17.44 -23.22
C LEU D 203 -72.28 -18.82 -23.54
N GLY D 204 -71.99 -19.41 -24.71
CA GLY D 204 -72.48 -20.73 -25.10
C GLY D 204 -74.01 -20.86 -25.27
N GLY D 205 -74.73 -19.72 -25.30
CA GLY D 205 -76.20 -19.66 -25.25
C GLY D 205 -76.77 -19.23 -23.89
N ALA D 206 -75.93 -18.99 -22.87
CA ALA D 206 -76.34 -18.44 -21.58
C ALA D 206 -76.95 -17.03 -21.70
N THR D 207 -78.16 -16.84 -21.17
CA THR D 207 -78.82 -15.51 -21.07
C THR D 207 -79.66 -15.40 -19.79
N GLY D 208 -79.81 -14.18 -19.26
CA GLY D 208 -80.51 -13.91 -18.01
C GLY D 208 -79.72 -14.30 -16.75
N GLY D 209 -79.76 -13.46 -15.72
CA GLY D 209 -79.05 -13.69 -14.46
C GLY D 209 -77.54 -13.41 -14.50
N ASP D 210 -76.78 -14.09 -13.64
CA ASP D 210 -75.36 -13.83 -13.41
C ASP D 210 -74.51 -15.11 -13.32
N TYR D 211 -73.20 -14.95 -13.53
CA TYR D 211 -72.24 -16.04 -13.73
C TYR D 211 -70.95 -15.84 -12.91
N THR D 212 -70.17 -16.91 -12.82
CA THR D 212 -69.11 -17.09 -11.82
C THR D 212 -67.75 -17.37 -12.47
N LEU D 213 -66.69 -16.81 -11.88
CA LEU D 213 -65.32 -16.90 -12.38
C LEU D 213 -64.46 -17.63 -11.34
N LEU D 214 -63.51 -18.42 -11.82
CA LEU D 214 -62.47 -19.04 -11.01
C LEU D 214 -61.11 -18.57 -11.55
N VAL D 215 -60.31 -17.88 -10.74
CA VAL D 215 -58.97 -17.40 -11.16
C VAL D 215 -57.89 -17.90 -10.21
N GLY D 216 -56.86 -18.55 -10.74
CA GLY D 216 -55.82 -19.20 -9.91
C GLY D 216 -56.34 -20.23 -8.89
N GLY D 217 -57.53 -20.78 -9.10
CA GLY D 217 -58.23 -21.65 -8.13
C GLY D 217 -59.07 -20.92 -7.06
N LYS D 218 -59.21 -19.59 -7.15
CA LYS D 218 -59.99 -18.72 -6.23
C LYS D 218 -61.31 -18.32 -6.87
N SER D 219 -62.43 -18.49 -6.16
CA SER D 219 -63.79 -18.26 -6.67
C SER D 219 -64.23 -16.80 -6.62
N THR D 220 -65.10 -16.39 -7.55
CA THR D 220 -65.77 -15.08 -7.62
C THR D 220 -67.11 -15.23 -8.38
N GLY D 221 -68.08 -14.36 -8.12
CA GLY D 221 -69.38 -14.40 -8.80
C GLY D 221 -70.21 -13.15 -8.56
N ASP D 222 -70.09 -12.18 -9.48
CA ASP D 222 -70.76 -10.87 -9.38
C ASP D 222 -71.00 -10.22 -10.77
N ILE D 223 -71.02 -11.03 -11.85
CA ILE D 223 -71.07 -10.56 -13.24
C ILE D 223 -72.39 -11.00 -13.91
N ALA D 224 -73.20 -10.04 -14.36
CA ALA D 224 -74.41 -10.33 -15.15
C ALA D 224 -74.08 -10.84 -16.56
N TYR D 225 -74.97 -11.63 -17.15
CA TYR D 225 -74.77 -12.22 -18.49
C TYR D 225 -74.49 -11.20 -19.61
N ASN D 226 -74.97 -9.96 -19.43
CA ASN D 226 -74.85 -8.83 -20.36
C ASN D 226 -73.93 -7.70 -19.84
N ALA D 227 -73.15 -7.94 -18.78
CA ALA D 227 -72.21 -6.96 -18.22
C ALA D 227 -71.05 -6.59 -19.17
N ASN D 228 -70.49 -5.39 -18.98
CA ASN D 228 -69.35 -4.88 -19.75
C ASN D 228 -68.01 -5.48 -19.30
N ALA D 229 -67.01 -5.51 -20.20
CA ALA D 229 -65.67 -6.04 -19.91
C ALA D 229 -64.99 -5.39 -18.69
N SER D 230 -65.22 -4.09 -18.45
CA SER D 230 -64.69 -3.37 -17.29
C SER D 230 -65.21 -3.92 -15.95
N ALA D 231 -66.42 -4.48 -15.90
CA ALA D 231 -66.91 -5.17 -14.71
C ALA D 231 -66.10 -6.44 -14.45
N ILE D 232 -65.77 -7.21 -15.50
CA ILE D 232 -64.93 -8.42 -15.39
C ILE D 232 -63.54 -8.04 -14.86
N LYS D 233 -62.90 -7.01 -15.42
CA LYS D 233 -61.62 -6.47 -14.90
C LYS D 233 -61.73 -6.05 -13.43
N THR D 234 -62.79 -5.33 -13.08
CA THR D 234 -63.01 -4.84 -11.70
C THR D 234 -63.17 -5.99 -10.70
N ALA D 235 -63.94 -7.02 -11.05
CA ALA D 235 -64.09 -8.22 -10.21
C ALA D 235 -62.79 -9.03 -10.15
N ILE D 236 -62.13 -9.28 -11.28
CA ILE D 236 -60.89 -10.05 -11.33
C ILE D 236 -59.58 -9.40 -10.82
N GLY D 237 -59.48 -8.06 -10.76
CA GLY D 237 -58.37 -7.30 -10.17
C GLY D 237 -58.48 -7.11 -8.66
N ALA D 238 -59.15 -8.02 -7.96
CA ALA D 238 -59.51 -7.91 -6.54
C ALA D 238 -59.59 -9.30 -5.86
N VAL D 239 -58.57 -10.13 -6.04
CA VAL D 239 -58.54 -11.56 -5.65
C VAL D 239 -57.16 -11.94 -5.07
N ASP D 240 -57.13 -12.96 -4.20
CA ASP D 240 -55.96 -13.49 -3.51
C ASP D 240 -54.74 -13.80 -4.41
N ASP D 241 -53.54 -13.82 -3.82
CA ASP D 241 -52.22 -13.60 -4.45
C ASP D 241 -51.98 -12.14 -4.91
N GLY D 242 -52.83 -11.18 -4.54
CA GLY D 242 -52.55 -9.74 -4.74
C GLY D 242 -52.56 -9.29 -6.20
N VAL D 243 -53.30 -9.98 -7.07
CA VAL D 243 -53.32 -9.78 -8.52
C VAL D 243 -54.22 -8.59 -8.92
N ALA D 244 -53.76 -7.38 -8.58
CA ALA D 244 -54.47 -6.11 -8.82
C ALA D 244 -54.83 -5.86 -10.29
N GLU D 245 -55.77 -4.93 -10.55
CA GLU D 245 -56.35 -4.69 -11.89
C GLU D 245 -55.33 -4.33 -12.98
N SER D 246 -54.16 -3.80 -12.61
CA SER D 246 -53.05 -3.48 -13.53
C SER D 246 -52.38 -4.72 -14.13
N ALA D 247 -52.51 -5.88 -13.49
CA ALA D 247 -51.94 -7.15 -13.97
C ALA D 247 -52.74 -7.80 -15.12
N TRP D 248 -53.96 -7.34 -15.38
CA TRP D 248 -54.93 -7.99 -16.26
C TRP D 248 -55.30 -7.10 -17.47
N THR D 249 -55.65 -7.71 -18.60
CA THR D 249 -56.25 -7.01 -19.74
C THR D 249 -57.41 -7.82 -20.34
N VAL D 250 -58.46 -7.11 -20.79
CA VAL D 250 -59.71 -7.70 -21.29
C VAL D 250 -60.18 -6.98 -22.55
N THR D 251 -60.67 -7.73 -23.54
CA THR D 251 -61.27 -7.24 -24.80
C THR D 251 -62.47 -8.11 -25.18
N ALA D 252 -63.34 -7.70 -26.11
CA ALA D 252 -64.56 -8.44 -26.42
C ALA D 252 -65.10 -8.24 -27.85
N ASP D 253 -65.91 -9.19 -28.34
CA ASP D 253 -66.80 -9.05 -29.49
C ASP D 253 -68.06 -9.94 -29.35
N GLY D 254 -69.24 -9.33 -29.36
CA GLY D 254 -70.52 -10.04 -29.22
C GLY D 254 -70.68 -10.77 -27.89
N SER D 255 -70.88 -12.08 -27.94
CA SER D 255 -70.87 -12.98 -26.76
C SER D 255 -69.50 -13.00 -26.06
N ASP D 256 -68.41 -12.87 -26.80
CA ASP D 256 -67.14 -13.45 -26.35
C ASP D 256 -66.14 -12.41 -25.84
N PHE D 257 -65.47 -12.72 -24.73
CA PHE D 257 -64.48 -11.88 -24.05
C PHE D 257 -63.10 -12.56 -24.06
N GLU D 258 -62.06 -11.86 -24.48
CA GLU D 258 -60.68 -12.34 -24.49
C GLU D 258 -59.89 -11.68 -23.35
N ILE D 259 -59.24 -12.51 -22.52
CA ILE D 259 -58.66 -12.13 -21.21
C ILE D 259 -57.21 -12.62 -21.14
N SER D 260 -56.32 -11.80 -20.59
CA SER D 260 -54.92 -12.16 -20.28
C SER D 260 -54.51 -11.65 -18.89
N GLY D 261 -53.63 -12.38 -18.20
CA GLY D 261 -53.12 -12.02 -16.87
C GLY D 261 -52.16 -13.05 -16.26
N PRO D 262 -51.77 -12.88 -14.98
CA PRO D 262 -50.72 -13.65 -14.32
C PRO D 262 -51.12 -15.09 -13.91
N LEU D 263 -52.38 -15.48 -14.02
CA LEU D 263 -52.93 -16.74 -13.47
C LEU D 263 -53.90 -17.43 -14.45
N ALA D 264 -54.19 -18.71 -14.18
CA ALA D 264 -55.22 -19.48 -14.86
C ALA D 264 -56.62 -18.86 -14.68
N VAL D 265 -57.50 -19.03 -15.67
CA VAL D 265 -58.89 -18.53 -15.69
C VAL D 265 -59.86 -19.64 -16.10
N ALA D 266 -60.98 -19.74 -15.38
CA ALA D 266 -62.08 -20.68 -15.63
C ALA D 266 -63.41 -20.13 -15.03
N LEU D 267 -64.48 -20.91 -15.04
CA LEU D 267 -65.75 -20.56 -14.38
C LEU D 267 -65.91 -21.25 -13.02
N GLY D 268 -66.85 -20.77 -12.20
CA GLY D 268 -67.39 -21.51 -11.06
C GLY D 268 -68.59 -22.38 -11.46
N VAL D 269 -69.67 -22.36 -10.67
CA VAL D 269 -70.99 -22.89 -11.05
C VAL D 269 -71.99 -21.73 -11.17
N ASP D 270 -72.56 -21.56 -12.36
CA ASP D 270 -73.33 -20.35 -12.70
C ASP D 270 -74.80 -20.37 -12.25
N SER D 271 -75.40 -19.18 -12.16
CA SER D 271 -76.80 -18.96 -11.78
C SER D 271 -77.63 -18.36 -12.93
N THR D 272 -77.28 -18.71 -14.18
CA THR D 272 -78.00 -18.31 -15.39
C THR D 272 -79.47 -18.72 -15.32
N THR D 273 -80.40 -17.81 -15.64
CA THR D 273 -81.85 -18.10 -15.53
C THR D 273 -82.49 -18.60 -16.84
N GLY D 274 -81.98 -18.17 -18.00
CA GLY D 274 -82.57 -18.48 -19.32
C GLY D 274 -81.74 -19.41 -20.22
N GLY D 275 -80.64 -19.98 -19.74
CA GLY D 275 -79.75 -20.82 -20.54
C GLY D 275 -78.64 -21.53 -19.75
N SER D 276 -77.59 -21.92 -20.46
CA SER D 276 -76.46 -22.71 -19.95
C SER D 276 -75.57 -21.97 -18.92
N GLY D 277 -74.58 -22.67 -18.37
CA GLY D 277 -73.37 -22.00 -17.86
C GLY D 277 -72.54 -21.40 -19.00
N VAL D 278 -71.63 -20.48 -18.64
CA VAL D 278 -70.63 -19.89 -19.55
C VAL D 278 -69.49 -20.90 -19.79
N THR D 279 -68.72 -20.76 -20.88
CA THR D 279 -67.56 -21.61 -21.19
C THR D 279 -66.28 -20.79 -21.45
N VAL D 280 -65.11 -21.33 -21.07
CA VAL D 280 -63.78 -20.69 -21.20
C VAL D 280 -62.75 -21.70 -21.69
N ASP D 281 -61.84 -21.29 -22.58
CA ASP D 281 -60.63 -22.05 -22.91
C ASP D 281 -59.46 -21.14 -23.32
N VAL D 282 -58.25 -21.71 -23.32
CA VAL D 282 -57.03 -21.08 -23.83
C VAL D 282 -57.10 -20.89 -25.35
N VAL D 283 -56.62 -19.75 -25.87
CA VAL D 283 -56.62 -19.41 -27.31
C VAL D 283 -55.26 -18.95 -27.85
N ALA E 2 -38.60 -20.40 12.00
CA ALA E 2 -38.77 -18.96 11.86
C ALA E 2 -37.46 -18.16 11.98
N LEU E 3 -37.43 -16.94 11.43
CA LEU E 3 -36.36 -15.99 11.70
C LEU E 3 -36.52 -15.36 13.09
N LYS E 4 -35.42 -15.31 13.84
CA LYS E 4 -35.22 -14.57 15.09
C LYS E 4 -33.80 -14.02 15.14
N ASP E 5 -33.62 -12.86 15.76
CA ASP E 5 -32.40 -12.06 15.64
C ASP E 5 -31.61 -11.94 16.95
N ASP E 6 -32.14 -12.48 18.06
CA ASP E 6 -31.40 -12.73 19.29
C ASP E 6 -30.74 -14.12 19.30
N ALA E 7 -31.24 -15.08 18.52
CA ALA E 7 -30.72 -16.44 18.44
C ALA E 7 -29.46 -16.58 17.58
N VAL E 8 -29.12 -15.58 16.76
CA VAL E 8 -27.85 -15.52 16.04
C VAL E 8 -26.74 -15.13 17.02
N LEU E 9 -25.63 -15.89 17.06
CA LEU E 9 -24.67 -15.82 18.16
C LEU E 9 -23.32 -15.27 17.71
N ILE E 10 -22.82 -14.24 18.40
CA ILE E 10 -21.41 -13.83 18.33
C ILE E 10 -20.75 -14.18 19.67
N ALA E 11 -19.72 -15.01 19.70
CA ALA E 11 -19.15 -15.54 20.93
C ALA E 11 -18.21 -14.54 21.63
N ALA E 12 -18.64 -13.31 21.86
CA ALA E 12 -17.76 -12.19 22.21
C ALA E 12 -16.98 -12.36 23.51
N ARG E 13 -17.52 -13.12 24.47
CA ARG E 13 -16.92 -13.43 25.78
C ARG E 13 -17.45 -14.77 26.25
N GLY E 14 -16.75 -15.51 27.09
CA GLY E 14 -17.31 -16.75 27.61
C GLY E 14 -16.36 -17.57 28.46
N TYR E 15 -16.88 -18.38 29.37
CA TYR E 15 -16.13 -19.00 30.46
C TYR E 15 -16.14 -20.52 30.33
N VAL E 16 -15.08 -21.21 30.76
CA VAL E 16 -14.95 -22.68 30.69
C VAL E 16 -14.65 -23.25 32.07
N TYR E 17 -15.37 -24.29 32.47
CA TYR E 17 -15.30 -24.90 33.79
C TYR E 17 -15.12 -26.40 33.69
N THR E 18 -14.62 -27.01 34.75
CA THR E 18 -14.50 -28.47 34.89
C THR E 18 -14.81 -28.94 36.31
N ALA E 19 -15.11 -30.23 36.47
CA ALA E 19 -15.31 -30.88 37.75
C ALA E 19 -15.17 -32.40 37.61
N ALA E 20 -15.30 -33.16 38.70
CA ALA E 20 -15.32 -34.62 38.66
C ALA E 20 -16.40 -35.16 37.72
N VAL E 21 -16.18 -36.34 37.14
CA VAL E 21 -17.08 -36.90 36.12
C VAL E 21 -18.50 -37.07 36.64
N GLY E 22 -19.48 -36.85 35.77
CA GLY E 22 -20.90 -37.04 36.06
C GLY E 22 -21.61 -35.85 36.71
N THR E 23 -20.94 -34.78 37.13
CA THR E 23 -21.60 -33.73 37.93
C THR E 23 -22.55 -32.82 37.15
N ALA E 24 -23.53 -32.23 37.83
CA ALA E 24 -24.59 -31.40 37.25
C ALA E 24 -24.17 -29.95 36.98
N ALA E 25 -24.61 -29.38 35.86
CA ALA E 25 -24.48 -27.96 35.54
C ALA E 25 -25.63 -27.14 36.18
N PRO E 26 -25.49 -25.82 36.32
CA PRO E 26 -26.61 -24.93 36.60
C PRO E 26 -27.79 -25.18 35.65
N THR E 27 -29.02 -25.21 36.14
CA THR E 27 -30.20 -25.44 35.26
C THR E 27 -30.42 -24.24 34.32
N PRO E 28 -31.17 -24.39 33.21
CA PRO E 28 -31.41 -23.30 32.28
C PRO E 28 -31.94 -22.03 32.93
N SER E 29 -32.83 -22.15 33.93
CA SER E 29 -33.39 -21.02 34.67
C SER E 29 -32.42 -20.38 35.65
N GLN E 30 -31.42 -21.11 36.17
CA GLN E 30 -30.35 -20.54 36.99
C GLN E 30 -29.30 -19.83 36.14
N LEU E 31 -28.94 -20.38 34.98
CA LEU E 31 -27.83 -19.87 34.16
C LEU E 31 -28.02 -18.43 33.72
N LYS E 32 -29.26 -17.94 33.61
CA LYS E 32 -29.56 -16.53 33.31
C LYS E 32 -29.08 -15.57 34.39
N LEU E 33 -28.96 -16.03 35.64
CA LEU E 33 -28.83 -15.20 36.84
C LEU E 33 -27.52 -15.37 37.61
N ILE E 34 -26.83 -16.51 37.50
CA ILE E 34 -25.55 -16.75 38.19
C ILE E 34 -24.47 -15.73 37.78
N ASP E 35 -23.48 -15.50 38.66
CA ASP E 35 -22.24 -14.79 38.35
C ASP E 35 -21.12 -15.78 38.03
N LEU E 36 -20.47 -15.58 36.88
CA LEU E 36 -19.71 -16.62 36.23
C LEU E 36 -18.28 -16.74 36.74
N GLU E 37 -17.65 -15.69 37.26
CA GLU E 37 -16.30 -15.76 37.82
C GLU E 37 -16.19 -16.53 39.14
N HIS E 38 -17.30 -16.90 39.80
CA HIS E 38 -17.30 -17.44 41.17
C HIS E 38 -18.07 -18.76 41.35
N PRO E 39 -17.60 -19.89 40.82
CA PRO E 39 -18.20 -21.20 41.03
C PRO E 39 -18.47 -21.65 42.48
N GLU E 40 -17.86 -21.02 43.50
CA GLU E 40 -18.15 -21.35 44.90
C GLU E 40 -19.53 -20.86 45.36
N ALA E 41 -20.06 -19.81 44.73
CA ALA E 41 -21.33 -19.17 45.09
C ALA E 41 -22.56 -19.85 44.46
N TRP E 42 -22.38 -20.70 43.44
CA TRP E 42 -23.47 -21.39 42.74
C TRP E 42 -24.15 -22.45 43.60
N ASP E 43 -25.40 -22.79 43.26
CA ASP E 43 -26.12 -23.92 43.86
C ASP E 43 -25.55 -25.29 43.46
N ARG E 44 -25.02 -25.43 42.23
CA ARG E 44 -24.21 -26.58 41.79
C ARG E 44 -22.75 -26.39 42.18
N THR E 45 -22.31 -27.01 43.27
CA THR E 45 -21.08 -26.64 43.98
C THR E 45 -19.77 -27.23 43.45
N GLY E 46 -19.80 -28.11 42.45
CA GLY E 46 -18.61 -28.87 42.03
C GLY E 46 -17.61 -28.12 41.15
N TRP E 47 -18.02 -27.07 40.44
CA TRP E 47 -17.28 -26.48 39.32
C TRP E 47 -16.07 -25.64 39.73
N ASP E 48 -15.06 -25.56 38.87
CA ASP E 48 -13.96 -24.61 38.94
C ASP E 48 -13.56 -24.16 37.53
N LEU E 49 -12.96 -22.98 37.36
CA LEU E 49 -12.53 -22.52 36.04
C LEU E 49 -11.23 -23.19 35.61
N VAL E 50 -11.06 -23.42 34.31
CA VAL E 50 -9.78 -23.87 33.71
C VAL E 50 -8.76 -22.73 33.53
N GLY E 51 -8.96 -21.57 34.14
CA GLY E 51 -8.15 -20.38 33.92
C GLY E 51 -8.54 -19.60 32.66
N HIS E 52 -7.65 -18.75 32.16
CA HIS E 52 -7.85 -17.97 30.94
C HIS E 52 -7.71 -18.82 29.68
N THR E 53 -8.33 -18.38 28.60
CA THR E 53 -8.40 -19.06 27.29
C THR E 53 -8.07 -18.08 26.17
N SER E 54 -7.52 -18.52 25.04
CA SER E 54 -7.19 -17.65 23.91
C SER E 54 -8.39 -16.85 23.42
N GLU E 55 -8.19 -15.61 23.02
CA GLU E 55 -9.26 -14.77 22.47
C GLU E 55 -9.51 -15.02 20.98
N ASP E 56 -8.52 -15.50 20.24
CA ASP E 56 -8.61 -15.77 18.80
C ASP E 56 -8.91 -17.25 18.50
N ASP E 57 -8.16 -18.18 19.08
CA ASP E 57 -8.38 -19.63 18.93
C ASP E 57 -9.43 -20.18 19.93
N LEU E 58 -10.69 -19.75 19.77
CA LEU E 58 -11.85 -20.19 20.55
C LEU E 58 -12.07 -21.72 20.51
N PRO E 59 -12.85 -22.30 21.43
CA PRO E 59 -13.23 -23.71 21.40
C PRO E 59 -13.75 -24.17 20.04
N GLU E 60 -13.26 -25.28 19.52
CA GLU E 60 -13.71 -25.87 18.25
C GLU E 60 -14.42 -27.19 18.51
N PHE E 61 -15.74 -27.27 18.30
CA PHE E 61 -16.55 -28.46 18.59
C PHE E 61 -16.50 -29.48 17.45
N GLY E 62 -15.32 -29.91 17.07
CA GLY E 62 -15.12 -30.83 15.95
C GLY E 62 -15.69 -32.23 16.16
N PHE E 63 -15.52 -33.06 15.14
CA PHE E 63 -15.71 -34.50 15.20
C PHE E 63 -14.79 -35.17 14.17
N ASP E 64 -14.51 -36.46 14.36
CA ASP E 64 -13.93 -37.29 13.32
C ASP E 64 -14.58 -38.68 13.31
N GLY E 65 -14.36 -39.43 12.22
CA GLY E 65 -15.24 -40.53 11.85
C GLY E 65 -16.55 -40.02 11.27
N GLY E 66 -17.62 -40.80 11.43
CA GLY E 66 -18.90 -40.55 10.75
C GLY E 66 -18.85 -40.93 9.27
N ASP E 67 -17.99 -41.87 8.91
CA ASP E 67 -17.68 -42.29 7.54
C ASP E 67 -18.26 -43.68 7.25
N SER E 68 -18.94 -43.85 6.12
CA SER E 68 -19.70 -45.07 5.78
C SER E 68 -19.59 -45.40 4.29
N GLU E 69 -19.72 -46.68 3.93
CA GLU E 69 -19.57 -47.19 2.57
C GLU E 69 -20.74 -48.11 2.15
N VAL E 70 -21.02 -48.18 0.85
CA VAL E 70 -22.11 -48.98 0.28
C VAL E 70 -21.71 -50.44 0.07
N ARG E 71 -22.65 -51.36 0.28
CA ARG E 71 -22.54 -52.78 -0.07
C ARG E 71 -23.71 -53.17 -0.98
N GLY E 72 -23.43 -54.05 -1.92
CA GLY E 72 -24.37 -54.51 -2.93
C GLY E 72 -23.95 -55.87 -3.47
N SER E 73 -24.67 -56.36 -4.47
CA SER E 73 -24.38 -57.62 -5.15
C SER E 73 -24.63 -57.44 -6.65
N TRP E 74 -24.18 -58.38 -7.48
CA TRP E 74 -24.18 -58.25 -8.95
C TRP E 74 -25.54 -57.81 -9.50
N GLN E 75 -26.63 -58.41 -9.03
CA GLN E 75 -28.00 -58.10 -9.44
C GLN E 75 -28.55 -56.76 -8.91
N LYS E 76 -28.01 -56.21 -7.83
CA LYS E 76 -28.58 -55.10 -7.02
C LYS E 76 -27.48 -54.27 -6.35
N LYS E 77 -27.19 -53.09 -6.91
CA LYS E 77 -25.93 -52.35 -6.67
C LYS E 77 -25.84 -51.64 -5.32
N LYS E 78 -26.97 -51.35 -4.67
CA LYS E 78 -27.04 -50.85 -3.29
C LYS E 78 -28.07 -51.65 -2.49
N LEU E 79 -27.66 -52.18 -1.35
CA LEU E 79 -28.43 -53.14 -0.56
C LEU E 79 -28.20 -52.99 0.95
N ARG E 80 -27.03 -52.50 1.36
CA ARG E 80 -26.68 -52.20 2.75
C ARG E 80 -25.70 -51.03 2.77
N GLU E 81 -25.59 -50.33 3.89
CA GLU E 81 -24.46 -49.42 4.17
C GLU E 81 -23.73 -49.91 5.41
N VAL E 82 -22.40 -49.85 5.40
CA VAL E 82 -21.54 -50.23 6.52
C VAL E 82 -20.93 -48.96 7.12
N GLU E 83 -21.07 -48.78 8.42
CA GLU E 83 -20.40 -47.69 9.14
C GLU E 83 -18.91 -48.02 9.29
N THR E 84 -18.06 -47.42 8.45
CA THR E 84 -16.61 -47.68 8.41
C THR E 84 -15.90 -47.21 9.68
N GLU E 85 -16.30 -46.05 10.21
CA GLU E 85 -15.71 -45.46 11.41
C GLU E 85 -16.74 -44.66 12.19
N GLU E 86 -17.05 -45.10 13.40
CA GLU E 86 -18.07 -44.49 14.26
C GLU E 86 -17.67 -43.09 14.69
N ILE E 87 -18.57 -42.12 14.59
CA ILE E 87 -18.33 -40.71 14.90
C ILE E 87 -17.99 -40.47 16.37
N ALA E 88 -16.99 -39.62 16.64
CA ALA E 88 -16.58 -39.25 18.00
C ALA E 88 -16.40 -37.72 18.12
N ASP E 89 -17.40 -37.03 18.64
CA ASP E 89 -17.35 -35.58 18.83
C ASP E 89 -16.39 -35.19 19.95
N TYR E 90 -15.74 -34.04 19.84
CA TYR E 90 -14.78 -33.51 20.79
C TYR E 90 -14.83 -31.98 20.85
N VAL E 91 -14.12 -31.35 21.77
CA VAL E 91 -13.85 -29.91 21.72
C VAL E 91 -12.38 -29.62 21.98
N VAL E 92 -11.75 -28.75 21.19
CA VAL E 92 -10.36 -28.33 21.44
C VAL E 92 -10.35 -26.97 22.11
N ILE E 93 -9.79 -26.86 23.31
CA ILE E 93 -9.74 -25.64 24.12
C ILE E 93 -8.30 -25.16 24.20
N ASN E 94 -8.01 -23.89 23.91
CA ASN E 94 -6.67 -23.33 24.00
C ASN E 94 -6.49 -22.59 25.32
N LEU E 95 -6.14 -23.32 26.38
CA LEU E 95 -5.82 -22.71 27.67
C LEU E 95 -4.64 -21.77 27.47
N THR E 96 -4.52 -20.66 28.20
CA THR E 96 -3.36 -19.74 28.09
C THR E 96 -2.83 -19.34 29.45
N GLN E 97 -2.71 -20.29 30.36
CA GLN E 97 -2.32 -20.03 31.74
C GLN E 97 -1.48 -21.18 32.29
N PHE E 98 -0.39 -20.89 33.01
CA PHE E 98 0.59 -21.90 33.45
C PHE E 98 0.51 -22.21 34.95
N ASP E 99 -0.59 -21.84 35.60
CA ASP E 99 -0.90 -22.23 36.97
C ASP E 99 -1.18 -23.74 37.04
N GLU E 100 -1.08 -24.37 38.22
CA GLU E 100 -1.41 -25.79 38.35
C GLU E 100 -2.82 -26.11 37.84
N THR E 101 -3.81 -25.25 38.07
CA THR E 101 -5.19 -25.46 37.64
C THR E 101 -5.37 -25.58 36.13
N ALA E 102 -4.37 -25.25 35.31
CA ALA E 102 -4.42 -25.39 33.86
C ALA E 102 -3.27 -26.24 33.29
N LEU E 103 -2.14 -26.41 33.97
CA LEU E 103 -1.21 -27.49 33.59
C LEU E 103 -1.84 -28.86 33.86
N GLU E 104 -2.57 -29.04 34.96
CA GLU E 104 -3.08 -30.35 35.35
C GLU E 104 -4.17 -30.90 34.41
N LEU E 105 -4.69 -30.09 33.49
CA LEU E 105 -5.52 -30.55 32.37
C LEU E 105 -4.68 -31.03 31.18
N TYR E 106 -3.62 -30.30 30.82
CA TYR E 106 -2.77 -30.60 29.67
C TYR E 106 -1.82 -31.77 29.95
N PHE E 107 -1.19 -31.83 31.13
CA PHE E 107 -0.27 -32.89 31.53
C PHE E 107 -0.88 -34.00 32.40
N GLY E 108 -2.16 -33.90 32.78
CA GLY E 108 -2.74 -34.79 33.80
C GLY E 108 -2.22 -34.47 35.20
N PRO E 109 -2.49 -35.31 36.22
CA PRO E 109 -2.14 -35.06 37.61
C PRO E 109 -0.69 -34.63 37.87
N ASN E 110 -0.47 -33.74 38.84
CA ASN E 110 0.88 -33.39 39.29
C ASN E 110 1.60 -34.62 39.86
N GLN E 111 2.79 -34.97 39.39
CA GLN E 111 3.52 -36.16 39.83
C GLN E 111 4.49 -35.94 41.01
N SER E 112 4.62 -34.74 41.58
CA SER E 112 5.54 -34.47 42.69
C SER E 112 4.85 -33.91 43.93
N ALA E 113 5.27 -34.36 45.11
CA ALA E 113 4.80 -33.86 46.41
C ALA E 113 5.55 -32.61 46.91
N THR E 114 6.75 -32.32 46.38
CA THR E 114 7.59 -31.18 46.81
C THR E 114 6.99 -29.86 46.34
N PRO E 115 7.01 -28.78 47.15
CA PRO E 115 6.28 -27.57 46.83
C PRO E 115 7.00 -26.73 45.78
N GLY E 116 6.26 -26.29 44.76
CA GLY E 116 6.73 -25.35 43.75
C GLY E 116 7.33 -25.98 42.50
N ILE E 117 7.27 -27.30 42.34
CA ILE E 117 7.62 -27.97 41.09
C ILE E 117 6.50 -28.89 40.63
N PHE E 118 6.15 -28.85 39.35
CA PHE E 118 5.11 -29.68 38.74
C PHE E 118 5.76 -30.75 37.89
N GLY E 119 5.98 -31.92 38.46
CA GLY E 119 6.67 -33.01 37.78
C GLY E 119 5.78 -33.73 36.78
N VAL E 120 6.37 -34.17 35.67
CA VAL E 120 5.72 -34.96 34.61
C VAL E 120 6.46 -36.29 34.45
N LYS E 121 5.77 -37.36 34.04
CA LYS E 121 6.32 -38.72 33.88
C LYS E 121 5.90 -39.34 32.55
N SER E 122 6.63 -40.37 32.10
CA SER E 122 6.64 -40.82 30.70
C SER E 122 5.41 -41.59 30.25
N GLY E 123 4.78 -42.38 31.11
CA GLY E 123 3.57 -43.12 30.77
C GLY E 123 2.35 -42.20 30.61
N SER E 124 1.56 -42.41 29.55
CA SER E 124 0.28 -41.72 29.38
C SER E 124 -0.67 -42.03 30.54
N VAL E 125 -1.53 -41.08 30.92
CA VAL E 125 -2.37 -41.14 32.13
C VAL E 125 -3.83 -40.86 31.78
N VAL E 126 -4.75 -41.57 32.43
CA VAL E 126 -6.19 -41.34 32.27
C VAL E 126 -6.60 -40.05 32.99
N ASN E 127 -7.34 -39.20 32.31
CA ASN E 127 -7.77 -37.91 32.82
C ASN E 127 -9.17 -37.60 32.27
N GLU E 128 -10.17 -37.64 33.14
CA GLU E 128 -11.57 -37.44 32.76
C GLU E 128 -12.22 -36.40 33.68
N ARG E 129 -13.01 -35.51 33.11
CA ARG E 129 -13.69 -34.42 33.82
C ARG E 129 -15.08 -34.24 33.24
N ALA E 130 -16.02 -33.72 34.02
CA ALA E 130 -17.18 -33.06 33.47
C ALA E 130 -16.76 -31.71 32.90
N LEU E 131 -17.45 -31.19 31.90
CA LEU E 131 -17.13 -29.92 31.25
C LEU E 131 -18.37 -29.04 31.18
N LEU E 132 -18.23 -27.73 31.38
CA LEU E 132 -19.28 -26.74 31.16
C LEU E 132 -18.66 -25.54 30.47
N ILE E 133 -19.30 -24.98 29.46
CA ILE E 133 -18.86 -23.77 28.76
C ILE E 133 -20.04 -22.81 28.73
N VAL E 134 -19.85 -21.51 28.97
CA VAL E 134 -20.93 -20.52 28.95
C VAL E 134 -20.55 -19.40 28.01
N ILE E 135 -21.13 -19.37 26.82
CA ILE E 135 -20.81 -18.37 25.78
C ILE E 135 -21.68 -17.14 26.01
N VAL E 136 -21.12 -16.05 26.53
CA VAL E 136 -21.87 -14.86 26.94
C VAL E 136 -21.92 -13.84 25.81
N ASP E 137 -22.86 -13.99 24.89
CA ASP E 137 -23.14 -12.99 23.86
C ASP E 137 -23.97 -11.84 24.44
N ASN E 138 -23.32 -10.79 24.93
CA ASN E 138 -23.99 -9.56 25.39
C ASN E 138 -25.13 -9.84 26.40
N ASP E 139 -24.83 -10.71 27.36
CA ASP E 139 -25.73 -11.28 28.38
C ASP E 139 -26.94 -12.11 27.86
N VAL E 140 -26.81 -12.73 26.68
CA VAL E 140 -27.54 -13.94 26.27
C VAL E 140 -26.56 -15.11 26.32
N ARG E 141 -26.91 -16.21 27.00
CA ARG E 141 -25.93 -17.17 27.55
C ARG E 141 -26.13 -18.62 27.08
N LEU E 142 -25.76 -18.94 25.85
CA LEU E 142 -25.76 -20.33 25.39
C LEU E 142 -24.75 -21.13 26.20
N GLY E 143 -25.21 -21.99 27.10
CA GLY E 143 -24.34 -22.91 27.84
C GLY E 143 -24.17 -24.23 27.10
N PHE E 144 -23.11 -24.97 27.39
CA PHE E 144 -22.88 -26.31 26.87
C PHE E 144 -22.35 -27.21 27.98
N HIS E 145 -22.82 -28.43 28.15
CA HIS E 145 -22.38 -29.30 29.23
C HIS E 145 -22.15 -30.74 28.80
N ALA E 146 -21.02 -31.33 29.16
CA ALA E 146 -20.74 -32.75 29.00
C ALA E 146 -20.59 -33.41 30.37
N ARG E 147 -21.26 -34.53 30.63
CA ARG E 147 -21.16 -35.26 31.91
C ARG E 147 -19.80 -35.91 32.07
N LYS E 148 -19.23 -36.51 31.02
CA LYS E 148 -17.85 -37.01 31.01
C LYS E 148 -17.15 -36.65 29.71
N ALA E 149 -15.91 -36.19 29.81
CA ALA E 149 -15.02 -35.99 28.69
C ALA E 149 -13.62 -36.44 29.07
N SER E 150 -12.85 -37.03 28.16
CA SER E 150 -11.46 -37.42 28.41
C SER E 150 -10.52 -36.40 27.79
N LEU E 151 -9.61 -35.87 28.59
CA LEU E 151 -8.78 -34.72 28.22
C LEU E 151 -7.39 -35.17 27.84
N LYS E 152 -6.89 -34.72 26.68
CA LYS E 152 -5.53 -35.00 26.23
C LYS E 152 -4.88 -33.77 25.64
N ARG E 153 -3.57 -33.66 25.73
CA ARG E 153 -2.80 -32.66 24.98
C ARG E 153 -3.09 -32.80 23.49
N GLU E 154 -3.51 -31.71 22.85
CA GLU E 154 -3.87 -31.71 21.43
C GLU E 154 -2.67 -31.45 20.54
N ASP E 155 -1.77 -30.57 20.98
CA ASP E 155 -0.65 -30.07 20.20
C ASP E 155 0.42 -29.48 21.14
N ALA E 156 1.59 -29.12 20.64
CA ALA E 156 2.67 -28.55 21.44
C ALA E 156 2.24 -27.28 22.20
N ILE E 157 2.87 -27.01 23.36
CA ILE E 157 2.80 -25.69 23.99
C ILE E 157 3.41 -24.67 23.02
N SER E 158 2.70 -23.59 22.73
CA SER E 158 3.24 -22.50 21.90
C SER E 158 3.61 -21.30 22.77
N LEU E 159 4.74 -20.68 22.45
CA LEU E 159 5.28 -19.50 23.10
C LEU E 159 5.53 -18.39 22.08
N ALA E 160 5.43 -17.14 22.51
CA ALA E 160 5.75 -15.97 21.70
C ALA E 160 6.24 -14.83 22.61
N THR E 161 6.88 -13.81 22.03
CA THR E 161 7.35 -12.63 22.78
C THR E 161 6.31 -11.53 22.90
N ASP E 162 5.24 -11.57 22.10
CA ASP E 162 4.23 -10.51 22.00
C ASP E 162 2.78 -11.04 21.93
N GLU E 163 2.58 -12.31 22.31
CA GLU E 163 1.28 -12.97 22.50
C GLU E 163 1.39 -13.97 23.66
N PHE E 164 0.27 -14.34 24.29
CA PHE E 164 0.29 -15.28 25.41
C PHE E 164 0.67 -16.69 24.98
N GLY E 165 1.41 -17.40 25.83
CA GLY E 165 1.65 -18.82 25.61
C GLY E 165 0.38 -19.65 25.77
N ALA E 166 0.19 -20.70 24.95
CA ALA E 166 -1.03 -21.51 24.94
C ALA E 166 -0.74 -23.00 25.14
N LEU E 167 -1.67 -23.72 25.76
CA LEU E 167 -1.62 -25.16 26.00
C LEU E 167 -2.84 -25.85 25.36
N PRO E 168 -2.84 -26.14 24.06
CA PRO E 168 -4.00 -26.72 23.38
C PRO E 168 -4.38 -28.06 23.99
N VAL E 169 -5.61 -28.22 24.48
CA VAL E 169 -6.09 -29.48 25.06
C VAL E 169 -7.38 -29.90 24.39
N ARG E 170 -7.53 -31.18 24.05
CA ARG E 170 -8.74 -31.75 23.45
C ARG E 170 -9.52 -32.51 24.48
N ALA E 171 -10.78 -32.18 24.70
CA ALA E 171 -11.69 -32.98 25.47
C ALA E 171 -12.56 -33.80 24.52
N THR E 172 -12.48 -35.13 24.54
CA THR E 172 -13.32 -36.01 23.71
C THR E 172 -14.50 -36.48 24.54
N PHE E 173 -15.73 -36.30 24.07
CA PHE E 173 -16.90 -36.62 24.88
C PHE E 173 -17.13 -38.13 24.98
N LEU E 174 -17.67 -38.59 26.10
CA LEU E 174 -17.93 -40.01 26.38
C LEU E 174 -19.33 -40.22 26.96
N ASP E 175 -19.95 -41.34 26.65
CA ASP E 175 -21.21 -41.74 27.27
C ASP E 175 -21.03 -41.99 28.78
N TYR E 176 -22.08 -41.72 29.57
CA TYR E 176 -22.04 -41.91 31.02
C TYR E 176 -23.43 -42.23 31.57
N GLN E 177 -23.66 -43.46 32.08
CA GLN E 177 -24.86 -43.85 32.83
C GLN E 177 -26.21 -43.43 32.20
N SER E 178 -26.35 -43.53 30.88
CA SER E 178 -27.55 -43.15 30.10
C SER E 178 -27.91 -41.66 30.05
N TYR E 179 -27.12 -40.77 30.66
CA TYR E 179 -27.21 -39.33 30.38
C TYR E 179 -26.80 -39.02 28.94
N ASN E 180 -27.13 -37.82 28.46
CA ASN E 180 -26.77 -37.36 27.13
C ASN E 180 -25.25 -37.29 26.95
N LEU E 181 -24.75 -37.45 25.71
CA LEU E 181 -23.32 -37.34 25.40
C LEU E 181 -22.81 -35.96 25.78
N TYR E 182 -23.59 -34.94 25.45
CA TYR E 182 -23.52 -33.58 25.93
C TYR E 182 -24.86 -32.90 25.65
N GLU E 183 -25.10 -31.75 26.24
CA GLU E 183 -26.32 -31.01 26.02
C GLU E 183 -26.07 -29.51 26.03
N TRP E 184 -26.81 -28.78 25.22
CA TRP E 184 -26.76 -27.33 25.14
C TRP E 184 -27.88 -26.80 25.99
N ILE E 185 -27.62 -25.81 26.82
CA ILE E 185 -28.60 -25.32 27.80
C ILE E 185 -28.83 -23.83 27.60
N GLU E 186 -30.07 -23.44 27.30
CA GLU E 186 -30.54 -22.06 27.22
C GLU E 186 -32.06 -22.05 27.35
N GLU E 187 -32.59 -21.34 28.34
CA GLU E 187 -34.01 -21.36 28.76
C GLU E 187 -34.93 -20.72 27.71
N ASP E 188 -34.42 -19.73 26.97
CA ASP E 188 -35.22 -18.92 26.07
C ASP E 188 -35.75 -19.72 24.88
N TRP E 189 -34.97 -20.69 24.35
CA TRP E 189 -35.12 -21.08 22.95
C TRP E 189 -34.98 -22.57 22.61
N PHE E 190 -34.71 -23.45 23.58
CA PHE E 190 -34.78 -24.90 23.42
C PHE E 190 -35.97 -25.48 24.20
N ASN E 191 -36.82 -26.31 23.60
CA ASN E 191 -38.04 -26.87 24.20
C ASN E 191 -39.06 -25.82 24.72
N ALA E 192 -38.84 -24.52 24.50
CA ALA E 192 -39.70 -23.46 25.03
C ALA E 192 -41.10 -23.49 24.43
N VAL E 193 -42.09 -22.98 25.16
CA VAL E 193 -43.50 -22.95 24.76
C VAL E 193 -43.71 -22.20 23.44
N ASP E 194 -44.51 -22.77 22.56
CA ASP E 194 -44.70 -22.30 21.18
C ASP E 194 -46.05 -21.60 21.00
N ALA E 195 -46.04 -20.36 20.50
CA ALA E 195 -47.23 -19.55 20.22
C ALA E 195 -46.97 -18.57 19.06
N PRO E 196 -48.02 -18.13 18.34
CA PRO E 196 -47.91 -17.11 17.28
C PRO E 196 -47.24 -15.81 17.74
N VAL E 197 -46.61 -15.09 16.81
CA VAL E 197 -46.22 -13.68 17.00
C VAL E 197 -47.45 -12.80 17.20
N VAL E 198 -47.32 -11.72 17.97
CA VAL E 198 -48.39 -10.75 18.28
C VAL E 198 -47.90 -9.32 18.04
N TYR E 199 -48.78 -8.46 17.55
CA TYR E 199 -48.53 -7.05 17.28
C TYR E 199 -49.50 -6.20 18.10
N LEU E 200 -49.06 -5.02 18.54
CA LEU E 200 -49.91 -4.07 19.26
C LEU E 200 -49.76 -2.68 18.67
N LEU E 201 -50.86 -1.92 18.60
CA LEU E 201 -50.87 -0.53 18.17
C LEU E 201 -51.70 0.30 19.16
N ASP E 202 -51.24 1.52 19.43
CA ASP E 202 -51.88 2.45 20.35
C ASP E 202 -52.03 3.83 19.68
N LEU E 203 -53.25 4.36 19.71
CA LEU E 203 -53.60 5.65 19.11
C LEU E 203 -53.01 6.86 19.84
N GLY E 204 -52.33 6.67 20.97
CA GLY E 204 -51.40 7.65 21.54
C GLY E 204 -52.02 8.98 22.00
N GLY E 205 -53.32 8.98 22.32
CA GLY E 205 -54.07 10.16 22.74
C GLY E 205 -54.94 10.80 21.64
N ALA E 206 -55.14 10.15 20.49
CA ALA E 206 -55.97 10.66 19.41
C ALA E 206 -57.44 10.90 19.84
N THR E 207 -57.89 12.16 19.73
CA THR E 207 -59.31 12.55 19.91
C THR E 207 -60.14 12.40 18.62
N GLY E 208 -59.52 11.98 17.51
CA GLY E 208 -60.08 11.99 16.16
C GLY E 208 -58.98 11.78 15.10
N GLY E 209 -59.38 11.55 13.84
CA GLY E 209 -58.48 11.34 12.70
C GLY E 209 -58.56 9.95 12.07
N ASP E 210 -57.67 9.66 11.11
CA ASP E 210 -57.59 8.36 10.43
C ASP E 210 -56.14 7.96 10.08
N TYR E 211 -55.90 6.66 9.87
CA TYR E 211 -54.55 6.10 9.70
C TYR E 211 -54.55 4.82 8.84
N THR E 212 -53.36 4.41 8.43
CA THR E 212 -53.13 3.24 7.56
C THR E 212 -52.14 2.28 8.20
N LEU E 213 -52.32 0.97 7.99
CA LEU E 213 -51.32 -0.04 8.34
C LEU E 213 -50.67 -0.61 7.07
N LEU E 214 -49.36 -0.73 7.08
CA LEU E 214 -48.63 -1.64 6.20
C LEU E 214 -48.90 -3.09 6.67
N VAL E 215 -49.13 -4.01 5.74
CA VAL E 215 -49.37 -5.43 6.06
C VAL E 215 -48.88 -6.33 4.92
N GLY E 216 -47.91 -7.20 5.21
CA GLY E 216 -47.23 -8.00 4.18
C GLY E 216 -46.57 -7.16 3.08
N GLY E 217 -46.14 -5.94 3.40
CA GLY E 217 -45.63 -4.94 2.44
C GLY E 217 -46.71 -4.19 1.64
N LYS E 218 -47.97 -4.66 1.64
CA LYS E 218 -49.13 -3.91 1.12
C LYS E 218 -49.58 -2.85 2.13
N SER E 219 -50.62 -2.08 1.82
CA SER E 219 -51.19 -1.05 2.70
C SER E 219 -52.71 -1.14 2.77
N THR E 220 -53.32 -0.91 3.95
CA THR E 220 -54.77 -0.76 4.12
C THR E 220 -55.16 0.69 4.43
N GLY E 221 -56.16 1.20 3.73
CA GLY E 221 -56.50 2.63 3.72
C GLY E 221 -57.47 3.08 4.82
N ASP E 222 -57.29 4.32 5.28
CA ASP E 222 -58.28 5.19 5.91
C ASP E 222 -59.07 4.58 7.09
N ILE E 223 -58.42 3.87 8.00
CA ILE E 223 -59.04 3.38 9.24
C ILE E 223 -59.25 4.56 10.19
N ALA E 224 -60.50 4.81 10.61
CA ALA E 224 -60.83 5.87 11.56
C ALA E 224 -60.47 5.50 13.01
N TYR E 225 -60.11 6.50 13.82
CA TYR E 225 -59.72 6.36 15.23
C TYR E 225 -60.76 5.65 16.14
N ASN E 226 -62.03 5.62 15.73
CA ASN E 226 -63.16 5.09 16.49
C ASN E 226 -63.61 3.68 16.06
N ALA E 227 -62.93 3.05 15.08
CA ALA E 227 -63.27 1.71 14.61
C ALA E 227 -63.05 0.63 15.68
N ASN E 228 -63.94 -0.36 15.78
CA ASN E 228 -63.84 -1.47 16.73
C ASN E 228 -62.92 -2.60 16.25
N ALA E 229 -62.58 -3.54 17.14
CA ALA E 229 -61.67 -4.66 16.86
C ALA E 229 -62.09 -5.51 15.65
N SER E 230 -63.38 -5.84 15.52
CA SER E 230 -63.88 -6.61 14.38
C SER E 230 -63.83 -5.79 13.08
N ALA E 231 -64.17 -4.51 13.14
CA ALA E 231 -64.08 -3.61 11.98
C ALA E 231 -62.64 -3.47 11.46
N ILE E 232 -61.63 -3.33 12.34
CA ILE E 232 -60.24 -3.30 11.86
C ILE E 232 -59.73 -4.68 11.42
N LYS E 233 -60.26 -5.79 11.96
CA LYS E 233 -60.03 -7.11 11.34
C LYS E 233 -60.54 -7.15 9.91
N THR E 234 -61.72 -6.60 9.63
CA THR E 234 -62.22 -6.44 8.26
C THR E 234 -61.30 -5.56 7.43
N ALA E 235 -60.83 -4.42 7.96
CA ALA E 235 -59.93 -3.53 7.23
C ALA E 235 -58.57 -4.17 6.90
N ILE E 236 -58.03 -5.03 7.76
CA ILE E 236 -56.84 -5.85 7.49
C ILE E 236 -57.17 -6.94 6.46
N GLY E 237 -58.26 -7.69 6.64
CA GLY E 237 -58.66 -8.80 5.76
C GLY E 237 -59.07 -8.37 4.35
N ALA E 238 -59.49 -7.11 4.17
CA ALA E 238 -59.88 -6.53 2.88
C ALA E 238 -58.71 -6.27 1.91
N VAL E 239 -57.45 -6.37 2.34
CA VAL E 239 -56.26 -6.19 1.48
C VAL E 239 -56.20 -7.28 0.39
N ASP E 240 -55.78 -6.90 -0.81
CA ASP E 240 -55.85 -7.75 -2.01
C ASP E 240 -54.96 -9.00 -1.91
N ASP E 241 -53.74 -8.85 -1.38
CA ASP E 241 -52.84 -9.98 -1.05
C ASP E 241 -53.12 -10.58 0.34
N GLY E 242 -54.23 -10.19 0.98
CA GLY E 242 -54.62 -10.65 2.30
C GLY E 242 -55.25 -12.05 2.27
N VAL E 243 -54.82 -12.90 3.20
CA VAL E 243 -55.47 -14.19 3.50
C VAL E 243 -56.90 -13.98 4.01
N ALA E 244 -57.66 -15.05 4.16
CA ALA E 244 -59.06 -14.98 4.60
C ALA E 244 -59.25 -14.20 5.92
N GLU E 245 -60.36 -13.47 6.02
CA GLU E 245 -60.70 -12.64 7.19
C GLU E 245 -60.84 -13.46 8.50
N SER E 246 -61.05 -14.77 8.40
CA SER E 246 -61.07 -15.71 9.52
C SER E 246 -59.69 -16.09 10.06
N ALA E 247 -58.61 -15.91 9.29
CA ALA E 247 -57.25 -16.28 9.68
C ALA E 247 -56.57 -15.26 10.62
N TRP E 248 -56.95 -13.98 10.53
CA TRP E 248 -56.52 -12.93 11.46
C TRP E 248 -57.24 -13.03 12.81
N THR E 249 -56.62 -12.50 13.86
CA THR E 249 -57.19 -12.32 15.20
C THR E 249 -56.93 -10.90 15.68
N VAL E 250 -57.95 -10.24 16.24
CA VAL E 250 -57.85 -8.87 16.78
C VAL E 250 -58.55 -8.76 18.13
N THR E 251 -57.95 -8.01 19.05
CA THR E 251 -58.45 -7.69 20.40
C THR E 251 -58.15 -6.22 20.72
N ALA E 252 -58.83 -5.61 21.69
CA ALA E 252 -58.67 -4.18 21.99
C ALA E 252 -58.98 -3.80 23.44
N ASP E 253 -58.39 -2.70 23.91
CA ASP E 253 -58.69 -2.06 25.19
C ASP E 253 -58.29 -0.57 25.17
N GLY E 254 -59.21 0.34 25.46
CA GLY E 254 -58.95 1.79 25.48
C GLY E 254 -58.44 2.31 24.13
N SER E 255 -57.28 2.97 24.14
CA SER E 255 -56.62 3.49 22.93
C SER E 255 -55.81 2.45 22.13
N ASP E 256 -55.74 1.19 22.57
CA ASP E 256 -54.86 0.18 21.95
C ASP E 256 -55.59 -1.08 21.44
N PHE E 257 -54.97 -1.67 20.41
CA PHE E 257 -55.44 -2.88 19.71
C PHE E 257 -54.28 -3.87 19.58
N GLU E 258 -54.56 -5.15 19.78
CA GLU E 258 -53.58 -6.23 19.83
C GLU E 258 -54.01 -7.39 18.92
N ILE E 259 -53.09 -7.84 18.05
CA ILE E 259 -53.38 -8.49 16.76
C ILE E 259 -52.43 -9.68 16.53
N SER E 260 -52.93 -10.74 15.89
CA SER E 260 -52.08 -11.80 15.32
C SER E 260 -52.62 -12.33 14.00
N GLY E 261 -51.74 -12.91 13.20
CA GLY E 261 -52.02 -13.44 11.86
C GLY E 261 -50.73 -13.82 11.14
N PRO E 262 -50.80 -14.37 9.93
CA PRO E 262 -49.64 -14.94 9.26
C PRO E 262 -48.66 -13.88 8.71
N LEU E 263 -49.13 -12.78 8.12
CA LEU E 263 -48.28 -11.68 7.65
C LEU E 263 -47.90 -10.72 8.77
N ALA E 264 -46.76 -10.03 8.64
CA ALA E 264 -46.39 -8.93 9.53
C ALA E 264 -47.24 -7.68 9.29
N VAL E 265 -47.47 -6.87 10.34
CA VAL E 265 -48.24 -5.62 10.30
C VAL E 265 -47.50 -4.48 11.01
N ALA E 266 -47.54 -3.27 10.44
CA ALA E 266 -46.79 -2.10 10.89
C ALA E 266 -47.49 -0.78 10.50
N LEU E 267 -47.13 0.34 11.12
CA LEU E 267 -47.78 1.63 10.87
C LEU E 267 -47.37 2.23 9.52
N GLY E 268 -48.34 2.64 8.70
CA GLY E 268 -48.13 3.39 7.46
C GLY E 268 -48.10 4.89 7.69
N VAL E 269 -48.82 5.64 6.85
CA VAL E 269 -49.17 7.05 7.11
C VAL E 269 -50.29 7.12 8.16
N ASP E 270 -50.24 8.12 9.05
CA ASP E 270 -51.25 8.34 10.10
C ASP E 270 -51.62 9.83 10.27
N SER E 271 -52.81 10.08 10.81
CA SER E 271 -53.28 11.42 11.20
C SER E 271 -54.08 11.36 12.50
N THR E 272 -53.96 12.39 13.34
CA THR E 272 -54.74 12.54 14.57
C THR E 272 -55.07 14.01 14.87
N THR E 273 -56.19 14.26 15.53
CA THR E 273 -56.59 15.60 16.03
C THR E 273 -56.05 15.92 17.43
N GLY E 274 -55.15 15.08 17.95
CA GLY E 274 -54.54 15.19 19.28
C GLY E 274 -53.58 14.04 19.56
N GLY E 275 -52.89 14.10 20.71
CA GLY E 275 -51.93 13.06 21.11
C GLY E 275 -50.60 13.10 20.35
N SER E 276 -49.82 12.04 20.50
CA SER E 276 -48.47 11.86 19.90
C SER E 276 -48.49 11.29 18.47
N GLY E 277 -49.66 11.19 17.83
CA GLY E 277 -49.87 10.34 16.65
C GLY E 277 -50.06 8.86 17.02
N VAL E 278 -50.34 8.02 16.03
CA VAL E 278 -50.49 6.57 16.23
C VAL E 278 -49.12 5.91 16.44
N THR E 279 -49.08 4.81 17.19
CA THR E 279 -47.86 4.08 17.57
C THR E 279 -48.06 2.56 17.43
N VAL E 280 -46.98 1.80 17.21
CA VAL E 280 -47.02 0.34 17.00
C VAL E 280 -45.77 -0.36 17.54
N ASP E 281 -45.89 -1.61 18.00
CA ASP E 281 -44.76 -2.49 18.34
C ASP E 281 -45.12 -3.99 18.26
N VAL E 282 -44.10 -4.86 18.37
CA VAL E 282 -44.25 -6.33 18.37
C VAL E 282 -44.12 -6.84 19.79
N VAL E 283 -45.08 -7.65 20.24
CA VAL E 283 -45.26 -8.10 21.64
C VAL E 283 -44.43 -9.34 21.97
N ALA F 2 -8.21 -20.40 40.50
CA ALA F 2 -8.81 -20.22 39.18
C ALA F 2 -8.83 -18.75 38.73
N LEU F 3 -8.74 -18.52 37.42
CA LEU F 3 -8.79 -17.19 36.79
C LEU F 3 -7.78 -16.16 37.37
N LYS F 4 -6.55 -16.59 37.65
CA LYS F 4 -5.40 -15.71 37.98
C LYS F 4 -4.98 -14.91 36.76
N ASP F 5 -4.73 -13.62 36.88
CA ASP F 5 -4.06 -12.83 35.84
C ASP F 5 -2.52 -12.96 35.88
N ASP F 6 -1.97 -13.31 37.04
CA ASP F 6 -0.52 -13.42 37.28
C ASP F 6 0.17 -14.48 36.41
N ALA F 7 -0.50 -15.61 36.17
CA ALA F 7 0.05 -16.81 35.55
C ALA F 7 -0.12 -16.88 34.03
N VAL F 8 -0.58 -15.81 33.38
CA VAL F 8 -0.86 -15.73 31.94
C VAL F 8 0.42 -15.36 31.18
N LEU F 9 1.39 -16.26 31.13
CA LEU F 9 2.78 -16.00 30.73
C LEU F 9 2.94 -15.43 29.32
N ILE F 10 3.68 -14.31 29.15
CA ILE F 10 4.27 -13.90 27.86
C ILE F 10 5.78 -14.12 27.92
N ALA F 11 6.33 -14.94 27.04
CA ALA F 11 7.72 -15.39 27.10
C ALA F 11 8.73 -14.39 26.53
N ALA F 12 8.61 -13.10 26.89
CA ALA F 12 9.31 -12.00 26.24
C ALA F 12 10.83 -12.05 26.31
N ARG F 13 11.39 -12.74 27.30
CA ARG F 13 12.84 -12.89 27.50
C ARG F 13 13.14 -14.21 28.21
N GLY F 14 14.32 -14.78 28.08
CA GLY F 14 14.61 -16.06 28.73
C GLY F 14 15.96 -16.66 28.38
N TYR F 15 16.35 -17.70 29.10
CA TYR F 15 17.69 -18.29 29.06
C TYR F 15 17.65 -19.82 28.96
N VAL F 16 18.73 -20.45 28.51
CA VAL F 16 18.88 -21.91 28.43
C VAL F 16 20.25 -22.34 28.93
N TYR F 17 20.33 -23.40 29.73
CA TYR F 17 21.56 -23.91 30.33
C TYR F 17 21.62 -25.43 30.18
N THR F 18 22.82 -26.01 30.22
CA THR F 18 22.99 -27.47 30.21
C THR F 18 24.12 -27.92 31.14
N ALA F 19 24.07 -29.16 31.59
CA ALA F 19 25.00 -29.73 32.54
C ALA F 19 25.13 -31.25 32.37
N ALA F 20 26.07 -31.92 33.03
CA ALA F 20 26.18 -33.38 32.97
C ALA F 20 24.85 -34.05 33.36
N VAL F 21 24.56 -35.24 32.82
CA VAL F 21 23.28 -35.93 33.06
C VAL F 21 22.98 -36.08 34.55
N GLY F 22 21.71 -35.95 34.91
CA GLY F 22 21.23 -36.06 36.29
C GLY F 22 21.42 -34.80 37.15
N THR F 23 22.09 -33.75 36.68
CA THR F 23 22.37 -32.55 37.50
C THR F 23 21.11 -31.91 38.07
N ALA F 24 21.11 -31.52 39.35
CA ALA F 24 20.00 -30.80 39.98
C ALA F 24 19.97 -29.31 39.59
N ALA F 25 18.78 -28.81 39.26
CA ALA F 25 18.54 -27.38 39.04
C ALA F 25 18.58 -26.59 40.36
N PRO F 26 18.59 -25.25 40.34
CA PRO F 26 18.24 -24.47 41.51
C PRO F 26 16.79 -24.79 41.94
N THR F 27 16.49 -24.74 43.23
CA THR F 27 15.14 -25.02 43.76
C THR F 27 14.15 -23.89 43.42
N PRO F 28 12.83 -24.09 43.49
CA PRO F 28 11.86 -23.05 43.17
C PRO F 28 11.97 -21.80 44.05
N SER F 29 12.44 -21.91 45.29
CA SER F 29 12.69 -20.75 46.16
C SER F 29 13.98 -20.00 45.79
N GLN F 30 15.00 -20.67 45.25
CA GLN F 30 16.22 -20.05 44.72
C GLN F 30 15.99 -19.40 43.36
N LEU F 31 15.21 -20.03 42.48
CA LEU F 31 14.95 -19.55 41.12
C LEU F 31 14.31 -18.16 41.12
N LYS F 32 13.66 -17.75 42.21
CA LYS F 32 13.06 -16.42 42.36
C LYS F 32 14.06 -15.33 42.78
N LEU F 33 15.30 -15.67 43.14
CA LEU F 33 16.28 -14.73 43.69
C LEU F 33 17.69 -14.75 43.06
N ILE F 34 18.10 -15.81 42.36
CA ILE F 34 19.38 -15.85 41.61
C ILE F 34 19.38 -14.85 40.44
N ASP F 35 20.55 -14.54 39.87
CA ASP F 35 20.66 -13.85 38.58
C ASP F 35 21.08 -14.80 37.47
N LEU F 36 20.43 -14.63 36.31
CA LEU F 36 20.39 -15.66 35.29
C LEU F 36 21.62 -15.65 34.39
N GLU F 37 22.23 -14.49 34.16
CA GLU F 37 23.25 -14.34 33.13
C GLU F 37 24.66 -14.83 33.55
N HIS F 38 24.84 -15.26 34.80
CA HIS F 38 26.14 -15.58 35.42
C HIS F 38 26.08 -16.88 36.26
N PRO F 39 25.89 -18.06 35.66
CA PRO F 39 25.71 -19.32 36.38
C PRO F 39 26.93 -19.85 37.14
N GLU F 40 28.04 -19.10 37.20
CA GLU F 40 29.11 -19.37 38.16
C GLU F 40 28.72 -19.05 39.61
N ALA F 41 27.73 -18.17 39.82
CA ALA F 41 27.34 -17.64 41.13
C ALA F 41 26.25 -18.42 41.89
N TRP F 42 25.67 -19.48 41.32
CA TRP F 42 24.36 -20.02 41.72
C TRP F 42 24.28 -20.84 43.02
N ASP F 43 25.38 -21.11 43.71
CA ASP F 43 25.41 -22.09 44.82
C ASP F 43 24.92 -23.49 44.40
N ARG F 44 25.22 -23.86 43.15
CA ARG F 44 24.85 -25.11 42.47
C ARG F 44 25.98 -25.56 41.56
N THR F 45 26.09 -26.85 41.27
CA THR F 45 27.09 -27.37 40.32
C THR F 45 26.80 -26.88 38.89
N GLY F 46 27.77 -27.02 37.98
CA GLY F 46 27.86 -26.19 36.78
C GLY F 46 26.71 -26.32 35.79
N TRP F 47 25.90 -25.28 35.67
CA TRP F 47 24.90 -25.07 34.62
C TRP F 47 25.45 -24.08 33.59
N ASP F 48 26.23 -24.54 32.63
CA ASP F 48 26.79 -23.66 31.60
C ASP F 48 25.70 -23.11 30.67
N LEU F 49 25.72 -21.81 30.37
CA LEU F 49 24.85 -21.22 29.36
C LEU F 49 25.12 -21.82 27.98
N VAL F 50 24.07 -21.94 27.18
CA VAL F 50 24.13 -22.48 25.81
C VAL F 50 24.54 -21.44 24.75
N GLY F 51 24.67 -20.15 25.10
CA GLY F 51 24.86 -19.06 24.15
C GLY F 51 23.53 -18.43 23.73
N HIS F 52 23.55 -17.50 22.79
CA HIS F 52 22.33 -16.82 22.32
C HIS F 52 21.36 -17.76 21.57
N THR F 53 20.06 -17.51 21.74
CA THR F 53 18.94 -18.25 21.13
C THR F 53 18.04 -17.28 20.35
N SER F 54 17.40 -17.71 19.27
CA SER F 54 16.57 -16.87 18.39
C SER F 54 15.49 -16.07 19.12
N GLU F 55 15.16 -14.88 18.62
CA GLU F 55 14.17 -13.97 19.22
C GLU F 55 12.73 -14.46 19.13
N ASP F 56 12.39 -15.19 18.07
CA ASP F 56 11.02 -15.40 17.59
C ASP F 56 10.69 -16.89 17.38
N ASP F 57 11.63 -17.68 16.87
CA ASP F 57 11.62 -19.14 16.92
C ASP F 57 11.99 -19.67 18.32
N LEU F 58 11.19 -19.32 19.34
CA LEU F 58 11.34 -19.79 20.72
C LEU F 58 11.25 -21.32 20.82
N PRO F 59 11.75 -21.95 21.90
CA PRO F 59 11.57 -23.37 22.15
C PRO F 59 10.12 -23.82 22.06
N GLU F 60 9.82 -24.87 21.30
CA GLU F 60 8.49 -25.48 21.24
C GLU F 60 8.49 -26.86 21.89
N PHE F 61 7.68 -27.06 22.93
CA PHE F 61 7.66 -28.28 23.74
C PHE F 61 6.77 -29.35 23.10
N GLY F 62 7.14 -29.80 21.90
CA GLY F 62 6.38 -30.78 21.13
C GLY F 62 6.31 -32.18 21.74
N PHE F 63 5.63 -33.07 21.05
CA PHE F 63 5.70 -34.51 21.27
C PHE F 63 5.47 -35.25 19.95
N ASP F 64 6.16 -36.35 19.73
CA ASP F 64 5.80 -37.34 18.70
C ASP F 64 4.98 -38.47 19.32
N GLY F 65 4.38 -39.32 18.49
CA GLY F 65 3.56 -40.44 18.95
C GLY F 65 2.31 -40.00 19.70
N GLY F 66 1.87 -40.81 20.66
CA GLY F 66 0.66 -40.56 21.46
C GLY F 66 -0.61 -41.07 20.77
N ASP F 67 -0.56 -42.22 20.13
CA ASP F 67 -1.66 -42.81 19.36
C ASP F 67 -2.08 -44.19 19.91
N SER F 68 -3.36 -44.50 19.80
CA SER F 68 -3.99 -45.65 20.46
C SER F 68 -5.11 -46.26 19.62
N GLU F 69 -5.39 -47.55 19.80
CA GLU F 69 -6.35 -48.32 19.01
C GLU F 69 -7.24 -49.22 19.86
N VAL F 70 -8.38 -49.61 19.31
CA VAL F 70 -9.45 -50.38 19.98
C VAL F 70 -9.40 -51.85 19.56
N ARG F 71 -9.56 -52.78 20.51
CA ARG F 71 -9.60 -54.23 20.28
C ARG F 71 -10.97 -54.77 20.74
N GLY F 72 -11.48 -55.81 20.08
CA GLY F 72 -12.82 -56.35 20.36
C GLY F 72 -13.05 -57.77 19.85
N SER F 73 -14.31 -58.19 19.87
CA SER F 73 -14.82 -59.45 19.29
C SER F 73 -16.29 -59.26 18.92
N TRP F 74 -16.92 -60.13 18.13
CA TRP F 74 -18.30 -59.93 17.64
C TRP F 74 -19.32 -59.60 18.76
N GLN F 75 -19.14 -60.16 19.95
CA GLN F 75 -19.98 -59.95 21.14
C GLN F 75 -19.77 -58.58 21.83
N LYS F 76 -18.60 -57.96 21.64
CA LYS F 76 -18.03 -56.91 22.50
C LYS F 76 -17.03 -56.07 21.70
N LYS F 77 -17.51 -54.99 21.08
CA LYS F 77 -16.76 -54.21 20.08
C LYS F 77 -15.62 -53.34 20.64
N LYS F 78 -15.64 -52.99 21.92
CA LYS F 78 -14.76 -51.97 22.53
C LYS F 78 -14.11 -52.41 23.86
N LEU F 79 -13.81 -53.70 24.01
CA LEU F 79 -13.46 -54.28 25.32
C LEU F 79 -12.09 -53.82 25.86
N ARG F 80 -11.15 -53.43 24.99
CA ARG F 80 -9.77 -53.07 25.35
C ARG F 80 -9.22 -52.00 24.40
N GLU F 81 -8.31 -51.16 24.89
CA GLU F 81 -7.49 -50.25 24.07
C GLU F 81 -5.99 -50.48 24.30
N VAL F 82 -5.18 -50.21 23.27
CA VAL F 82 -3.72 -50.42 23.26
C VAL F 82 -3.01 -49.26 22.58
N GLU F 83 -1.77 -48.95 22.94
CA GLU F 83 -0.98 -47.92 22.24
C GLU F 83 -0.47 -48.44 20.90
N THR F 84 -0.60 -47.66 19.82
CA THR F 84 0.09 -47.93 18.55
C THR F 84 1.49 -47.30 18.55
N GLU F 85 1.64 -46.11 19.12
CA GLU F 85 2.90 -45.39 19.32
C GLU F 85 2.82 -44.57 20.60
N GLU F 86 3.64 -44.90 21.61
CA GLU F 86 3.69 -44.16 22.88
C GLU F 86 4.20 -42.73 22.71
N ILE F 87 3.89 -41.84 23.67
CA ILE F 87 4.25 -40.42 23.61
C ILE F 87 5.77 -40.24 23.74
N ALA F 88 6.38 -39.40 22.89
CA ALA F 88 7.81 -39.09 22.92
C ALA F 88 8.02 -37.57 22.95
N ASP F 89 8.09 -36.99 24.14
CA ASP F 89 8.25 -35.55 24.35
C ASP F 89 9.63 -35.02 23.94
N TYR F 90 9.69 -33.78 23.45
CA TYR F 90 10.94 -33.11 23.07
C TYR F 90 10.80 -31.59 23.14
N VAL F 91 11.90 -30.86 22.98
CA VAL F 91 11.91 -29.40 22.80
C VAL F 91 12.87 -29.00 21.69
N VAL F 92 12.54 -28.02 20.85
CA VAL F 92 13.42 -27.59 19.75
C VAL F 92 14.11 -26.26 20.06
N ILE F 93 15.29 -26.29 20.66
CA ILE F 93 16.04 -25.06 20.99
C ILE F 93 16.70 -24.50 19.73
N ASN F 94 16.47 -23.22 19.39
CA ASN F 94 16.86 -22.66 18.09
C ASN F 94 18.04 -21.68 18.20
N LEU F 95 19.24 -22.23 18.36
CA LEU F 95 20.48 -21.52 18.73
C LEU F 95 20.92 -20.53 17.66
N THR F 96 21.67 -19.47 17.99
CA THR F 96 22.21 -18.51 16.99
C THR F 96 23.68 -18.16 17.14
N GLN F 97 24.33 -18.51 18.26
CA GLN F 97 25.77 -18.35 18.44
C GLN F 97 26.53 -19.46 17.72
N PHE F 98 27.64 -19.17 17.04
CA PHE F 98 28.34 -20.14 16.17
C PHE F 98 29.63 -20.73 16.74
N ASP F 99 30.06 -20.36 17.95
CA ASP F 99 31.28 -20.92 18.52
C ASP F 99 31.09 -22.29 19.18
N GLU F 100 32.16 -22.86 19.74
CA GLU F 100 32.14 -24.20 20.33
C GLU F 100 31.14 -24.37 21.48
N THR F 101 30.63 -23.27 22.05
CA THR F 101 29.56 -23.30 23.06
C THR F 101 28.29 -23.94 22.49
N ALA F 102 27.92 -23.59 21.27
CA ALA F 102 26.72 -24.06 20.60
C ALA F 102 26.95 -25.23 19.65
N LEU F 103 28.09 -25.31 18.95
CA LEU F 103 28.33 -26.43 18.04
C LEU F 103 28.40 -27.77 18.77
N GLU F 104 28.89 -27.87 20.01
CA GLU F 104 28.88 -29.14 20.73
C GLU F 104 27.48 -29.67 21.08
N LEU F 105 26.42 -28.85 20.99
CA LEU F 105 25.04 -29.32 21.05
C LEU F 105 24.57 -29.81 19.67
N TYR F 106 24.81 -29.04 18.60
CA TYR F 106 24.32 -29.37 17.26
C TYR F 106 25.06 -30.54 16.60
N PHE F 107 26.39 -30.62 16.72
CA PHE F 107 27.21 -31.65 16.06
C PHE F 107 27.72 -32.77 16.97
N GLY F 108 27.56 -32.69 18.29
CA GLY F 108 28.27 -33.54 19.24
C GLY F 108 29.64 -32.98 19.60
N PRO F 109 30.42 -33.62 20.48
CA PRO F 109 31.65 -33.05 21.00
C PRO F 109 32.72 -32.88 19.93
N ASN F 110 33.59 -31.86 20.06
CA ASN F 110 34.60 -31.52 19.05
C ASN F 110 35.52 -32.72 18.78
N GLN F 111 35.60 -33.15 17.52
CA GLN F 111 36.38 -34.32 17.10
C GLN F 111 37.88 -34.03 16.83
N SER F 112 38.33 -32.78 16.82
CA SER F 112 39.68 -32.38 16.41
C SER F 112 40.46 -31.65 17.50
N ALA F 113 41.62 -32.17 17.89
CA ALA F 113 42.47 -31.63 18.95
C ALA F 113 43.31 -30.39 18.55
N THR F 114 43.40 -30.05 17.26
CA THR F 114 44.12 -28.86 16.80
C THR F 114 43.42 -27.56 17.20
N PRO F 115 44.15 -26.52 17.64
CA PRO F 115 43.53 -25.27 18.05
C PRO F 115 42.96 -24.52 16.86
N GLY F 116 41.80 -23.88 17.02
CA GLY F 116 41.14 -23.11 15.97
C GLY F 116 40.30 -23.93 14.98
N ILE F 117 40.02 -25.21 15.23
CA ILE F 117 39.23 -26.06 14.33
C ILE F 117 38.17 -26.85 15.09
N PHE F 118 36.98 -27.00 14.52
CA PHE F 118 35.95 -27.91 14.98
C PHE F 118 35.65 -28.93 13.89
N GLY F 119 35.83 -30.23 14.14
CA GLY F 119 35.60 -31.28 13.13
C GLY F 119 34.42 -32.18 13.47
N VAL F 120 33.84 -32.87 12.48
CA VAL F 120 32.78 -33.86 12.71
C VAL F 120 32.90 -35.06 11.75
N LYS F 121 32.40 -36.25 12.14
CA LYS F 121 32.78 -37.54 11.53
C LYS F 121 31.65 -38.49 11.10
N SER F 122 30.51 -38.54 11.79
CA SER F 122 29.60 -39.70 11.67
C SER F 122 28.17 -39.39 12.12
N GLY F 123 27.22 -40.24 11.71
CA GLY F 123 25.98 -40.43 12.46
C GLY F 123 26.20 -41.09 13.82
N SER F 124 25.13 -41.25 14.59
CA SER F 124 25.07 -41.97 15.87
C SER F 124 26.09 -41.52 16.93
N VAL F 125 26.48 -40.24 16.93
CA VAL F 125 27.20 -39.63 18.05
C VAL F 125 26.24 -39.42 19.21
N VAL F 126 26.43 -40.09 20.35
CA VAL F 126 25.59 -39.88 21.54
C VAL F 126 25.92 -38.54 22.21
N ASN F 127 24.89 -37.78 22.55
CA ASN F 127 25.03 -36.44 23.12
C ASN F 127 23.90 -36.21 24.13
N GLU F 128 24.06 -36.73 25.33
CA GLU F 128 23.06 -36.66 26.40
C GLU F 128 23.53 -35.73 27.50
N ARG F 129 22.70 -34.74 27.86
CA ARG F 129 23.01 -33.79 28.93
C ARG F 129 21.74 -33.25 29.58
N ALA F 130 21.83 -32.81 30.81
CA ALA F 130 20.71 -32.22 31.52
C ALA F 130 20.38 -30.86 30.91
N LEU F 131 19.14 -30.42 31.00
CA LEU F 131 18.67 -29.17 30.41
C LEU F 131 17.93 -28.34 31.44
N LEU F 132 18.10 -27.02 31.43
CA LEU F 132 17.32 -26.09 32.21
C LEU F 132 16.97 -24.90 31.32
N ILE F 133 15.73 -24.45 31.34
CA ILE F 133 15.24 -23.30 30.58
C ILE F 133 14.60 -22.36 31.60
N VAL F 134 14.72 -21.06 31.42
CA VAL F 134 14.07 -20.08 32.31
C VAL F 134 13.39 -19.02 31.46
N ILE F 135 12.08 -19.09 31.32
CA ILE F 135 11.31 -18.01 30.71
C ILE F 135 11.14 -16.89 31.74
N VAL F 136 11.24 -15.62 31.34
CA VAL F 136 11.14 -14.45 32.23
C VAL F 136 10.12 -13.44 31.72
N ASP F 137 9.18 -13.05 32.57
CA ASP F 137 8.07 -12.16 32.21
C ASP F 137 7.85 -11.09 33.29
N ASN F 138 8.79 -10.16 33.44
CA ASN F 138 8.76 -9.07 34.43
C ASN F 138 8.58 -9.56 35.87
N ASP F 139 9.56 -10.31 36.38
CA ASP F 139 9.60 -10.87 37.74
C ASP F 139 8.56 -11.97 38.05
N VAL F 140 8.21 -12.77 37.04
CA VAL F 140 7.77 -14.17 37.21
C VAL F 140 8.63 -15.01 36.28
N ARG F 141 9.12 -16.17 36.75
CA ARG F 141 10.28 -16.84 36.13
C ARG F 141 10.08 -18.35 36.02
N LEU F 142 9.13 -18.78 35.18
CA LEU F 142 8.81 -20.18 34.98
C LEU F 142 10.03 -20.94 34.46
N GLY F 143 10.67 -21.72 35.32
CA GLY F 143 11.76 -22.59 34.95
C GLY F 143 11.23 -23.91 34.41
N PHE F 144 12.01 -24.60 33.59
CA PHE F 144 11.74 -25.96 33.14
C PHE F 144 13.01 -26.77 33.22
N HIS F 145 12.99 -27.98 33.75
CA HIS F 145 14.20 -28.77 33.94
C HIS F 145 14.02 -30.23 33.53
N ALA F 146 14.95 -30.80 32.78
CA ALA F 146 15.01 -32.22 32.50
C ALA F 146 16.31 -32.83 33.05
N ARG F 147 16.25 -33.96 33.74
CA ARG F 147 17.44 -34.64 34.31
C ARG F 147 18.36 -35.14 33.21
N LYS F 148 17.84 -35.68 32.12
CA LYS F 148 18.60 -35.85 30.88
C LYS F 148 17.72 -35.65 29.65
N ALA F 149 18.32 -35.08 28.62
CA ALA F 149 17.80 -35.02 27.28
C ALA F 149 18.88 -35.53 26.33
N SER F 150 18.48 -36.16 25.22
CA SER F 150 19.41 -36.47 24.13
C SER F 150 19.23 -35.45 23.03
N LEU F 151 20.31 -34.79 22.61
CA LEU F 151 20.25 -33.71 21.62
C LEU F 151 20.69 -34.19 20.25
N LYS F 152 19.88 -33.91 19.24
CA LYS F 152 20.26 -34.07 17.84
C LYS F 152 19.93 -32.81 17.06
N ARG F 153 20.57 -32.60 15.92
CA ARG F 153 20.17 -31.52 15.01
C ARG F 153 18.78 -31.76 14.45
N GLU F 154 17.96 -30.72 14.38
CA GLU F 154 16.56 -30.82 13.93
C GLU F 154 16.39 -30.50 12.44
N ASP F 155 17.25 -29.65 11.88
CA ASP F 155 17.08 -29.08 10.54
C ASP F 155 18.42 -28.51 10.04
N ALA F 156 18.49 -28.10 8.79
CA ALA F 156 19.66 -27.43 8.20
C ALA F 156 20.11 -26.20 8.99
N ILE F 157 21.40 -25.85 8.92
CA ILE F 157 21.89 -24.57 9.45
C ILE F 157 21.38 -23.44 8.57
N SER F 158 20.61 -22.52 9.14
CA SER F 158 20.18 -21.32 8.41
C SER F 158 21.29 -20.29 8.33
N LEU F 159 21.46 -19.64 7.17
CA LEU F 159 22.29 -18.45 6.97
C LEU F 159 21.48 -17.41 6.21
N ALA F 160 21.76 -16.13 6.45
CA ALA F 160 21.18 -15.02 5.71
C ALA F 160 22.10 -13.79 5.77
N THR F 161 21.90 -12.84 4.86
CA THR F 161 22.67 -11.60 4.78
C THR F 161 22.15 -10.48 5.71
N ASP F 162 20.93 -10.60 6.22
CA ASP F 162 20.20 -9.56 6.98
C ASP F 162 19.50 -10.09 8.26
N GLU F 163 19.72 -11.35 8.61
CA GLU F 163 19.25 -12.00 9.83
C GLU F 163 20.33 -12.97 10.34
N PHE F 164 20.34 -13.27 11.64
CA PHE F 164 21.36 -14.13 12.24
C PHE F 164 21.27 -15.56 11.72
N GLY F 165 22.40 -16.24 11.55
CA GLY F 165 22.40 -17.67 11.29
C GLY F 165 21.80 -18.46 12.46
N ALA F 166 21.38 -19.72 12.25
CA ALA F 166 20.77 -20.51 13.32
C ALA F 166 21.08 -22.01 13.22
N LEU F 167 21.23 -22.66 14.38
CA LEU F 167 21.61 -24.06 14.53
C LEU F 167 20.53 -24.81 15.35
N PRO F 168 19.42 -25.25 14.76
CA PRO F 168 18.31 -25.77 15.54
C PRO F 168 18.58 -27.17 16.07
N VAL F 169 18.42 -27.41 17.37
CA VAL F 169 18.59 -28.74 18.00
C VAL F 169 17.32 -29.21 18.68
N ARG F 170 16.97 -30.48 18.48
CA ARG F 170 15.89 -31.13 19.20
C ARG F 170 16.49 -31.81 20.41
N ALA F 171 16.12 -31.40 21.60
CA ALA F 171 16.41 -32.14 22.81
C ALA F 171 15.24 -33.08 23.09
N THR F 172 15.45 -34.39 23.10
CA THR F 172 14.38 -35.38 23.34
C THR F 172 14.52 -35.91 24.75
N PHE F 173 13.47 -35.87 25.56
CA PHE F 173 13.57 -36.24 26.98
C PHE F 173 13.59 -37.75 27.16
N LEU F 174 14.29 -38.22 28.20
CA LEU F 174 14.44 -39.64 28.51
C LEU F 174 14.31 -39.87 30.02
N ASP F 175 13.75 -41.00 30.42
CA ASP F 175 13.70 -41.41 31.81
C ASP F 175 15.12 -41.57 32.39
N TYR F 176 15.31 -41.22 33.67
CA TYR F 176 16.60 -41.32 34.34
C TYR F 176 16.45 -41.69 35.83
N GLN F 177 16.98 -42.84 36.24
CA GLN F 177 17.23 -43.19 37.64
C GLN F 177 16.02 -43.00 38.59
N SER F 178 14.80 -43.27 38.11
CA SER F 178 13.50 -43.07 38.80
C SER F 178 13.05 -41.62 39.06
N TYR F 179 13.80 -40.60 38.61
CA TYR F 179 13.35 -39.20 38.65
C TYR F 179 12.27 -38.91 37.61
N ASN F 180 11.60 -37.75 37.74
CA ASN F 180 10.61 -37.26 36.77
C ASN F 180 11.20 -37.11 35.37
N LEU F 181 10.36 -37.20 34.33
CA LEU F 181 10.81 -36.99 32.95
C LEU F 181 11.24 -35.53 32.76
N TYR F 182 10.45 -34.59 33.26
CA TYR F 182 10.81 -33.18 33.43
C TYR F 182 9.97 -32.49 34.49
N GLU F 183 10.45 -31.38 35.03
CA GLU F 183 9.78 -30.61 36.07
C GLU F 183 9.65 -29.16 35.66
N TRP F 184 8.45 -28.61 35.64
CA TRP F 184 8.26 -27.17 35.59
C TRP F 184 8.46 -26.60 36.99
N ILE F 185 9.11 -25.46 37.14
CA ILE F 185 9.51 -24.91 38.44
C ILE F 185 8.96 -23.50 38.60
N GLU F 186 8.12 -23.25 39.60
CA GLU F 186 7.74 -21.91 40.06
C GLU F 186 7.07 -22.01 41.45
N GLU F 187 7.51 -21.22 42.44
CA GLU F 187 6.98 -21.34 43.82
C GLU F 187 5.60 -20.71 44.00
N ASP F 188 5.28 -19.66 43.24
CA ASP F 188 4.01 -18.94 43.39
C ASP F 188 2.80 -19.71 42.84
N TRP F 189 3.02 -20.71 41.97
CA TRP F 189 1.96 -21.31 41.17
C TRP F 189 1.66 -22.76 41.54
N PHE F 190 2.67 -23.62 41.68
CA PHE F 190 2.41 -25.06 41.70
C PHE F 190 2.01 -25.65 43.06
N ASN F 191 2.35 -25.06 44.20
CA ASN F 191 1.84 -25.50 45.53
C ASN F 191 1.88 -24.36 46.57
N ALA F 192 1.17 -24.55 47.68
CA ALA F 192 1.24 -23.73 48.91
C ALA F 192 0.95 -22.22 48.72
N VAL F 193 0.02 -21.90 47.81
CA VAL F 193 -0.36 -20.53 47.42
C VAL F 193 -1.32 -19.84 48.40
N ASP F 194 -1.80 -20.55 49.41
CA ASP F 194 -2.58 -20.06 50.54
C ASP F 194 -1.72 -19.22 51.52
N ALA F 195 -2.21 -18.95 52.74
CA ALA F 195 -1.49 -18.16 53.74
C ALA F 195 -0.06 -18.69 54.00
N PRO F 196 0.95 -17.80 54.13
CA PRO F 196 2.35 -18.20 54.20
C PRO F 196 2.69 -18.94 55.50
N VAL F 197 3.71 -19.81 55.46
CA VAL F 197 4.26 -20.47 56.64
C VAL F 197 4.90 -19.47 57.59
N VAL F 198 4.84 -19.75 58.90
CA VAL F 198 5.40 -18.93 59.98
C VAL F 198 6.16 -19.84 60.93
N TYR F 199 7.21 -19.32 61.58
CA TYR F 199 8.07 -20.05 62.50
C TYR F 199 8.11 -19.36 63.86
N LEU F 200 8.18 -20.14 64.94
CA LEU F 200 8.34 -19.66 66.31
C LEU F 200 9.75 -19.11 66.57
N LEU F 201 9.88 -18.34 67.65
CA LEU F 201 11.09 -18.19 68.46
C LEU F 201 10.66 -17.75 69.87
N ASP F 202 11.40 -18.11 70.91
CA ASP F 202 11.06 -17.81 72.31
C ASP F 202 12.33 -17.52 73.14
N LEU F 203 12.22 -16.70 74.19
CA LEU F 203 13.24 -16.62 75.25
C LEU F 203 13.30 -17.92 76.07
N GLY F 204 12.20 -18.67 76.11
CA GLY F 204 12.13 -20.01 76.71
C GLY F 204 12.32 -20.02 78.24
N GLY F 205 12.14 -18.87 78.90
CA GLY F 205 12.42 -18.69 80.33
C GLY F 205 13.91 -18.68 80.70
N ALA F 206 14.82 -18.60 79.73
CA ALA F 206 16.27 -18.61 79.98
C ALA F 206 16.75 -17.34 80.70
N THR F 207 17.80 -17.46 81.53
CA THR F 207 18.46 -16.32 82.22
C THR F 207 19.52 -15.62 81.36
N GLY F 208 19.63 -15.99 80.09
CA GLY F 208 20.59 -15.50 79.11
C GLY F 208 20.47 -16.26 77.79
N GLY F 209 21.39 -16.05 76.86
CA GLY F 209 21.42 -16.78 75.58
C GLY F 209 22.33 -16.12 74.56
N ASP F 210 22.99 -16.91 73.71
CA ASP F 210 24.14 -16.46 72.91
C ASP F 210 24.29 -17.27 71.60
N TYR F 211 23.16 -17.71 71.03
CA TYR F 211 23.14 -18.85 70.09
C TYR F 211 22.42 -18.54 68.77
N THR F 212 23.00 -18.98 67.67
CA THR F 212 22.64 -18.58 66.29
C THR F 212 21.52 -19.39 65.65
N LEU F 213 20.93 -18.83 64.59
CA LEU F 213 19.97 -19.50 63.71
C LEU F 213 20.66 -20.08 62.46
N LEU F 214 19.93 -20.94 61.75
CA LEU F 214 20.20 -21.35 60.38
C LEU F 214 19.08 -20.78 59.49
N VAL F 215 19.38 -20.03 58.43
CA VAL F 215 18.40 -19.33 57.57
C VAL F 215 18.70 -19.62 56.11
N GLY F 216 17.70 -20.03 55.32
CA GLY F 216 17.91 -20.49 53.94
C GLY F 216 18.90 -21.66 53.79
N GLY F 217 19.12 -22.44 54.86
CA GLY F 217 20.16 -23.48 54.92
C GLY F 217 21.59 -22.97 55.16
N LYS F 218 21.80 -21.66 55.29
CA LYS F 218 23.08 -21.03 55.67
C LYS F 218 23.10 -20.69 57.16
N SER F 219 24.29 -20.57 57.75
CA SER F 219 24.46 -19.96 59.07
C SER F 219 24.18 -18.45 59.03
N THR F 220 24.11 -17.80 60.20
CA THR F 220 23.95 -16.35 60.31
C THR F 220 24.90 -15.75 61.35
N GLY F 221 25.06 -14.42 61.31
CA GLY F 221 25.92 -13.67 62.22
C GLY F 221 25.53 -13.80 63.70
N ASP F 222 26.45 -13.40 64.58
CA ASP F 222 26.35 -13.62 66.02
C ASP F 222 25.13 -12.91 66.64
N ILE F 223 24.34 -13.63 67.47
CA ILE F 223 23.09 -13.14 68.06
C ILE F 223 22.86 -13.73 69.47
N ALA F 224 22.17 -12.97 70.33
CA ALA F 224 22.03 -13.22 71.76
C ALA F 224 20.62 -12.90 72.27
N TYR F 225 20.29 -13.30 73.50
CA TYR F 225 19.00 -13.00 74.12
C TYR F 225 18.74 -11.48 74.18
N ASN F 226 17.52 -11.08 73.83
CA ASN F 226 17.25 -9.75 73.28
C ASN F 226 15.78 -9.32 73.50
N ALA F 227 15.53 -8.01 73.53
CA ALA F 227 14.20 -7.43 73.67
C ALA F 227 13.56 -6.92 72.35
N ASN F 228 14.36 -6.63 71.32
CA ASN F 228 13.91 -5.88 70.14
C ASN F 228 13.79 -6.77 68.88
N ALA F 229 12.60 -6.81 68.26
CA ALA F 229 12.34 -7.66 67.10
C ALA F 229 13.19 -7.29 65.86
N SER F 230 13.59 -6.02 65.70
CA SER F 230 14.48 -5.63 64.60
C SER F 230 15.87 -6.27 64.70
N ALA F 231 16.34 -6.57 65.91
CA ALA F 231 17.59 -7.30 66.13
C ALA F 231 17.49 -8.81 65.82
N ILE F 232 16.27 -9.32 65.57
CA ILE F 232 16.03 -10.64 64.96
C ILE F 232 15.79 -10.48 63.44
N LYS F 233 15.14 -9.41 62.98
CA LYS F 233 14.95 -9.14 61.54
C LYS F 233 16.30 -8.97 60.85
N THR F 234 17.17 -8.09 61.36
CA THR F 234 18.61 -8.08 61.04
C THR F 234 19.26 -9.31 61.66
N ALA F 235 20.22 -9.94 60.98
CA ALA F 235 20.75 -11.28 61.28
C ALA F 235 19.78 -12.45 61.01
N ILE F 236 18.62 -12.20 60.38
CA ILE F 236 17.92 -13.17 59.54
C ILE F 236 17.97 -12.63 58.11
N GLY F 237 17.52 -11.40 57.90
CA GLY F 237 17.95 -10.53 56.81
C GLY F 237 19.30 -9.88 57.10
N ALA F 238 19.83 -9.12 56.13
CA ALA F 238 21.21 -8.65 56.11
C ALA F 238 22.23 -9.81 56.17
N VAL F 239 21.91 -10.88 55.44
CA VAL F 239 22.71 -12.11 55.26
C VAL F 239 22.97 -12.30 53.76
N ASP F 240 24.12 -12.88 53.40
CA ASP F 240 24.54 -13.06 52.00
C ASP F 240 23.86 -14.27 51.32
N ASP F 241 22.53 -14.36 51.41
CA ASP F 241 21.69 -15.44 50.88
C ASP F 241 20.81 -15.04 49.67
N GLY F 242 20.78 -13.76 49.30
CA GLY F 242 20.01 -13.20 48.19
C GLY F 242 18.85 -12.27 48.55
N VAL F 243 18.44 -12.13 49.82
CA VAL F 243 17.26 -11.30 50.19
C VAL F 243 17.54 -10.17 51.19
N ALA F 244 16.88 -9.04 50.97
CA ALA F 244 16.92 -7.88 51.87
C ALA F 244 16.13 -8.14 53.17
N GLU F 245 16.48 -7.47 54.27
CA GLU F 245 15.74 -7.62 55.53
C GLU F 245 14.28 -7.14 55.44
N SER F 246 13.98 -6.20 54.54
CA SER F 246 12.62 -5.73 54.27
C SER F 246 11.69 -6.80 53.67
N ALA F 247 12.23 -7.91 53.18
CA ALA F 247 11.44 -9.06 52.72
C ALA F 247 10.86 -9.91 53.87
N TRP F 248 11.40 -9.81 55.07
CA TRP F 248 10.99 -10.57 56.25
C TRP F 248 10.01 -9.79 57.14
N THR F 249 9.33 -10.49 58.05
CA THR F 249 8.58 -9.88 59.15
C THR F 249 8.76 -10.67 60.44
N VAL F 250 8.82 -9.97 61.57
CA VAL F 250 9.00 -10.54 62.91
C VAL F 250 8.03 -9.89 63.89
N THR F 251 7.32 -10.71 64.67
CA THR F 251 6.33 -10.28 65.66
C THR F 251 6.95 -10.11 67.06
N ALA F 252 6.19 -9.57 68.01
CA ALA F 252 6.62 -9.35 69.39
C ALA F 252 5.46 -9.44 70.40
N ASP F 253 4.54 -10.39 70.17
CA ASP F 253 3.25 -10.49 70.90
C ASP F 253 3.36 -11.02 72.34
N GLY F 254 4.56 -11.34 72.82
CA GLY F 254 4.82 -11.81 74.18
C GLY F 254 6.33 -12.01 74.43
N SER F 255 6.69 -13.12 75.06
CA SER F 255 8.08 -13.64 74.99
C SER F 255 8.40 -14.24 73.62
N ASP F 256 7.37 -14.58 72.84
CA ASP F 256 7.45 -15.10 71.48
C ASP F 256 7.87 -14.03 70.45
N PHE F 257 8.70 -14.43 69.49
CA PHE F 257 9.04 -13.67 68.28
C PHE F 257 8.75 -14.56 67.05
N GLU F 258 7.48 -14.68 66.65
CA GLU F 258 7.14 -15.41 65.42
C GLU F 258 7.68 -14.68 64.18
N ILE F 259 8.25 -15.43 63.23
CA ILE F 259 8.98 -14.97 62.04
C ILE F 259 8.36 -15.55 60.77
N SER F 260 8.29 -14.76 59.69
CA SER F 260 8.04 -15.28 58.34
C SER F 260 8.74 -14.45 57.26
N GLY F 261 8.98 -15.05 56.10
CA GLY F 261 9.72 -14.42 55.00
C GLY F 261 10.01 -15.39 53.85
N PRO F 262 10.83 -14.99 52.87
CA PRO F 262 11.02 -15.74 51.62
C PRO F 262 11.80 -17.05 51.73
N LEU F 263 12.47 -17.33 52.85
CA LEU F 263 13.23 -18.57 53.07
C LEU F 263 12.94 -19.19 54.45
N ALA F 264 13.23 -20.48 54.60
CA ALA F 264 13.06 -21.20 55.85
C ALA F 264 14.04 -20.75 56.94
N VAL F 265 13.66 -20.92 58.22
CA VAL F 265 14.54 -20.71 59.39
C VAL F 265 14.52 -21.92 60.32
N ALA F 266 15.64 -22.17 60.99
CA ALA F 266 15.90 -23.33 61.83
C ALA F 266 16.97 -23.02 62.89
N LEU F 267 17.15 -23.95 63.83
CA LEU F 267 18.11 -23.83 64.94
C LEU F 267 19.56 -24.00 64.45
N GLY F 268 20.43 -23.02 64.67
CA GLY F 268 21.85 -23.09 64.30
C GLY F 268 22.73 -23.63 65.43
N VAL F 269 22.60 -23.04 66.62
CA VAL F 269 23.25 -23.42 67.88
C VAL F 269 22.24 -23.27 69.03
N ASP F 270 22.42 -24.00 70.12
CA ASP F 270 21.52 -23.93 71.29
C ASP F 270 22.23 -24.27 72.62
N SER F 271 21.69 -23.77 73.73
CA SER F 271 21.90 -24.25 75.11
C SER F 271 20.76 -23.76 76.01
N THR F 272 20.49 -24.46 77.12
CA THR F 272 19.30 -24.18 77.97
C THR F 272 19.42 -22.86 78.74
N THR F 273 20.51 -22.66 79.50
CA THR F 273 20.78 -21.43 80.29
C THR F 273 19.60 -21.10 81.23
N GLY F 274 19.24 -22.05 82.10
CA GLY F 274 17.93 -22.05 82.78
C GLY F 274 16.82 -22.49 81.81
N GLY F 275 15.61 -21.93 81.96
CA GLY F 275 14.53 -22.05 80.97
C GLY F 275 14.24 -23.48 80.48
N SER F 276 14.06 -23.62 79.17
CA SER F 276 13.96 -24.92 78.48
C SER F 276 14.55 -24.94 77.06
N GLY F 277 14.32 -23.91 76.23
CA GLY F 277 14.94 -23.79 74.91
C GLY F 277 14.34 -22.72 73.99
N VAL F 278 15.11 -22.30 72.97
CA VAL F 278 14.79 -21.16 72.08
C VAL F 278 13.58 -21.41 71.16
N THR F 279 13.17 -22.66 70.97
CA THR F 279 11.85 -23.06 70.41
C THR F 279 11.52 -22.43 69.05
N VAL F 280 12.15 -22.94 67.98
CA VAL F 280 12.07 -22.33 66.62
C VAL F 280 11.27 -23.15 65.60
N ASP F 281 10.35 -24.01 66.05
CA ASP F 281 9.53 -24.86 65.17
C ASP F 281 8.49 -24.07 64.34
N VAL F 282 7.91 -24.71 63.32
CA VAL F 282 6.79 -24.16 62.54
C VAL F 282 5.58 -23.88 63.42
N VAL F 283 4.88 -22.75 63.21
CA VAL F 283 3.64 -22.35 63.89
C VAL F 283 2.45 -23.22 63.51
N ALA G 2 31.26 19.37 -25.15
CA ALA G 2 31.67 20.74 -24.89
C ALA G 2 30.49 21.71 -24.67
N LEU G 3 30.79 22.88 -24.07
CA LEU G 3 29.82 23.95 -23.84
C LEU G 3 29.45 24.62 -25.17
N LYS G 4 28.16 24.61 -25.55
CA LYS G 4 27.65 25.26 -26.76
C LYS G 4 26.42 26.11 -26.46
N ASP G 5 26.61 27.43 -26.45
CA ASP G 5 25.59 28.38 -25.98
C ASP G 5 24.37 28.49 -26.90
N ASP G 6 24.47 28.04 -28.15
CA ASP G 6 23.36 28.02 -29.12
C ASP G 6 22.62 26.67 -29.19
N ALA G 7 23.08 25.64 -28.45
CA ALA G 7 22.40 24.35 -28.32
C ALA G 7 21.46 24.28 -27.09
N VAL G 8 21.44 25.32 -26.26
CA VAL G 8 20.50 25.49 -25.15
C VAL G 8 19.16 25.98 -25.70
N LEU G 9 18.07 25.23 -25.47
CA LEU G 9 16.80 25.38 -26.19
C LEU G 9 15.69 25.99 -25.32
N ILE G 10 15.03 27.05 -25.79
CA ILE G 10 13.79 27.58 -25.19
C ILE G 10 12.63 27.28 -26.13
N ALA G 11 11.61 26.53 -25.71
CA ALA G 11 10.54 26.06 -26.57
C ALA G 11 9.45 27.12 -26.81
N ALA G 12 9.83 28.31 -27.28
CA ALA G 12 8.93 29.46 -27.38
C ALA G 12 7.75 29.25 -28.34
N ARG G 13 7.94 28.56 -29.47
CA ARG G 13 6.90 28.27 -30.47
C ARG G 13 7.04 26.85 -31.00
N GLY G 14 5.99 26.29 -31.59
CA GLY G 14 6.03 24.93 -32.13
C GLY G 14 4.75 24.46 -32.79
N TYR G 15 4.78 23.26 -33.36
CA TYR G 15 3.70 22.69 -34.16
C TYR G 15 3.68 21.16 -33.98
N VAL G 16 2.51 20.52 -34.12
CA VAL G 16 2.36 19.07 -33.97
C VAL G 16 1.57 18.50 -35.14
N TYR G 17 1.99 17.37 -35.70
CA TYR G 17 1.40 16.75 -36.86
C TYR G 17 1.25 15.23 -36.69
N THR G 18 0.33 14.62 -37.43
CA THR G 18 0.05 13.18 -37.43
C THR G 18 -0.07 12.64 -38.84
N ALA G 19 0.09 11.33 -39.01
CA ALA G 19 -0.08 10.64 -40.29
C ALA G 19 -0.42 9.17 -40.10
N ALA G 20 -0.76 8.45 -41.17
CA ALA G 20 -0.86 6.99 -41.12
C ALA G 20 0.46 6.38 -40.61
N VAL G 21 0.40 5.24 -39.94
CA VAL G 21 1.56 4.58 -39.33
C VAL G 21 2.69 4.38 -40.34
N GLY G 22 3.92 4.70 -39.95
CA GLY G 22 5.14 4.43 -40.71
C GLY G 22 5.62 5.53 -41.66
N THR G 23 4.82 6.55 -42.01
CA THR G 23 5.25 7.60 -42.95
C THR G 23 6.39 8.46 -42.40
N ALA G 24 7.37 8.81 -43.24
CA ALA G 24 8.56 9.57 -42.85
C ALA G 24 8.31 11.07 -42.63
N ALA G 25 8.99 11.66 -41.64
CA ALA G 25 9.10 13.11 -41.48
C ALA G 25 10.09 13.71 -42.51
N PRO G 26 10.10 15.03 -42.75
CA PRO G 26 11.16 15.69 -43.48
C PRO G 26 12.56 15.37 -42.91
N THR G 27 13.54 15.12 -43.77
CA THR G 27 14.95 14.96 -43.39
C THR G 27 15.52 16.27 -42.80
N PRO G 28 16.60 16.25 -42.00
CA PRO G 28 17.12 17.45 -41.35
C PRO G 28 17.66 18.50 -42.32
N SER G 29 18.43 18.08 -43.33
CA SER G 29 18.54 18.82 -44.58
C SER G 29 17.15 18.78 -45.25
N GLN G 30 16.54 19.94 -45.46
CA GLN G 30 15.10 20.10 -45.73
C GLN G 30 14.17 19.91 -44.51
N LEU G 31 14.62 20.24 -43.29
CA LEU G 31 13.76 20.67 -42.18
C LEU G 31 13.91 22.19 -41.92
N LYS G 32 15.09 22.75 -42.23
CA LYS G 32 15.37 24.21 -42.22
C LYS G 32 14.50 25.02 -43.17
N LEU G 33 14.16 24.45 -44.33
CA LEU G 33 13.44 25.12 -45.41
C LEU G 33 11.90 25.05 -45.28
N ILE G 34 11.37 24.10 -44.51
CA ILE G 34 9.95 23.76 -44.48
C ILE G 34 9.07 24.93 -44.04
N ASP G 35 7.93 25.11 -44.68
CA ASP G 35 6.81 25.94 -44.26
C ASP G 35 5.91 25.16 -43.29
N LEU G 36 5.94 25.53 -42.00
CA LEU G 36 5.35 24.71 -40.94
C LEU G 36 3.82 24.85 -40.81
N GLU G 37 3.21 25.96 -41.19
CA GLU G 37 1.75 26.11 -41.17
C GLU G 37 1.05 25.28 -42.25
N HIS G 38 1.79 24.76 -43.23
CA HIS G 38 1.26 24.10 -44.42
C HIS G 38 1.85 22.69 -44.57
N PRO G 39 1.26 21.65 -43.95
CA PRO G 39 1.71 20.27 -44.11
C PRO G 39 1.34 19.68 -45.49
N GLU G 40 0.52 20.35 -46.29
CA GLU G 40 0.42 20.11 -47.74
C GLU G 40 1.69 20.59 -48.48
N ALA G 41 2.09 19.89 -49.54
CA ALA G 41 3.25 20.23 -50.37
C ALA G 41 4.62 20.28 -49.64
N TRP G 42 4.80 19.53 -48.57
CA TRP G 42 6.10 19.27 -47.95
C TRP G 42 7.03 18.39 -48.82
N ASP G 43 8.27 18.24 -48.37
CA ASP G 43 9.27 17.30 -48.90
C ASP G 43 8.72 15.85 -48.99
N ARG G 44 8.22 15.32 -47.87
CA ARG G 44 7.58 14.00 -47.75
C ARG G 44 6.16 14.16 -47.22
N THR G 45 5.18 13.72 -47.99
CA THR G 45 3.75 14.01 -47.80
C THR G 45 3.04 12.98 -46.90
N GLY G 46 1.82 13.29 -46.46
CA GLY G 46 0.97 12.43 -45.63
C GLY G 46 0.67 13.00 -44.23
N TRP G 47 1.38 14.03 -43.81
CA TRP G 47 1.19 14.70 -42.51
C TRP G 47 -0.06 15.58 -42.50
N ASP G 48 -0.72 15.69 -41.35
CA ASP G 48 -1.79 16.65 -41.10
C ASP G 48 -1.58 17.35 -39.76
N LEU G 49 -1.94 18.64 -39.67
CA LEU G 49 -1.80 19.41 -38.44
C LEU G 49 -2.81 18.94 -37.40
N VAL G 50 -2.36 18.77 -36.15
CA VAL G 50 -3.23 18.42 -35.03
C VAL G 50 -4.08 19.61 -34.54
N GLY G 51 -3.69 20.84 -34.89
CA GLY G 51 -4.35 22.08 -34.48
C GLY G 51 -3.66 22.78 -33.30
N HIS G 52 -4.26 23.84 -32.74
CA HIS G 52 -3.62 24.63 -31.68
C HIS G 52 -3.39 23.84 -30.39
N THR G 53 -2.13 23.49 -30.11
CA THR G 53 -1.69 22.96 -28.82
C THR G 53 -1.65 24.09 -27.77
N SER G 54 -1.86 23.80 -26.50
CA SER G 54 -1.88 24.82 -25.42
C SER G 54 -0.60 25.65 -25.31
N GLU G 55 -0.73 26.87 -24.80
CA GLU G 55 0.34 27.86 -24.71
C GLU G 55 1.17 27.81 -23.43
N ASP G 56 0.64 27.20 -22.36
CA ASP G 56 1.32 27.07 -21.07
C ASP G 56 1.72 25.60 -20.77
N ASP G 57 0.78 24.67 -20.92
CA ASP G 57 0.99 23.22 -20.78
C ASP G 57 1.57 22.57 -22.06
N LEU G 58 2.82 22.89 -22.42
CA LEU G 58 3.54 22.35 -23.60
C LEU G 58 3.61 20.81 -23.63
N PRO G 59 3.86 20.17 -24.78
CA PRO G 59 4.06 18.73 -24.86
C PRO G 59 5.12 18.23 -23.89
N GLU G 60 4.85 17.15 -23.16
CA GLU G 60 5.79 16.60 -22.17
C GLU G 60 6.18 15.16 -22.54
N PHE G 61 7.47 14.94 -22.80
CA PHE G 61 8.00 13.65 -23.23
C PHE G 61 8.27 12.73 -22.05
N GLY G 62 7.20 12.32 -21.36
CA GLY G 62 7.28 11.41 -20.24
C GLY G 62 7.73 10.00 -20.62
N PHE G 63 7.70 9.13 -19.63
CA PHE G 63 7.77 7.68 -19.81
C PHE G 63 7.15 6.98 -18.61
N ASP G 64 6.81 5.71 -18.75
CA ASP G 64 6.34 4.87 -17.64
C ASP G 64 7.27 3.67 -17.43
N GLY G 65 7.30 3.12 -16.22
CA GLY G 65 8.23 2.06 -15.84
C GLY G 65 9.66 2.57 -15.67
N GLY G 66 10.64 1.76 -16.04
CA GLY G 66 12.06 2.10 -15.91
C GLY G 66 12.65 1.93 -14.51
N ASP G 67 11.88 1.44 -13.53
CA ASP G 67 12.42 1.15 -12.20
C ASP G 67 13.58 0.16 -12.33
N SER G 68 14.76 0.56 -11.90
CA SER G 68 15.97 -0.25 -12.01
C SER G 68 16.59 -0.46 -10.64
N GLU G 69 17.31 -1.56 -10.48
CA GLU G 69 17.88 -1.98 -9.20
C GLU G 69 19.30 -2.49 -9.39
N VAL G 70 20.18 -2.25 -8.43
CA VAL G 70 21.57 -2.69 -8.50
C VAL G 70 21.72 -4.12 -7.97
N ARG G 71 22.05 -5.06 -8.84
CA ARG G 71 22.24 -6.49 -8.52
C ARG G 71 23.65 -6.79 -8.06
N GLY G 72 23.84 -7.96 -7.45
CA GLY G 72 25.11 -8.35 -6.86
C GLY G 72 25.25 -9.85 -6.67
N SER G 73 26.24 -10.24 -5.88
CA SER G 73 26.58 -11.61 -5.60
C SER G 73 27.11 -11.70 -4.18
N TRP G 74 27.18 -12.89 -3.61
CA TRP G 74 27.67 -13.02 -2.24
C TRP G 74 29.11 -12.51 -2.09
N GLN G 75 29.93 -12.63 -3.14
CA GLN G 75 31.33 -12.21 -3.17
C GLN G 75 31.50 -10.70 -3.35
N LYS G 76 30.89 -10.13 -4.39
CA LYS G 76 30.96 -8.70 -4.75
C LYS G 76 29.57 -8.16 -5.05
N LYS G 77 29.23 -7.01 -4.47
CA LYS G 77 27.96 -6.30 -4.68
C LYS G 77 28.19 -5.18 -5.69
N LYS G 78 27.17 -4.41 -6.07
CA LYS G 78 27.32 -3.38 -7.12
C LYS G 78 27.89 -3.95 -8.43
N LEU G 79 27.43 -5.12 -8.87
CA LEU G 79 27.55 -5.56 -10.26
C LEU G 79 26.55 -4.73 -11.11
N ARG G 80 26.46 -5.00 -12.42
CA ARG G 80 25.59 -4.24 -13.34
C ARG G 80 24.18 -3.98 -12.82
N GLU G 81 23.67 -2.78 -13.05
CA GLU G 81 22.31 -2.38 -12.74
C GLU G 81 21.31 -3.03 -13.71
N VAL G 82 20.10 -3.37 -13.28
CA VAL G 82 19.10 -4.09 -14.10
C VAL G 82 17.79 -3.35 -14.14
N GLU G 83 17.17 -3.20 -15.30
CA GLU G 83 15.82 -2.63 -15.42
C GLU G 83 14.76 -3.68 -15.07
N THR G 84 13.99 -3.45 -14.01
CA THR G 84 12.90 -4.36 -13.60
C THR G 84 11.61 -4.16 -14.39
N GLU G 85 11.44 -3.01 -15.06
CA GLU G 85 10.33 -2.74 -15.98
C GLU G 85 10.85 -2.05 -17.25
N GLU G 86 10.38 -2.47 -18.43
CA GLU G 86 10.78 -1.88 -19.71
C GLU G 86 10.24 -0.44 -19.83
N ILE G 87 11.08 0.55 -20.15
CA ILE G 87 10.64 1.94 -20.28
C ILE G 87 9.64 2.09 -21.43
N ALA G 88 8.44 2.54 -21.12
CA ALA G 88 7.37 2.83 -22.08
C ALA G 88 7.33 4.34 -22.36
N ASP G 89 8.14 4.82 -23.30
CA ASP G 89 8.15 6.23 -23.66
C ASP G 89 6.80 6.70 -24.22
N TYR G 90 6.41 7.94 -23.96
CA TYR G 90 5.21 8.57 -24.51
C TYR G 90 5.36 10.10 -24.58
N VAL G 91 4.50 10.78 -25.31
CA VAL G 91 4.37 12.24 -25.20
C VAL G 91 2.91 12.58 -24.93
N VAL G 92 2.66 13.52 -24.03
CA VAL G 92 1.31 14.05 -23.76
C VAL G 92 1.17 15.41 -24.39
N ILE G 93 0.12 15.61 -25.21
CA ILE G 93 -0.16 16.85 -25.95
C ILE G 93 -1.52 17.38 -25.48
N ASN G 94 -1.66 18.68 -25.25
CA ASN G 94 -2.94 19.29 -24.87
C ASN G 94 -3.51 20.08 -26.06
N LEU G 95 -4.65 19.67 -26.61
CA LEU G 95 -5.23 20.29 -27.81
C LEU G 95 -6.30 21.30 -27.42
N THR G 96 -6.19 22.56 -27.82
CA THR G 96 -7.20 23.58 -27.50
C THR G 96 -8.35 23.65 -28.50
N GLN G 97 -8.24 23.04 -29.67
CA GLN G 97 -9.33 22.94 -30.64
C GLN G 97 -10.36 21.87 -30.27
N PHE G 98 -11.61 22.09 -30.66
CA PHE G 98 -12.72 21.14 -30.50
C PHE G 98 -13.28 20.66 -31.85
N ASP G 99 -12.61 20.92 -32.96
CA ASP G 99 -12.98 20.38 -34.28
C ASP G 99 -12.69 18.87 -34.40
N GLU G 100 -13.18 18.22 -35.46
CA GLU G 100 -12.99 16.79 -35.70
C GLU G 100 -11.52 16.36 -35.74
N THR G 101 -10.64 17.19 -36.29
CA THR G 101 -9.19 16.91 -36.31
C THR G 101 -8.58 16.86 -34.91
N ALA G 102 -9.19 17.47 -33.89
CA ALA G 102 -8.77 17.31 -32.50
C ALA G 102 -9.50 16.15 -31.82
N LEU G 103 -10.80 15.99 -32.08
CA LEU G 103 -11.58 14.94 -31.44
C LEU G 103 -11.24 13.53 -31.95
N GLU G 104 -10.84 13.33 -33.21
CA GLU G 104 -10.42 12.01 -33.69
C GLU G 104 -9.06 11.53 -33.17
N LEU G 105 -8.18 12.41 -32.65
CA LEU G 105 -7.03 11.96 -31.87
C LEU G 105 -7.47 11.45 -30.49
N TYR G 106 -8.44 12.12 -29.86
CA TYR G 106 -8.83 11.86 -28.48
C TYR G 106 -9.86 10.72 -28.33
N PHE G 107 -10.98 10.78 -29.06
CA PHE G 107 -12.06 9.78 -29.01
C PHE G 107 -11.90 8.61 -30.00
N GLY G 108 -10.96 8.66 -30.93
CA GLY G 108 -10.96 7.77 -32.10
C GLY G 108 -11.97 8.22 -33.16
N PRO G 109 -12.08 7.54 -34.30
CA PRO G 109 -12.87 7.97 -35.45
C PRO G 109 -14.34 8.32 -35.17
N ASN G 110 -14.91 9.28 -35.89
CA ASN G 110 -16.32 9.68 -35.81
C ASN G 110 -17.26 8.47 -36.02
N GLN G 111 -18.12 8.15 -35.05
CA GLN G 111 -19.04 6.98 -35.15
C GLN G 111 -20.36 7.30 -35.86
N SER G 112 -20.51 8.50 -36.44
CA SER G 112 -21.76 9.01 -37.05
C SER G 112 -21.54 9.60 -38.44
N ALA G 113 -22.45 9.31 -39.37
CA ALA G 113 -22.31 9.66 -40.78
C ALA G 113 -22.96 11.00 -41.17
N THR G 114 -23.88 11.51 -40.35
CA THR G 114 -24.69 12.70 -40.66
C THR G 114 -23.93 14.01 -40.47
N PRO G 115 -24.23 15.07 -41.24
CA PRO G 115 -23.53 16.34 -41.17
C PRO G 115 -23.77 17.06 -39.85
N GLY G 116 -22.77 17.78 -39.35
CA GLY G 116 -22.87 18.65 -38.17
C GLY G 116 -22.85 17.97 -36.79
N ILE G 117 -22.55 16.67 -36.69
CA ILE G 117 -22.38 15.99 -35.39
C ILE G 117 -21.11 15.13 -35.35
N PHE G 118 -20.64 14.84 -34.14
CA PHE G 118 -19.55 13.91 -33.88
C PHE G 118 -19.99 12.93 -32.80
N GLY G 119 -20.75 11.92 -33.18
CA GLY G 119 -21.21 10.90 -32.25
C GLY G 119 -20.08 9.95 -31.86
N VAL G 120 -20.04 9.51 -30.61
CA VAL G 120 -19.04 8.56 -30.10
C VAL G 120 -19.66 7.46 -29.24
N LYS G 121 -18.96 6.34 -29.10
CA LYS G 121 -19.56 5.05 -28.72
C LYS G 121 -18.66 4.28 -27.75
N SER G 122 -19.19 3.22 -27.15
CA SER G 122 -18.49 2.37 -26.16
C SER G 122 -17.07 2.01 -26.60
N GLY G 123 -16.12 2.15 -25.69
CA GLY G 123 -14.70 2.35 -25.97
C GLY G 123 -13.89 1.12 -26.44
N SER G 124 -12.64 1.04 -25.97
CA SER G 124 -11.62 0.08 -26.42
C SER G 124 -11.13 0.29 -27.86
N VAL G 125 -11.37 1.48 -28.44
CA VAL G 125 -11.03 1.84 -29.82
C VAL G 125 -9.52 1.95 -30.00
N VAL G 126 -8.93 1.15 -30.91
CA VAL G 126 -7.53 1.29 -31.33
C VAL G 126 -7.36 2.53 -32.22
N ASN G 127 -6.28 3.30 -32.00
CA ASN G 127 -6.05 4.57 -32.67
C ASN G 127 -4.55 4.83 -32.91
N GLU G 128 -3.85 3.88 -33.50
CA GLU G 128 -2.42 4.02 -33.77
C GLU G 128 -2.15 5.00 -34.92
N ARG G 129 -1.13 5.85 -34.76
CA ARG G 129 -0.81 6.96 -35.67
C ARG G 129 0.70 7.20 -35.68
N ALA G 130 1.28 7.68 -36.77
CA ALA G 130 2.61 8.26 -36.73
C ALA G 130 2.50 9.69 -36.21
N LEU G 131 3.55 10.19 -35.55
CA LEU G 131 3.55 11.50 -34.89
C LEU G 131 4.81 12.31 -35.23
N LEU G 132 4.66 13.60 -35.49
CA LEU G 132 5.78 14.53 -35.68
C LEU G 132 5.55 15.76 -34.81
N ILE G 133 6.57 16.24 -34.12
CA ILE G 133 6.53 17.48 -33.34
C ILE G 133 7.68 18.37 -33.78
N VAL G 134 7.47 19.68 -33.91
CA VAL G 134 8.54 20.65 -34.18
C VAL G 134 8.60 21.69 -33.08
N ILE G 135 9.78 21.91 -32.50
CA ILE G 135 10.05 22.96 -31.53
C ILE G 135 10.86 24.04 -32.24
N VAL G 136 10.44 25.30 -32.18
CA VAL G 136 11.05 26.42 -32.91
C VAL G 136 11.59 27.47 -31.94
N ASP G 137 12.87 27.82 -32.07
CA ASP G 137 13.55 28.80 -31.23
C ASP G 137 14.51 29.65 -32.08
N ASN G 138 14.10 30.85 -32.50
CA ASN G 138 14.98 31.83 -33.14
C ASN G 138 15.86 31.23 -34.26
N ASP G 139 15.21 30.53 -35.20
CA ASP G 139 15.80 29.90 -36.39
C ASP G 139 16.65 28.63 -36.15
N VAL G 140 16.66 28.04 -34.95
CA VAL G 140 16.96 26.60 -34.77
C VAL G 140 15.67 25.84 -34.48
N ARG G 141 15.47 24.68 -35.11
CA ARG G 141 14.14 24.04 -35.24
C ARG G 141 14.21 22.53 -35.01
N LEU G 142 14.43 22.12 -33.77
CA LEU G 142 14.50 20.71 -33.39
C LEU G 142 13.16 20.02 -33.66
N GLY G 143 13.15 19.05 -34.58
CA GLY G 143 11.99 18.19 -34.85
C GLY G 143 12.07 16.88 -34.09
N PHE G 144 10.98 16.16 -34.03
CA PHE G 144 10.86 14.83 -33.43
C PHE G 144 9.90 13.97 -34.26
N HIS G 145 10.17 12.70 -34.50
CA HIS G 145 9.31 11.83 -35.30
C HIS G 145 9.18 10.42 -34.74
N ALA G 146 7.97 9.86 -34.67
CA ALA G 146 7.71 8.50 -34.24
C ALA G 146 6.88 7.71 -35.26
N ARG G 147 7.38 6.54 -35.69
CA ARG G 147 6.77 5.73 -36.75
C ARG G 147 5.41 5.17 -36.35
N LYS G 148 5.27 4.67 -35.12
CA LYS G 148 4.00 4.26 -34.51
C LYS G 148 3.86 4.77 -33.07
N ALA G 149 2.71 5.35 -32.76
CA ALA G 149 2.29 5.65 -31.41
C ALA G 149 0.81 5.28 -31.22
N SER G 150 0.44 4.64 -30.12
CA SER G 150 -0.94 4.37 -29.74
C SER G 150 -1.52 5.56 -28.97
N LEU G 151 -2.29 6.40 -29.65
CA LEU G 151 -2.94 7.56 -29.03
C LEU G 151 -4.09 7.13 -28.12
N LYS G 152 -4.16 7.70 -26.91
CA LYS G 152 -5.30 7.57 -26.00
C LYS G 152 -5.54 8.83 -25.19
N ARG G 153 -6.79 9.04 -24.76
CA ARG G 153 -7.19 10.11 -23.84
C ARG G 153 -6.47 10.00 -22.50
N GLU G 154 -5.83 11.08 -22.07
CA GLU G 154 -4.93 11.11 -20.88
C GLU G 154 -5.66 11.52 -19.61
N ASP G 155 -6.60 12.47 -19.69
CA ASP G 155 -7.29 13.09 -18.55
C ASP G 155 -8.57 13.80 -19.05
N ALA G 156 -9.43 14.28 -18.15
CA ALA G 156 -10.66 14.99 -18.47
C ALA G 156 -10.47 16.20 -19.40
N ILE G 157 -11.49 16.55 -20.19
CA ILE G 157 -11.49 17.79 -20.99
C ILE G 157 -11.54 18.99 -20.06
N SER G 158 -10.63 19.95 -20.19
CA SER G 158 -10.69 21.20 -19.45
C SER G 158 -11.67 22.18 -20.11
N LEU G 159 -12.48 22.86 -19.29
CA LEU G 159 -13.27 24.04 -19.67
C LEU G 159 -13.12 25.13 -18.60
N ALA G 160 -13.07 26.39 -19.01
CA ALA G 160 -13.04 27.53 -18.11
C ALA G 160 -13.63 28.77 -18.78
N THR G 161 -14.01 29.78 -18.00
CA THR G 161 -14.47 31.08 -18.48
C THR G 161 -13.33 32.05 -18.80
N ASP G 162 -12.16 31.90 -18.17
CA ASP G 162 -11.03 32.82 -18.29
C ASP G 162 -10.09 32.53 -19.47
N GLU G 163 -9.80 31.26 -19.76
CA GLU G 163 -8.81 30.82 -20.75
C GLU G 163 -9.27 29.52 -21.44
N PHE G 164 -8.73 29.22 -22.62
CA PHE G 164 -9.26 28.18 -23.52
C PHE G 164 -9.37 26.80 -22.89
N GLY G 165 -10.43 26.06 -23.25
CA GLY G 165 -10.55 24.65 -22.93
C GLY G 165 -9.52 23.81 -23.68
N ALA G 166 -9.29 22.56 -23.26
CA ALA G 166 -8.33 21.67 -23.92
C ALA G 166 -8.61 20.19 -23.70
N LEU G 167 -8.20 19.34 -24.65
CA LEU G 167 -8.25 17.88 -24.56
C LEU G 167 -6.83 17.30 -24.41
N PRO G 168 -6.51 16.61 -23.30
CA PRO G 168 -5.23 15.95 -23.13
C PRO G 168 -5.15 14.58 -23.82
N VAL G 169 -4.17 14.34 -24.69
CA VAL G 169 -3.97 13.03 -25.35
C VAL G 169 -2.54 12.53 -25.17
N ARG G 170 -2.37 11.25 -24.85
CA ARG G 170 -1.08 10.57 -24.63
C ARG G 170 -0.80 9.67 -25.82
N ALA G 171 0.33 9.83 -26.48
CA ALA G 171 0.77 8.98 -27.57
C ALA G 171 1.85 8.01 -27.06
N THR G 172 1.51 6.78 -26.68
CA THR G 172 2.52 5.78 -26.27
C THR G 172 3.32 5.33 -27.47
N PHE G 173 4.64 5.40 -27.48
CA PHE G 173 5.41 4.91 -28.63
C PHE G 173 5.53 3.39 -28.62
N LEU G 174 5.44 2.75 -29.79
CA LEU G 174 5.50 1.30 -29.98
C LEU G 174 6.45 0.96 -31.14
N ASP G 175 6.99 -0.25 -31.17
CA ASP G 175 7.86 -0.69 -32.26
C ASP G 175 7.10 -0.92 -33.56
N TYR G 176 7.70 -0.53 -34.70
CA TYR G 176 7.14 -0.76 -36.04
C TYR G 176 8.23 -1.27 -37.00
N GLN G 177 8.27 -2.58 -37.17
CA GLN G 177 9.26 -3.32 -37.98
C GLN G 177 10.72 -2.85 -37.75
N SER G 178 11.52 -2.66 -38.81
CA SER G 178 12.96 -2.42 -38.72
C SER G 178 13.37 -1.12 -38.01
N TYR G 179 12.46 -0.15 -37.89
CA TYR G 179 12.79 1.23 -37.55
C TYR G 179 12.96 1.49 -36.05
N ASN G 180 13.61 2.61 -35.72
CA ASN G 180 13.76 3.09 -34.35
C ASN G 180 12.41 3.55 -33.75
N LEU G 181 12.34 3.65 -32.42
CA LEU G 181 11.09 3.92 -31.70
C LEU G 181 10.59 5.34 -31.99
N TYR G 182 11.51 6.29 -31.99
CA TYR G 182 11.36 7.64 -32.47
C TYR G 182 12.75 8.24 -32.73
N GLU G 183 12.82 9.32 -33.48
CA GLU G 183 14.06 9.97 -33.83
C GLU G 183 13.96 11.48 -33.71
N TRP G 184 14.94 12.13 -33.09
CA TRP G 184 15.07 13.59 -33.04
C TRP G 184 15.79 14.09 -34.28
N ILE G 185 15.39 15.24 -34.79
CA ILE G 185 15.87 15.75 -36.08
C ILE G 185 16.37 17.19 -35.93
N GLU G 186 17.67 17.41 -36.11
CA GLU G 186 18.26 18.74 -36.31
C GLU G 186 19.62 18.62 -37.00
N GLU G 187 19.85 19.42 -38.03
CA GLU G 187 20.93 19.23 -38.99
C GLU G 187 22.33 19.46 -38.43
N ASP G 188 22.52 20.52 -37.64
CA ASP G 188 23.84 20.95 -37.16
C ASP G 188 24.33 20.22 -35.91
N TRP G 189 23.47 19.44 -35.27
CA TRP G 189 23.74 18.83 -33.97
C TRP G 189 24.12 17.36 -34.13
N PHE G 190 23.17 16.49 -34.40
CA PHE G 190 23.37 15.04 -34.40
C PHE G 190 24.23 14.55 -35.58
N ASN G 191 25.24 13.74 -35.32
CA ASN G 191 26.15 13.17 -36.33
C ASN G 191 26.89 14.21 -37.20
N ALA G 192 26.85 15.51 -36.89
CA ALA G 192 27.61 16.52 -37.61
C ALA G 192 29.13 16.34 -37.42
N VAL G 193 29.93 16.85 -38.36
CA VAL G 193 31.39 16.67 -38.36
C VAL G 193 32.06 17.33 -37.14
N ASP G 194 32.97 16.60 -36.49
CA ASP G 194 33.68 17.02 -35.27
C ASP G 194 34.87 17.96 -35.59
N ALA G 195 34.61 19.07 -36.28
CA ALA G 195 35.63 20.01 -36.73
C ALA G 195 36.26 20.80 -35.55
N PRO G 196 37.59 20.88 -35.44
CA PRO G 196 38.28 21.60 -34.36
C PRO G 196 38.20 23.12 -34.53
N VAL G 197 38.33 23.85 -33.42
CA VAL G 197 38.34 25.32 -33.41
C VAL G 197 39.65 25.89 -33.96
N VAL G 198 39.56 27.02 -34.67
CA VAL G 198 40.71 27.76 -35.23
C VAL G 198 40.50 29.25 -35.00
N TYR G 199 41.57 29.96 -34.65
CA TYR G 199 41.58 31.40 -34.40
C TYR G 199 42.37 32.11 -35.50
N LEU G 200 41.77 33.07 -36.19
CA LEU G 200 42.48 33.98 -37.09
C LEU G 200 43.16 35.08 -36.29
N LEU G 201 44.44 35.32 -36.54
CA LEU G 201 45.24 36.41 -36.01
C LEU G 201 45.61 37.33 -37.19
N ASP G 202 44.85 38.40 -37.34
CA ASP G 202 44.92 39.32 -38.46
C ASP G 202 45.59 40.63 -38.01
N LEU G 203 46.67 40.98 -38.69
CA LEU G 203 47.56 42.08 -38.30
C LEU G 203 47.03 43.47 -38.68
N GLY G 204 45.85 43.57 -39.31
CA GLY G 204 45.07 44.81 -39.40
C GLY G 204 45.70 45.96 -40.21
N GLY G 205 46.72 45.70 -41.03
CA GLY G 205 47.48 46.71 -41.76
C GLY G 205 48.72 47.25 -41.03
N ALA G 206 49.31 46.46 -40.14
CA ALA G 206 50.51 46.83 -39.37
C ALA G 206 51.72 47.28 -40.21
N THR G 207 52.51 48.21 -39.67
CA THR G 207 53.74 48.74 -40.30
C THR G 207 55.00 48.57 -39.44
N GLY G 208 54.87 48.20 -38.16
CA GLY G 208 55.96 48.20 -37.19
C GLY G 208 55.47 47.89 -35.76
N GLY G 209 56.39 47.88 -34.79
CA GLY G 209 56.05 47.68 -33.37
C GLY G 209 55.79 46.23 -32.95
N ASP G 210 55.25 46.03 -31.74
CA ASP G 210 55.10 44.71 -31.11
C ASP G 210 53.78 44.58 -30.31
N TYR G 211 53.36 43.36 -30.01
CA TYR G 211 52.14 43.08 -29.27
C TYR G 211 52.27 41.82 -28.40
N THR G 212 51.49 41.70 -27.32
CA THR G 212 51.44 40.49 -26.49
C THR G 212 50.16 39.70 -26.78
N LEU G 213 50.29 38.45 -27.19
CA LEU G 213 49.16 37.51 -27.20
C LEU G 213 48.89 36.97 -25.79
N LEU G 214 47.73 36.36 -25.56
CA LEU G 214 47.41 35.65 -24.32
C LEU G 214 46.64 34.35 -24.60
N VAL G 215 46.79 33.37 -23.73
CA VAL G 215 46.20 32.02 -23.81
C VAL G 215 45.64 31.60 -22.45
N GLY G 216 44.40 31.11 -22.40
CA GLY G 216 43.78 30.70 -21.13
C GLY G 216 43.78 31.77 -20.02
N GLY G 217 43.77 33.06 -20.38
CA GLY G 217 43.90 34.18 -19.45
C GLY G 217 45.34 34.58 -19.06
N LYS G 218 46.36 33.89 -19.57
CA LYS G 218 47.79 34.14 -19.30
C LYS G 218 48.47 34.79 -20.50
N SER G 219 49.13 35.92 -20.31
CA SER G 219 49.88 36.61 -21.37
C SER G 219 51.19 35.88 -21.75
N THR G 220 51.76 36.23 -22.90
CA THR G 220 53.13 35.84 -23.29
C THR G 220 53.92 37.04 -23.80
N GLY G 221 55.25 36.92 -23.84
CA GLY G 221 56.18 38.00 -24.19
C GLY G 221 55.98 38.56 -25.60
N ASP G 222 56.41 39.80 -25.82
CA ASP G 222 56.07 40.59 -27.00
C ASP G 222 56.49 39.94 -28.32
N ILE G 223 55.58 39.96 -29.28
CA ILE G 223 55.71 39.46 -30.64
C ILE G 223 55.85 40.66 -31.59
N ALA G 224 56.90 40.68 -32.41
CA ALA G 224 57.07 41.73 -33.41
C ALA G 224 56.04 41.61 -34.55
N TYR G 225 55.69 42.75 -35.15
CA TYR G 225 54.77 42.85 -36.28
C TYR G 225 55.16 41.99 -37.51
N ASN G 226 56.41 41.54 -37.61
CA ASN G 226 56.95 40.72 -38.70
C ASN G 226 57.46 39.33 -38.24
N ALA G 227 57.11 38.88 -37.03
CA ALA G 227 57.46 37.54 -36.56
C ALA G 227 56.83 36.43 -37.43
N ASN G 228 57.52 35.30 -37.60
CA ASN G 228 57.03 34.16 -38.38
C ASN G 228 56.17 33.17 -37.57
N ALA G 229 55.55 32.22 -38.27
CA ALA G 229 54.64 31.22 -37.69
C ALA G 229 55.29 30.38 -36.57
N SER G 230 56.50 29.85 -36.80
CA SER G 230 57.23 29.07 -35.79
C SER G 230 57.63 29.91 -34.58
N ALA G 231 57.96 31.19 -34.76
CA ALA G 231 58.29 32.10 -33.66
C ALA G 231 57.09 32.35 -32.76
N ILE G 232 55.92 32.69 -33.32
CA ILE G 232 54.72 32.90 -32.50
C ILE G 232 54.21 31.60 -31.87
N LYS G 233 54.27 30.46 -32.59
CA LYS G 233 53.98 29.12 -32.04
C LYS G 233 54.90 28.78 -30.85
N THR G 234 56.19 29.08 -30.97
CA THR G 234 57.13 28.90 -29.86
C THR G 234 56.74 29.79 -28.68
N ALA G 235 56.50 31.08 -28.92
CA ALA G 235 56.19 32.04 -27.86
C ALA G 235 54.86 31.76 -27.14
N ILE G 236 53.83 31.28 -27.85
CA ILE G 236 52.56 30.90 -27.21
C ILE G 236 52.66 29.53 -26.50
N GLY G 237 53.49 28.61 -26.99
CA GLY G 237 53.77 27.33 -26.34
C GLY G 237 54.72 27.42 -25.13
N ALA G 238 55.48 28.52 -25.00
CA ALA G 238 56.49 28.71 -23.96
C ALA G 238 55.93 29.12 -22.57
N VAL G 239 54.63 29.38 -22.44
CA VAL G 239 54.01 29.82 -21.17
C VAL G 239 54.05 28.77 -20.06
N ASP G 240 53.76 29.20 -18.83
CA ASP G 240 53.90 28.41 -17.59
C ASP G 240 53.19 27.05 -17.62
N ASP G 241 51.97 26.99 -18.16
CA ASP G 241 51.00 25.92 -17.95
C ASP G 241 51.36 24.54 -18.57
N GLY G 242 52.48 24.43 -19.27
CA GLY G 242 52.98 23.16 -19.80
C GLY G 242 52.26 22.65 -21.06
N VAL G 243 51.32 23.40 -21.64
CA VAL G 243 50.80 23.13 -23.00
C VAL G 243 51.86 23.52 -24.03
N ALA G 244 52.86 22.64 -24.16
CA ALA G 244 54.08 22.88 -24.92
C ALA G 244 53.86 23.02 -26.43
N GLU G 245 54.90 23.46 -27.14
CA GLU G 245 54.90 23.78 -28.58
C GLU G 245 54.24 22.70 -29.46
N SER G 246 54.48 21.42 -29.19
CA SER G 246 53.94 20.30 -29.96
C SER G 246 52.41 20.15 -29.90
N ALA G 247 51.73 20.79 -28.95
CA ALA G 247 50.26 20.80 -28.86
C ALA G 247 49.60 21.80 -29.84
N TRP G 248 50.37 22.68 -30.46
CA TRP G 248 49.86 23.81 -31.26
C TRP G 248 50.05 23.62 -32.76
N THR G 249 49.00 23.94 -33.52
CA THR G 249 49.04 24.06 -34.98
C THR G 249 48.99 25.55 -35.36
N VAL G 250 49.84 25.95 -36.31
CA VAL G 250 49.93 27.32 -36.82
C VAL G 250 50.02 27.34 -38.35
N THR G 251 49.36 28.30 -38.99
CA THR G 251 49.31 28.48 -40.45
C THR G 251 49.29 29.98 -40.80
N ALA G 252 49.52 30.32 -42.08
CA ALA G 252 49.56 31.71 -42.54
C ALA G 252 49.08 31.88 -44.00
N ASP G 253 48.36 32.97 -44.28
CA ASP G 253 48.20 33.56 -45.62
C ASP G 253 47.80 35.05 -45.53
N GLY G 254 47.91 35.80 -46.63
CA GLY G 254 47.58 37.24 -46.67
C GLY G 254 48.44 38.13 -45.77
N SER G 255 49.61 37.64 -45.34
CA SER G 255 50.48 38.16 -44.27
C SER G 255 49.93 38.09 -42.83
N ASP G 256 48.76 37.48 -42.63
CA ASP G 256 48.18 37.13 -41.32
C ASP G 256 48.62 35.72 -40.86
N PHE G 257 48.16 35.30 -39.68
CA PHE G 257 48.39 33.95 -39.14
C PHE G 257 47.10 33.33 -38.60
N GLU G 258 47.05 32.01 -38.49
CA GLU G 258 45.97 31.29 -37.81
C GLU G 258 46.53 30.29 -36.79
N ILE G 259 45.87 30.14 -35.65
CA ILE G 259 46.29 29.32 -34.51
C ILE G 259 45.20 28.31 -34.20
N SER G 260 45.58 27.08 -33.84
CA SER G 260 44.68 26.08 -33.29
C SER G 260 45.40 25.22 -32.25
N GLY G 261 44.70 24.80 -31.20
CA GLY G 261 45.25 24.05 -30.07
C GLY G 261 44.23 23.91 -28.94
N PRO G 262 44.64 23.36 -27.78
CA PRO G 262 43.71 22.95 -26.74
C PRO G 262 43.24 24.08 -25.80
N LEU G 263 43.82 25.28 -25.88
CA LEU G 263 43.39 26.45 -25.08
C LEU G 263 43.02 27.64 -25.97
N ALA G 264 42.04 28.44 -25.55
CA ALA G 264 41.61 29.62 -26.28
C ALA G 264 42.64 30.76 -26.21
N VAL G 265 42.77 31.54 -27.29
CA VAL G 265 43.74 32.64 -27.44
C VAL G 265 43.08 33.99 -27.70
N ALA G 266 43.71 35.07 -27.25
CA ALA G 266 43.22 36.44 -27.39
C ALA G 266 44.39 37.45 -27.38
N LEU G 267 44.10 38.73 -27.66
CA LEU G 267 45.10 39.80 -27.72
C LEU G 267 45.15 40.59 -26.41
N GLY G 268 46.35 40.78 -25.87
CA GLY G 268 46.63 41.61 -24.70
C GLY G 268 46.96 43.05 -25.08
N VAL G 269 48.05 43.59 -24.55
CA VAL G 269 48.57 44.92 -24.91
C VAL G 269 49.12 44.92 -26.33
N ASP G 270 48.87 45.99 -27.08
CA ASP G 270 49.33 46.18 -28.47
C ASP G 270 50.04 47.54 -28.63
N SER G 271 51.25 47.54 -29.19
CA SER G 271 52.00 48.76 -29.57
C SER G 271 52.24 48.86 -31.09
N THR G 272 51.68 47.94 -31.87
CA THR G 272 51.85 47.82 -33.32
C THR G 272 51.45 49.12 -34.03
N THR G 273 52.34 49.67 -34.85
CA THR G 273 52.11 50.92 -35.57
C THR G 273 51.29 50.72 -36.85
N GLY G 274 50.48 51.71 -37.21
CA GLY G 274 49.64 51.68 -38.42
C GLY G 274 48.43 50.74 -38.33
N GLY G 275 47.54 50.83 -39.32
CA GLY G 275 46.36 49.98 -39.41
C GLY G 275 45.36 50.15 -38.26
N SER G 276 44.57 49.11 -37.99
CA SER G 276 43.64 49.05 -36.84
C SER G 276 44.31 48.65 -35.51
N GLY G 277 45.61 48.35 -35.51
CA GLY G 277 46.19 47.43 -34.53
C GLY G 277 45.81 45.97 -34.83
N VAL G 278 46.40 45.02 -34.09
CA VAL G 278 46.18 43.58 -34.31
C VAL G 278 44.73 43.19 -33.95
N THR G 279 44.21 42.15 -34.61
CA THR G 279 42.85 41.64 -34.43
C THR G 279 42.85 40.11 -34.32
N VAL G 280 41.98 39.54 -33.47
CA VAL G 280 41.90 38.08 -33.26
C VAL G 280 40.48 37.61 -32.94
N ASP G 281 40.02 36.56 -33.60
CA ASP G 281 38.73 35.87 -33.34
C ASP G 281 38.68 34.47 -34.00
N VAL G 282 37.69 33.66 -33.62
CA VAL G 282 37.45 32.32 -34.21
C VAL G 282 36.98 32.44 -35.67
N VAL G 283 37.57 31.66 -36.58
CA VAL G 283 37.24 31.61 -38.02
C VAL G 283 37.25 30.18 -38.55
N ALA H 2 -5.74 21.54 -40.00
CA ALA H 2 -5.07 22.83 -40.13
C ALA H 2 -5.27 23.73 -38.91
N LEU H 3 -4.44 24.77 -38.77
CA LEU H 3 -4.69 25.84 -37.79
C LEU H 3 -5.92 26.66 -38.22
N LYS H 4 -6.83 26.92 -37.30
CA LYS H 4 -8.05 27.73 -37.51
C LYS H 4 -8.55 28.30 -36.18
N ASP H 5 -8.57 29.62 -36.09
CA ASP H 5 -8.84 30.37 -34.85
C ASP H 5 -10.31 30.28 -34.38
N ASP H 6 -11.22 29.85 -35.26
CA ASP H 6 -12.64 29.70 -34.96
C ASP H 6 -12.94 28.57 -33.95
N ALA H 7 -12.13 27.51 -33.96
CA ALA H 7 -12.49 26.23 -33.34
C ALA H 7 -11.91 25.98 -31.94
N VAL H 8 -11.20 26.96 -31.35
CA VAL H 8 -10.84 26.93 -29.93
C VAL H 8 -12.03 27.37 -29.07
N LEU H 9 -12.30 26.63 -27.99
CA LEU H 9 -13.52 26.80 -27.20
C LEU H 9 -13.23 27.53 -25.88
N ILE H 10 -14.02 28.56 -25.57
CA ILE H 10 -13.90 29.40 -24.36
C ILE H 10 -15.30 29.60 -23.78
N ALA H 11 -15.64 28.85 -22.73
CA ALA H 11 -16.99 28.65 -22.21
C ALA H 11 -17.53 29.83 -21.37
N ALA H 12 -17.57 31.03 -21.94
CA ALA H 12 -17.94 32.27 -21.22
C ALA H 12 -19.34 32.26 -20.60
N ARG H 13 -20.28 31.48 -21.16
CA ARG H 13 -21.67 31.28 -20.71
C ARG H 13 -22.20 29.98 -21.29
N GLY H 14 -23.28 29.42 -20.75
CA GLY H 14 -23.88 28.19 -21.27
C GLY H 14 -25.15 27.78 -20.54
N TYR H 15 -25.77 26.69 -20.98
CA TYR H 15 -27.02 26.18 -20.44
C TYR H 15 -27.01 24.65 -20.39
N VAL H 16 -27.79 24.07 -19.49
CA VAL H 16 -27.93 22.62 -19.30
C VAL H 16 -29.40 22.24 -19.22
N TYR H 17 -29.82 21.15 -19.84
CA TYR H 17 -31.21 20.71 -19.90
C TYR H 17 -31.32 19.20 -19.73
N THR H 18 -32.49 18.71 -19.32
CA THR H 18 -32.78 17.27 -19.24
C THR H 18 -34.19 16.93 -19.70
N ALA H 19 -34.47 15.68 -20.05
CA ALA H 19 -35.80 15.20 -20.42
C ALA H 19 -35.82 13.66 -20.37
N ALA H 20 -36.94 13.01 -20.67
CA ALA H 20 -37.04 11.54 -20.60
C ALA H 20 -35.96 10.83 -21.43
N VAL H 21 -35.54 9.62 -21.01
CA VAL H 21 -34.54 8.83 -21.75
C VAL H 21 -34.97 8.63 -23.21
N GLY H 22 -34.05 8.79 -24.14
CA GLY H 22 -34.34 8.69 -25.57
C GLY H 22 -34.81 9.98 -26.24
N THR H 23 -35.07 11.06 -25.51
CA THR H 23 -35.47 12.33 -26.14
C THR H 23 -34.35 12.91 -27.00
N ALA H 24 -34.70 13.63 -28.07
CA ALA H 24 -33.78 14.08 -29.10
C ALA H 24 -33.41 15.56 -28.95
N ALA H 25 -32.12 15.88 -29.06
CA ALA H 25 -31.62 17.24 -29.07
C ALA H 25 -32.00 18.00 -30.37
N PRO H 26 -31.98 19.34 -30.37
CA PRO H 26 -32.11 20.12 -31.59
C PRO H 26 -30.96 19.82 -32.56
N THR H 27 -31.23 19.79 -33.87
CA THR H 27 -30.25 19.42 -34.89
C THR H 27 -29.16 20.50 -35.06
N PRO H 28 -28.02 20.20 -35.72
CA PRO H 28 -26.91 21.15 -35.87
C PRO H 28 -27.29 22.50 -36.48
N SER H 29 -28.24 22.51 -37.42
CA SER H 29 -28.73 23.76 -38.00
C SER H 29 -29.64 24.52 -37.03
N GLN H 30 -30.51 23.84 -36.29
CA GLN H 30 -31.40 24.47 -35.31
C GLN H 30 -30.63 25.09 -34.13
N LEU H 31 -29.58 24.44 -33.65
CA LEU H 31 -28.85 24.86 -32.45
C LEU H 31 -28.33 26.31 -32.52
N LYS H 32 -27.99 26.80 -33.72
CA LYS H 32 -27.50 28.18 -33.92
C LYS H 32 -28.61 29.25 -33.96
N LEU H 33 -29.88 28.85 -33.98
CA LEU H 33 -31.03 29.76 -34.16
C LEU H 33 -32.18 29.61 -33.13
N ILE H 34 -32.23 28.53 -32.35
CA ILE H 34 -33.16 28.38 -31.21
C ILE H 34 -32.89 29.40 -30.09
N ASP H 35 -33.87 29.63 -29.22
CA ASP H 35 -33.72 30.47 -28.02
C ASP H 35 -33.51 29.62 -26.76
N LEU H 36 -32.49 29.93 -25.96
CA LEU H 36 -31.93 28.99 -24.98
C LEU H 36 -32.66 29.05 -23.63
N GLU H 37 -33.00 30.22 -23.11
CA GLU H 37 -33.76 30.33 -21.85
C GLU H 37 -35.19 29.76 -21.94
N HIS H 38 -35.69 29.50 -23.15
CA HIS H 38 -37.08 29.16 -23.45
C HIS H 38 -37.24 27.86 -24.24
N PRO H 39 -36.90 26.69 -23.67
CA PRO H 39 -37.03 25.40 -24.36
C PRO H 39 -38.47 24.95 -24.62
N GLU H 40 -39.47 25.76 -24.27
CA GLU H 40 -40.85 25.61 -24.71
C GLU H 40 -41.03 25.96 -26.21
N ALA H 41 -40.10 26.69 -26.82
CA ALA H 41 -40.20 27.25 -28.18
C ALA H 41 -39.47 26.45 -29.29
N TRP H 42 -38.89 25.28 -29.00
CA TRP H 42 -37.88 24.65 -29.87
C TRP H 42 -38.38 23.93 -31.13
N ASP H 43 -39.69 23.72 -31.30
CA ASP H 43 -40.25 23.00 -32.46
C ASP H 43 -39.68 21.58 -32.65
N ARG H 44 -39.40 20.91 -31.53
CA ARG H 44 -38.92 19.52 -31.45
C ARG H 44 -39.63 18.79 -30.32
N THR H 45 -39.20 19.00 -29.08
CA THR H 45 -39.81 18.44 -27.87
C THR H 45 -39.34 19.24 -26.64
N GLY H 46 -40.01 19.08 -25.50
CA GLY H 46 -39.68 19.79 -24.27
C GLY H 46 -38.38 19.29 -23.63
N TRP H 47 -37.43 20.19 -23.42
CA TRP H 47 -36.21 19.99 -22.65
C TRP H 47 -36.24 20.85 -21.39
N ASP H 48 -36.17 20.24 -20.21
CA ASP H 48 -36.32 20.90 -18.91
C ASP H 48 -35.01 21.59 -18.48
N LEU H 49 -34.96 22.91 -18.62
CA LEU H 49 -33.82 23.75 -18.24
C LEU H 49 -33.61 23.70 -16.72
N VAL H 50 -32.47 23.14 -16.28
CA VAL H 50 -32.29 22.69 -14.90
C VAL H 50 -32.19 23.81 -13.86
N GLY H 51 -31.50 24.91 -14.17
CA GLY H 51 -31.25 25.98 -13.20
C GLY H 51 -30.06 26.85 -13.56
N HIS H 52 -29.55 27.61 -12.59
CA HIS H 52 -28.42 28.54 -12.79
C HIS H 52 -27.06 27.88 -13.02
N THR H 53 -26.92 26.57 -12.81
CA THR H 53 -25.61 25.87 -12.85
C THR H 53 -24.62 26.63 -11.94
N SER H 54 -23.34 26.79 -12.30
CA SER H 54 -22.38 27.54 -11.47
C SER H 54 -21.39 28.30 -12.35
N GLU H 55 -21.04 29.52 -11.95
CA GLU H 55 -20.23 30.44 -12.76
C GLU H 55 -18.73 30.32 -12.51
N ASP H 56 -18.34 29.44 -11.59
CA ASP H 56 -17.05 28.73 -11.55
C ASP H 56 -17.28 27.26 -11.14
N ASP H 57 -16.30 26.38 -11.33
CA ASP H 57 -16.53 24.92 -11.40
C ASP H 57 -17.51 24.53 -12.52
N LEU H 58 -17.14 24.87 -13.76
CA LEU H 58 -17.81 24.52 -15.03
C LEU H 58 -17.94 22.98 -15.20
N PRO H 59 -18.80 22.46 -16.08
CA PRO H 59 -19.02 21.03 -16.23
C PRO H 59 -17.75 20.23 -16.51
N GLU H 60 -17.47 19.18 -15.74
CA GLU H 60 -16.20 18.43 -15.80
C GLU H 60 -16.38 17.13 -16.60
N PHE H 61 -15.94 17.07 -17.86
CA PHE H 61 -16.10 15.89 -18.73
C PHE H 61 -15.03 14.81 -18.45
N GLY H 62 -15.15 14.13 -17.32
CA GLY H 62 -14.20 13.10 -16.87
C GLY H 62 -14.32 11.74 -17.56
N PHE H 63 -13.52 10.79 -17.10
CA PHE H 63 -13.75 9.36 -17.25
C PHE H 63 -13.08 8.59 -16.10
N ASP H 64 -13.59 7.40 -15.78
CA ASP H 64 -13.00 6.48 -14.78
C ASP H 64 -12.59 5.17 -15.46
N GLY H 65 -11.57 4.49 -14.92
CA GLY H 65 -10.95 3.34 -15.58
C GLY H 65 -10.06 3.78 -16.74
N GLY H 66 -10.03 3.01 -17.82
CA GLY H 66 -9.22 3.31 -19.01
C GLY H 66 -7.71 3.02 -18.89
N ASP H 67 -7.26 2.31 -17.85
CA ASP H 67 -5.87 1.87 -17.72
C ASP H 67 -5.44 0.97 -18.88
N SER H 68 -4.19 1.10 -19.31
CA SER H 68 -3.61 0.28 -20.37
C SER H 68 -2.12 0.05 -20.16
N GLU H 69 -1.59 -1.04 -20.72
CA GLU H 69 -0.22 -1.50 -20.54
C GLU H 69 0.42 -1.87 -21.88
N VAL H 70 1.70 -1.56 -22.08
CA VAL H 70 2.49 -2.08 -23.20
C VAL H 70 2.85 -3.54 -22.94
N ARG H 71 2.61 -4.43 -23.90
CA ARG H 71 2.71 -5.88 -23.78
C ARG H 71 3.62 -6.43 -24.87
N GLY H 72 4.47 -7.42 -24.56
CA GLY H 72 5.51 -7.86 -25.48
C GLY H 72 5.85 -9.35 -25.39
N SER H 73 7.02 -9.71 -25.93
CA SER H 73 7.50 -11.09 -26.06
C SER H 73 9.00 -11.13 -25.84
N TRP H 74 9.60 -12.30 -25.66
CA TRP H 74 11.04 -12.41 -25.43
C TRP H 74 11.87 -11.98 -26.65
N GLN H 75 11.30 -11.94 -27.86
CA GLN H 75 12.00 -11.48 -29.08
C GLN H 75 11.95 -9.95 -29.25
N LYS H 76 10.75 -9.36 -29.40
CA LYS H 76 10.54 -7.90 -29.40
C LYS H 76 9.56 -7.45 -28.33
N LYS H 77 9.84 -6.29 -27.74
CA LYS H 77 9.45 -5.95 -26.36
C LYS H 77 8.28 -4.99 -26.19
N LYS H 78 7.85 -4.30 -27.25
CA LYS H 78 6.80 -3.25 -27.22
C LYS H 78 5.89 -3.33 -28.44
N LEU H 79 5.24 -4.48 -28.64
CA LEU H 79 4.52 -4.78 -29.89
C LEU H 79 3.00 -4.47 -29.86
N ARG H 80 2.39 -4.40 -28.68
CA ARG H 80 0.94 -4.18 -28.50
C ARG H 80 0.71 -3.31 -27.27
N GLU H 81 -0.30 -2.45 -27.27
CA GLU H 81 -0.84 -1.83 -26.05
C GLU H 81 -2.23 -2.41 -25.77
N VAL H 82 -2.48 -2.92 -24.55
CA VAL H 82 -3.73 -3.60 -24.19
C VAL H 82 -4.47 -2.85 -23.09
N GLU H 83 -5.80 -2.83 -23.16
CA GLU H 83 -6.68 -2.22 -22.16
C GLU H 83 -6.83 -3.14 -20.94
N THR H 84 -6.47 -2.67 -19.74
CA THR H 84 -6.59 -3.42 -18.48
C THR H 84 -7.91 -3.13 -17.75
N GLU H 85 -8.46 -1.93 -17.89
CA GLU H 85 -9.79 -1.54 -17.38
C GLU H 85 -10.54 -0.80 -18.48
N GLU H 86 -11.81 -1.11 -18.77
CA GLU H 86 -12.55 -0.35 -19.78
C GLU H 86 -12.90 1.06 -19.28
N ILE H 87 -13.32 1.94 -20.20
CA ILE H 87 -13.45 3.37 -19.92
C ILE H 87 -14.91 3.79 -19.73
N ALA H 88 -15.23 4.38 -18.57
CA ALA H 88 -16.56 4.85 -18.22
C ALA H 88 -16.62 6.38 -18.24
N ASP H 89 -17.52 6.94 -19.05
CA ASP H 89 -17.64 8.39 -19.25
C ASP H 89 -18.71 9.04 -18.38
N TYR H 90 -18.53 10.33 -18.05
CA TYR H 90 -19.51 11.17 -17.39
C TYR H 90 -19.21 12.65 -17.62
N VAL H 91 -20.14 13.51 -17.25
CA VAL H 91 -19.87 14.92 -16.93
C VAL H 91 -20.28 15.17 -15.48
N VAL H 92 -19.57 16.00 -14.72
CA VAL H 92 -20.00 16.45 -13.39
C VAL H 92 -20.49 17.89 -13.48
N ILE H 93 -21.67 18.19 -12.94
CA ILE H 93 -22.34 19.49 -13.07
C ILE H 93 -22.64 20.05 -11.67
N ASN H 94 -22.41 21.34 -11.43
CA ASN H 94 -22.71 22.00 -10.16
C ASN H 94 -23.95 22.88 -10.32
N LEU H 95 -24.99 22.66 -9.53
CA LEU H 95 -26.25 23.40 -9.60
C LEU H 95 -26.36 24.34 -8.40
N THR H 96 -26.52 25.64 -8.58
CA THR H 96 -26.59 26.60 -7.46
C THR H 96 -27.99 26.92 -6.97
N GLN H 97 -29.06 26.55 -7.68
CA GLN H 97 -30.43 26.79 -7.20
C GLN H 97 -30.98 25.60 -6.41
N PHE H 98 -31.80 25.87 -5.41
CA PHE H 98 -32.44 24.89 -4.53
C PHE H 98 -33.94 24.70 -4.82
N ASP H 99 -34.41 25.16 -5.99
CA ASP H 99 -35.72 24.82 -6.52
C ASP H 99 -35.91 23.30 -6.67
N GLU H 100 -37.15 22.81 -6.69
CA GLU H 100 -37.42 21.39 -6.91
C GLU H 100 -36.84 20.89 -8.23
N THR H 101 -36.81 21.73 -9.27
CA THR H 101 -36.20 21.40 -10.57
C THR H 101 -34.74 20.98 -10.46
N ALA H 102 -33.99 21.52 -9.49
CA ALA H 102 -32.60 21.16 -9.24
C ALA H 102 -32.43 20.06 -8.18
N LEU H 103 -33.19 20.09 -7.08
CA LEU H 103 -33.13 18.99 -6.11
C LEU H 103 -33.53 17.64 -6.71
N GLU H 104 -34.46 17.58 -7.68
CA GLU H 104 -34.81 16.32 -8.34
C GLU H 104 -33.65 15.67 -9.09
N LEU H 105 -32.67 16.43 -9.59
CA LEU H 105 -31.52 15.84 -10.26
C LEU H 105 -30.52 15.27 -9.25
N TYR H 106 -30.32 15.99 -8.14
CA TYR H 106 -29.40 15.57 -7.10
C TYR H 106 -29.93 14.39 -6.28
N PHE H 107 -31.17 14.46 -5.78
CA PHE H 107 -31.77 13.43 -4.93
C PHE H 107 -32.63 12.39 -5.67
N GLY H 108 -32.98 12.60 -6.92
CA GLY H 108 -34.02 11.83 -7.60
C GLY H 108 -35.44 12.35 -7.29
N PRO H 109 -36.49 11.70 -7.79
CA PRO H 109 -37.87 12.19 -7.64
C PRO H 109 -38.30 12.47 -6.21
N ASN H 110 -39.16 13.47 -5.99
CA ASN H 110 -39.67 13.84 -4.67
C ASN H 110 -40.46 12.68 -4.05
N GLN H 111 -40.08 12.23 -2.85
CA GLN H 111 -40.72 11.10 -2.19
C GLN H 111 -42.01 11.45 -1.41
N SER H 112 -42.48 12.71 -1.45
CA SER H 112 -43.69 13.17 -0.76
C SER H 112 -44.64 14.00 -1.63
N ALA H 113 -45.95 13.83 -1.46
CA ALA H 113 -46.98 14.48 -2.25
C ALA H 113 -47.53 15.80 -1.67
N THR H 114 -47.22 16.12 -0.41
CA THR H 114 -47.77 17.31 0.28
C THR H 114 -47.09 18.63 -0.17
N PRO H 115 -47.81 19.76 -0.31
CA PRO H 115 -47.24 21.01 -0.78
C PRO H 115 -46.25 21.62 0.21
N GLY H 116 -45.10 22.09 -0.29
CA GLY H 116 -44.04 22.73 0.48
C GLY H 116 -42.96 21.79 1.03
N ILE H 117 -43.06 20.48 0.80
CA ILE H 117 -42.09 19.47 1.24
C ILE H 117 -41.41 18.81 0.05
N PHE H 118 -40.10 18.66 0.10
CA PHE H 118 -39.37 17.69 -0.72
C PHE H 118 -38.78 16.63 0.20
N GLY H 119 -39.23 15.38 0.07
CA GLY H 119 -38.78 14.28 0.93
C GLY H 119 -37.85 13.32 0.20
N VAL H 120 -37.02 12.59 0.93
CA VAL H 120 -36.13 11.54 0.36
C VAL H 120 -36.10 10.25 1.20
N LYS H 121 -35.66 9.15 0.58
CA LYS H 121 -35.56 7.80 1.18
C LYS H 121 -34.20 7.15 0.91
N SER H 122 -33.91 6.09 1.63
CA SER H 122 -32.54 5.61 1.91
C SER H 122 -31.67 5.22 0.71
N GLY H 123 -32.22 4.87 -0.46
CA GLY H 123 -31.39 4.57 -1.62
C GLY H 123 -32.12 3.90 -2.80
N SER H 124 -31.33 3.36 -3.72
CA SER H 124 -31.77 2.61 -4.92
C SER H 124 -32.67 3.38 -5.90
N VAL H 125 -32.66 4.71 -5.85
CA VAL H 125 -33.39 5.56 -6.81
C VAL H 125 -32.67 5.56 -8.16
N VAL H 126 -33.36 5.29 -9.27
CA VAL H 126 -32.71 5.12 -10.58
C VAL H 126 -32.29 6.44 -11.22
N ASN H 127 -33.20 7.41 -11.33
CA ASN H 127 -32.97 8.75 -11.89
C ASN H 127 -32.31 8.80 -13.29
N GLU H 128 -32.51 7.79 -14.12
CA GLU H 128 -32.05 7.81 -15.52
C GLU H 128 -32.85 8.84 -16.32
N ARG H 129 -32.18 9.81 -16.97
CA ARG H 129 -32.78 10.81 -17.87
C ARG H 129 -31.80 11.31 -18.93
N ALA H 130 -32.29 11.85 -20.03
CA ALA H 130 -31.46 12.40 -21.10
C ALA H 130 -30.88 13.77 -20.74
N LEU H 131 -29.77 14.16 -21.37
CA LEU H 131 -29.00 15.38 -21.05
C LEU H 131 -28.64 16.15 -22.32
N LEU H 132 -28.69 17.47 -22.27
CA LEU H 132 -28.22 18.37 -23.32
C LEU H 132 -27.47 19.51 -22.67
N ILE H 133 -26.33 19.92 -23.22
CA ILE H 133 -25.51 21.03 -22.73
C ILE H 133 -25.19 21.91 -23.92
N VAL H 134 -25.21 23.23 -23.78
CA VAL H 134 -24.78 24.14 -24.84
C VAL H 134 -23.91 25.24 -24.28
N ILE H 135 -22.72 25.40 -24.86
CA ILE H 135 -21.65 26.28 -24.39
C ILE H 135 -21.50 27.41 -25.41
N VAL H 136 -21.63 28.66 -24.98
CA VAL H 136 -21.86 29.78 -25.90
C VAL H 136 -20.87 30.92 -25.68
N ASP H 137 -20.43 31.49 -26.79
CA ASP H 137 -19.67 32.74 -26.88
C ASP H 137 -20.09 33.45 -28.18
N ASN H 138 -19.55 34.63 -28.48
CA ASN H 138 -20.08 35.51 -29.53
C ASN H 138 -20.26 34.78 -30.89
N ASP H 139 -21.51 34.56 -31.29
CA ASP H 139 -21.96 33.88 -32.51
C ASP H 139 -21.50 32.41 -32.68
N VAL H 140 -21.17 31.70 -31.59
CA VAL H 140 -20.78 30.27 -31.60
C VAL H 140 -21.47 29.50 -30.47
N ARG H 141 -21.88 28.26 -30.74
CA ARG H 141 -22.66 27.42 -29.82
C ARG H 141 -22.32 25.93 -29.96
N LEU H 142 -21.24 25.45 -29.37
CA LEU H 142 -21.01 24.00 -29.31
C LEU H 142 -22.06 23.37 -28.39
N GLY H 143 -22.80 22.38 -28.89
CA GLY H 143 -23.72 21.59 -28.11
C GLY H 143 -23.16 20.21 -27.79
N PHE H 144 -23.72 19.57 -26.78
CA PHE H 144 -23.41 18.20 -26.39
C PHE H 144 -24.68 17.50 -25.97
N HIS H 145 -24.88 16.24 -26.35
CA HIS H 145 -26.09 15.50 -26.01
C HIS H 145 -25.79 14.07 -25.58
N ALA H 146 -26.44 13.58 -24.54
CA ALA H 146 -26.40 12.18 -24.13
C ALA H 146 -27.81 11.62 -23.98
N ARG H 147 -28.14 10.60 -24.79
CA ARG H 147 -29.51 10.12 -24.97
C ARG H 147 -30.06 9.33 -23.78
N LYS H 148 -29.17 8.87 -22.90
CA LYS H 148 -29.50 8.27 -21.60
C LYS H 148 -28.32 8.42 -20.63
N ALA H 149 -28.52 9.07 -19.49
CA ALA H 149 -27.55 9.21 -18.42
C ALA H 149 -28.17 8.87 -17.07
N SER H 150 -27.48 8.17 -16.17
CA SER H 150 -27.95 7.92 -14.81
C SER H 150 -27.39 8.99 -13.87
N LEU H 151 -28.15 10.06 -13.65
CA LEU H 151 -27.71 11.18 -12.82
C LEU H 151 -27.62 10.74 -11.35
N LYS H 152 -26.52 11.02 -10.67
CA LYS H 152 -26.37 10.77 -9.23
C LYS H 152 -25.58 11.87 -8.55
N ARG H 153 -25.72 12.02 -7.23
CA ARG H 153 -24.98 13.02 -6.47
C ARG H 153 -23.50 12.64 -6.31
N GLU H 154 -22.61 13.62 -6.49
CA GLU H 154 -21.17 13.38 -6.61
C GLU H 154 -20.40 13.66 -5.32
N ASP H 155 -20.87 14.58 -4.50
CA ASP H 155 -20.19 15.10 -3.32
C ASP H 155 -21.22 15.78 -2.40
N ALA H 156 -20.83 16.19 -1.21
CA ALA H 156 -21.71 16.90 -0.27
C ALA H 156 -22.34 18.18 -0.88
N ILE H 157 -23.49 18.60 -0.36
CA ILE H 157 -24.05 19.93 -0.68
C ILE H 157 -23.13 20.99 -0.09
N SER H 158 -22.55 21.85 -0.93
CA SER H 158 -21.75 22.97 -0.47
C SER H 158 -22.64 24.10 0.03
N LEU H 159 -22.33 24.66 1.20
CA LEU H 159 -22.90 25.90 1.71
C LEU H 159 -21.78 26.86 2.12
N ALA H 160 -21.99 28.15 1.93
CA ALA H 160 -21.09 29.20 2.38
C ALA H 160 -21.87 30.48 2.69
N THR H 161 -21.26 31.38 3.47
CA THR H 161 -21.88 32.63 3.92
C THR H 161 -21.77 33.78 2.91
N ASP H 162 -20.92 33.68 1.88
CA ASP H 162 -20.52 34.82 1.04
C ASP H 162 -20.62 34.59 -0.47
N GLU H 163 -20.71 33.36 -0.95
CA GLU H 163 -21.00 32.99 -2.35
C GLU H 163 -21.89 31.74 -2.41
N PHE H 164 -22.54 31.48 -3.54
CA PHE H 164 -23.66 30.52 -3.62
C PHE H 164 -23.34 29.11 -3.14
N GLY H 165 -24.27 28.49 -2.42
CA GLY H 165 -24.27 27.05 -2.17
C GLY H 165 -24.51 26.27 -3.46
N ALA H 166 -24.09 25.00 -3.52
CA ALA H 166 -24.14 24.20 -4.75
C ALA H 166 -24.41 22.72 -4.50
N LEU H 167 -25.17 22.09 -5.39
CA LEU H 167 -25.47 20.66 -5.45
C LEU H 167 -24.67 20.03 -6.61
N PRO H 168 -23.62 19.23 -6.35
CA PRO H 168 -22.84 18.59 -7.41
C PRO H 168 -23.43 17.24 -7.85
N VAL H 169 -23.67 17.05 -9.15
CA VAL H 169 -24.18 15.79 -9.72
C VAL H 169 -23.28 15.23 -10.82
N ARG H 170 -23.11 13.91 -10.88
CA ARG H 170 -22.38 13.18 -11.92
C ARG H 170 -23.40 12.55 -12.85
N ALA H 171 -23.30 12.82 -14.14
CA ALA H 171 -24.13 12.25 -15.18
C ALA H 171 -23.38 11.11 -15.90
N THR H 172 -23.36 9.90 -15.34
CA THR H 172 -22.72 8.75 -16.02
C THR H 172 -23.49 8.38 -17.27
N PHE H 173 -22.84 8.33 -18.44
CA PHE H 173 -23.52 8.01 -19.70
C PHE H 173 -23.74 6.52 -19.88
N LEU H 174 -24.88 6.13 -20.48
CA LEU H 174 -25.28 4.74 -20.67
C LEU H 174 -25.65 4.47 -22.13
N ASP H 175 -25.46 3.22 -22.56
CA ASP H 175 -25.92 2.73 -23.86
C ASP H 175 -27.46 2.67 -23.94
N TYR H 176 -28.05 2.99 -25.08
CA TYR H 176 -29.52 3.01 -25.27
C TYR H 176 -29.92 2.80 -26.73
N GLN H 177 -30.69 1.74 -27.01
CA GLN H 177 -31.30 1.47 -28.33
C GLN H 177 -30.33 1.53 -29.52
N SER H 178 -29.06 1.14 -29.32
CA SER H 178 -27.97 1.16 -30.31
C SER H 178 -27.57 2.54 -30.86
N TYR H 179 -28.10 3.64 -30.30
CA TYR H 179 -27.55 4.97 -30.52
C TYR H 179 -26.13 5.12 -29.93
N ASN H 180 -25.46 6.21 -30.26
CA ASN H 180 -24.19 6.63 -29.64
C ASN H 180 -24.32 6.81 -28.11
N LEU H 181 -23.21 6.75 -27.36
CA LEU H 181 -23.26 7.11 -25.93
C LEU H 181 -23.56 8.60 -25.77
N TYR H 182 -22.86 9.44 -26.52
CA TYR H 182 -23.01 10.88 -26.53
C TYR H 182 -22.53 11.48 -27.85
N GLU H 183 -22.89 12.72 -28.13
CA GLU H 183 -22.61 13.39 -29.39
C GLU H 183 -22.26 14.85 -29.14
N TRP H 184 -21.23 15.38 -29.80
CA TRP H 184 -21.11 16.83 -29.94
C TRP H 184 -21.90 17.30 -31.15
N ILE H 185 -22.47 18.49 -31.06
CA ILE H 185 -23.31 19.09 -32.09
C ILE H 185 -22.70 20.44 -32.50
N GLU H 186 -22.35 20.62 -33.77
CA GLU H 186 -22.08 21.93 -34.39
C GLU H 186 -22.00 21.77 -35.92
N GLU H 187 -22.67 22.62 -36.71
CA GLU H 187 -22.73 22.44 -38.17
C GLU H 187 -21.54 23.04 -38.94
N ASP H 188 -20.89 24.07 -38.39
CA ASP H 188 -19.65 24.63 -38.95
C ASP H 188 -18.42 23.72 -38.74
N TRP H 189 -18.49 22.80 -37.77
CA TRP H 189 -17.43 21.87 -37.39
C TRP H 189 -17.85 20.44 -37.74
N PHE H 190 -17.06 19.42 -37.37
CA PHE H 190 -17.45 18.01 -37.54
C PHE H 190 -17.78 17.61 -38.99
N ASN H 191 -18.71 16.68 -39.21
CA ASN H 191 -19.03 16.24 -40.57
C ASN H 191 -19.51 17.40 -41.47
N ALA H 192 -18.92 17.52 -42.65
CA ALA H 192 -19.25 18.49 -43.71
C ALA H 192 -19.09 19.97 -43.29
N VAL H 193 -17.86 20.38 -42.98
CA VAL H 193 -17.47 21.79 -42.71
C VAL H 193 -17.47 22.68 -43.97
N ASP H 194 -17.52 22.10 -45.16
CA ASP H 194 -17.30 22.76 -46.46
C ASP H 194 -18.49 23.66 -46.91
N ALA H 195 -18.30 24.40 -48.00
CA ALA H 195 -19.28 25.37 -48.50
C ALA H 195 -20.67 24.72 -48.77
N PRO H 196 -21.77 25.42 -48.44
CA PRO H 196 -23.10 24.83 -48.46
C PRO H 196 -23.58 24.47 -49.86
N VAL H 197 -24.36 23.40 -49.96
CA VAL H 197 -24.96 22.93 -51.22
C VAL H 197 -25.97 23.93 -51.74
N VAL H 198 -25.83 24.36 -53.00
CA VAL H 198 -26.80 25.20 -53.70
C VAL H 198 -27.99 24.35 -54.17
N TYR H 199 -29.19 24.93 -54.17
CA TYR H 199 -30.39 24.33 -54.73
C TYR H 199 -30.80 25.06 -56.00
N LEU H 200 -31.17 24.33 -57.05
CA LEU H 200 -31.73 24.88 -58.29
C LEU H 200 -33.24 24.65 -58.31
N LEU H 201 -33.99 25.71 -58.63
CA LEU H 201 -35.43 25.69 -58.86
C LEU H 201 -35.70 25.99 -60.35
N ASP H 202 -36.47 25.13 -60.99
CA ASP H 202 -36.78 25.13 -62.42
C ASP H 202 -38.22 25.58 -62.67
N LEU H 203 -38.39 26.68 -63.43
CA LEU H 203 -39.68 27.27 -63.83
C LEU H 203 -40.00 27.03 -65.31
N GLY H 204 -39.22 26.22 -66.02
CA GLY H 204 -39.33 26.04 -67.47
C GLY H 204 -40.72 25.63 -67.94
N GLY H 205 -41.38 26.51 -68.70
CA GLY H 205 -42.72 26.29 -69.27
C GLY H 205 -43.88 26.40 -68.29
N ALA H 206 -43.67 26.85 -67.06
CA ALA H 206 -44.73 27.05 -66.07
C ALA H 206 -45.70 28.19 -66.47
N THR H 207 -46.97 28.07 -66.10
CA THR H 207 -48.01 29.12 -66.26
C THR H 207 -48.95 29.11 -65.05
N GLY H 208 -49.37 30.27 -64.55
CA GLY H 208 -50.22 30.41 -63.36
C GLY H 208 -49.47 30.04 -62.08
N GLY H 209 -49.46 28.74 -61.75
CA GLY H 209 -48.51 28.12 -60.84
C GLY H 209 -49.02 27.92 -59.40
N ASP H 210 -48.48 26.89 -58.76
CA ASP H 210 -48.58 26.62 -57.32
C ASP H 210 -47.25 26.04 -56.81
N TYR H 211 -46.99 26.10 -55.51
CA TYR H 211 -45.71 25.69 -54.93
C TYR H 211 -45.87 24.68 -53.78
N THR H 212 -46.51 25.07 -52.67
CA THR H 212 -46.27 24.44 -51.36
C THR H 212 -44.76 24.48 -51.06
N LEU H 213 -44.19 25.68 -51.00
CA LEU H 213 -42.75 25.87 -50.80
C LEU H 213 -42.32 25.48 -49.38
N LEU H 214 -41.31 24.61 -49.25
CA LEU H 214 -40.82 24.09 -47.98
C LEU H 214 -39.43 24.66 -47.66
N VAL H 215 -39.23 25.16 -46.44
CA VAL H 215 -37.92 25.55 -45.91
C VAL H 215 -37.62 24.72 -44.67
N GLY H 216 -36.55 23.91 -44.71
CA GLY H 216 -36.37 22.81 -43.76
C GLY H 216 -37.63 21.92 -43.70
N GLY H 217 -38.12 21.67 -42.49
CA GLY H 217 -39.39 20.95 -42.26
C GLY H 217 -40.66 21.81 -42.35
N LYS H 218 -40.57 23.11 -42.62
CA LYS H 218 -41.67 24.09 -42.52
C LYS H 218 -42.25 24.43 -43.90
N SER H 219 -43.56 24.34 -44.09
CA SER H 219 -44.25 24.88 -45.27
C SER H 219 -44.47 26.40 -45.16
N THR H 220 -44.35 27.12 -46.29
CA THR H 220 -44.19 28.60 -46.31
C THR H 220 -45.12 29.33 -47.29
N GLY H 221 -46.07 28.63 -47.89
CA GLY H 221 -47.01 29.18 -48.89
C GLY H 221 -46.51 29.04 -50.33
N ASP H 222 -46.77 30.06 -51.15
CA ASP H 222 -46.54 30.02 -52.60
C ASP H 222 -46.31 31.42 -53.24
N ILE H 223 -45.88 31.40 -54.51
CA ILE H 223 -45.63 32.55 -55.40
C ILE H 223 -46.28 32.26 -56.77
N ALA H 224 -46.37 33.23 -57.67
CA ALA H 224 -46.79 32.99 -59.06
C ALA H 224 -45.73 32.23 -59.89
N TYR H 225 -46.07 31.81 -61.11
CA TYR H 225 -45.10 31.23 -62.06
C TYR H 225 -44.01 32.25 -62.48
N ASN H 226 -44.38 33.52 -62.65
CA ASN H 226 -43.50 34.64 -63.00
C ASN H 226 -42.82 35.24 -61.74
N ALA H 227 -42.16 34.38 -60.96
CA ALA H 227 -41.45 34.76 -59.74
C ALA H 227 -40.30 35.75 -59.98
N ASN H 228 -39.88 36.43 -58.92
CA ASN H 228 -38.75 37.37 -58.90
C ASN H 228 -37.93 37.20 -57.61
N ALA H 229 -36.66 37.57 -57.60
CA ALA H 229 -35.69 37.25 -56.55
C ALA H 229 -36.16 37.70 -55.15
N SER H 230 -36.59 38.95 -55.00
CA SER H 230 -37.12 39.47 -53.74
C SER H 230 -38.41 38.76 -53.29
N ALA H 231 -39.32 38.47 -54.21
CA ALA H 231 -40.59 37.80 -53.92
C ALA H 231 -40.38 36.35 -53.44
N ILE H 232 -39.59 35.54 -54.14
CA ILE H 232 -39.30 34.17 -53.69
C ILE H 232 -38.47 34.17 -52.40
N LYS H 233 -37.51 35.07 -52.23
CA LYS H 233 -36.77 35.22 -50.97
C LYS H 233 -37.66 35.64 -49.80
N THR H 234 -38.71 36.44 -50.05
CA THR H 234 -39.74 36.77 -49.06
C THR H 234 -40.53 35.53 -48.65
N ALA H 235 -40.92 34.67 -49.61
CA ALA H 235 -41.58 33.40 -49.31
C ALA H 235 -40.66 32.43 -48.54
N ILE H 236 -39.40 32.31 -48.93
CA ILE H 236 -38.38 31.53 -48.20
C ILE H 236 -38.20 32.07 -46.76
N GLY H 237 -38.31 33.39 -46.56
CA GLY H 237 -38.26 34.03 -45.24
C GLY H 237 -39.50 33.83 -44.35
N ALA H 238 -40.62 33.31 -44.89
CA ALA H 238 -41.87 33.10 -44.16
C ALA H 238 -41.84 31.84 -43.25
N VAL H 239 -41.01 31.86 -42.21
CA VAL H 239 -40.77 30.75 -41.26
C VAL H 239 -40.94 31.25 -39.81
N ASP H 240 -41.28 30.36 -38.86
CA ASP H 240 -41.35 30.71 -37.43
C ASP H 240 -39.97 31.16 -36.92
N ASP H 241 -39.88 32.32 -36.26
CA ASP H 241 -38.62 33.03 -35.98
C ASP H 241 -37.70 33.18 -37.22
N GLY H 242 -38.30 33.33 -38.41
CA GLY H 242 -37.63 33.20 -39.70
C GLY H 242 -36.38 34.07 -39.85
N VAL H 243 -35.28 33.43 -40.24
CA VAL H 243 -33.96 34.06 -40.41
C VAL H 243 -33.95 35.09 -41.55
N ALA H 244 -33.07 36.08 -41.44
CA ALA H 244 -33.15 37.32 -42.21
C ALA H 244 -32.99 37.15 -43.74
N GLU H 245 -33.67 38.02 -44.49
CA GLU H 245 -33.52 38.13 -45.96
C GLU H 245 -32.14 38.60 -46.41
N SER H 246 -31.29 39.09 -45.49
CA SER H 246 -29.87 39.35 -45.72
C SER H 246 -29.00 38.09 -45.60
N ALA H 247 -29.43 37.06 -44.85
CA ALA H 247 -28.73 35.79 -44.70
C ALA H 247 -29.04 34.81 -45.85
N TRP H 248 -30.28 34.81 -46.35
CA TRP H 248 -30.64 34.12 -47.59
C TRP H 248 -30.03 34.79 -48.82
N THR H 249 -29.66 33.97 -49.82
CA THR H 249 -29.11 34.43 -51.10
C THR H 249 -29.78 33.68 -52.25
N VAL H 250 -30.13 34.39 -53.33
CA VAL H 250 -30.77 33.81 -54.52
C VAL H 250 -30.27 34.49 -55.79
N THR H 251 -30.31 33.78 -56.91
CA THR H 251 -30.03 34.30 -58.27
C THR H 251 -30.98 33.67 -59.27
N ALA H 252 -31.18 34.31 -60.42
CA ALA H 252 -32.08 33.83 -61.47
C ALA H 252 -31.53 34.09 -62.88
N ASP H 253 -31.85 33.21 -63.82
CA ASP H 253 -31.46 33.30 -65.24
C ASP H 253 -32.47 32.54 -66.11
N GLY H 254 -33.32 33.27 -66.84
CA GLY H 254 -34.31 32.71 -67.76
C GLY H 254 -35.31 31.77 -67.06
N SER H 255 -35.28 30.49 -67.41
CA SER H 255 -36.10 29.43 -66.81
C SER H 255 -35.70 29.03 -65.38
N ASP H 256 -34.53 29.45 -64.89
CA ASP H 256 -33.89 28.85 -63.71
C ASP H 256 -33.70 29.86 -62.57
N PHE H 257 -33.81 29.37 -61.33
CA PHE H 257 -33.45 30.05 -60.10
C PHE H 257 -32.46 29.19 -59.31
N GLU H 258 -31.55 29.81 -58.55
CA GLU H 258 -30.66 29.12 -57.61
C GLU H 258 -30.72 29.77 -56.22
N ILE H 259 -30.62 28.95 -55.17
CA ILE H 259 -30.90 29.31 -53.78
C ILE H 259 -29.79 28.78 -52.87
N SER H 260 -29.32 29.61 -51.93
CA SER H 260 -28.42 29.21 -50.84
C SER H 260 -28.65 30.06 -49.59
N GLY H 261 -28.45 29.50 -48.40
CA GLY H 261 -28.73 30.20 -47.13
C GLY H 261 -28.62 29.31 -45.89
N PRO H 262 -29.11 29.76 -44.73
CA PRO H 262 -28.97 29.08 -43.44
C PRO H 262 -29.61 27.69 -43.31
N LEU H 263 -30.43 27.25 -44.27
CA LEU H 263 -31.24 26.02 -44.17
C LEU H 263 -31.56 25.44 -45.57
N ALA H 264 -31.97 24.17 -45.63
CA ALA H 264 -32.41 23.51 -46.86
C ALA H 264 -33.75 24.08 -47.39
N VAL H 265 -34.02 23.88 -48.69
CA VAL H 265 -35.25 24.30 -49.37
C VAL H 265 -35.77 23.17 -50.28
N ALA H 266 -37.09 22.98 -50.33
CA ALA H 266 -37.77 21.89 -51.04
C ALA H 266 -39.19 22.32 -51.49
N LEU H 267 -39.89 21.46 -52.23
CA LEU H 267 -41.20 21.74 -52.81
C LEU H 267 -42.17 20.58 -52.53
N GLY H 268 -43.40 20.90 -52.10
CA GLY H 268 -44.37 19.89 -51.67
C GLY H 268 -44.95 19.05 -52.83
N VAL H 269 -45.33 19.71 -53.92
CA VAL H 269 -45.79 19.09 -55.17
C VAL H 269 -45.21 19.83 -56.38
N ASP H 270 -44.66 19.13 -57.37
CA ASP H 270 -44.20 19.76 -58.62
C ASP H 270 -45.39 20.32 -59.41
N SER H 271 -45.39 21.61 -59.74
CA SER H 271 -46.60 22.31 -60.21
C SER H 271 -47.21 21.75 -61.49
N THR H 272 -48.54 21.67 -61.54
CA THR H 272 -49.30 20.99 -62.61
C THR H 272 -49.72 21.88 -63.78
N THR H 273 -49.61 23.22 -63.67
CA THR H 273 -50.09 24.17 -64.69
C THR H 273 -48.96 24.77 -65.53
N GLY H 274 -49.14 24.77 -66.85
CA GLY H 274 -48.11 25.06 -67.86
C GLY H 274 -47.78 23.84 -68.72
N GLY H 275 -46.75 23.95 -69.57
CA GLY H 275 -46.31 22.87 -70.46
C GLY H 275 -45.42 21.81 -69.79
N SER H 276 -44.68 22.18 -68.75
CA SER H 276 -43.66 21.32 -68.12
C SER H 276 -43.42 21.58 -66.61
N GLY H 277 -44.32 22.31 -65.95
CA GLY H 277 -44.39 22.41 -64.49
C GLY H 277 -43.23 23.14 -63.78
N VAL H 278 -43.09 22.91 -62.48
CA VAL H 278 -42.06 23.50 -61.59
C VAL H 278 -41.41 22.41 -60.73
N THR H 279 -40.08 22.46 -60.56
CA THR H 279 -39.29 21.44 -59.84
C THR H 279 -38.15 22.09 -59.04
N VAL H 280 -37.67 21.45 -57.98
CA VAL H 280 -36.47 21.90 -57.23
C VAL H 280 -35.57 20.71 -56.86
N ASP H 281 -34.25 20.90 -56.88
CA ASP H 281 -33.24 19.86 -56.58
C ASP H 281 -31.89 20.48 -56.16
N VAL H 282 -30.98 19.69 -55.60
CA VAL H 282 -29.59 20.11 -55.35
C VAL H 282 -28.80 20.31 -56.65
N VAL H 283 -27.78 21.18 -56.62
CA VAL H 283 -26.79 21.39 -57.70
C VAL H 283 -25.63 20.42 -57.59
N ALA I 2 -36.99 25.43 -15.06
CA ALA I 2 -36.64 26.80 -15.46
C ALA I 2 -35.86 27.54 -14.37
N LEU I 3 -34.81 28.27 -14.78
CA LEU I 3 -33.92 29.01 -13.88
C LEU I 3 -34.64 30.18 -13.20
N LYS I 4 -34.46 30.34 -11.88
CA LYS I 4 -35.12 31.38 -11.06
C LYS I 4 -34.12 32.09 -10.14
N ASP I 5 -34.07 33.42 -10.21
CA ASP I 5 -33.06 34.24 -9.53
C ASP I 5 -33.20 34.27 -7.99
N ASP I 6 -34.39 33.99 -7.45
CA ASP I 6 -34.64 33.93 -6.00
C ASP I 6 -34.43 32.53 -5.41
N ALA I 7 -34.19 31.50 -6.22
CA ALA I 7 -34.02 30.12 -5.75
C ALA I 7 -32.55 29.74 -5.45
N VAL I 8 -31.57 30.57 -5.79
CA VAL I 8 -30.16 30.39 -5.40
C VAL I 8 -29.94 30.77 -3.94
N LEU I 9 -29.10 30.03 -3.22
CA LEU I 9 -28.99 30.11 -1.76
C LEU I 9 -27.62 30.61 -1.32
N ILE I 10 -27.57 31.69 -0.52
CA ILE I 10 -26.40 32.10 0.26
C ILE I 10 -26.75 31.99 1.73
N ALA I 11 -26.02 31.20 2.51
CA ALA I 11 -26.40 30.87 3.89
C ALA I 11 -25.97 31.96 4.90
N ALA I 12 -26.39 33.21 4.68
CA ALA I 12 -25.88 34.36 5.42
C ALA I 12 -26.14 34.29 6.94
N ARG I 13 -27.22 33.63 7.35
CA ARG I 13 -27.61 33.36 8.75
C ARG I 13 -28.35 32.04 8.81
N GLY I 14 -28.36 31.38 9.97
CA GLY I 14 -28.98 30.07 10.10
C GLY I 14 -29.12 29.65 11.55
N TYR I 15 -30.03 28.72 11.82
CA TYR I 15 -30.30 28.22 13.17
C TYR I 15 -30.41 26.70 13.14
N VAL I 16 -29.91 26.01 14.16
CA VAL I 16 -29.95 24.56 14.27
C VAL I 16 -30.64 24.17 15.56
N TYR I 17 -31.58 23.23 15.49
CA TYR I 17 -32.47 22.83 16.57
C TYR I 17 -32.52 21.33 16.73
N THR I 18 -32.87 20.85 17.91
CA THR I 18 -33.02 19.42 18.20
C THR I 18 -34.29 19.13 19.00
N ALA I 19 -34.74 17.88 18.97
CA ALA I 19 -35.92 17.43 19.70
C ALA I 19 -35.92 15.91 19.89
N ALA I 20 -36.77 15.37 20.76
CA ALA I 20 -36.94 13.93 20.91
C ALA I 20 -37.32 13.25 19.57
N VAL I 21 -36.94 11.98 19.38
CA VAL I 21 -37.11 11.28 18.11
C VAL I 21 -38.55 11.28 17.63
N GLY I 22 -38.75 11.41 16.31
CA GLY I 22 -40.06 11.49 15.68
C GLY I 22 -40.70 12.88 15.65
N THR I 23 -40.20 13.87 16.39
CA THR I 23 -40.84 15.20 16.49
C THR I 23 -41.04 15.87 15.14
N ALA I 24 -42.23 16.42 14.87
CA ALA I 24 -42.55 17.15 13.64
C ALA I 24 -41.92 18.55 13.60
N ALA I 25 -41.45 18.98 12.42
CA ALA I 25 -41.08 20.37 12.18
C ALA I 25 -42.31 21.28 12.06
N PRO I 26 -42.14 22.62 12.16
CA PRO I 26 -43.15 23.57 11.70
C PRO I 26 -43.58 23.27 10.26
N THR I 27 -44.85 23.50 9.91
CA THR I 27 -45.31 23.25 8.54
C THR I 27 -44.63 24.20 7.54
N PRO I 28 -44.52 23.86 6.25
CA PRO I 28 -43.90 24.71 5.25
C PRO I 28 -44.42 26.15 5.20
N SER I 29 -45.68 26.38 5.54
CA SER I 29 -46.26 27.73 5.60
C SER I 29 -46.03 28.45 6.94
N GLN I 30 -45.93 27.71 8.06
CA GLN I 30 -45.51 28.29 9.34
C GLN I 30 -44.08 28.81 9.29
N LEU I 31 -43.18 28.15 8.55
CA LEU I 31 -41.75 28.48 8.53
C LEU I 31 -41.48 29.94 8.10
N LYS I 32 -42.38 30.53 7.31
CA LYS I 32 -42.35 31.95 6.91
C LYS I 32 -42.58 32.91 8.08
N LEU I 33 -43.46 32.55 9.01
CA LEU I 33 -44.02 33.43 10.04
C LEU I 33 -43.34 33.29 11.40
N ILE I 34 -42.84 32.09 11.74
CA ILE I 34 -42.27 31.80 13.07
C ILE I 34 -41.13 32.74 13.46
N ASP I 35 -41.07 33.06 14.75
CA ASP I 35 -39.89 33.66 15.37
C ASP I 35 -38.84 32.58 15.59
N LEU I 36 -37.72 32.63 14.85
CA LEU I 36 -36.72 31.56 14.87
C LEU I 36 -35.95 31.48 16.18
N GLU I 37 -35.75 32.61 16.86
CA GLU I 37 -34.79 32.70 17.94
C GLU I 37 -35.33 32.22 19.30
N HIS I 38 -36.61 31.83 19.38
CA HIS I 38 -37.30 31.37 20.59
C HIS I 38 -38.26 30.21 20.29
N PRO I 39 -37.78 28.95 20.21
CA PRO I 39 -38.64 27.81 19.91
C PRO I 39 -39.65 27.48 21.03
N GLU I 40 -39.56 28.16 22.17
CA GLU I 40 -40.59 28.13 23.23
C GLU I 40 -41.92 28.78 22.79
N ALA I 41 -41.90 29.66 21.79
CA ALA I 41 -43.07 30.39 21.30
C ALA I 41 -43.86 29.66 20.19
N TRP I 42 -43.33 28.57 19.64
CA TRP I 42 -43.96 27.82 18.55
C TRP I 42 -45.15 26.95 19.01
N ASP I 43 -45.99 26.53 18.08
CA ASP I 43 -46.97 25.46 18.30
C ASP I 43 -46.29 24.08 18.41
N ARG I 44 -45.24 23.83 17.59
CA ARG I 44 -44.35 22.66 17.69
C ARG I 44 -43.46 22.81 18.93
N THR I 45 -43.98 22.41 20.07
CA THR I 45 -43.36 22.61 21.39
C THR I 45 -42.05 21.84 21.59
N GLY I 46 -41.77 20.79 20.80
CA GLY I 46 -40.67 19.86 21.06
C GLY I 46 -39.25 20.39 20.85
N TRP I 47 -39.05 21.50 20.12
CA TRP I 47 -37.72 21.92 19.64
C TRP I 47 -36.94 22.78 20.63
N ASP I 48 -35.61 22.59 20.69
CA ASP I 48 -34.69 23.46 21.41
C ASP I 48 -33.48 23.85 20.55
N LEU I 49 -32.94 25.06 20.75
CA LEU I 49 -31.78 25.54 20.02
C LEU I 49 -30.51 24.84 20.51
N VAL I 50 -29.61 24.47 19.60
CA VAL I 50 -28.37 23.79 19.96
C VAL I 50 -27.31 24.70 20.58
N GLY I 51 -27.49 26.02 20.50
CA GLY I 51 -26.47 27.03 20.82
C GLY I 51 -25.84 27.63 19.57
N HIS I 52 -24.80 28.45 19.71
CA HIS I 52 -24.09 28.99 18.55
C HIS I 52 -23.34 27.91 17.74
N THR I 53 -23.24 28.12 16.44
CA THR I 53 -22.59 27.27 15.44
C THR I 53 -21.57 28.08 14.66
N SER I 54 -20.41 27.54 14.31
CA SER I 54 -19.31 28.36 13.78
C SER I 54 -19.65 29.00 12.45
N GLU I 55 -19.16 30.22 12.20
CA GLU I 55 -19.46 30.98 10.98
C GLU I 55 -18.64 30.50 9.78
N ASP I 56 -17.41 30.04 10.00
CA ASP I 56 -16.52 29.56 8.94
C ASP I 56 -16.89 28.16 8.44
N ASP I 57 -17.20 27.23 9.35
CA ASP I 57 -17.54 25.83 9.08
C ASP I 57 -19.05 25.55 9.22
N LEU I 58 -19.84 25.96 8.23
CA LEU I 58 -21.28 25.65 8.17
C LEU I 58 -21.55 24.13 8.10
N PRO I 59 -22.77 23.65 8.41
CA PRO I 59 -23.14 22.25 8.25
C PRO I 59 -22.83 21.68 6.88
N GLU I 60 -22.16 20.52 6.81
CA GLU I 60 -21.81 19.88 5.54
C GLU I 60 -22.64 18.60 5.35
N PHE I 61 -23.52 18.57 4.35
CA PHE I 61 -24.46 17.47 4.10
C PHE I 61 -23.82 16.35 3.26
N GLY I 62 -22.83 15.65 3.82
CA GLY I 62 -22.13 14.57 3.15
C GLY I 62 -22.93 13.26 3.01
N PHE I 63 -22.29 12.28 2.39
CA PHE I 63 -22.67 10.88 2.46
C PHE I 63 -21.43 9.98 2.40
N ASP I 64 -21.46 8.87 3.13
CA ASP I 64 -20.46 7.79 3.01
C ASP I 64 -21.00 6.69 2.09
N GLY I 65 -20.12 5.88 1.50
CA GLY I 65 -20.52 4.80 0.60
C GLY I 65 -21.03 5.28 -0.76
N GLY I 66 -21.89 4.50 -1.40
CA GLY I 66 -22.40 4.76 -2.75
C GLY I 66 -21.48 4.29 -3.89
N ASP I 67 -20.36 3.67 -3.57
CA ASP I 67 -19.47 3.03 -4.52
C ASP I 67 -20.14 1.82 -5.21
N SER I 68 -19.81 1.57 -6.48
CA SER I 68 -20.35 0.46 -7.26
C SER I 68 -19.40 0.02 -8.37
N GLU I 69 -19.56 -1.22 -8.84
CA GLU I 69 -18.74 -1.84 -9.88
C GLU I 69 -19.63 -2.42 -10.98
N VAL I 70 -19.32 -2.19 -12.25
CA VAL I 70 -19.96 -2.91 -13.38
C VAL I 70 -19.33 -4.28 -13.57
N ARG I 71 -20.16 -5.29 -13.85
CA ARG I 71 -19.72 -6.65 -14.16
C ARG I 71 -20.30 -7.11 -15.48
N GLY I 72 -19.53 -7.91 -16.21
CA GLY I 72 -19.86 -8.35 -17.57
C GLY I 72 -19.36 -9.75 -17.90
N SER I 73 -19.78 -10.24 -19.06
CA SER I 73 -19.44 -11.57 -19.57
C SER I 73 -18.30 -11.51 -20.55
N TRP I 74 -17.83 -12.66 -21.02
CA TRP I 74 -16.93 -12.71 -22.18
C TRP I 74 -17.61 -12.18 -23.45
N GLN I 75 -18.94 -12.26 -23.56
CA GLN I 75 -19.71 -11.76 -24.71
C GLN I 75 -19.95 -10.24 -24.67
N LYS I 76 -20.71 -9.75 -23.67
CA LYS I 76 -21.09 -8.34 -23.46
C LYS I 76 -20.36 -7.75 -22.25
N LYS I 77 -19.63 -6.66 -22.46
CA LYS I 77 -18.62 -6.11 -21.52
C LYS I 77 -19.17 -5.39 -20.27
N LYS I 78 -20.44 -4.99 -20.26
CA LYS I 78 -21.14 -4.34 -19.11
C LYS I 78 -22.59 -4.83 -18.99
N LEU I 79 -22.88 -5.77 -18.09
CA LEU I 79 -24.25 -6.24 -17.83
C LEU I 79 -24.94 -5.46 -16.71
N ARG I 80 -24.40 -5.56 -15.49
CA ARG I 80 -25.07 -5.13 -14.26
C ARG I 80 -24.08 -4.41 -13.35
N GLU I 81 -24.49 -3.33 -12.71
CA GLU I 81 -23.77 -2.81 -11.56
C GLU I 81 -24.13 -3.58 -10.30
N VAL I 82 -23.17 -3.69 -9.38
CA VAL I 82 -23.43 -4.05 -7.98
C VAL I 82 -22.92 -2.93 -7.07
N GLU I 83 -23.71 -2.54 -6.09
CA GLU I 83 -23.26 -1.63 -5.02
C GLU I 83 -22.29 -2.36 -4.10
N THR I 84 -21.19 -1.70 -3.71
CA THR I 84 -20.25 -2.25 -2.73
C THR I 84 -20.54 -1.75 -1.31
N GLU I 85 -21.03 -0.51 -1.17
CA GLU I 85 -21.54 0.07 0.08
C GLU I 85 -22.80 0.91 -0.17
N GLU I 86 -23.84 0.74 0.64
CA GLU I 86 -25.06 1.56 0.55
C GLU I 86 -24.81 3.01 1.00
N ILE I 87 -25.39 3.99 0.30
CA ILE I 87 -25.25 5.42 0.63
C ILE I 87 -25.75 5.69 2.05
N ALA I 88 -24.87 6.16 2.94
CA ALA I 88 -25.19 6.52 4.31
C ALA I 88 -25.13 8.04 4.49
N ASP I 89 -26.29 8.70 4.54
CA ASP I 89 -26.37 10.16 4.62
C ASP I 89 -26.04 10.69 6.01
N TYR I 90 -25.39 11.85 6.10
CA TYR I 90 -25.06 12.49 7.37
C TYR I 90 -24.89 14.00 7.23
N VAL I 91 -24.93 14.73 8.34
CA VAL I 91 -24.54 16.15 8.38
C VAL I 91 -23.61 16.38 9.56
N VAL I 92 -22.53 17.13 9.37
CA VAL I 92 -21.58 17.46 10.44
C VAL I 92 -21.70 18.93 10.81
N ILE I 93 -21.89 19.22 12.08
CA ILE I 93 -22.06 20.58 12.62
C ILE I 93 -20.87 20.95 13.51
N ASN I 94 -20.23 22.10 13.29
CA ASN I 94 -19.26 22.64 14.23
C ASN I 94 -19.97 23.55 15.23
N LEU I 95 -20.36 23.02 16.39
CA LEU I 95 -20.91 23.84 17.48
C LEU I 95 -19.82 24.73 18.08
N THR I 96 -20.19 25.80 18.77
CA THR I 96 -19.24 26.81 19.30
C THR I 96 -19.44 27.10 20.79
N GLN I 97 -20.53 26.63 21.38
CA GLN I 97 -20.97 27.00 22.71
C GLN I 97 -20.68 25.86 23.69
N PHE I 98 -20.12 26.14 24.87
CA PHE I 98 -19.63 25.11 25.79
C PHE I 98 -20.58 24.79 26.97
N ASP I 99 -21.83 25.24 26.95
CA ASP I 99 -22.87 24.81 27.88
C ASP I 99 -23.09 23.29 27.89
N GLU I 100 -23.75 22.79 28.93
CA GLU I 100 -24.31 21.44 28.94
C GLU I 100 -25.22 21.17 27.74
N THR I 101 -25.97 22.19 27.30
CA THR I 101 -26.88 22.13 26.14
C THR I 101 -26.17 21.70 24.86
N ALA I 102 -24.88 22.00 24.72
CA ALA I 102 -24.09 21.70 23.54
C ALA I 102 -23.05 20.60 23.76
N LEU I 103 -22.52 20.41 24.97
CA LEU I 103 -21.71 19.23 25.27
C LEU I 103 -22.54 17.94 25.24
N GLU I 104 -23.82 17.98 25.58
CA GLU I 104 -24.69 16.80 25.59
C GLU I 104 -24.75 16.08 24.23
N LEU I 105 -24.62 16.81 23.11
CA LEU I 105 -24.60 16.21 21.78
C LEU I 105 -23.24 15.60 21.44
N TYR I 106 -22.16 16.27 21.82
CA TYR I 106 -20.81 15.85 21.51
C TYR I 106 -20.41 14.61 22.34
N PHE I 107 -20.74 14.57 23.64
CA PHE I 107 -20.38 13.48 24.56
C PHE I 107 -21.50 12.49 24.93
N GLY I 108 -22.77 12.81 24.71
CA GLY I 108 -23.90 12.09 25.31
C GLY I 108 -24.36 12.75 26.60
N PRO I 109 -25.46 12.29 27.24
CA PRO I 109 -25.98 12.85 28.48
C PRO I 109 -24.97 12.93 29.62
N ASN I 110 -25.10 13.93 30.49
CA ASN I 110 -24.23 14.15 31.65
C ASN I 110 -24.28 12.96 32.62
N GLN I 111 -23.13 12.38 33.02
CA GLN I 111 -23.06 11.23 33.93
C GLN I 111 -22.64 11.60 35.36
N SER I 112 -22.79 12.86 35.76
CA SER I 112 -22.72 13.31 37.16
C SER I 112 -23.93 14.16 37.53
N ALA I 113 -24.46 13.98 38.74
CA ALA I 113 -25.60 14.75 39.23
C ALA I 113 -25.22 16.06 39.96
N THR I 114 -23.95 16.26 40.34
CA THR I 114 -23.54 17.40 41.17
C THR I 114 -23.60 18.72 40.40
N PRO I 115 -24.00 19.84 41.03
CA PRO I 115 -24.12 21.13 40.36
C PRO I 115 -22.74 21.67 39.97
N GLY I 116 -22.64 22.28 38.78
CA GLY I 116 -21.41 22.83 38.25
C GLY I 116 -20.45 21.84 37.58
N ILE I 117 -20.86 20.59 37.33
CA ILE I 117 -20.01 19.55 36.72
C ILE I 117 -20.73 18.83 35.59
N PHE I 118 -20.01 18.61 34.48
CA PHE I 118 -20.37 17.64 33.44
C PHE I 118 -19.29 16.57 33.37
N GLY I 119 -19.61 15.33 33.70
CA GLY I 119 -18.65 14.23 33.68
C GLY I 119 -19.11 13.08 32.81
N VAL I 120 -18.18 12.26 32.33
CA VAL I 120 -18.48 11.08 31.50
C VAL I 120 -17.62 9.86 31.84
N LYS I 121 -18.17 8.66 31.69
CA LYS I 121 -17.45 7.38 31.78
C LYS I 121 -16.95 6.94 30.40
N SER I 122 -16.11 5.90 30.38
CA SER I 122 -15.59 5.27 29.16
C SER I 122 -16.65 4.53 28.34
N GLY I 123 -16.31 4.23 27.08
CA GLY I 123 -17.14 3.46 26.15
C GLY I 123 -18.12 4.29 25.31
N SER I 124 -18.74 3.66 24.32
CA SER I 124 -19.68 4.28 23.37
C SER I 124 -21.04 4.61 24.00
N VAL I 125 -21.69 5.67 23.55
CA VAL I 125 -23.05 6.09 23.93
C VAL I 125 -23.88 6.36 22.67
N VAL I 126 -25.15 5.95 22.63
CA VAL I 126 -25.93 5.93 21.38
C VAL I 126 -26.50 7.30 20.95
N ASN I 127 -27.02 8.09 21.88
CA ASN I 127 -27.41 9.50 21.74
C ASN I 127 -28.19 9.87 20.46
N GLU I 128 -29.41 9.37 20.30
CA GLU I 128 -30.22 9.60 19.09
C GLU I 128 -31.33 10.63 19.32
N ARG I 129 -31.45 11.61 18.42
CA ARG I 129 -32.50 12.65 18.50
C ARG I 129 -32.84 13.27 17.14
N ALA I 130 -34.00 13.91 17.04
CA ALA I 130 -34.44 14.60 15.82
C ALA I 130 -33.70 15.92 15.63
N LEU I 131 -33.59 16.41 14.40
CA LEU I 131 -32.81 17.58 14.02
C LEU I 131 -33.57 18.45 13.04
N LEU I 132 -33.56 19.77 13.22
CA LEU I 132 -34.13 20.74 12.30
C LEU I 132 -33.06 21.81 12.07
N ILE I 133 -32.89 22.26 10.84
CA ILE I 133 -31.97 23.32 10.46
C ILE I 133 -32.76 24.33 9.65
N VAL I 134 -32.64 25.62 9.94
CA VAL I 134 -33.23 26.66 9.11
C VAL I 134 -32.12 27.52 8.55
N ILE I 135 -31.98 27.59 7.23
CA ILE I 135 -31.06 28.51 6.56
C ILE I 135 -31.86 29.73 6.16
N VAL I 136 -31.44 30.94 6.55
CA VAL I 136 -32.22 32.16 6.37
C VAL I 136 -31.38 33.31 5.86
N ASP I 137 -31.84 33.99 4.83
CA ASP I 137 -31.24 35.25 4.35
C ASP I 137 -32.29 36.13 3.68
N ASN I 138 -32.17 37.46 3.80
CA ASN I 138 -32.97 38.43 3.05
C ASN I 138 -34.49 38.11 2.94
N ASP I 139 -35.08 37.67 4.06
CA ASP I 139 -36.50 37.26 4.18
C ASP I 139 -36.94 36.06 3.31
N VAL I 140 -36.02 35.14 2.97
CA VAL I 140 -36.35 33.79 2.47
C VAL I 140 -35.69 32.74 3.36
N ARG I 141 -36.38 31.60 3.58
CA ARG I 141 -35.99 30.53 4.52
C ARG I 141 -36.08 29.19 3.84
N LEU I 142 -35.06 28.35 3.96
CA LEU I 142 -35.11 26.94 3.59
C LEU I 142 -34.97 26.14 4.87
N GLY I 143 -35.95 25.33 5.23
CA GLY I 143 -35.81 24.41 6.34
C GLY I 143 -35.28 23.05 5.89
N PHE I 144 -34.69 22.31 6.81
CA PHE I 144 -34.32 20.91 6.64
C PHE I 144 -34.70 20.16 7.91
N HIS I 145 -35.25 18.96 7.82
CA HIS I 145 -35.77 18.25 8.99
C HIS I 145 -35.53 16.74 8.94
N ALA I 146 -34.93 16.16 9.98
CA ALA I 146 -34.70 14.74 10.11
C ALA I 146 -35.41 14.16 11.35
N ARG I 147 -36.25 13.15 11.14
CA ARG I 147 -37.08 12.54 12.21
C ARG I 147 -36.26 11.75 13.23
N LYS I 148 -35.13 11.18 12.85
CA LYS I 148 -34.11 10.66 13.78
C LYS I 148 -32.72 10.78 13.19
N ALA I 149 -31.73 11.03 14.04
CA ALA I 149 -30.31 10.96 13.72
C ALA I 149 -29.54 10.40 14.92
N SER I 150 -28.42 9.71 14.70
CA SER I 150 -27.52 9.27 15.77
C SER I 150 -26.37 10.26 15.86
N LEU I 151 -26.13 10.86 17.03
CA LEU I 151 -25.16 11.95 17.18
C LEU I 151 -23.85 11.46 17.81
N LYS I 152 -22.71 11.84 17.25
CA LYS I 152 -21.39 11.40 17.69
C LYS I 152 -20.34 12.48 17.49
N ARG I 153 -19.31 12.54 18.33
CA ARG I 153 -18.16 13.42 18.09
C ARG I 153 -17.46 13.03 16.80
N GLU I 154 -17.17 14.02 15.95
CA GLU I 154 -16.60 13.83 14.62
C GLU I 154 -15.07 13.91 14.63
N ASP I 155 -14.53 14.76 15.50
CA ASP I 155 -13.11 15.15 15.53
C ASP I 155 -12.78 15.72 16.92
N ALA I 156 -11.52 15.98 17.22
CA ALA I 156 -11.11 16.58 18.48
C ALA I 156 -11.83 17.92 18.76
N ILE I 157 -12.08 18.25 20.03
CA ILE I 157 -12.42 19.63 20.42
C ILE I 157 -11.29 20.54 19.96
N SER I 158 -11.63 21.64 19.30
CA SER I 158 -10.65 22.60 18.79
C SER I 158 -10.62 23.84 19.66
N LEU I 159 -9.43 24.24 20.12
CA LEU I 159 -9.21 25.48 20.87
C LEU I 159 -8.22 26.37 20.13
N ALA I 160 -8.45 27.68 20.19
CA ALA I 160 -7.55 28.70 19.68
C ALA I 160 -7.67 29.96 20.55
N THR I 161 -6.62 30.78 20.56
CA THR I 161 -6.59 32.05 21.31
C THR I 161 -7.25 33.21 20.56
N ASP I 162 -7.24 33.20 19.23
CA ASP I 162 -7.70 34.33 18.41
C ASP I 162 -9.21 34.34 18.15
N GLU I 163 -9.83 33.17 17.95
CA GLU I 163 -11.24 32.99 17.60
C GLU I 163 -11.83 31.75 18.30
N PHE I 164 -13.15 31.62 18.36
CA PHE I 164 -13.85 30.71 19.28
C PHE I 164 -13.43 29.24 19.19
N GLY I 165 -13.50 28.52 20.31
CA GLY I 165 -13.36 27.06 20.33
C GLY I 165 -14.54 26.37 19.66
N ALA I 166 -14.37 25.15 19.16
CA ALA I 166 -15.37 24.42 18.39
C ALA I 166 -15.52 22.95 18.83
N LEU I 167 -16.76 22.46 18.84
CA LEU I 167 -17.15 21.10 19.22
C LEU I 167 -17.77 20.39 17.99
N PRO I 168 -16.99 19.73 17.12
CA PRO I 168 -17.49 19.16 15.87
C PRO I 168 -18.26 17.86 16.10
N VAL I 169 -19.53 17.81 15.73
CA VAL I 169 -20.44 16.66 15.94
C VAL I 169 -21.05 16.22 14.62
N ARG I 170 -21.15 14.92 14.37
CA ARG I 170 -21.81 14.35 13.19
C ARG I 170 -23.16 13.76 13.57
N ALA I 171 -24.20 14.15 12.86
CA ALA I 171 -25.49 13.51 12.88
C ALA I 171 -25.61 12.55 11.69
N THR I 172 -25.65 11.24 11.93
CA THR I 172 -25.92 10.25 10.87
C THR I 172 -27.41 10.02 10.80
N PHE I 173 -28.04 10.21 9.64
CA PHE I 173 -29.49 10.06 9.52
C PHE I 173 -29.90 8.60 9.57
N LEU I 174 -31.00 8.30 10.26
CA LEU I 174 -31.59 6.96 10.30
C LEU I 174 -33.07 7.03 9.95
N ASP I 175 -33.56 6.05 9.19
CA ASP I 175 -34.96 5.96 8.83
C ASP I 175 -35.84 5.71 10.08
N TYR I 176 -37.09 6.18 10.07
CA TYR I 176 -37.97 6.15 11.24
C TYR I 176 -39.44 5.88 10.87
N GLN I 177 -39.96 4.71 11.25
CA GLN I 177 -41.38 4.34 11.26
C GLN I 177 -42.20 4.88 10.06
N SER I 178 -41.80 4.49 8.85
CA SER I 178 -42.49 4.83 7.58
C SER I 178 -42.48 6.32 7.18
N TYR I 179 -41.92 7.23 7.96
CA TYR I 179 -41.66 8.62 7.53
C TYR I 179 -40.39 8.68 6.66
N ASN I 180 -40.17 9.82 5.98
CA ASN I 180 -38.99 10.01 5.12
C ASN I 180 -37.68 10.06 5.92
N LEU I 181 -36.54 9.83 5.26
CA LEU I 181 -35.23 9.90 5.92
C LEU I 181 -34.93 11.33 6.37
N TYR I 182 -35.24 12.33 5.54
CA TYR I 182 -35.33 13.74 5.90
C TYR I 182 -36.14 14.53 4.88
N GLU I 183 -36.60 15.71 5.26
CA GLU I 183 -37.41 16.61 4.46
C GLU I 183 -36.63 17.90 4.22
N TRP I 184 -36.79 18.55 3.07
CA TRP I 184 -36.48 19.97 2.87
C TRP I 184 -37.79 20.73 2.79
N ILE I 185 -37.97 21.80 3.54
CA ILE I 185 -39.29 22.37 3.77
C ILE I 185 -39.32 23.87 3.44
N GLU I 186 -40.10 24.25 2.42
CA GLU I 186 -40.30 25.62 1.96
C GLU I 186 -41.51 25.71 1.02
N GLU I 187 -42.51 26.54 1.32
CA GLU I 187 -43.81 26.56 0.63
C GLU I 187 -43.71 26.88 -0.86
N ASP I 188 -42.84 27.82 -1.24
CA ASP I 188 -42.76 28.33 -2.62
C ASP I 188 -42.05 27.40 -3.61
N TRP I 189 -41.24 26.45 -3.14
CA TRP I 189 -40.30 25.71 -4.00
C TRP I 189 -40.72 24.27 -4.29
N PHE I 190 -41.21 23.52 -3.30
CA PHE I 190 -41.41 22.08 -3.42
C PHE I 190 -42.89 21.72 -3.53
N ASN I 191 -43.29 20.90 -4.51
CA ASN I 191 -44.71 20.64 -4.81
C ASN I 191 -45.52 21.94 -5.04
N ALA I 192 -44.86 23.03 -5.46
CA ALA I 192 -45.52 24.30 -5.75
C ALA I 192 -46.46 24.20 -6.96
N VAL I 193 -47.48 25.05 -7.03
CA VAL I 193 -48.45 25.05 -8.14
C VAL I 193 -47.84 25.66 -9.40
N ASP I 194 -47.70 24.85 -10.45
CA ASP I 194 -47.16 25.29 -11.74
C ASP I 194 -48.16 26.17 -12.50
N ALA I 195 -47.66 27.25 -13.11
CA ALA I 195 -48.39 28.13 -14.01
C ALA I 195 -47.42 28.76 -15.03
N PRO I 196 -47.90 29.22 -16.21
CA PRO I 196 -47.09 29.97 -17.16
C PRO I 196 -46.47 31.24 -16.57
N VAL I 197 -45.38 31.73 -17.16
CA VAL I 197 -44.98 33.13 -17.00
C VAL I 197 -46.00 34.01 -17.71
N VAL I 198 -46.52 35.03 -17.03
CA VAL I 198 -47.55 35.92 -17.55
C VAL I 198 -46.98 37.32 -17.74
N TYR I 199 -47.35 37.96 -18.84
CA TYR I 199 -46.99 39.35 -19.16
C TYR I 199 -48.27 40.17 -19.31
N LEU I 200 -48.24 41.44 -18.93
CA LEU I 200 -49.37 42.35 -19.12
C LEU I 200 -48.92 43.62 -19.83
N LEU I 201 -49.80 44.14 -20.69
CA LEU I 201 -49.64 45.39 -21.45
C LEU I 201 -50.76 46.34 -21.04
N ASP I 202 -50.47 47.54 -20.56
CA ASP I 202 -51.48 48.55 -20.21
C ASP I 202 -51.21 49.88 -20.94
N LEU I 203 -52.27 50.45 -21.52
CA LEU I 203 -52.18 51.61 -22.41
C LEU I 203 -51.99 52.97 -21.71
N GLY I 204 -52.08 53.04 -20.38
CA GLY I 204 -51.90 54.29 -19.62
C GLY I 204 -52.89 55.41 -19.97
N GLY I 205 -54.07 55.07 -20.51
CA GLY I 205 -55.05 56.03 -21.02
C GLY I 205 -54.58 56.81 -22.25
N ALA I 206 -53.67 56.26 -23.05
CA ALA I 206 -53.12 56.89 -24.26
C ALA I 206 -54.22 57.41 -25.19
N THR I 207 -54.23 58.73 -25.43
CA THR I 207 -55.23 59.41 -26.26
C THR I 207 -55.03 59.22 -27.76
N GLY I 208 -53.84 58.84 -28.21
CA GLY I 208 -53.57 58.53 -29.62
C GLY I 208 -52.08 58.44 -29.95
N GLY I 209 -51.64 57.31 -30.51
CA GLY I 209 -50.24 57.06 -30.87
C GLY I 209 -49.94 55.59 -31.15
N ASP I 210 -48.66 55.22 -31.15
CA ASP I 210 -48.17 53.87 -31.47
C ASP I 210 -47.04 53.42 -30.54
N TYR I 211 -46.88 52.10 -30.40
CA TYR I 211 -45.86 51.45 -29.58
C TYR I 211 -45.34 50.19 -30.28
N THR I 212 -44.37 49.49 -29.67
CA THR I 212 -43.82 48.23 -30.20
C THR I 212 -43.67 47.17 -29.11
N LEU I 213 -44.15 45.94 -29.35
CA LEU I 213 -43.79 44.77 -28.54
C LEU I 213 -42.38 44.27 -28.90
N LEU I 214 -41.63 43.85 -27.89
CA LEU I 214 -40.29 43.30 -28.00
C LEU I 214 -40.31 41.85 -27.50
N VAL I 215 -40.45 40.89 -28.42
CA VAL I 215 -40.64 39.46 -28.15
C VAL I 215 -39.38 38.66 -28.49
N GLY I 216 -38.90 37.82 -27.57
CA GLY I 216 -37.71 36.98 -27.78
C GLY I 216 -36.43 37.76 -28.14
N GLY I 217 -36.33 39.02 -27.69
CA GLY I 217 -35.25 39.95 -28.06
C GLY I 217 -35.46 40.69 -29.39
N LYS I 218 -36.57 40.48 -30.09
CA LYS I 218 -36.90 41.10 -31.39
C LYS I 218 -37.97 42.18 -31.22
N SER I 219 -37.70 43.41 -31.65
CA SER I 219 -38.71 44.47 -31.75
C SER I 219 -39.59 44.22 -32.97
N THR I 220 -40.87 43.88 -32.78
CA THR I 220 -41.72 43.35 -33.87
C THR I 220 -42.07 44.39 -34.95
N GLY I 221 -42.41 45.61 -34.55
CA GLY I 221 -42.89 46.68 -35.43
C GLY I 221 -43.91 47.60 -34.74
N ASP I 222 -44.48 48.54 -35.49
CA ASP I 222 -45.50 49.46 -34.98
C ASP I 222 -46.84 48.76 -34.70
N ILE I 223 -47.46 49.07 -33.56
CA ILE I 223 -48.85 48.75 -33.24
C ILE I 223 -49.52 49.97 -32.57
N ALA I 224 -50.76 50.27 -32.96
CA ALA I 224 -51.47 51.47 -32.54
C ALA I 224 -52.08 51.34 -31.12
N TYR I 225 -52.38 52.48 -30.51
CA TYR I 225 -53.31 52.58 -29.38
C TYR I 225 -54.70 52.03 -29.74
N ASN I 226 -55.51 51.67 -28.73
CA ASN I 226 -56.84 51.07 -28.88
C ASN I 226 -56.85 49.80 -29.77
N ALA I 227 -55.78 49.02 -29.76
CA ALA I 227 -55.69 47.70 -30.38
C ALA I 227 -56.60 46.66 -29.69
N ASN I 228 -56.55 45.42 -30.17
CA ASN I 228 -57.35 44.29 -29.67
C ASN I 228 -56.50 43.00 -29.54
N ALA I 229 -57.02 42.01 -28.83
CA ALA I 229 -56.29 40.79 -28.46
C ALA I 229 -55.71 40.04 -29.67
N SER I 230 -56.48 39.87 -30.75
CA SER I 230 -55.99 39.19 -31.96
C SER I 230 -54.95 40.03 -32.71
N ALA I 231 -55.04 41.36 -32.72
CA ALA I 231 -54.01 42.21 -33.32
C ALA I 231 -52.67 42.12 -32.57
N ILE I 232 -52.67 42.21 -31.23
CA ILE I 232 -51.42 42.13 -30.48
C ILE I 232 -50.85 40.69 -30.47
N LYS I 233 -51.70 39.65 -30.50
CA LYS I 233 -51.25 38.27 -30.72
C LYS I 233 -50.62 38.08 -32.10
N THR I 234 -51.23 38.65 -33.15
CA THR I 234 -50.66 38.66 -34.51
C THR I 234 -49.26 39.28 -34.50
N ALA I 235 -49.08 40.41 -33.80
CA ALA I 235 -47.79 41.10 -33.69
C ALA I 235 -46.67 40.27 -33.02
N ILE I 236 -46.94 39.13 -32.38
CA ILE I 236 -45.91 38.25 -31.80
C ILE I 236 -45.92 36.82 -32.36
N GLY I 237 -46.79 36.52 -33.33
CA GLY I 237 -46.79 35.25 -34.05
C GLY I 237 -45.95 35.29 -35.34
N ALA I 238 -45.63 34.11 -35.88
CA ALA I 238 -44.88 33.95 -37.15
C ALA I 238 -45.52 34.64 -38.37
N VAL I 239 -46.81 34.98 -38.30
CA VAL I 239 -47.53 35.81 -39.26
C VAL I 239 -46.94 37.22 -39.42
N ASP I 240 -46.21 37.72 -38.42
CA ASP I 240 -45.50 39.01 -38.45
C ASP I 240 -44.04 38.85 -38.01
N ASP I 241 -43.82 38.38 -36.78
CA ASP I 241 -42.53 37.94 -36.25
C ASP I 241 -42.73 37.10 -34.98
N GLY I 242 -42.25 35.85 -34.96
CA GLY I 242 -42.27 35.00 -33.77
C GLY I 242 -42.51 33.51 -34.01
N VAL I 243 -42.86 32.79 -32.94
CA VAL I 243 -43.26 31.36 -32.96
C VAL I 243 -44.64 31.15 -33.59
N ALA I 244 -45.03 29.88 -33.78
CA ALA I 244 -46.30 29.49 -34.37
C ALA I 244 -47.53 30.08 -33.63
N GLU I 245 -48.57 30.43 -34.39
CA GLU I 245 -49.80 31.08 -33.92
C GLU I 245 -50.51 30.32 -32.77
N SER I 246 -50.52 28.99 -32.84
CA SER I 246 -51.20 28.13 -31.87
C SER I 246 -50.62 28.20 -30.45
N ALA I 247 -49.37 28.65 -30.29
CA ALA I 247 -48.66 28.62 -29.01
C ALA I 247 -48.99 29.79 -28.07
N TRP I 248 -49.39 30.96 -28.60
CA TRP I 248 -49.69 32.15 -27.79
C TRP I 248 -51.07 32.13 -27.15
N THR I 249 -51.21 32.83 -26.03
CA THR I 249 -52.48 33.16 -25.38
C THR I 249 -52.52 34.66 -25.07
N VAL I 250 -53.64 35.32 -25.35
CA VAL I 250 -53.86 36.75 -25.07
C VAL I 250 -55.31 37.00 -24.68
N THR I 251 -55.55 37.90 -23.72
CA THR I 251 -56.88 38.46 -23.40
C THR I 251 -56.80 39.97 -23.20
N ALA I 252 -57.94 40.66 -23.40
CA ALA I 252 -58.12 42.08 -23.11
C ALA I 252 -59.17 42.25 -22.01
N ASP I 253 -58.87 43.03 -20.96
CA ASP I 253 -59.66 43.01 -19.71
C ASP I 253 -59.94 44.39 -19.09
N GLY I 254 -59.53 45.48 -19.73
CA GLY I 254 -59.79 46.86 -19.28
C GLY I 254 -58.96 47.89 -20.04
N SER I 255 -58.17 48.69 -19.31
CA SER I 255 -57.05 49.48 -19.85
C SER I 255 -55.87 48.60 -20.32
N ASP I 256 -55.99 47.28 -20.15
CA ASP I 256 -54.88 46.32 -20.21
C ASP I 256 -55.22 45.02 -20.95
N PHE I 257 -54.15 44.32 -21.32
CA PHE I 257 -54.11 43.00 -21.91
C PHE I 257 -53.23 42.07 -21.07
N GLU I 258 -53.54 40.79 -21.05
CA GLU I 258 -52.76 39.75 -20.39
C GLU I 258 -52.33 38.68 -21.41
N ILE I 259 -51.07 38.27 -21.37
CA ILE I 259 -50.39 37.46 -22.38
C ILE I 259 -49.63 36.32 -21.70
N SER I 260 -49.62 35.11 -22.30
CA SER I 260 -48.66 34.07 -21.94
C SER I 260 -48.33 33.17 -23.14
N GLY I 261 -47.16 32.55 -23.13
CA GLY I 261 -46.66 31.72 -24.22
C GLY I 261 -45.17 31.40 -24.12
N PRO I 262 -44.57 30.76 -25.14
CA PRO I 262 -43.23 30.18 -25.05
C PRO I 262 -42.10 31.18 -24.73
N LEU I 263 -42.10 32.37 -25.34
CA LEU I 263 -41.01 33.33 -25.21
C LEU I 263 -41.32 34.45 -24.20
N ALA I 264 -40.27 35.16 -23.77
CA ALA I 264 -40.38 36.43 -23.06
C ALA I 264 -40.85 37.56 -23.99
N VAL I 265 -41.66 38.49 -23.47
CA VAL I 265 -42.07 39.71 -24.18
C VAL I 265 -42.05 40.93 -23.27
N ALA I 266 -41.61 42.06 -23.83
CA ALA I 266 -41.41 43.35 -23.16
C ALA I 266 -41.81 44.51 -24.10
N LEU I 267 -41.58 45.76 -23.67
CA LEU I 267 -41.95 46.98 -24.39
C LEU I 267 -40.73 47.65 -25.06
N GLY I 268 -40.86 47.97 -26.35
CA GLY I 268 -39.90 48.77 -27.11
C GLY I 268 -40.19 50.27 -27.02
N VAL I 269 -40.34 50.93 -28.17
CA VAL I 269 -40.80 52.33 -28.23
C VAL I 269 -42.27 52.48 -27.82
N ASP I 270 -42.61 53.66 -27.30
CA ASP I 270 -43.95 54.08 -26.88
C ASP I 270 -44.20 55.54 -27.32
N SER I 271 -45.40 55.88 -27.79
CA SER I 271 -45.81 57.26 -28.09
C SER I 271 -47.31 57.48 -27.85
N THR I 272 -47.69 58.67 -27.39
CA THR I 272 -49.08 59.16 -27.38
C THR I 272 -49.15 60.70 -27.35
N THR I 273 -50.24 61.30 -27.83
CA THR I 273 -50.52 62.74 -27.71
C THR I 273 -50.91 63.17 -26.30
N GLY I 274 -51.24 62.23 -25.41
CA GLY I 274 -51.71 62.47 -24.05
C GLY I 274 -51.99 61.16 -23.31
N GLY I 275 -52.18 61.23 -21.99
CA GLY I 275 -52.11 60.06 -21.10
C GLY I 275 -50.66 59.67 -20.76
N SER I 276 -50.47 58.69 -19.86
CA SER I 276 -49.14 58.32 -19.34
C SER I 276 -48.31 57.40 -20.26
N GLY I 277 -48.84 57.02 -21.42
CA GLY I 277 -48.18 56.14 -22.39
C GLY I 277 -48.25 54.65 -22.04
N VAL I 278 -47.86 53.79 -22.98
CA VAL I 278 -47.91 52.33 -22.80
C VAL I 278 -46.93 51.85 -21.72
N THR I 279 -47.35 50.85 -20.96
CA THR I 279 -46.64 50.25 -19.82
C THR I 279 -46.76 48.73 -19.83
N VAL I 280 -45.85 48.03 -19.17
CA VAL I 280 -45.85 46.56 -19.08
C VAL I 280 -45.52 46.05 -17.68
N ASP I 281 -46.02 44.86 -17.36
CA ASP I 281 -45.76 44.11 -16.12
C ASP I 281 -45.50 42.63 -16.42
N VAL I 282 -44.82 41.94 -15.50
CA VAL I 282 -44.49 40.51 -15.61
C VAL I 282 -44.79 39.80 -14.29
N VAL I 283 -45.33 38.58 -14.35
CA VAL I 283 -45.81 37.78 -13.21
C VAL I 283 -45.37 36.32 -13.34
N ALA J 2 -31.89 28.92 23.57
CA ALA J 2 -30.66 28.41 24.18
C ALA J 2 -29.37 29.05 23.63
N LEU J 3 -29.48 30.07 22.78
CA LEU J 3 -28.34 30.92 22.42
C LEU J 3 -27.90 31.70 23.66
N LYS J 4 -26.61 31.62 24.02
CA LYS J 4 -26.05 32.36 25.15
C LYS J 4 -24.62 32.80 24.87
N ASP J 5 -24.44 34.08 24.62
CA ASP J 5 -23.15 34.71 24.30
C ASP J 5 -22.12 34.54 25.43
N ASP J 6 -22.57 34.36 26.67
CA ASP J 6 -21.73 34.18 27.86
C ASP J 6 -20.91 32.88 27.86
N ALA J 7 -21.27 31.89 27.02
CA ALA J 7 -20.65 30.56 27.03
C ALA J 7 -19.97 30.18 25.70
N VAL J 8 -19.77 31.14 24.80
CA VAL J 8 -19.05 30.96 23.53
C VAL J 8 -17.56 31.20 23.76
N LEU J 9 -16.85 30.17 24.21
CA LEU J 9 -15.51 30.27 24.81
C LEU J 9 -14.41 30.64 23.80
N ILE J 10 -13.58 31.64 24.14
CA ILE J 10 -12.27 31.93 23.52
C ILE J 10 -11.18 31.61 24.55
N ALA J 11 -10.21 30.76 24.23
CA ALA J 11 -9.21 30.27 25.19
C ALA J 11 -8.06 31.26 25.46
N ALA J 12 -8.35 32.54 25.65
CA ALA J 12 -7.37 33.64 25.61
C ALA J 12 -6.13 33.46 26.51
N ARG J 13 -6.28 32.90 27.72
CA ARG J 13 -5.21 32.32 28.55
C ARG J 13 -5.67 31.00 29.14
N GLY J 14 -4.76 30.22 29.68
CA GLY J 14 -5.08 29.02 30.44
C GLY J 14 -3.95 28.60 31.36
N TYR J 15 -4.18 27.56 32.14
CA TYR J 15 -3.21 26.96 33.06
C TYR J 15 -3.37 25.45 33.06
N VAL J 16 -2.29 24.70 33.28
CA VAL J 16 -2.32 23.23 33.38
C VAL J 16 -1.63 22.82 34.66
N TYR J 17 -2.24 21.93 35.44
CA TYR J 17 -1.74 21.48 36.73
C TYR J 17 -1.75 19.96 36.82
N THR J 18 -0.92 19.42 37.68
CA THR J 18 -0.78 17.98 37.90
C THR J 18 -0.59 17.65 39.37
N ALA J 19 -0.81 16.39 39.73
CA ALA J 19 -0.61 15.85 41.07
C ALA J 19 -0.54 14.32 41.01
N ALA J 20 -0.18 13.65 42.11
CA ALA J 20 -0.31 12.20 42.18
C ALA J 20 -1.75 11.77 41.86
N VAL J 21 -1.95 10.58 41.27
CA VAL J 21 -3.28 10.16 40.79
C VAL J 21 -4.35 10.24 41.88
N GLY J 22 -5.56 10.61 41.50
CA GLY J 22 -6.75 10.59 42.36
C GLY J 22 -7.11 11.90 43.05
N THR J 23 -6.29 12.95 43.03
CA THR J 23 -6.63 14.22 43.69
C THR J 23 -7.93 14.84 43.16
N ALA J 24 -8.60 15.65 43.98
CA ALA J 24 -9.77 16.42 43.57
C ALA J 24 -9.38 17.83 43.11
N ALA J 25 -9.83 18.25 41.94
CA ALA J 25 -9.76 19.65 41.54
C ALA J 25 -10.64 20.51 42.45
N PRO J 26 -10.34 21.81 42.65
CA PRO J 26 -11.15 22.68 43.49
C PRO J 26 -12.58 22.75 42.94
N THR J 27 -13.57 22.78 43.84
CA THR J 27 -14.99 22.63 43.48
C THR J 27 -15.48 23.76 42.54
N PRO J 28 -16.56 23.55 41.77
CA PRO J 28 -17.06 24.53 40.81
C PRO J 28 -17.18 25.97 41.31
N SER J 29 -17.59 26.18 42.56
CA SER J 29 -17.61 27.53 43.18
C SER J 29 -16.20 28.04 43.51
N GLN J 30 -15.33 27.21 44.11
CA GLN J 30 -13.96 27.60 44.42
C GLN J 30 -13.17 28.00 43.17
N LEU J 31 -13.34 27.29 42.05
CA LEU J 31 -12.57 27.55 40.84
C LEU J 31 -12.75 28.98 40.29
N LYS J 32 -13.92 29.59 40.51
CA LYS J 32 -14.22 30.98 40.17
C LYS J 32 -13.49 31.99 41.05
N LEU J 33 -12.93 31.57 42.18
CA LEU J 33 -12.38 32.43 43.24
C LEU J 33 -10.88 32.25 43.46
N ILE J 34 -10.33 31.03 43.36
CA ILE J 34 -8.91 30.77 43.62
C ILE J 34 -7.96 31.51 42.65
N ASP J 35 -6.73 31.77 43.12
CA ASP J 35 -5.67 32.47 42.39
C ASP J 35 -4.80 31.48 41.61
N LEU J 36 -4.71 31.64 40.29
CA LEU J 36 -4.29 30.55 39.40
C LEU J 36 -2.78 30.32 39.38
N GLU J 37 -1.96 31.36 39.47
CA GLU J 37 -0.50 31.23 39.46
C GLU J 37 0.07 30.60 40.74
N HIS J 38 -0.71 30.47 41.82
CA HIS J 38 -0.26 30.10 43.16
C HIS J 38 -1.06 28.92 43.74
N PRO J 39 -0.83 27.67 43.27
CA PRO J 39 -1.57 26.49 43.73
C PRO J 39 -1.61 26.25 45.25
N GLU J 40 -0.54 26.55 45.96
CA GLU J 40 -0.44 26.35 47.41
C GLU J 40 -1.38 27.26 48.22
N ALA J 41 -1.92 28.33 47.63
CA ALA J 41 -2.91 29.21 48.24
C ALA J 41 -4.36 28.67 48.20
N TRP J 42 -4.63 27.58 47.48
CA TRP J 42 -6.00 27.17 47.13
C TRP J 42 -6.86 26.60 48.27
N ASP J 43 -6.26 26.20 49.40
CA ASP J 43 -6.98 25.54 50.51
C ASP J 43 -7.74 24.26 50.05
N ARG J 44 -7.10 23.49 49.16
CA ARG J 44 -7.64 22.25 48.55
C ARG J 44 -6.70 21.06 48.70
N THR J 45 -5.66 20.99 47.87
CA THR J 45 -4.60 19.95 47.92
C THR J 45 -3.38 20.38 47.09
N GLY J 46 -2.29 19.63 47.15
CA GLY J 46 -1.02 19.93 46.47
C GLY J 46 -1.06 19.70 44.96
N TRP J 47 -1.77 20.55 44.23
CA TRP J 47 -1.62 20.69 42.77
C TRP J 47 -0.33 21.44 42.43
N ASP J 48 0.43 20.99 41.43
CA ASP J 48 1.61 21.70 40.92
C ASP J 48 1.37 22.21 39.50
N LEU J 49 1.67 23.48 39.26
CA LEU J 49 1.51 24.13 37.95
C LEU J 49 2.64 23.64 37.04
N VAL J 50 2.30 23.08 35.88
CA VAL J 50 3.23 22.28 35.03
C VAL J 50 4.35 23.09 34.35
N GLY J 51 4.48 24.38 34.64
CA GLY J 51 5.33 25.31 33.91
C GLY J 51 4.66 25.91 32.68
N HIS J 52 5.33 26.86 32.03
CA HIS J 52 4.85 27.45 30.78
C HIS J 52 4.56 26.38 29.72
N THR J 53 3.47 26.59 28.99
CA THR J 53 2.91 25.71 27.94
C THR J 53 2.73 26.57 26.70
N SER J 54 2.96 26.04 25.50
CA SER J 54 3.09 26.87 24.29
C SER J 54 1.85 27.72 24.03
N GLU J 55 2.07 29.01 23.79
CA GLU J 55 1.02 30.04 23.67
C GLU J 55 0.36 30.05 22.28
N ASP J 56 0.85 29.24 21.35
CA ASP J 56 0.13 28.77 20.17
C ASP J 56 0.36 27.25 19.99
N ASP J 57 -0.50 26.60 19.21
CA ASP J 57 -0.68 25.13 19.24
C ASP J 57 -1.13 24.61 20.62
N LEU J 58 -2.25 25.16 21.10
CA LEU J 58 -2.96 24.82 22.35
C LEU J 58 -3.33 23.32 22.46
N PRO J 59 -3.75 22.82 23.65
CA PRO J 59 -4.13 21.42 23.80
C PRO J 59 -5.35 21.00 22.98
N GLU J 60 -5.28 19.82 22.38
CA GLU J 60 -6.37 19.21 21.62
C GLU J 60 -6.88 17.94 22.31
N PHE J 61 -8.18 17.85 22.56
CA PHE J 61 -8.80 16.74 23.28
C PHE J 61 -9.25 15.64 22.33
N GLY J 62 -8.30 15.06 21.61
CA GLY J 62 -8.56 14.07 20.56
C GLY J 62 -9.11 12.73 21.05
N PHE J 63 -9.41 11.86 20.09
CA PHE J 63 -9.77 10.47 20.31
C PHE J 63 -9.33 9.59 19.14
N ASP J 64 -9.08 8.32 19.42
CA ASP J 64 -8.74 7.28 18.45
C ASP J 64 -9.76 6.14 18.52
N GLY J 65 -9.96 5.44 17.41
CA GLY J 65 -10.85 4.29 17.35
C GLY J 65 -12.32 4.66 17.22
N GLY J 66 -13.21 3.81 17.70
CA GLY J 66 -14.66 3.96 17.49
C GLY J 66 -15.14 3.55 16.09
N ASP J 67 -14.27 2.95 15.28
CA ASP J 67 -14.67 2.26 14.05
C ASP J 67 -15.55 1.05 14.37
N SER J 68 -16.54 0.79 13.52
CA SER J 68 -17.59 -0.21 13.78
C SER J 68 -18.03 -0.84 12.46
N GLU J 69 -18.42 -2.11 12.44
CA GLU J 69 -18.82 -2.83 11.22
C GLU J 69 -20.21 -3.46 11.35
N VAL J 70 -20.95 -3.50 10.25
CA VAL J 70 -22.23 -4.22 10.15
C VAL J 70 -21.99 -5.69 9.77
N ARG J 71 -22.71 -6.61 10.42
CA ARG J 71 -22.68 -8.04 10.16
C ARG J 71 -24.02 -8.47 9.61
N GLY J 72 -24.02 -9.04 8.41
CA GLY J 72 -25.23 -9.44 7.70
C GLY J 72 -25.46 -10.95 7.70
N SER J 73 -26.69 -11.33 7.41
CA SER J 73 -27.10 -12.69 7.05
C SER J 73 -27.74 -12.63 5.68
N TRP J 74 -27.68 -13.71 4.89
CA TRP J 74 -28.15 -13.72 3.50
C TRP J 74 -29.58 -13.18 3.34
N GLN J 75 -30.47 -13.37 4.32
CA GLN J 75 -31.84 -12.84 4.29
C GLN J 75 -32.09 -11.52 5.07
N LYS J 76 -31.11 -10.93 5.76
CA LYS J 76 -31.25 -9.63 6.46
C LYS J 76 -29.92 -8.91 6.54
N LYS J 77 -29.80 -7.81 5.79
CA LYS J 77 -28.51 -7.17 5.46
C LYS J 77 -27.88 -6.35 6.60
N LYS J 78 -28.65 -5.95 7.61
CA LYS J 78 -28.22 -5.12 8.77
C LYS J 78 -28.43 -5.83 10.13
N LEU J 79 -28.18 -7.14 10.19
CA LEU J 79 -28.60 -7.99 11.32
C LEU J 79 -28.03 -7.55 12.68
N ARG J 80 -26.74 -7.19 12.76
CA ARG J 80 -26.10 -6.69 13.98
C ARG J 80 -24.88 -5.83 13.65
N GLU J 81 -24.40 -5.01 14.58
CA GLU J 81 -23.20 -4.20 14.40
C GLU J 81 -22.20 -4.44 15.54
N VAL J 82 -20.89 -4.45 15.25
CA VAL J 82 -19.84 -4.79 16.22
C VAL J 82 -18.68 -3.79 16.20
N GLU J 83 -18.20 -3.38 17.36
CA GLU J 83 -17.10 -2.41 17.46
C GLU J 83 -15.76 -3.03 17.02
N THR J 84 -15.02 -2.37 16.14
CA THR J 84 -13.67 -2.80 15.74
C THR J 84 -12.64 -2.50 16.84
N GLU J 85 -12.69 -1.31 17.44
CA GLU J 85 -11.90 -0.97 18.63
C GLU J 85 -12.61 0.08 19.49
N GLU J 86 -12.39 0.04 20.79
CA GLU J 86 -13.00 0.97 21.76
C GLU J 86 -12.46 2.40 21.60
N ILE J 87 -13.32 3.40 21.78
CA ILE J 87 -12.92 4.81 21.74
C ILE J 87 -11.94 5.10 22.88
N ALA J 88 -10.70 5.42 22.55
CA ALA J 88 -9.67 5.82 23.50
C ALA J 88 -9.32 7.30 23.29
N ASP J 89 -9.41 8.11 24.33
CA ASP J 89 -9.29 9.57 24.22
C ASP J 89 -8.32 10.18 25.22
N TYR J 90 -7.82 11.35 24.86
CA TYR J 90 -6.60 11.92 25.39
C TYR J 90 -6.58 13.42 25.19
N VAL J 91 -5.67 14.11 25.87
CA VAL J 91 -5.31 15.49 25.52
C VAL J 91 -3.83 15.51 25.15
N VAL J 92 -3.44 16.32 24.16
CA VAL J 92 -2.04 16.54 23.80
C VAL J 92 -1.61 17.92 24.25
N ILE J 93 -0.47 18.09 24.91
CA ILE J 93 -0.03 19.34 25.54
C ILE J 93 1.41 19.66 25.11
N ASN J 94 1.73 20.92 24.75
CA ASN J 94 3.12 21.32 24.46
C ASN J 94 3.73 22.06 25.64
N LEU J 95 4.61 21.39 26.41
CA LEU J 95 5.35 22.02 27.49
C LEU J 95 6.47 22.89 26.90
N THR J 96 6.76 24.07 27.45
CA THR J 96 7.75 25.00 26.88
C THR J 96 8.88 25.37 27.84
N GLN J 97 8.72 25.17 29.15
CA GLN J 97 9.87 25.12 30.06
C GLN J 97 10.71 23.86 29.82
N PHE J 98 12.02 23.95 30.01
CA PHE J 98 12.96 22.84 29.87
C PHE J 98 13.53 22.32 31.19
N ASP J 99 13.17 22.89 32.34
CA ASP J 99 13.62 22.37 33.63
C ASP J 99 12.94 21.06 34.07
N GLU J 100 13.37 20.51 35.20
CA GLU J 100 12.86 19.25 35.73
C GLU J 100 11.34 19.21 35.91
N THR J 101 10.66 20.35 36.12
CA THR J 101 9.19 20.41 36.30
C THR J 101 8.44 20.00 35.04
N ALA J 102 9.01 20.25 33.86
CA ALA J 102 8.46 19.84 32.57
C ALA J 102 9.07 18.53 32.05
N LEU J 103 10.38 18.33 32.19
CA LEU J 103 11.00 17.09 31.74
C LEU J 103 10.43 15.86 32.48
N GLU J 104 10.01 16.01 33.74
CA GLU J 104 9.31 14.98 34.49
C GLU J 104 8.10 14.38 33.74
N LEU J 105 7.35 15.18 32.98
CA LEU J 105 6.19 14.72 32.22
C LEU J 105 6.60 14.11 30.88
N TYR J 106 7.57 14.72 30.18
CA TYR J 106 7.97 14.28 28.85
C TYR J 106 8.81 12.99 28.90
N PHE J 107 9.87 12.94 29.71
CA PHE J 107 10.73 11.75 29.83
C PHE J 107 10.31 10.76 30.93
N GLY J 108 9.48 11.19 31.88
CA GLY J 108 9.39 10.54 33.20
C GLY J 108 10.40 11.18 34.17
N PRO J 109 10.50 10.67 35.41
CA PRO J 109 11.33 11.29 36.46
C PRO J 109 12.84 11.08 36.26
N ASN J 110 13.65 11.94 36.86
CA ASN J 110 15.11 11.97 36.70
C ASN J 110 15.75 10.64 37.13
N GLN J 111 16.53 10.01 36.24
CA GLN J 111 17.21 8.73 36.53
C GLN J 111 18.63 8.88 37.11
N SER J 112 19.04 10.07 37.53
CA SER J 112 20.37 10.31 38.12
C SER J 112 20.32 11.20 39.37
N ALA J 113 21.19 10.90 40.34
CA ALA J 113 21.30 11.62 41.61
C ALA J 113 22.12 12.92 41.55
N THR J 114 22.93 13.11 40.50
CA THR J 114 23.92 14.20 40.42
C THR J 114 23.27 15.58 40.33
N PRO J 115 23.70 16.59 41.11
CA PRO J 115 23.13 17.93 41.08
C PRO J 115 23.47 18.68 39.79
N GLY J 116 22.47 19.15 39.06
CA GLY J 116 22.62 19.77 37.74
C GLY J 116 22.50 18.81 36.55
N ILE J 117 22.21 17.52 36.74
CA ILE J 117 22.02 16.55 35.66
C ILE J 117 20.62 15.96 35.70
N PHE J 118 19.98 15.81 34.54
CA PHE J 118 18.73 15.07 34.36
C PHE J 118 18.96 13.88 33.44
N GLY J 119 19.05 12.67 33.98
CA GLY J 119 19.34 11.46 33.21
C GLY J 119 18.08 10.81 32.64
N VAL J 120 18.18 10.20 31.46
CA VAL J 120 17.07 9.51 30.78
C VAL J 120 17.32 8.00 30.65
N LYS J 121 16.28 7.21 30.92
CA LYS J 121 16.35 5.74 31.00
C LYS J 121 16.53 5.08 29.62
N SER J 122 16.88 3.80 29.63
CA SER J 122 16.98 2.96 28.42
C SER J 122 15.62 2.75 27.71
N GLY J 123 14.51 2.77 28.44
CA GLY J 123 13.17 2.68 27.83
C GLY J 123 12.04 2.41 28.83
N SER J 124 10.82 2.31 28.29
CA SER J 124 9.60 1.81 28.94
C SER J 124 9.25 2.36 30.34
N VAL J 125 9.47 3.66 30.55
CA VAL J 125 9.00 4.36 31.77
C VAL J 125 7.48 4.52 31.72
N VAL J 126 6.81 4.48 32.87
CA VAL J 126 5.36 4.73 33.03
C VAL J 126 5.11 5.84 34.06
N ASN J 127 4.18 6.75 33.76
CA ASN J 127 4.14 8.08 34.37
C ASN J 127 2.70 8.56 34.63
N GLU J 128 1.86 7.71 35.18
CA GLU J 128 0.46 8.05 35.47
C GLU J 128 0.35 9.22 36.46
N ARG J 129 -0.52 10.19 36.17
CA ARG J 129 -0.64 11.44 36.95
C ARG J 129 -2.07 11.97 36.92
N ALA J 130 -2.51 12.70 37.95
CA ALA J 130 -3.76 13.46 37.89
C ALA J 130 -3.53 14.69 37.02
N LEU J 131 -4.57 15.17 36.33
CA LEU J 131 -4.48 16.33 35.44
C LEU J 131 -5.64 17.29 35.67
N LEU J 132 -5.34 18.57 35.75
CA LEU J 132 -6.33 19.63 35.80
C LEU J 132 -5.93 20.67 34.78
N ILE J 133 -6.86 21.18 34.00
CA ILE J 133 -6.64 22.27 33.05
C ILE J 133 -7.65 23.34 33.38
N VAL J 134 -7.27 24.60 33.38
CA VAL J 134 -8.22 25.71 33.51
C VAL J 134 -8.06 26.61 32.31
N ILE J 135 -9.15 26.90 31.61
CA ILE J 135 -9.18 27.80 30.47
C ILE J 135 -9.82 29.11 30.92
N VAL J 136 -9.24 30.24 30.55
CA VAL J 136 -9.55 31.54 31.13
C VAL J 136 -9.81 32.56 30.02
N ASP J 137 -11.08 32.85 29.77
CA ASP J 137 -11.50 33.99 28.96
C ASP J 137 -11.27 35.30 29.74
N ASN J 138 -11.86 36.43 29.35
CA ASN J 138 -11.78 37.67 30.12
C ASN J 138 -12.20 37.50 31.59
N ASP J 139 -13.20 36.67 31.90
CA ASP J 139 -13.49 36.25 33.27
C ASP J 139 -14.11 34.84 33.45
N VAL J 140 -14.78 34.23 32.46
CA VAL J 140 -15.27 32.84 32.59
C VAL J 140 -14.11 31.84 32.63
N ARG J 141 -14.29 30.74 33.37
CA ARG J 141 -13.20 30.00 34.01
C ARG J 141 -13.37 28.48 33.88
N LEU J 142 -13.69 27.97 32.70
CA LEU J 142 -13.96 26.54 32.48
C LEU J 142 -12.80 25.67 32.94
N GLY J 143 -13.02 24.75 33.88
CA GLY J 143 -12.03 23.77 34.29
C GLY J 143 -12.26 22.42 33.63
N PHE J 144 -11.22 21.61 33.53
CA PHE J 144 -11.28 20.21 33.10
C PHE J 144 -10.43 19.38 34.04
N HIS J 145 -10.91 18.25 34.53
CA HIS J 145 -10.18 17.45 35.51
C HIS J 145 -10.24 15.96 35.20
N ALA J 146 -9.12 15.27 35.32
CA ALA J 146 -9.05 13.83 35.21
C ALA J 146 -8.27 13.24 36.39
N ARG J 147 -8.84 12.25 37.07
CA ARG J 147 -8.23 11.60 38.24
C ARG J 147 -6.93 10.89 37.88
N LYS J 148 -6.82 10.32 36.69
CA LYS J 148 -5.69 9.50 36.25
C LYS J 148 -5.53 9.55 34.73
N ALA J 149 -4.39 10.04 34.27
CA ALA J 149 -3.98 10.03 32.87
C ALA J 149 -2.59 9.41 32.74
N SER J 150 -2.35 8.58 31.72
CA SER J 150 -1.04 7.99 31.45
C SER J 150 -0.21 8.86 30.50
N LEU J 151 0.57 9.80 31.02
CA LEU J 151 1.41 10.70 30.24
C LEU J 151 2.48 9.95 29.41
N LYS J 152 2.78 10.41 28.19
CA LYS J 152 3.92 9.96 27.37
C LYS J 152 4.34 11.01 26.33
N ARG J 153 5.50 10.86 25.68
CA ARG J 153 5.94 11.68 24.54
C ARG J 153 5.03 11.48 23.34
N GLU J 154 4.56 12.56 22.71
CA GLU J 154 3.76 12.47 21.48
C GLU J 154 4.62 12.54 20.20
N ASP J 155 5.71 13.30 20.22
CA ASP J 155 6.59 13.57 19.08
C ASP J 155 7.96 14.09 19.55
N ALA J 156 8.91 14.29 18.64
CA ALA J 156 10.22 14.87 18.92
C ALA J 156 10.15 16.21 19.65
N ILE J 157 11.13 16.53 20.51
CA ILE J 157 11.24 17.90 21.02
C ILE J 157 11.56 18.86 19.88
N SER J 158 11.04 20.07 19.95
CA SER J 158 11.20 21.11 18.94
C SER J 158 12.14 22.21 19.44
N LEU J 159 13.07 22.65 18.59
CA LEU J 159 13.98 23.75 18.83
C LEU J 159 13.97 24.72 17.64
N ALA J 160 14.18 26.00 17.89
CA ALA J 160 14.35 27.02 16.87
C ALA J 160 15.20 28.18 17.40
N THR J 161 15.72 29.02 16.52
CA THR J 161 16.40 30.27 16.89
C THR J 161 15.42 31.44 17.13
N ASP J 162 14.18 31.34 16.64
CA ASP J 162 13.12 32.34 16.81
C ASP J 162 12.06 31.91 17.83
N GLU J 163 11.31 30.84 17.55
CA GLU J 163 10.25 30.33 18.41
C GLU J 163 10.81 29.65 19.68
N PHE J 164 10.03 29.64 20.77
CA PHE J 164 10.39 28.87 21.96
C PHE J 164 10.51 27.38 21.65
N GLY J 165 11.38 26.67 22.35
CA GLY J 165 11.40 25.20 22.31
C GLY J 165 10.14 24.59 22.89
N ALA J 166 9.77 23.40 22.45
CA ALA J 166 8.55 22.73 22.92
C ALA J 166 8.72 21.21 23.06
N LEU J 167 8.18 20.64 24.12
CA LEU J 167 8.12 19.21 24.36
C LEU J 167 6.65 18.74 24.31
N PRO J 168 6.22 18.00 23.28
CA PRO J 168 4.83 17.57 23.16
C PRO J 168 4.54 16.28 23.96
N VAL J 169 3.59 16.32 24.89
CA VAL J 169 3.16 15.13 25.67
C VAL J 169 1.71 14.78 25.39
N ARG J 170 1.37 13.49 25.33
CA ARG J 170 0.01 12.98 25.14
C ARG J 170 -0.45 12.28 26.39
N ALA J 171 -1.56 12.71 26.96
CA ALA J 171 -2.12 12.24 28.21
C ALA J 171 -3.42 11.47 27.97
N THR J 172 -3.34 10.15 27.78
CA THR J 172 -4.52 9.28 27.62
C THR J 172 -5.24 9.08 28.95
N PHE J 173 -6.57 9.21 28.98
CA PHE J 173 -7.34 9.05 30.20
C PHE J 173 -7.64 7.59 30.53
N LEU J 174 -7.76 7.25 31.82
CA LEU J 174 -7.97 5.89 32.31
C LEU J 174 -8.96 5.83 33.51
N ASP J 175 -9.58 4.65 33.69
CA ASP J 175 -10.44 4.30 34.84
C ASP J 175 -9.71 4.47 36.18
N TYR J 176 -10.21 5.35 37.04
CA TYR J 176 -9.82 5.45 38.44
C TYR J 176 -11.00 5.14 39.35
N GLN J 177 -10.97 4.01 40.07
CA GLN J 177 -11.98 3.59 41.06
C GLN J 177 -13.44 3.72 40.58
N SER J 178 -13.71 3.33 39.33
CA SER J 178 -15.03 3.43 38.65
C SER J 178 -15.58 4.87 38.49
N TYR J 179 -14.79 5.89 38.84
CA TYR J 179 -15.16 7.29 38.71
C TYR J 179 -15.16 7.77 37.24
N ASN J 180 -15.58 9.01 37.00
CA ASN J 180 -15.60 9.60 35.66
C ASN J 180 -14.20 9.61 35.03
N LEU J 181 -14.15 9.38 33.72
CA LEU J 181 -12.91 9.32 32.96
C LEU J 181 -12.21 10.68 32.92
N TYR J 182 -13.02 11.73 32.75
CA TYR J 182 -12.68 13.13 32.92
C TYR J 182 -13.97 13.93 33.15
N GLU J 183 -13.90 15.13 33.68
CA GLU J 183 -15.07 15.97 33.86
C GLU J 183 -14.75 17.45 33.72
N TRP J 184 -15.71 18.21 33.21
CA TRP J 184 -15.62 19.64 32.97
C TRP J 184 -16.35 20.35 34.08
N ILE J 185 -15.71 21.32 34.71
CA ILE J 185 -16.24 21.95 35.93
C ILE J 185 -16.39 23.45 35.72
N GLU J 186 -17.60 23.96 35.87
CA GLU J 186 -17.94 25.39 35.85
C GLU J 186 -19.35 25.57 36.42
N GLU J 187 -19.53 26.40 37.45
CA GLU J 187 -20.77 26.44 38.24
C GLU J 187 -22.00 26.86 37.42
N ASP J 188 -21.82 27.82 36.52
CA ASP J 188 -22.94 28.47 35.84
C ASP J 188 -23.44 27.72 34.59
N TRP J 189 -22.70 26.73 34.09
CA TRP J 189 -22.97 26.11 32.78
C TRP J 189 -23.54 24.69 32.88
N PHE J 190 -23.11 23.88 33.85
CA PHE J 190 -23.45 22.46 33.94
C PHE J 190 -24.30 22.15 35.18
N ASN J 191 -25.40 21.38 35.06
CA ASN J 191 -26.31 21.09 36.18
C ASN J 191 -26.76 22.35 36.96
N ALA J 192 -26.95 23.47 36.27
CA ALA J 192 -27.25 24.75 36.89
C ALA J 192 -28.57 24.75 37.66
N VAL J 193 -28.67 25.55 38.71
CA VAL J 193 -29.94 25.81 39.40
C VAL J 193 -30.83 26.73 38.58
N ASP J 194 -32.12 26.40 38.46
CA ASP J 194 -33.06 27.15 37.62
C ASP J 194 -33.45 28.52 38.20
N ALA J 195 -33.16 28.72 39.49
CA ALA J 195 -33.24 30.00 40.21
C ALA J 195 -32.17 30.05 41.32
N PRO J 196 -31.72 31.25 41.75
CA PRO J 196 -30.69 31.38 42.79
C PRO J 196 -31.04 30.64 44.10
N VAL J 197 -30.09 29.91 44.67
CA VAL J 197 -30.28 29.22 45.95
C VAL J 197 -30.37 30.24 47.08
N VAL J 198 -31.47 30.23 47.84
CA VAL J 198 -31.63 31.03 49.07
C VAL J 198 -31.68 30.08 50.26
N TYR J 199 -30.76 30.26 51.20
CA TYR J 199 -30.82 29.62 52.51
C TYR J 199 -31.76 30.40 53.42
N LEU J 200 -32.47 29.70 54.29
CA LEU J 200 -33.33 30.29 55.32
C LEU J 200 -32.80 29.88 56.70
N LEU J 201 -32.83 30.82 57.64
CA LEU J 201 -32.47 30.63 59.04
C LEU J 201 -33.69 31.00 59.90
N ASP J 202 -33.88 30.32 61.02
CA ASP J 202 -34.91 30.63 62.02
C ASP J 202 -34.37 30.25 63.40
N LEU J 203 -34.24 31.25 64.27
CA LEU J 203 -33.69 31.12 65.63
C LEU J 203 -34.57 30.29 66.59
N GLY J 204 -35.77 29.86 66.18
CA GLY J 204 -36.62 28.95 66.94
C GLY J 204 -37.18 29.51 68.26
N GLY J 205 -37.18 30.84 68.43
CA GLY J 205 -37.56 31.50 69.68
C GLY J 205 -36.42 31.66 70.70
N ALA J 206 -35.16 31.45 70.31
CA ALA J 206 -34.00 31.72 71.16
C ALA J 206 -33.90 33.21 71.56
N THR J 207 -33.33 33.48 72.74
CA THR J 207 -33.32 34.81 73.39
C THR J 207 -31.97 35.16 74.06
N GLY J 208 -30.89 34.51 73.62
CA GLY J 208 -29.52 34.72 74.12
C GLY J 208 -28.50 33.94 73.30
N GLY J 209 -27.21 34.24 73.48
CA GLY J 209 -26.09 33.43 72.99
C GLY J 209 -25.47 33.85 71.65
N ASP J 210 -24.22 33.42 71.47
CA ASP J 210 -23.35 33.69 70.32
C ASP J 210 -23.51 32.62 69.21
N TYR J 211 -24.73 32.12 69.02
CA TYR J 211 -24.98 30.95 68.17
C TYR J 211 -24.79 31.31 66.69
N THR J 212 -23.89 30.60 66.01
CA THR J 212 -23.17 31.07 64.82
C THR J 212 -23.16 30.03 63.70
N LEU J 213 -23.12 30.50 62.45
CA LEU J 213 -23.17 29.69 61.24
C LEU J 213 -21.84 28.97 60.90
N LEU J 214 -21.86 28.18 59.84
CA LEU J 214 -20.70 27.82 59.03
C LEU J 214 -21.01 28.11 57.55
N VAL J 215 -20.00 28.53 56.78
CA VAL J 215 -20.13 28.82 55.34
C VAL J 215 -19.01 28.15 54.55
N GLY J 216 -19.35 27.57 53.39
CA GLY J 216 -18.37 26.90 52.52
C GLY J 216 -17.60 25.74 53.20
N GLY J 217 -18.15 25.15 54.25
CA GLY J 217 -17.50 24.13 55.08
C GLY J 217 -16.64 24.66 56.25
N LYS J 218 -16.52 25.98 56.44
CA LYS J 218 -15.76 26.62 57.53
C LYS J 218 -16.68 27.29 58.56
N SER J 219 -16.48 27.04 59.85
CA SER J 219 -17.25 27.69 60.93
C SER J 219 -17.02 29.22 60.93
N THR J 220 -18.09 29.98 61.12
CA THR J 220 -18.04 31.45 61.08
C THR J 220 -17.54 32.04 62.40
N GLY J 221 -16.87 33.21 62.32
CA GLY J 221 -16.25 33.87 63.47
C GLY J 221 -17.20 34.22 64.62
N ASP J 222 -18.19 35.09 64.38
CA ASP J 222 -19.04 35.65 65.45
C ASP J 222 -20.40 36.17 64.93
N ILE J 223 -21.49 35.49 65.29
CA ILE J 223 -22.90 35.89 65.11
C ILE J 223 -23.63 35.73 66.46
N ALA J 224 -24.62 36.57 66.75
CA ALA J 224 -25.33 36.57 68.03
C ALA J 224 -26.85 36.77 67.88
N TYR J 225 -27.61 36.41 68.92
CA TYR J 225 -29.04 36.64 69.00
C TYR J 225 -29.40 38.14 68.82
N ASN J 226 -30.59 38.42 68.26
CA ASN J 226 -31.09 39.77 68.00
C ASN J 226 -30.18 40.67 67.12
N ALA J 227 -29.22 40.11 66.38
CA ALA J 227 -28.42 40.85 65.42
C ALA J 227 -29.25 41.33 64.21
N ASN J 228 -29.02 42.57 63.78
CA ASN J 228 -29.67 43.16 62.61
C ASN J 228 -29.18 42.51 61.29
N ALA J 229 -30.01 42.52 60.24
CA ALA J 229 -29.66 41.99 58.93
C ALA J 229 -28.35 42.57 58.36
N SER J 230 -28.07 43.86 58.55
CA SER J 230 -26.81 44.49 58.13
C SER J 230 -25.61 43.97 58.91
N ALA J 231 -25.75 43.76 60.22
CA ALA J 231 -24.70 43.16 61.06
C ALA J 231 -24.43 41.69 60.66
N ILE J 232 -25.49 40.91 60.38
CA ILE J 232 -25.37 39.57 59.82
C ILE J 232 -24.65 39.59 58.47
N LYS J 233 -24.94 40.56 57.59
CA LYS J 233 -24.27 40.71 56.28
C LYS J 233 -22.76 40.91 56.43
N THR J 234 -22.33 41.77 57.35
CA THR J 234 -20.90 41.96 57.67
C THR J 234 -20.29 40.73 58.35
N ALA J 235 -21.03 40.05 59.22
CA ALA J 235 -20.59 38.85 59.94
C ALA J 235 -20.55 37.56 59.10
N ILE J 236 -20.63 37.66 57.77
CA ILE J 236 -20.57 36.53 56.82
C ILE J 236 -19.45 36.79 55.80
N GLY J 237 -18.72 35.74 55.42
CA GLY J 237 -17.74 35.77 54.34
C GLY J 237 -16.43 36.49 54.71
N ALA J 238 -16.44 37.82 54.73
CA ALA J 238 -15.26 38.65 54.93
C ALA J 238 -14.51 38.32 56.24
N VAL J 239 -15.26 38.19 57.35
CA VAL J 239 -14.73 37.84 58.68
C VAL J 239 -14.17 36.42 58.77
N ASP J 240 -14.48 35.55 57.81
CA ASP J 240 -14.02 34.16 57.71
C ASP J 240 -12.86 33.99 56.71
N ASP J 241 -12.26 35.10 56.27
CA ASP J 241 -11.32 35.22 55.15
C ASP J 241 -11.89 34.70 53.80
N GLY J 242 -13.21 34.57 53.70
CA GLY J 242 -13.92 34.30 52.46
C GLY J 242 -14.21 35.58 51.67
N VAL J 243 -15.08 35.46 50.66
CA VAL J 243 -15.47 36.59 49.80
C VAL J 243 -16.19 37.70 50.56
N ALA J 244 -15.97 38.94 50.12
CA ALA J 244 -16.39 40.16 50.80
C ALA J 244 -17.92 40.34 50.88
N GLU J 245 -18.37 41.28 51.72
CA GLU J 245 -19.77 41.59 52.01
C GLU J 245 -20.62 41.89 50.75
N SER J 246 -20.00 42.38 49.68
CA SER J 246 -20.63 42.64 48.37
C SER J 246 -21.07 41.37 47.63
N ALA J 247 -20.55 40.19 47.97
CA ALA J 247 -20.91 38.92 47.35
C ALA J 247 -22.25 38.32 47.84
N TRP J 248 -22.85 38.89 48.90
CA TRP J 248 -23.95 38.30 49.66
C TRP J 248 -25.22 39.14 49.64
N THR J 249 -26.38 38.49 49.77
CA THR J 249 -27.71 39.11 49.92
C THR J 249 -28.42 38.58 51.17
N VAL J 250 -29.20 39.42 51.84
CA VAL J 250 -29.89 39.11 53.10
C VAL J 250 -31.27 39.75 53.16
N THR J 251 -32.21 39.12 53.87
CA THR J 251 -33.50 39.69 54.29
C THR J 251 -33.95 39.03 55.60
N ALA J 252 -34.70 39.71 56.46
CA ALA J 252 -35.10 39.16 57.76
C ALA J 252 -36.38 39.79 58.33
N ASP J 253 -37.07 39.05 59.21
CA ASP J 253 -38.17 39.55 60.05
C ASP J 253 -38.39 38.63 61.26
N GLY J 254 -38.46 39.20 62.47
CA GLY J 254 -38.59 38.44 63.72
C GLY J 254 -37.40 37.49 63.95
N SER J 255 -37.67 36.22 64.24
CA SER J 255 -36.65 35.16 64.37
C SER J 255 -36.11 34.63 63.04
N ASP J 256 -36.68 35.04 61.90
CA ASP J 256 -36.43 34.45 60.58
C ASP J 256 -35.51 35.32 59.71
N PHE J 257 -34.61 34.67 58.97
CA PHE J 257 -33.66 35.28 58.05
C PHE J 257 -33.60 34.49 56.73
N GLU J 258 -33.29 35.15 55.63
CA GLU J 258 -32.95 34.56 54.34
C GLU J 258 -31.61 35.10 53.85
N ILE J 259 -30.78 34.23 53.28
CA ILE J 259 -29.39 34.48 52.88
C ILE J 259 -29.13 33.88 51.49
N SER J 260 -28.36 34.57 50.64
CA SER J 260 -27.78 33.97 49.43
C SER J 260 -26.41 34.55 49.10
N GLY J 261 -25.60 33.78 48.37
CA GLY J 261 -24.22 34.08 48.03
C GLY J 261 -23.53 32.90 47.30
N PRO J 262 -22.23 32.99 46.98
CA PRO J 262 -21.53 31.99 46.16
C PRO J 262 -21.16 30.69 46.91
N LEU J 263 -21.40 30.61 48.22
CA LEU J 263 -21.02 29.48 49.07
C LEU J 263 -22.20 29.01 49.93
N ALA J 264 -22.25 27.71 50.20
CA ALA J 264 -23.29 27.09 51.02
C ALA J 264 -23.28 27.58 52.49
N VAL J 265 -24.42 27.49 53.18
CA VAL J 265 -24.60 27.90 54.58
C VAL J 265 -25.18 26.75 55.42
N ALA J 266 -24.70 26.57 56.65
CA ALA J 266 -25.27 25.65 57.64
C ALA J 266 -25.05 26.19 59.08
N LEU J 267 -25.64 25.55 60.09
CA LEU J 267 -25.44 25.93 61.50
C LEU J 267 -24.07 25.42 62.00
N GLY J 268 -23.27 26.31 62.61
CA GLY J 268 -21.96 25.99 63.18
C GLY J 268 -22.00 25.63 64.66
N VAL J 269 -22.65 26.46 65.48
CA VAL J 269 -22.72 26.31 66.95
C VAL J 269 -24.02 26.86 67.54
N ASP J 270 -24.60 26.14 68.50
CA ASP J 270 -25.81 26.49 69.26
C ASP J 270 -25.78 25.83 70.66
N SER J 271 -26.49 26.41 71.63
CA SER J 271 -26.68 25.88 72.99
C SER J 271 -28.06 26.24 73.61
N THR J 272 -29.04 26.61 72.77
CA THR J 272 -30.49 26.64 73.09
C THR J 272 -30.91 27.48 74.31
N THR J 273 -30.43 28.72 74.42
CA THR J 273 -30.99 29.70 75.40
C THR J 273 -32.39 30.17 74.95
N GLY J 274 -33.42 29.50 75.44
CA GLY J 274 -34.81 29.66 75.01
C GLY J 274 -35.13 28.98 73.66
N GLY J 275 -36.42 28.78 73.40
CA GLY J 275 -36.91 28.23 72.14
C GLY J 275 -36.51 26.77 71.86
N SER J 276 -36.64 26.35 70.60
CA SER J 276 -36.23 25.02 70.10
C SER J 276 -34.80 24.97 69.54
N GLY J 277 -34.02 26.05 69.67
CA GLY J 277 -32.69 26.20 69.07
C GLY J 277 -32.73 26.75 67.64
N VAL J 278 -31.57 27.13 67.11
CA VAL J 278 -31.44 27.65 65.74
C VAL J 278 -31.70 26.54 64.71
N THR J 279 -32.41 26.88 63.64
CA THR J 279 -32.77 25.99 62.54
C THR J 279 -32.43 26.63 61.21
N VAL J 280 -32.01 25.82 60.22
CA VAL J 280 -31.63 26.30 58.88
C VAL J 280 -32.02 25.30 57.79
N ASP J 281 -32.37 25.78 56.59
CA ASP J 281 -32.61 24.98 55.38
C ASP J 281 -32.53 25.87 54.11
N VAL J 282 -33.13 25.42 52.98
CA VAL J 282 -33.13 26.08 51.67
C VAL J 282 -34.55 26.28 51.16
N VAL J 283 -34.82 27.44 50.53
CA VAL J 283 -36.12 27.86 49.95
C VAL J 283 -36.47 27.09 48.69
N ALA K 2 6.28 24.50 39.82
CA ALA K 2 5.65 25.74 39.40
C ALA K 2 6.32 26.39 38.17
N LEU K 3 5.70 27.42 37.59
CA LEU K 3 6.26 28.11 36.42
C LEU K 3 7.43 29.02 36.77
N LYS K 4 8.42 29.09 35.87
CA LYS K 4 9.55 30.02 35.90
C LYS K 4 9.90 30.47 34.49
N ASP K 5 10.09 31.76 34.29
CA ASP K 5 10.40 32.33 32.98
C ASP K 5 11.82 31.98 32.51
N ASP K 6 12.74 31.73 33.45
CA ASP K 6 14.17 31.49 33.16
C ASP K 6 14.42 30.25 32.31
N ALA K 7 13.65 29.19 32.54
CA ALA K 7 13.85 27.88 31.91
C ALA K 7 13.13 27.72 30.57
N VAL K 8 12.49 28.77 30.05
CA VAL K 8 11.98 28.83 28.68
C VAL K 8 13.14 28.99 27.70
N LEU K 9 13.28 28.09 26.73
CA LEU K 9 14.49 27.95 25.91
C LEU K 9 14.29 28.46 24.47
N ILE K 10 15.25 29.22 23.95
CA ILE K 10 15.41 29.54 22.52
C ILE K 10 16.84 29.16 22.13
N ALA K 11 17.06 28.33 21.11
CA ALA K 11 18.39 27.76 20.82
C ALA K 11 19.31 28.71 20.02
N ALA K 12 19.42 29.98 20.42
CA ALA K 12 19.98 31.06 19.60
C ALA K 12 21.40 30.82 19.07
N ARG K 13 22.25 30.10 19.81
CA ARG K 13 23.51 29.52 19.32
C ARG K 13 23.78 28.20 20.04
N GLY K 14 24.59 27.35 19.47
CA GLY K 14 24.93 26.07 20.08
C GLY K 14 26.11 25.41 19.39
N TYR K 15 26.66 24.39 20.03
CA TYR K 15 27.86 23.70 19.59
C TYR K 15 27.63 22.20 19.66
N VAL K 16 28.05 21.45 18.65
CA VAL K 16 27.99 19.99 18.66
C VAL K 16 29.41 19.45 18.65
N TYR K 17 29.73 18.58 19.61
CA TYR K 17 31.03 17.97 19.77
C TYR K 17 30.90 16.46 19.67
N THR K 18 31.99 15.78 19.34
CA THR K 18 31.99 14.32 19.29
C THR K 18 33.31 13.77 19.79
N ALA K 19 33.34 12.50 20.18
CA ALA K 19 34.48 11.85 20.81
C ALA K 19 34.38 10.32 20.70
N ALA K 20 35.43 9.60 21.05
CA ALA K 20 35.37 8.15 21.23
C ALA K 20 34.33 7.76 22.29
N VAL K 21 33.74 6.58 22.16
CA VAL K 21 32.62 6.13 23.01
C VAL K 21 32.99 6.12 24.50
N GLY K 22 32.05 6.49 25.36
CA GLY K 22 32.23 6.57 26.81
C GLY K 22 32.73 7.90 27.36
N THR K 23 33.22 8.82 26.54
CA THR K 23 33.84 10.09 26.97
C THR K 23 32.94 10.92 27.89
N ALA K 24 33.52 11.62 28.88
CA ALA K 24 32.79 12.46 29.83
C ALA K 24 32.63 13.92 29.37
N ALA K 25 31.41 14.47 29.41
CA ALA K 25 31.17 15.89 29.18
C ALA K 25 31.58 16.73 30.41
N PRO K 26 31.89 18.04 30.25
CA PRO K 26 32.11 18.94 31.38
C PRO K 26 30.95 18.91 32.39
N THR K 27 31.25 19.08 33.68
CA THR K 27 30.23 19.00 34.74
C THR K 27 29.18 20.12 34.61
N PRO K 28 28.00 20.00 35.24
CA PRO K 28 27.01 21.07 35.25
C PRO K 28 27.51 22.41 35.81
N SER K 29 28.52 22.41 36.68
CA SER K 29 29.21 23.63 37.07
C SER K 29 30.12 24.17 35.97
N GLN K 30 30.95 23.31 35.36
CA GLN K 30 31.89 23.70 34.31
C GLN K 30 31.20 24.29 33.08
N LEU K 31 30.01 23.86 32.68
CA LEU K 31 29.31 24.46 31.53
C LEU K 31 29.09 25.98 31.66
N LYS K 32 29.11 26.57 32.86
CA LYS K 32 29.05 28.02 33.05
C LYS K 32 30.40 28.76 32.98
N LEU K 33 31.53 28.05 33.07
CA LEU K 33 32.89 28.60 32.99
C LEU K 33 33.62 28.28 31.66
N ILE K 34 33.26 27.18 31.02
CA ILE K 34 33.93 26.62 29.83
C ILE K 34 34.03 27.60 28.65
N ASP K 35 35.15 27.58 27.92
CA ASP K 35 35.33 28.25 26.62
C ASP K 35 34.88 27.33 25.47
N LEU K 36 33.72 27.59 24.87
CA LEU K 36 33.05 26.64 23.99
C LEU K 36 33.74 26.46 22.63
N GLU K 37 34.50 27.45 22.17
CA GLU K 37 35.15 27.41 20.86
C GLU K 37 36.37 26.45 20.82
N HIS K 38 36.91 26.03 21.96
CA HIS K 38 38.23 25.38 22.08
C HIS K 38 38.20 24.14 22.98
N PRO K 39 37.60 23.02 22.55
CA PRO K 39 37.49 21.80 23.36
C PRO K 39 38.83 21.12 23.66
N GLU K 40 39.93 21.53 23.04
CA GLU K 40 41.28 21.10 23.43
C GLU K 40 41.77 21.76 24.74
N ALA K 41 41.15 22.86 25.18
CA ALA K 41 41.58 23.65 26.34
C ALA K 41 40.83 23.35 27.65
N TRP K 42 39.81 22.49 27.63
CA TRP K 42 38.93 22.20 28.78
C TRP K 42 39.63 21.41 29.90
N ASP K 43 39.06 21.40 31.10
CA ASP K 43 39.53 20.61 32.25
C ASP K 43 39.46 19.08 32.02
N ARG K 44 38.58 18.62 31.14
CA ARG K 44 38.51 17.21 30.70
C ARG K 44 38.24 17.12 29.20
N THR K 45 38.94 16.23 28.53
CA THR K 45 39.21 16.30 27.08
C THR K 45 39.01 14.95 26.37
N GLY K 46 38.93 14.99 25.04
CA GLY K 46 38.49 13.89 24.17
C GLY K 46 37.49 14.36 23.12
N TRP K 47 36.78 15.45 23.42
CA TRP K 47 35.89 16.17 22.52
C TRP K 47 36.64 16.92 21.43
N ASP K 48 36.18 16.80 20.19
CA ASP K 48 36.49 17.73 19.12
C ASP K 48 35.20 18.30 18.55
N LEU K 49 35.26 19.55 18.10
CA LEU K 49 34.09 20.26 17.58
C LEU K 49 33.77 19.72 16.19
N VAL K 50 32.53 19.33 15.92
CA VAL K 50 32.16 18.60 14.69
C VAL K 50 32.17 19.46 13.41
N GLY K 51 32.38 20.78 13.54
CA GLY K 51 32.28 21.75 12.45
C GLY K 51 30.92 22.45 12.42
N HIS K 52 30.78 23.49 11.60
CA HIS K 52 29.56 24.28 11.50
C HIS K 52 28.32 23.45 11.14
N THR K 53 27.20 23.69 11.81
CA THR K 53 25.90 23.02 11.64
C THR K 53 24.84 24.05 11.24
N SER K 54 23.87 23.70 10.40
CA SER K 54 22.92 24.68 9.85
C SER K 54 22.17 25.49 10.90
N GLU K 55 21.96 26.79 10.66
CA GLU K 55 21.07 27.61 11.51
C GLU K 55 19.58 27.46 11.15
N ASP K 56 19.26 27.00 9.94
CA ASP K 56 17.90 26.78 9.49
C ASP K 56 17.27 25.54 10.15
N ASP K 57 18.01 24.42 10.21
CA ASP K 57 17.57 23.13 10.70
C ASP K 57 18.40 22.67 11.90
N LEU K 58 18.05 23.16 13.10
CA LEU K 58 18.58 22.73 14.39
C LEU K 58 18.43 21.19 14.54
N PRO K 59 19.21 20.52 15.41
CA PRO K 59 19.08 19.09 15.60
C PRO K 59 17.71 18.68 16.13
N GLU K 60 17.13 17.61 15.60
CA GLU K 60 15.78 17.13 15.95
C GLU K 60 15.88 15.80 16.71
N PHE K 61 15.36 15.73 17.94
CA PHE K 61 15.51 14.56 18.82
C PHE K 61 14.35 13.55 18.65
N GLY K 62 14.14 13.08 17.43
CA GLY K 62 13.05 12.15 17.11
C GLY K 62 13.15 10.79 17.79
N PHE K 63 12.14 9.96 17.57
CA PHE K 63 12.17 8.54 17.90
C PHE K 63 11.32 7.74 16.91
N ASP K 64 11.74 6.52 16.60
CA ASP K 64 10.91 5.52 15.93
C ASP K 64 10.32 4.54 16.95
N GLY K 65 9.31 3.78 16.55
CA GLY K 65 8.67 2.76 17.40
C GLY K 65 7.84 3.34 18.53
N GLY K 66 7.62 2.54 19.58
CA GLY K 66 6.76 2.90 20.71
C GLY K 66 5.29 2.55 20.53
N ASP K 67 4.96 1.69 19.58
CA ASP K 67 3.62 1.12 19.44
C ASP K 67 3.29 0.20 20.64
N SER K 68 2.02 0.01 20.96
CA SER K 68 1.58 -1.00 21.92
C SER K 68 0.16 -1.46 21.64
N GLU K 69 -0.14 -2.71 22.00
CA GLU K 69 -1.46 -3.31 21.85
C GLU K 69 -1.92 -3.91 23.18
N VAL K 70 -3.22 -3.89 23.44
CA VAL K 70 -3.82 -4.46 24.64
C VAL K 70 -4.24 -5.90 24.36
N ARG K 71 -3.54 -6.88 24.92
CA ARG K 71 -3.83 -8.30 24.74
C ARG K 71 -4.99 -8.71 25.65
N GLY K 72 -6.03 -9.25 25.05
CA GLY K 72 -7.20 -9.77 25.75
C GLY K 72 -7.20 -11.29 25.84
N SER K 73 -8.23 -11.81 26.50
CA SER K 73 -8.53 -13.23 26.62
C SER K 73 -10.04 -13.42 26.44
N TRP K 74 -10.52 -14.62 26.16
CA TRP K 74 -11.96 -14.84 25.97
C TRP K 74 -12.79 -14.48 27.22
N GLN K 75 -12.15 -14.35 28.38
CA GLN K 75 -12.79 -14.13 29.68
C GLN K 75 -12.53 -12.74 30.29
N LYS K 76 -11.62 -11.93 29.74
CA LYS K 76 -11.28 -10.57 30.21
C LYS K 76 -10.71 -9.76 29.07
N LYS K 77 -11.37 -8.67 28.69
CA LYS K 77 -11.15 -7.97 27.41
C LYS K 77 -9.83 -7.20 27.30
N LYS K 78 -9.22 -6.82 28.43
CA LYS K 78 -7.95 -6.06 28.52
C LYS K 78 -7.08 -6.62 29.64
N LEU K 79 -6.30 -7.65 29.35
CA LEU K 79 -5.58 -8.42 30.37
C LEU K 79 -4.24 -7.76 30.71
N ARG K 80 -3.43 -7.44 29.69
CA ARG K 80 -2.25 -6.56 29.80
C ARG K 80 -1.90 -5.94 28.46
N GLU K 81 -1.13 -4.86 28.42
CA GLU K 81 -0.55 -4.36 27.16
C GLU K 81 0.83 -4.95 26.87
N VAL K 82 1.19 -5.02 25.60
CA VAL K 82 2.51 -5.43 25.11
C VAL K 82 3.08 -4.36 24.18
N GLU K 83 4.37 -4.12 24.26
CA GLU K 83 5.08 -3.22 23.35
C GLU K 83 5.35 -3.92 22.01
N THR K 84 4.62 -3.55 20.96
CA THR K 84 4.63 -4.25 19.66
C THR K 84 5.78 -3.82 18.74
N GLU K 85 6.38 -2.65 18.93
CA GLU K 85 7.73 -2.33 18.44
C GLU K 85 8.45 -1.40 19.42
N GLU K 86 9.67 -1.77 19.81
CA GLU K 86 10.46 -1.08 20.81
C GLU K 86 10.87 0.33 20.36
N ILE K 87 10.89 1.31 21.27
CA ILE K 87 11.35 2.67 20.97
C ILE K 87 12.83 2.69 20.56
N ALA K 88 13.18 3.61 19.68
CA ALA K 88 14.55 3.88 19.25
C ALA K 88 14.77 5.38 19.12
N ASP K 89 15.38 6.00 20.13
CA ASP K 89 15.65 7.43 20.12
C ASP K 89 16.87 7.77 19.27
N TYR K 90 16.84 8.90 18.56
CA TYR K 90 17.93 9.38 17.74
C TYR K 90 17.98 10.90 17.74
N VAL K 91 19.07 11.49 17.24
CA VAL K 91 19.08 12.90 16.86
C VAL K 91 19.56 13.01 15.43
N VAL K 92 18.98 13.89 14.62
CA VAL K 92 19.46 14.18 13.27
C VAL K 92 20.12 15.55 13.24
N ILE K 93 21.31 15.66 12.67
CA ILE K 93 22.18 16.84 12.66
C ILE K 93 22.51 17.20 11.21
N ASN K 94 22.47 18.47 10.84
CA ASN K 94 22.79 18.94 9.49
C ASN K 94 24.18 19.57 9.45
N LEU K 95 25.23 18.77 9.30
CA LEU K 95 26.59 19.29 9.15
C LEU K 95 26.69 20.19 7.91
N THR K 96 27.54 21.20 7.89
CA THR K 96 27.71 22.10 6.72
C THR K 96 29.15 22.34 6.27
N GLN K 97 30.16 21.81 6.97
CA GLN K 97 31.49 21.71 6.40
C GLN K 97 31.60 20.54 5.42
N PHE K 98 32.40 20.67 4.38
CA PHE K 98 32.82 19.55 3.53
C PHE K 98 34.26 19.07 3.84
N ASP K 99 34.79 19.44 5.00
CA ASP K 99 36.11 19.04 5.48
C ASP K 99 36.15 17.57 5.92
N GLU K 100 37.34 17.04 6.18
CA GLU K 100 37.55 15.68 6.68
C GLU K 100 36.74 15.41 7.97
N THR K 101 36.71 16.40 8.88
CA THR K 101 35.98 16.35 10.15
C THR K 101 34.46 16.12 10.00
N ALA K 102 33.88 16.31 8.82
CA ALA K 102 32.44 16.16 8.58
C ALA K 102 32.10 15.06 7.57
N LEU K 103 32.85 14.90 6.48
CA LEU K 103 32.65 13.78 5.57
C LEU K 103 32.84 12.47 6.31
N GLU K 104 33.76 12.40 7.28
CA GLU K 104 34.03 11.18 8.04
C GLU K 104 32.89 10.76 8.98
N LEU K 105 31.96 11.66 9.31
CA LEU K 105 30.74 11.34 10.06
C LEU K 105 29.59 10.93 9.13
N TYR K 106 29.44 11.59 7.98
CA TYR K 106 28.42 11.22 7.00
C TYR K 106 28.74 9.88 6.33
N PHE K 107 29.94 9.71 5.76
CA PHE K 107 30.35 8.48 5.04
C PHE K 107 31.03 7.41 5.90
N GLY K 108 31.41 7.72 7.14
CA GLY K 108 32.25 6.85 7.97
C GLY K 108 33.74 7.05 7.70
N PRO K 109 34.64 6.24 8.30
CA PRO K 109 36.08 6.37 8.17
C PRO K 109 36.60 6.51 6.73
N ASN K 110 37.53 7.44 6.51
CA ASN K 110 38.18 7.71 5.22
C ASN K 110 38.89 6.45 4.69
N GLN K 111 38.63 6.02 3.46
CA GLN K 111 39.18 4.77 2.89
C GLN K 111 40.20 4.98 1.77
N SER K 112 41.05 6.02 1.87
CA SER K 112 42.29 6.12 1.08
C SER K 112 43.47 6.62 1.91
N ALA K 113 44.67 6.10 1.65
CA ALA K 113 45.91 6.56 2.27
C ALA K 113 46.53 7.79 1.57
N THR K 114 46.13 8.09 0.32
CA THR K 114 46.65 9.19 -0.50
C THR K 114 46.40 10.57 0.12
N PRO K 115 47.29 11.55 -0.08
CA PRO K 115 47.00 12.93 0.31
C PRO K 115 45.84 13.49 -0.53
N GLY K 116 45.10 14.47 0.00
CA GLY K 116 44.07 15.22 -0.74
C GLY K 116 42.83 14.47 -1.22
N ILE K 117 42.55 13.23 -0.78
CA ILE K 117 41.41 12.44 -1.26
C ILE K 117 40.63 11.81 -0.12
N PHE K 118 39.31 11.91 -0.15
CA PHE K 118 38.43 11.08 0.67
C PHE K 118 37.84 9.99 -0.19
N GLY K 119 38.20 8.73 0.05
CA GLY K 119 37.60 7.61 -0.66
C GLY K 119 36.50 6.97 0.19
N VAL K 120 35.38 6.57 -0.42
CA VAL K 120 34.37 5.74 0.25
C VAL K 120 34.20 4.42 -0.49
N LYS K 121 33.85 3.36 0.22
CA LYS K 121 33.87 1.99 -0.30
C LYS K 121 32.56 1.27 -0.03
N SER K 122 32.29 0.27 -0.85
CA SER K 122 30.96 -0.25 -1.10
C SER K 122 30.29 -0.92 0.11
N GLY K 123 28.97 -0.85 0.15
CA GLY K 123 28.13 -1.58 1.11
C GLY K 123 28.08 -0.98 2.51
N SER K 124 27.25 -1.58 3.35
CA SER K 124 27.03 -1.22 4.75
C SER K 124 28.32 -1.20 5.58
N VAL K 125 28.42 -0.27 6.51
CA VAL K 125 29.62 -0.01 7.33
C VAL K 125 29.24 0.45 8.73
N VAL K 126 30.13 0.24 9.71
CA VAL K 126 29.92 0.58 11.13
C VAL K 126 30.68 1.84 11.53
N ASN K 127 30.03 2.74 12.26
CA ASN K 127 30.57 4.04 12.68
C ASN K 127 29.87 4.52 13.96
N GLU K 128 30.61 4.81 15.04
CA GLU K 128 30.04 5.12 16.36
C GLU K 128 30.86 6.19 17.10
N ARG K 129 30.22 6.98 17.96
CA ARG K 129 30.83 8.08 18.73
C ARG K 129 30.03 8.40 19.99
N ALA K 130 30.62 9.10 20.96
CA ALA K 130 29.88 9.87 21.95
C ALA K 130 29.43 11.23 21.37
N LEU K 131 28.45 11.87 21.98
CA LEU K 131 28.01 13.22 21.64
C LEU K 131 27.95 14.12 22.86
N LEU K 132 28.22 15.39 22.64
CA LEU K 132 27.87 16.46 23.54
C LEU K 132 27.30 17.58 22.69
N ILE K 133 26.17 18.14 23.10
CA ILE K 133 25.56 19.29 22.46
C ILE K 133 25.37 20.35 23.52
N VAL K 134 25.88 21.55 23.29
CA VAL K 134 25.64 22.69 24.16
C VAL K 134 24.72 23.66 23.44
N ILE K 135 23.59 24.00 24.04
CA ILE K 135 22.68 25.02 23.56
C ILE K 135 22.88 26.24 24.45
N VAL K 136 22.94 27.45 23.89
CA VAL K 136 23.20 28.66 24.68
C VAL K 136 22.39 29.86 24.20
N ASP K 137 21.73 30.57 25.11
CA ASP K 137 21.29 31.95 24.91
C ASP K 137 21.34 32.76 26.21
N ASN K 138 21.66 34.05 26.13
CA ASN K 138 21.69 34.99 27.27
C ASN K 138 22.35 34.44 28.56
N ASP K 139 23.44 33.68 28.41
CA ASP K 139 24.19 33.04 29.50
C ASP K 139 23.46 31.95 30.33
N VAL K 140 22.40 31.32 29.80
CA VAL K 140 21.94 29.99 30.26
C VAL K 140 22.31 28.94 29.22
N ARG K 141 22.91 27.81 29.62
CA ARG K 141 23.76 27.00 28.72
C ARG K 141 23.41 25.51 28.75
N LEU K 142 22.14 25.17 28.54
CA LEU K 142 21.61 23.81 28.60
C LEU K 142 22.44 22.83 27.76
N GLY K 143 23.10 21.88 28.41
CA GLY K 143 23.83 20.80 27.74
C GLY K 143 22.98 19.56 27.53
N PHE K 144 23.42 18.71 26.60
CA PHE K 144 22.91 17.37 26.35
C PHE K 144 24.09 16.44 26.07
N HIS K 145 24.08 15.21 26.55
CA HIS K 145 25.21 14.28 26.36
C HIS K 145 24.74 12.85 26.14
N ALA K 146 25.36 12.13 25.21
CA ALA K 146 25.13 10.70 25.03
C ALA K 146 26.46 9.95 25.04
N ARG K 147 26.55 8.85 25.78
CA ARG K 147 27.80 8.10 25.96
C ARG K 147 28.20 7.31 24.72
N LYS K 148 27.23 6.81 23.94
CA LYS K 148 27.45 6.41 22.55
C LYS K 148 26.21 6.60 21.66
N ALA K 149 26.44 6.70 20.35
CA ALA K 149 25.45 6.68 19.29
C ALA K 149 26.03 6.03 18.04
N SER K 150 25.25 5.33 17.22
CA SER K 150 25.67 4.93 15.87
C SER K 150 25.31 6.02 14.87
N LEU K 151 26.24 6.40 14.01
CA LEU K 151 26.09 7.54 13.10
C LEU K 151 25.81 7.05 11.68
N LYS K 152 24.78 7.57 11.03
CA LYS K 152 24.24 7.03 9.77
C LYS K 152 23.82 8.15 8.82
N ARG K 153 23.89 7.90 7.52
CA ARG K 153 23.41 8.84 6.49
C ARG K 153 21.91 9.02 6.62
N GLU K 154 21.42 10.22 6.87
CA GLU K 154 19.97 10.47 6.99
C GLU K 154 19.32 10.68 5.62
N ASP K 155 19.94 11.46 4.76
CA ASP K 155 19.37 11.94 3.50
C ASP K 155 20.48 12.38 2.53
N ALA K 156 20.12 12.70 1.29
CA ALA K 156 21.04 13.18 0.26
C ALA K 156 21.91 14.37 0.74
N ILE K 157 23.16 14.46 0.26
CA ILE K 157 23.93 15.70 0.39
C ILE K 157 23.18 16.79 -0.37
N SER K 158 22.97 17.93 0.27
CA SER K 158 22.22 19.05 -0.30
C SER K 158 23.17 20.12 -0.78
N LEU K 159 22.98 20.58 -2.02
CA LEU K 159 23.71 21.68 -2.64
C LEU K 159 22.73 22.69 -3.21
N ALA K 160 23.03 23.97 -3.06
CA ALA K 160 22.32 25.07 -3.71
C ALA K 160 23.31 26.20 -3.98
N THR K 161 23.04 27.08 -4.93
CA THR K 161 23.94 28.18 -5.33
C THR K 161 23.94 29.37 -4.37
N ASP K 162 22.95 29.50 -3.49
CA ASP K 162 22.76 30.71 -2.66
C ASP K 162 22.44 30.43 -1.18
N GLU K 163 22.64 29.20 -0.71
CA GLU K 163 22.66 28.82 0.72
C GLU K 163 23.64 27.65 0.94
N PHE K 164 24.23 27.51 2.12
CA PHE K 164 25.32 26.56 2.34
C PHE K 164 24.92 25.10 2.10
N GLY K 165 25.84 24.30 1.56
CA GLY K 165 25.60 22.87 1.40
C GLY K 165 25.51 22.14 2.74
N ALA K 166 24.79 21.01 2.81
CA ALA K 166 24.57 20.28 4.05
C ALA K 166 24.70 18.76 3.88
N LEU K 167 25.23 18.06 4.88
CA LEU K 167 25.32 16.60 4.94
C LEU K 167 24.47 16.06 6.10
N PRO K 168 23.18 15.72 5.91
CA PRO K 168 22.33 15.25 7.00
C PRO K 168 22.80 13.92 7.60
N VAL K 169 23.05 13.86 8.90
CA VAL K 169 23.51 12.64 9.60
C VAL K 169 22.62 12.32 10.79
N ARG K 170 22.27 11.06 11.00
CA ARG K 170 21.42 10.56 12.09
C ARG K 170 22.29 9.84 13.10
N ALA K 171 22.27 10.29 14.35
CA ALA K 171 22.93 9.66 15.47
C ALA K 171 21.90 8.88 16.29
N THR K 172 21.73 7.59 16.05
CA THR K 172 20.81 6.76 16.84
C THR K 172 21.43 6.47 18.20
N PHE K 173 20.76 6.78 19.31
CA PHE K 173 21.32 6.55 20.64
C PHE K 173 21.32 5.07 21.01
N LEU K 174 22.45 4.59 21.53
CA LEU K 174 22.69 3.20 21.92
C LEU K 174 23.19 3.15 23.37
N ASP K 175 22.81 2.11 24.12
CA ASP K 175 23.20 1.98 25.54
C ASP K 175 24.70 1.70 25.72
N TYR K 176 25.35 2.40 26.66
CA TYR K 176 26.65 2.02 27.22
C TYR K 176 26.43 1.59 28.68
N GLN K 177 26.85 0.37 29.04
CA GLN K 177 26.21 -0.41 30.10
C GLN K 177 26.08 0.28 31.45
N SER K 178 27.13 0.96 31.90
CA SER K 178 27.18 1.56 33.25
C SER K 178 26.39 2.88 33.38
N TYR K 179 25.81 3.41 32.31
CA TYR K 179 25.33 4.80 32.23
C TYR K 179 23.91 4.95 31.65
N ASN K 180 23.32 6.13 31.85
CA ASN K 180 22.07 6.53 31.21
C ASN K 180 22.20 6.56 29.67
N LEU K 181 21.07 6.43 28.95
CA LEU K 181 21.08 6.46 27.49
C LEU K 181 21.53 7.82 26.95
N TYR K 182 21.09 8.89 27.60
CA TYR K 182 21.56 10.26 27.43
C TYR K 182 21.12 11.12 28.62
N GLU K 183 21.68 12.30 28.78
CA GLU K 183 21.38 13.17 29.92
C GLU K 183 21.49 14.65 29.61
N TRP K 184 20.68 15.47 30.25
CA TRP K 184 20.62 16.93 30.11
C TRP K 184 21.31 17.62 31.27
N ILE K 185 21.99 18.74 31.04
CA ILE K 185 22.94 19.31 32.00
C ILE K 185 22.73 20.82 32.16
N GLU K 186 22.37 21.28 33.35
CA GLU K 186 22.30 22.71 33.72
C GLU K 186 22.26 22.82 35.26
N GLU K 187 23.22 23.48 35.90
CA GLU K 187 23.26 23.52 37.37
C GLU K 187 22.08 24.24 38.01
N ASP K 188 21.44 25.18 37.30
CA ASP K 188 20.41 26.04 37.90
C ASP K 188 19.03 25.37 38.03
N TRP K 189 18.74 24.29 37.32
CA TRP K 189 17.36 23.82 37.17
C TRP K 189 17.13 22.30 36.98
N PHE K 190 18.10 21.43 37.27
CA PHE K 190 17.86 19.99 37.44
C PHE K 190 18.51 19.49 38.73
N ASN K 191 17.81 18.72 39.57
CA ASN K 191 18.28 18.36 40.91
C ASN K 191 18.75 19.61 41.70
N ALA K 192 17.97 20.68 41.65
CA ALA K 192 18.24 21.95 42.33
C ALA K 192 17.92 21.92 43.83
N VAL K 193 18.28 22.99 44.56
CA VAL K 193 17.87 23.19 45.96
C VAL K 193 16.35 23.38 46.08
N ASP K 194 15.72 22.68 47.03
CA ASP K 194 14.28 22.75 47.31
C ASP K 194 13.87 24.01 48.11
N ALA K 195 14.50 25.16 47.82
CA ALA K 195 14.23 26.42 48.52
C ALA K 195 12.87 27.02 48.12
N PRO K 196 12.11 27.61 49.07
CA PRO K 196 10.87 28.34 48.75
C PRO K 196 11.17 29.69 48.09
N VAL K 197 10.18 30.26 47.41
CA VAL K 197 10.21 31.67 47.00
C VAL K 197 10.01 32.56 48.23
N VAL K 198 10.87 33.56 48.42
CA VAL K 198 10.86 34.48 49.57
C VAL K 198 10.84 35.93 49.08
N TYR K 199 10.20 36.80 49.85
CA TYR K 199 10.00 38.21 49.55
C TYR K 199 10.69 39.05 50.63
N LEU K 200 11.10 40.27 50.31
CA LEU K 200 11.71 41.19 51.26
C LEU K 200 11.01 42.54 51.26
N LEU K 201 10.73 43.04 52.46
CA LEU K 201 10.24 44.39 52.74
C LEU K 201 11.43 45.23 53.18
N ASP K 202 11.71 46.31 52.46
CA ASP K 202 12.80 47.25 52.70
C ASP K 202 12.20 48.56 53.21
N LEU K 203 12.67 49.06 54.37
CA LEU K 203 12.21 50.33 54.93
C LEU K 203 12.52 51.53 54.00
N GLY K 204 13.51 51.42 53.11
CA GLY K 204 13.81 52.43 52.10
C GLY K 204 14.28 53.78 52.66
N GLY K 205 14.67 53.83 53.94
CA GLY K 205 14.98 55.09 54.64
C GLY K 205 13.75 55.95 54.97
N ALA K 206 12.53 55.41 54.94
CA ALA K 206 11.31 56.15 55.27
C ALA K 206 11.36 56.72 56.71
N THR K 207 11.36 58.06 56.82
CA THR K 207 11.58 58.77 58.10
C THR K 207 10.36 58.81 59.03
N GLY K 208 9.18 58.42 58.55
CA GLY K 208 7.91 58.51 59.26
C GLY K 208 6.74 58.04 58.40
N GLY K 209 5.51 58.40 58.79
CA GLY K 209 4.31 58.13 58.00
C GLY K 209 3.85 56.67 58.03
N ASP K 210 3.27 56.22 56.92
CA ASP K 210 2.49 54.98 56.79
C ASP K 210 2.52 54.40 55.37
N TYR K 211 2.18 53.12 55.25
CA TYR K 211 2.25 52.32 54.01
C TYR K 211 1.19 51.22 53.92
N THR K 212 0.99 50.67 52.72
CA THR K 212 0.08 49.54 52.44
C THR K 212 0.74 48.51 51.52
N LEU K 213 0.20 47.29 51.52
CA LEU K 213 0.64 46.17 50.69
C LEU K 213 -0.52 45.63 49.83
N LEU K 214 -0.18 45.06 48.68
CA LEU K 214 -1.10 44.62 47.63
C LEU K 214 -0.96 43.10 47.37
N VAL K 215 -0.81 42.33 48.44
CA VAL K 215 -0.49 40.90 48.43
C VAL K 215 -1.48 40.08 47.59
N GLY K 216 -0.99 39.35 46.59
CA GLY K 216 -1.83 38.61 45.65
C GLY K 216 -2.82 39.47 44.84
N GLY K 217 -2.60 40.79 44.76
CA GLY K 217 -3.56 41.74 44.20
C GLY K 217 -4.67 42.18 45.17
N LYS K 218 -4.57 41.82 46.45
CA LYS K 218 -5.53 42.18 47.51
C LYS K 218 -4.96 43.32 48.36
N SER K 219 -5.70 44.40 48.53
CA SER K 219 -5.27 45.57 49.32
C SER K 219 -5.43 45.34 50.84
N THR K 220 -4.79 46.18 51.67
CA THR K 220 -4.90 46.17 53.13
C THR K 220 -4.84 47.59 53.72
N GLY K 221 -5.31 47.78 54.95
CA GLY K 221 -5.33 49.08 55.63
C GLY K 221 -3.93 49.61 55.98
N ASP K 222 -3.78 50.92 56.08
CA ASP K 222 -2.49 51.59 56.26
C ASP K 222 -1.82 51.27 57.61
N ILE K 223 -0.53 50.94 57.56
CA ILE K 223 0.33 50.57 58.69
C ILE K 223 1.43 51.62 58.87
N ALA K 224 1.71 52.04 60.09
CA ALA K 224 2.77 53.02 60.37
C ALA K 224 4.18 52.47 60.08
N TYR K 225 5.12 53.37 59.76
CA TYR K 225 6.49 53.02 59.35
C TYR K 225 7.30 52.23 60.42
N ASN K 226 6.98 52.39 61.70
CA ASN K 226 7.59 51.70 62.84
C ASN K 226 7.05 50.26 63.02
N ALA K 227 6.97 49.51 61.91
CA ALA K 227 6.40 48.17 61.85
C ALA K 227 7.21 47.12 62.63
N ASN K 228 6.60 45.95 62.83
CA ASN K 228 7.16 44.78 63.52
C ASN K 228 6.55 43.48 62.96
N ALA K 229 7.13 42.33 63.30
CA ALA K 229 6.78 41.05 62.67
C ALA K 229 5.28 40.70 62.78
N SER K 230 4.66 40.81 63.96
CA SER K 230 3.23 40.54 64.13
C SER K 230 2.35 41.59 63.43
N ALA K 231 2.78 42.86 63.38
CA ALA K 231 2.09 43.89 62.61
C ALA K 231 2.05 43.54 61.12
N ILE K 232 3.18 43.21 60.48
CA ILE K 232 3.15 42.85 59.05
C ILE K 232 2.43 41.52 58.80
N LYS K 233 2.59 40.52 59.70
CA LYS K 233 1.84 39.25 59.65
C LYS K 233 0.32 39.47 59.66
N THR K 234 -0.18 40.33 60.54
CA THR K 234 -1.62 40.65 60.59
C THR K 234 -2.06 41.56 59.44
N ALA K 235 -1.21 42.49 58.99
CA ALA K 235 -1.52 43.39 57.87
C ALA K 235 -1.64 42.66 56.52
N ILE K 236 -0.71 41.76 56.18
CA ILE K 236 -0.87 40.91 54.99
C ILE K 236 -1.90 39.81 55.23
N GLY K 237 -2.06 39.31 56.46
CA GLY K 237 -3.03 38.27 56.81
C GLY K 237 -4.50 38.65 56.57
N ALA K 238 -4.81 39.92 56.38
CA ALA K 238 -6.09 40.41 55.86
C ALA K 238 -6.24 40.19 54.33
N VAL K 239 -6.08 38.94 53.86
CA VAL K 239 -6.11 38.62 52.42
C VAL K 239 -7.54 38.53 51.86
N ASP K 240 -8.50 38.06 52.66
CA ASP K 240 -9.82 37.59 52.21
C ASP K 240 -9.73 36.65 50.99
N ASP K 241 -8.95 35.57 51.13
CA ASP K 241 -8.81 34.54 50.09
C ASP K 241 -8.51 33.13 50.65
N GLY K 242 -8.93 32.85 51.89
CA GLY K 242 -8.69 31.58 52.57
C GLY K 242 -7.26 31.38 53.08
N VAL K 243 -6.49 32.47 53.29
CA VAL K 243 -5.07 32.45 53.67
C VAL K 243 -4.76 33.55 54.69
N ALA K 244 -5.38 33.40 55.87
CA ALA K 244 -5.20 34.27 57.02
C ALA K 244 -3.76 34.27 57.60
N GLU K 245 -3.52 35.01 58.68
CA GLU K 245 -2.22 35.19 59.34
C GLU K 245 -1.45 33.89 59.69
N SER K 246 -2.14 32.76 59.85
CA SER K 246 -1.53 31.43 60.04
C SER K 246 -0.79 30.88 58.82
N ALA K 247 -1.06 31.39 57.61
CA ALA K 247 -0.43 30.97 56.35
C ALA K 247 0.97 31.59 56.10
N TRP K 248 1.40 32.56 56.93
CA TRP K 248 2.54 33.44 56.68
C TRP K 248 3.68 33.24 57.69
N THR K 249 4.92 33.40 57.23
CA THR K 249 6.15 33.29 58.05
C THR K 249 7.05 34.50 57.80
N VAL K 250 7.62 35.08 58.87
CA VAL K 250 8.33 36.37 58.84
C VAL K 250 9.56 36.34 59.77
N THR K 251 10.62 37.05 59.39
CA THR K 251 11.84 37.24 60.22
C THR K 251 12.16 38.71 60.43
N ALA K 252 12.75 39.04 61.58
CA ALA K 252 12.91 40.43 62.05
C ALA K 252 13.92 41.24 61.21
N ASP K 253 15.08 40.66 60.91
CA ASP K 253 16.02 41.14 59.87
C ASP K 253 16.42 42.63 60.00
N GLY K 254 16.68 43.07 61.24
CA GLY K 254 16.88 44.49 61.57
C GLY K 254 15.58 45.26 61.44
N SER K 255 15.42 45.95 60.30
CA SER K 255 14.17 46.63 59.91
C SER K 255 13.62 46.17 58.55
N ASP K 256 14.34 45.29 57.84
CA ASP K 256 14.07 44.93 56.44
C ASP K 256 13.61 43.47 56.33
N PHE K 257 12.40 43.20 56.82
CA PHE K 257 11.83 41.86 57.01
C PHE K 257 11.82 41.00 55.74
N GLU K 258 12.31 39.77 55.79
CA GLU K 258 11.88 38.74 54.86
C GLU K 258 10.47 38.24 55.20
N ILE K 259 9.70 37.89 54.17
CA ILE K 259 8.32 37.40 54.22
C ILE K 259 8.22 36.13 53.36
N SER K 260 7.56 35.11 53.89
CA SER K 260 7.30 33.84 53.21
C SER K 260 5.83 33.45 53.37
N GLY K 261 5.21 32.93 52.32
CA GLY K 261 3.80 32.57 52.30
C GLY K 261 3.36 32.02 50.94
N PRO K 262 2.08 31.66 50.78
CA PRO K 262 1.60 30.90 49.63
C PRO K 262 1.47 31.73 48.34
N LEU K 263 1.43 33.06 48.39
CA LEU K 263 1.23 33.92 47.20
C LEU K 263 2.02 35.23 47.28
N ALA K 264 2.22 35.88 46.12
CA ALA K 264 3.19 36.96 45.96
C ALA K 264 2.88 38.24 46.75
N VAL K 265 3.88 38.74 47.48
CA VAL K 265 3.86 40.05 48.16
C VAL K 265 4.08 41.17 47.14
N ALA K 266 3.40 42.30 47.30
CA ALA K 266 3.56 43.48 46.45
C ALA K 266 3.30 44.77 47.25
N LEU K 267 3.91 45.88 46.82
CA LEU K 267 3.69 47.19 47.43
C LEU K 267 2.34 47.79 47.00
N GLY K 268 1.62 48.41 47.95
CA GLY K 268 0.45 49.24 47.67
C GLY K 268 0.86 50.70 47.42
N VAL K 269 0.38 51.59 48.28
CA VAL K 269 0.68 53.04 48.33
C VAL K 269 1.20 53.41 49.73
N ASP K 270 2.09 54.41 49.81
CA ASP K 270 2.70 54.89 51.07
C ASP K 270 2.92 56.40 51.07
N SER K 271 3.01 57.00 52.26
CA SER K 271 3.39 58.41 52.44
C SER K 271 4.92 58.58 52.42
N THR K 272 5.44 59.21 51.36
CA THR K 272 6.89 59.33 51.08
C THR K 272 7.55 60.45 51.88
N THR K 273 7.67 60.31 53.20
CA THR K 273 8.28 61.34 54.08
C THR K 273 9.78 61.52 53.89
N GLY K 274 10.47 60.54 53.32
CA GLY K 274 11.91 60.56 53.04
C GLY K 274 12.41 59.25 52.41
N GLY K 275 13.64 59.25 51.89
CA GLY K 275 14.24 58.10 51.21
C GLY K 275 13.47 57.68 49.95
N SER K 276 13.46 56.37 49.65
CA SER K 276 12.65 55.80 48.55
C SER K 276 11.18 55.61 48.90
N GLY K 277 10.78 55.80 50.16
CA GLY K 277 9.57 55.19 50.71
C GLY K 277 9.71 53.67 50.88
N VAL K 278 8.70 53.05 51.50
CA VAL K 278 8.67 51.60 51.75
C VAL K 278 8.73 50.84 50.43
N THR K 279 9.54 49.78 50.40
CA THR K 279 10.03 49.14 49.16
C THR K 279 9.87 47.62 49.25
N VAL K 280 9.53 46.93 48.15
CA VAL K 280 9.26 45.48 48.13
C VAL K 280 10.07 44.78 47.03
N ASP K 281 10.65 43.62 47.34
CA ASP K 281 11.49 42.80 46.45
C ASP K 281 11.19 41.29 46.61
N VAL K 282 11.66 40.51 45.62
CA VAL K 282 11.73 39.04 45.68
C VAL K 282 13.20 38.63 45.86
N VAL K 283 13.48 37.74 46.81
CA VAL K 283 14.83 37.31 47.24
C VAL K 283 15.47 36.33 46.25
N ALA L 2 38.28 20.39 14.49
CA ALA L 2 37.59 21.63 14.85
C ALA L 2 37.01 22.35 13.63
N LEU L 3 36.22 23.41 13.86
CA LEU L 3 35.60 24.20 12.79
C LEU L 3 36.59 25.09 12.03
N LYS L 4 36.38 25.29 10.72
CA LYS L 4 36.94 26.39 9.94
C LYS L 4 36.00 26.87 8.84
N ASP L 5 36.11 28.15 8.51
CA ASP L 5 35.19 28.85 7.59
C ASP L 5 35.53 28.64 6.10
N ASP L 6 36.70 28.09 5.79
CA ASP L 6 37.11 27.74 4.43
C ASP L 6 36.27 26.62 3.83
N ALA L 7 35.90 25.63 4.65
CA ALA L 7 35.27 24.39 4.19
C ALA L 7 33.73 24.45 4.08
N VAL L 8 33.11 25.59 4.37
CA VAL L 8 31.67 25.79 4.28
C VAL L 8 31.29 26.08 2.82
N LEU L 9 31.19 25.05 2.01
CA LEU L 9 30.97 25.11 0.56
C LEU L 9 29.69 25.88 0.20
N ILE L 10 29.72 26.66 -0.88
CA ILE L 10 28.54 27.39 -1.40
C ILE L 10 28.22 27.07 -2.87
N ALA L 11 29.09 26.37 -3.60
CA ALA L 11 28.80 25.79 -4.92
C ALA L 11 28.29 26.82 -5.94
N ALA L 12 28.86 28.02 -5.97
CA ALA L 12 28.41 29.13 -6.79
C ALA L 12 28.46 28.82 -8.30
N ARG L 13 29.44 28.04 -8.75
CA ARG L 13 29.66 27.62 -10.13
C ARG L 13 30.18 26.19 -10.14
N GLY L 14 30.11 25.46 -11.24
CA GLY L 14 30.71 24.13 -11.32
C GLY L 14 30.85 23.63 -12.73
N TYR L 15 31.37 22.42 -12.88
CA TYR L 15 31.51 21.73 -14.17
C TYR L 15 31.27 20.23 -13.99
N VAL L 16 30.80 19.55 -15.01
CA VAL L 16 30.56 18.09 -15.01
C VAL L 16 31.18 17.48 -16.25
N TYR L 17 31.88 16.36 -16.11
CA TYR L 17 32.63 15.71 -17.18
C TYR L 17 32.34 14.22 -17.21
N THR L 18 32.50 13.57 -18.37
CA THR L 18 32.38 12.11 -18.50
C THR L 18 33.49 11.53 -19.35
N ALA L 19 33.70 10.23 -19.28
CA ALA L 19 34.67 9.50 -20.09
C ALA L 19 34.37 8.01 -20.11
N ALA L 20 35.06 7.25 -20.96
CA ALA L 20 35.05 5.80 -20.93
C ALA L 20 35.35 5.26 -19.54
N VAL L 21 34.79 4.10 -19.18
CA VAL L 21 34.80 3.56 -17.82
C VAL L 21 36.22 3.43 -17.27
N GLY L 22 36.39 3.70 -15.99
CA GLY L 22 37.64 3.46 -15.28
C GLY L 22 38.71 4.54 -15.39
N THR L 23 38.57 5.55 -16.24
CA THR L 23 39.63 6.57 -16.38
C THR L 23 39.76 7.48 -15.17
N ALA L 24 40.96 8.02 -14.91
CA ALA L 24 41.31 8.71 -13.68
C ALA L 24 41.13 10.25 -13.75
N ALA L 25 40.47 10.85 -12.77
CA ALA L 25 40.40 12.30 -12.62
C ALA L 25 41.77 12.92 -12.33
N PRO L 26 42.00 14.23 -12.57
CA PRO L 26 43.23 14.91 -12.23
C PRO L 26 43.51 14.83 -10.73
N THR L 27 44.78 14.66 -10.34
CA THR L 27 45.17 14.44 -8.95
C THR L 27 44.85 15.67 -8.09
N PRO L 28 44.78 15.55 -6.75
CA PRO L 28 44.45 16.68 -5.89
C PRO L 28 45.32 17.92 -6.11
N SER L 29 46.62 17.73 -6.38
CA SER L 29 47.56 18.82 -6.64
C SER L 29 47.45 19.39 -8.05
N GLN L 30 46.91 18.66 -9.02
CA GLN L 30 46.57 19.20 -10.34
C GLN L 30 45.25 19.95 -10.32
N LEU L 31 44.24 19.47 -9.61
CA LEU L 31 42.88 20.06 -9.60
C LEU L 31 42.88 21.54 -9.20
N LYS L 32 43.89 21.95 -8.45
CA LYS L 32 44.15 23.32 -8.01
C LYS L 32 44.66 24.25 -9.10
N LEU L 33 45.12 23.74 -10.24
CA LEU L 33 45.75 24.51 -11.32
C LEU L 33 45.34 24.15 -12.75
N ILE L 34 44.58 23.08 -12.99
CA ILE L 34 43.98 22.80 -14.31
C ILE L 34 43.04 23.93 -14.75
N ASP L 35 42.84 24.07 -16.06
CA ASP L 35 41.83 24.98 -16.62
C ASP L 35 40.55 24.21 -16.97
N LEU L 36 39.46 24.50 -16.28
CA LEU L 36 38.30 23.61 -16.20
C LEU L 36 37.47 23.55 -17.48
N GLU L 37 37.52 24.56 -18.33
CA GLU L 37 36.66 24.63 -19.51
C GLU L 37 37.21 23.85 -20.72
N HIS L 38 38.44 23.33 -20.64
CA HIS L 38 39.16 22.71 -21.77
C HIS L 38 39.79 21.36 -21.40
N PRO L 39 39.01 20.27 -21.27
CA PRO L 39 39.51 18.94 -20.94
C PRO L 39 40.61 18.39 -21.85
N GLU L 40 40.73 18.87 -23.08
CA GLU L 40 41.82 18.49 -23.99
C GLU L 40 43.20 19.02 -23.55
N ALA L 41 43.26 20.03 -22.67
CA ALA L 41 44.51 20.66 -22.23
C ALA L 41 45.18 19.97 -21.03
N TRP L 42 44.47 19.13 -20.26
CA TRP L 42 44.92 18.72 -18.92
C TRP L 42 46.12 17.77 -18.90
N ASP L 43 46.30 16.96 -19.94
CA ASP L 43 47.30 15.88 -20.00
C ASP L 43 47.23 14.86 -18.83
N ARG L 44 46.07 14.77 -18.15
CA ARG L 44 45.70 13.68 -17.24
C ARG L 44 45.16 12.46 -17.99
N THR L 45 44.20 12.67 -18.89
CA THR L 45 43.56 11.64 -19.75
C THR L 45 42.57 12.33 -20.70
N GLY L 46 41.75 11.57 -21.43
CA GLY L 46 40.61 12.08 -22.21
C GLY L 46 39.30 12.11 -21.43
N TRP L 47 39.03 13.20 -20.72
CA TRP L 47 37.68 13.58 -20.24
C TRP L 47 36.96 14.40 -21.30
N ASP L 48 35.63 14.43 -21.31
CA ASP L 48 34.84 15.38 -22.10
C ASP L 48 33.85 16.13 -21.22
N LEU L 49 33.63 17.42 -21.55
CA LEU L 49 32.73 18.27 -20.77
C LEU L 49 31.29 18.00 -21.21
N VAL L 50 30.41 17.73 -20.26
CA VAL L 50 29.06 17.21 -20.50
C VAL L 50 28.12 18.19 -21.20
N GLY L 51 28.51 19.46 -21.33
CA GLY L 51 27.68 20.56 -21.81
C GLY L 51 27.08 21.39 -20.67
N HIS L 52 26.27 22.39 -20.99
CA HIS L 52 25.62 23.21 -19.97
C HIS L 52 24.69 22.36 -19.08
N THR L 53 24.62 22.70 -17.80
CA THR L 53 23.82 22.04 -16.77
C THR L 53 22.89 23.08 -16.14
N SER L 54 21.73 22.67 -15.63
CA SER L 54 20.77 23.59 -15.03
C SER L 54 21.42 24.45 -13.96
N GLU L 55 21.26 25.76 -14.06
CA GLU L 55 21.97 26.74 -13.24
C GLU L 55 21.35 26.89 -11.83
N ASP L 56 20.26 26.19 -11.53
CA ASP L 56 19.63 26.17 -10.21
C ASP L 56 19.20 24.77 -9.71
N ASP L 57 19.06 23.76 -10.59
CA ASP L 57 19.00 22.35 -10.20
C ASP L 57 20.40 21.72 -10.10
N LEU L 58 21.21 22.10 -9.11
CA LEU L 58 22.55 21.51 -8.92
C LEU L 58 22.48 19.98 -8.72
N PRO L 59 23.55 19.21 -9.03
CA PRO L 59 23.57 17.77 -8.86
C PRO L 59 23.10 17.28 -7.49
N GLU L 60 22.18 16.32 -7.47
CA GLU L 60 21.57 15.81 -6.24
C GLU L 60 22.17 14.45 -5.86
N PHE L 61 23.09 14.38 -4.89
CA PHE L 61 23.78 13.16 -4.48
C PHE L 61 22.92 12.24 -3.58
N GLY L 62 21.75 11.85 -4.05
CA GLY L 62 20.83 10.98 -3.30
C GLY L 62 21.31 9.54 -3.11
N PHE L 63 20.47 8.71 -2.47
CA PHE L 63 20.62 7.27 -2.45
C PHE L 63 19.26 6.59 -2.24
N ASP L 64 19.09 5.39 -2.78
CA ASP L 64 17.97 4.50 -2.46
C ASP L 64 18.40 3.41 -1.46
N GLY L 65 17.45 2.78 -0.77
CA GLY L 65 17.74 1.75 0.23
C GLY L 65 18.39 2.31 1.50
N GLY L 66 19.20 1.51 2.17
CA GLY L 66 19.81 1.86 3.46
C GLY L 66 18.93 1.64 4.69
N ASP L 67 17.77 1.00 4.55
CA ASP L 67 16.87 0.68 5.66
C ASP L 67 17.55 -0.20 6.72
N SER L 68 17.19 -0.03 7.99
CA SER L 68 17.89 -0.69 9.10
C SER L 68 16.99 -0.90 10.32
N GLU L 69 17.31 -1.92 11.14
CA GLU L 69 16.67 -2.18 12.42
C GLU L 69 17.59 -3.01 13.32
N VAL L 70 17.27 -3.10 14.62
CA VAL L 70 18.19 -3.67 15.62
C VAL L 70 17.77 -5.08 15.98
N ARG L 71 18.65 -6.04 15.75
CA ARG L 71 18.43 -7.47 16.02
C ARG L 71 18.78 -7.81 17.46
N GLY L 72 18.22 -8.89 17.98
CA GLY L 72 18.42 -9.31 19.37
C GLY L 72 18.43 -10.81 19.54
N SER L 73 18.10 -11.27 20.73
CA SER L 73 18.03 -12.69 21.09
C SER L 73 17.10 -12.86 22.28
N TRP L 74 16.71 -14.08 22.58
CA TRP L 74 15.81 -14.31 23.72
C TRP L 74 16.44 -13.83 25.03
N GLN L 75 17.77 -13.87 25.17
CA GLN L 75 18.48 -13.36 26.34
C GLN L 75 18.61 -11.84 26.37
N LYS L 76 19.09 -11.23 25.28
CA LYS L 76 19.54 -9.83 25.18
C LYS L 76 18.92 -9.14 23.96
N LYS L 77 18.25 -8.01 24.15
CA LYS L 77 17.25 -7.48 23.21
C LYS L 77 17.79 -6.57 22.09
N LYS L 78 19.06 -6.17 22.14
CA LYS L 78 19.57 -5.00 21.39
C LYS L 78 20.98 -5.19 20.81
N LEU L 79 21.39 -6.43 20.55
CA LEU L 79 22.82 -6.76 20.46
C LEU L 79 23.56 -6.34 19.19
N ARG L 80 22.93 -6.20 18.01
CA ARG L 80 23.53 -5.46 16.88
C ARG L 80 22.54 -4.87 15.90
N GLU L 81 22.84 -3.69 15.38
CA GLU L 81 22.08 -3.01 14.33
C GLU L 81 22.43 -3.58 12.95
N VAL L 82 21.45 -3.89 12.11
CA VAL L 82 21.67 -4.46 10.77
C VAL L 82 20.97 -3.63 9.70
N GLU L 83 21.49 -3.65 8.49
CA GLU L 83 20.90 -2.95 7.34
C GLU L 83 20.28 -3.99 6.40
N THR L 84 18.99 -3.87 6.12
CA THR L 84 18.24 -4.87 5.33
C THR L 84 18.41 -4.67 3.82
N GLU L 85 18.81 -3.47 3.39
CA GLU L 85 19.21 -3.18 2.02
C GLU L 85 20.53 -2.41 2.03
N GLU L 86 21.51 -2.80 1.22
CA GLU L 86 22.75 -2.02 1.09
C GLU L 86 22.43 -0.65 0.45
N ILE L 87 23.16 0.40 0.80
CA ILE L 87 22.98 1.75 0.24
C ILE L 87 23.21 1.71 -1.27
N ALA L 88 22.24 2.13 -2.08
CA ALA L 88 22.39 2.31 -3.52
C ALA L 88 22.56 3.80 -3.87
N ASP L 89 23.81 4.27 -3.86
CA ASP L 89 24.20 5.66 -4.18
C ASP L 89 23.97 6.04 -5.64
N TYR L 90 23.68 7.32 -5.91
CA TYR L 90 23.60 7.90 -7.25
C TYR L 90 23.83 9.42 -7.20
N VAL L 91 23.96 10.07 -8.36
CA VAL L 91 23.80 11.53 -8.48
C VAL L 91 22.86 11.85 -9.64
N VAL L 92 21.98 12.85 -9.51
CA VAL L 92 21.09 13.28 -10.59
C VAL L 92 21.60 14.59 -11.18
N ILE L 93 21.82 14.65 -12.48
CA ILE L 93 22.40 15.78 -13.21
C ILE L 93 21.37 16.31 -14.20
N ASN L 94 20.94 17.58 -14.10
CA ASN L 94 19.97 18.15 -15.03
C ASN L 94 20.67 18.82 -16.21
N LEU L 95 21.06 18.06 -17.23
CA LEU L 95 21.66 18.61 -18.45
C LEU L 95 20.68 19.58 -19.14
N THR L 96 21.16 20.58 -19.89
CA THR L 96 20.26 21.59 -20.48
C THR L 96 20.51 21.94 -21.95
N GLN L 97 21.67 21.64 -22.53
CA GLN L 97 21.83 21.72 -24.00
C GLN L 97 21.32 20.43 -24.67
N PHE L 98 20.77 20.52 -25.89
CA PHE L 98 20.11 19.40 -26.58
C PHE L 98 20.95 18.76 -27.70
N ASP L 99 22.22 19.11 -27.81
CA ASP L 99 23.15 18.51 -28.76
C ASP L 99 23.42 17.02 -28.48
N GLU L 100 24.02 16.29 -29.42
CA GLU L 100 24.30 14.86 -29.29
C GLU L 100 25.10 14.52 -28.03
N THR L 101 26.09 15.35 -27.68
CA THR L 101 26.91 15.14 -26.47
C THR L 101 26.11 15.16 -25.16
N ALA L 102 24.91 15.72 -25.14
CA ALA L 102 23.98 15.59 -24.03
C ALA L 102 22.99 14.44 -24.24
N LEU L 103 22.39 14.29 -25.42
CA LEU L 103 21.41 13.23 -25.64
C LEU L 103 22.00 11.82 -25.50
N GLU L 104 23.27 11.58 -25.82
CA GLU L 104 23.95 10.29 -25.59
C GLU L 104 23.83 9.79 -24.13
N LEU L 105 23.75 10.72 -23.18
CA LEU L 105 23.70 10.41 -21.76
C LEU L 105 22.27 10.19 -21.27
N TYR L 106 21.29 10.81 -21.93
CA TYR L 106 19.88 10.62 -21.61
C TYR L 106 19.35 9.36 -22.29
N PHE L 107 19.45 9.23 -23.61
CA PHE L 107 18.89 8.11 -24.38
C PHE L 107 19.82 6.91 -24.60
N GLY L 108 21.09 6.98 -24.18
CA GLY L 108 22.10 6.02 -24.62
C GLY L 108 22.71 6.41 -25.97
N PRO L 109 23.69 5.67 -26.49
CA PRO L 109 24.41 6.03 -27.70
C PRO L 109 23.49 6.05 -28.92
N ASN L 110 23.75 6.97 -29.84
CA ASN L 110 22.89 7.22 -31.00
C ASN L 110 22.71 5.98 -31.89
N GLN L 111 21.48 5.52 -32.10
CA GLN L 111 21.17 4.32 -32.88
C GLN L 111 21.01 4.58 -34.40
N SER L 112 21.07 5.83 -34.85
CA SER L 112 20.85 6.21 -36.25
C SER L 112 22.14 6.74 -36.89
N ALA L 113 22.49 6.23 -38.07
CA ALA L 113 23.77 6.52 -38.72
C ALA L 113 23.78 7.76 -39.64
N THR L 114 22.61 8.33 -39.96
CA THR L 114 22.47 9.40 -40.96
C THR L 114 22.77 10.79 -40.37
N PRO L 115 23.22 11.77 -41.16
CA PRO L 115 23.54 13.10 -40.66
C PRO L 115 22.29 13.84 -40.20
N GLY L 116 22.33 14.45 -39.02
CA GLY L 116 21.25 15.30 -38.46
C GLY L 116 20.07 14.57 -37.82
N ILE L 117 20.13 13.25 -37.63
CA ILE L 117 19.06 12.46 -36.99
C ILE L 117 19.63 11.64 -35.83
N PHE L 118 19.06 11.77 -34.63
CA PHE L 118 19.43 10.97 -33.47
C PHE L 118 18.29 10.00 -33.14
N GLY L 119 18.55 8.70 -33.00
CA GLY L 119 17.50 7.70 -32.79
C GLY L 119 17.71 6.80 -31.58
N VAL L 120 16.63 6.22 -31.07
CA VAL L 120 16.62 5.28 -29.92
C VAL L 120 15.57 4.18 -30.14
N LYS L 121 15.69 3.00 -29.52
CA LYS L 121 14.79 1.85 -29.80
C LYS L 121 14.13 1.15 -28.61
N SER L 122 14.82 0.94 -27.50
CA SER L 122 14.21 0.27 -26.32
C SER L 122 15.02 0.50 -25.05
N GLY L 123 14.48 0.06 -23.91
CA GLY L 123 15.24 -0.12 -22.67
C GLY L 123 16.29 -1.22 -22.76
N SER L 124 16.80 -1.65 -21.61
CA SER L 124 17.94 -2.57 -21.49
C SER L 124 19.22 -2.11 -22.20
N VAL L 125 19.33 -0.81 -22.56
CA VAL L 125 20.58 -0.20 -23.00
C VAL L 125 21.51 -0.01 -21.81
N VAL L 126 22.80 -0.22 -21.99
CA VAL L 126 23.83 0.06 -20.99
C VAL L 126 24.63 1.28 -21.40
N ASN L 127 24.89 2.18 -20.46
CA ASN L 127 25.49 3.49 -20.70
C ASN L 127 26.54 3.80 -19.63
N GLU L 128 27.36 2.82 -19.29
CA GLU L 128 28.45 2.97 -18.33
C GLU L 128 29.41 4.10 -18.75
N ARG L 129 29.75 5.02 -17.84
CA ARG L 129 30.83 6.02 -18.02
C ARG L 129 31.53 6.27 -16.69
N ALA L 130 32.75 6.77 -16.69
CA ALA L 130 33.31 7.43 -15.52
C ALA L 130 32.74 8.83 -15.42
N LEU L 131 32.71 9.42 -14.23
CA LEU L 131 32.10 10.73 -13.98
C LEU L 131 33.02 11.56 -13.10
N LEU L 132 33.18 12.84 -13.40
CA LEU L 132 33.90 13.83 -12.59
C LEU L 132 33.03 15.06 -12.46
N ILE L 133 32.91 15.62 -11.26
CA ILE L 133 32.19 16.87 -11.01
C ILE L 133 33.14 17.78 -10.28
N VAL L 134 33.32 19.02 -10.71
CA VAL L 134 34.14 20.00 -10.00
C VAL L 134 33.27 21.13 -9.52
N ILE L 135 33.20 21.35 -8.21
CA ILE L 135 32.30 22.33 -7.60
C ILE L 135 33.13 23.51 -7.15
N VAL L 136 32.89 24.71 -7.69
CA VAL L 136 33.80 25.86 -7.56
C VAL L 136 33.16 27.00 -6.80
N ASP L 137 33.79 27.48 -5.74
CA ASP L 137 33.50 28.82 -5.19
C ASP L 137 34.78 29.45 -4.63
N ASN L 138 34.96 30.78 -4.74
CA ASN L 138 36.17 31.48 -4.33
C ASN L 138 37.50 30.83 -4.84
N ASP L 139 37.43 30.13 -5.97
CA ASP L 139 38.47 29.24 -6.50
C ASP L 139 39.04 28.19 -5.51
N VAL L 140 38.27 27.73 -4.52
CA VAL L 140 38.44 26.38 -3.96
C VAL L 140 37.58 25.40 -4.75
N ARG L 141 37.99 24.14 -4.92
CA ARG L 141 37.44 23.26 -5.96
C ARG L 141 37.21 21.85 -5.45
N LEU L 142 36.13 21.61 -4.72
CA LEU L 142 35.80 20.26 -4.28
C LEU L 142 35.46 19.40 -5.50
N GLY L 143 36.38 18.54 -5.92
CA GLY L 143 36.16 17.59 -7.00
C GLY L 143 35.47 16.34 -6.49
N PHE L 144 34.77 15.64 -7.34
CA PHE L 144 34.16 14.35 -7.05
C PHE L 144 34.37 13.42 -8.22
N HIS L 145 34.71 12.16 -8.02
CA HIS L 145 35.07 11.26 -9.10
C HIS L 145 34.52 9.86 -8.89
N ALA L 146 33.57 9.42 -9.71
CA ALA L 146 33.07 8.06 -9.70
C ALA L 146 33.74 7.28 -10.82
N ARG L 147 34.41 6.19 -10.47
CA ARG L 147 35.25 5.40 -11.37
C ARG L 147 34.44 4.68 -12.44
N LYS L 148 33.20 4.30 -12.12
CA LYS L 148 32.22 3.66 -13.00
C LYS L 148 30.80 4.01 -12.53
N ALA L 149 30.01 4.63 -13.40
CA ALA L 149 28.64 5.03 -13.13
C ALA L 149 27.74 4.61 -14.29
N SER L 150 26.57 4.08 -13.99
CA SER L 150 25.61 3.65 -15.00
C SER L 150 24.52 4.71 -15.18
N LEU L 151 24.63 5.52 -16.23
CA LEU L 151 23.66 6.59 -16.50
C LEU L 151 22.32 6.05 -17.01
N LYS L 152 21.21 6.64 -16.55
CA LYS L 152 19.86 6.43 -17.05
C LYS L 152 19.04 7.70 -16.95
N ARG L 153 17.93 7.86 -17.67
CA ARG L 153 17.04 9.01 -17.43
C ARG L 153 16.37 8.93 -16.06
N GLU L 154 16.26 10.07 -15.38
CA GLU L 154 15.63 10.20 -14.06
C GLU L 154 14.13 10.44 -14.17
N ASP L 155 13.70 11.43 -14.95
CA ASP L 155 12.30 11.60 -15.37
C ASP L 155 12.24 12.39 -16.70
N ALA L 156 11.05 12.86 -17.07
CA ALA L 156 10.74 13.40 -18.40
C ALA L 156 11.66 14.55 -18.85
N ILE L 157 11.84 14.73 -20.15
CA ILE L 157 12.40 15.98 -20.69
C ILE L 157 11.48 17.13 -20.28
N SER L 158 12.04 18.21 -19.77
CA SER L 158 11.27 19.39 -19.38
C SER L 158 11.40 20.43 -20.48
N LEU L 159 10.28 20.95 -20.95
CA LEU L 159 10.22 22.06 -21.92
C LEU L 159 9.39 23.19 -21.34
N ALA L 160 9.79 24.44 -21.59
CA ALA L 160 9.08 25.62 -21.13
C ALA L 160 9.27 26.79 -22.10
N THR L 161 8.37 27.77 -22.03
CA THR L 161 8.39 28.95 -22.90
C THR L 161 9.30 30.07 -22.40
N ASP L 162 9.77 30.03 -21.15
CA ASP L 162 10.36 31.18 -20.47
C ASP L 162 11.72 30.93 -19.78
N GLU L 163 12.12 29.69 -19.53
CA GLU L 163 13.47 29.30 -19.09
C GLU L 163 13.87 27.98 -19.79
N PHE L 164 15.16 27.64 -19.77
CA PHE L 164 15.72 26.57 -20.60
C PHE L 164 15.07 25.20 -20.39
N GLY L 165 14.99 24.39 -21.44
CA GLY L 165 14.61 22.98 -21.32
C GLY L 165 15.65 22.16 -20.56
N ALA L 166 15.32 20.95 -20.13
CA ALA L 166 16.21 20.09 -19.35
C ALA L 166 16.09 18.60 -19.67
N LEU L 167 17.17 17.86 -19.44
CA LEU L 167 17.33 16.43 -19.67
C LEU L 167 17.86 15.75 -18.39
N PRO L 168 17.01 15.43 -17.40
CA PRO L 168 17.49 14.89 -16.13
C PRO L 168 18.04 13.47 -16.25
N VAL L 169 19.32 13.25 -15.95
CA VAL L 169 19.94 11.92 -15.93
C VAL L 169 20.35 11.54 -14.52
N ARG L 170 20.20 10.28 -14.12
CA ARG L 170 20.72 9.71 -12.87
C ARG L 170 21.92 8.86 -13.22
N ALA L 171 23.02 9.02 -12.51
CA ALA L 171 24.19 8.17 -12.65
C ALA L 171 24.36 7.31 -11.39
N THR L 172 24.06 6.01 -11.43
CA THR L 172 24.21 5.09 -10.29
C THR L 172 25.62 4.55 -10.23
N PHE L 173 26.33 4.72 -9.11
CA PHE L 173 27.73 4.30 -8.97
C PHE L 173 27.87 2.81 -8.72
N LEU L 174 28.83 2.16 -9.38
CA LEU L 174 29.05 0.71 -9.35
C LEU L 174 30.50 0.38 -9.00
N ASP L 175 30.77 -0.78 -8.41
CA ASP L 175 32.14 -1.19 -8.09
C ASP L 175 32.93 -1.52 -9.36
N TYR L 176 34.13 -0.96 -9.48
CA TYR L 176 35.09 -1.30 -10.53
C TYR L 176 36.39 -1.82 -9.91
N GLN L 177 36.76 -3.06 -10.19
CA GLN L 177 38.13 -3.58 -10.08
C GLN L 177 38.86 -3.23 -8.76
N SER L 178 38.20 -3.38 -7.62
CA SER L 178 38.71 -3.11 -6.25
C SER L 178 39.00 -1.65 -5.84
N TYR L 179 38.68 -0.65 -6.67
CA TYR L 179 38.78 0.77 -6.32
C TYR L 179 37.63 1.25 -5.43
N ASN L 180 37.77 2.42 -4.80
CA ASN L 180 36.66 3.14 -4.17
C ASN L 180 35.55 3.38 -5.20
N LEU L 181 34.26 3.27 -4.84
CA LEU L 181 33.22 3.45 -5.86
C LEU L 181 33.03 4.92 -6.24
N TYR L 182 33.40 5.86 -5.35
CA TYR L 182 33.71 7.24 -5.70
C TYR L 182 34.60 7.91 -4.64
N GLU L 183 35.24 8.99 -5.04
CA GLU L 183 36.20 9.76 -4.26
C GLU L 183 35.82 11.23 -4.27
N TRP L 184 36.11 11.95 -3.19
CA TRP L 184 36.07 13.41 -3.16
C TRP L 184 37.50 13.91 -3.12
N ILE L 185 37.82 14.90 -3.94
CA ILE L 185 39.19 15.32 -4.21
C ILE L 185 39.33 16.79 -3.82
N GLU L 186 40.19 17.11 -2.86
CA GLU L 186 40.61 18.48 -2.53
C GLU L 186 41.87 18.43 -1.65
N GLU L 187 42.97 19.03 -2.11
CA GLU L 187 44.30 18.87 -1.52
C GLU L 187 44.43 19.52 -0.14
N ASP L 188 43.67 20.58 0.14
CA ASP L 188 43.79 21.35 1.37
C ASP L 188 43.01 20.75 2.56
N TRP L 189 42.01 19.91 2.29
CA TRP L 189 41.04 19.45 3.30
C TRP L 189 41.27 18.01 3.72
N PHE L 190 41.28 17.06 2.80
CA PHE L 190 41.01 15.67 3.17
C PHE L 190 42.17 14.94 3.87
N ASN L 191 43.43 15.27 3.62
CA ASN L 191 44.56 14.66 4.32
C ASN L 191 45.73 15.64 4.50
N ALA L 192 46.58 15.38 5.50
CA ALA L 192 47.79 16.14 5.79
C ALA L 192 47.57 17.65 5.98
N VAL L 193 46.57 18.02 6.78
CA VAL L 193 46.35 19.39 7.28
C VAL L 193 47.43 19.73 8.31
N ASP L 194 48.60 20.13 7.82
CA ASP L 194 49.86 20.16 8.55
C ASP L 194 50.82 21.20 7.91
N ALA L 195 51.95 21.50 8.56
CA ALA L 195 52.99 22.38 8.00
C ALA L 195 53.47 21.90 6.61
N PRO L 196 53.85 22.81 5.70
CA PRO L 196 54.13 22.48 4.31
C PRO L 196 55.37 21.59 4.16
N VAL L 197 55.32 20.67 3.19
CA VAL L 197 56.43 19.76 2.87
C VAL L 197 57.66 20.52 2.36
N VAL L 198 58.85 20.04 2.72
CA VAL L 198 60.14 20.57 2.27
C VAL L 198 61.00 19.44 1.71
N TYR L 199 61.76 19.73 0.66
CA TYR L 199 62.77 18.85 0.08
C TYR L 199 64.16 19.42 0.31
N LEU L 200 65.10 18.58 0.75
CA LEU L 200 66.50 18.91 0.96
C LEU L 200 67.35 18.35 -0.17
N LEU L 201 68.19 19.20 -0.76
CA LEU L 201 69.28 18.81 -1.63
C LEU L 201 70.59 18.96 -0.85
N ASP L 202 71.39 17.90 -0.84
CA ASP L 202 72.73 17.90 -0.27
C ASP L 202 73.74 17.78 -1.43
N LEU L 203 74.59 18.79 -1.55
CA LEU L 203 75.53 18.92 -2.66
C LEU L 203 76.67 17.88 -2.65
N GLY L 204 76.96 17.24 -1.51
CA GLY L 204 78.05 16.28 -1.38
C GLY L 204 79.42 16.85 -1.80
N GLY L 205 80.28 16.01 -2.38
CA GLY L 205 81.46 16.45 -3.12
C GLY L 205 81.14 16.62 -4.61
N ALA L 206 81.37 17.79 -5.19
CA ALA L 206 80.83 18.18 -6.49
C ALA L 206 81.75 19.11 -7.30
N THR L 207 81.63 19.12 -8.63
CA THR L 207 82.22 20.15 -9.52
C THR L 207 81.44 20.24 -10.85
N GLY L 208 81.32 21.45 -11.40
CA GLY L 208 80.89 21.67 -12.80
C GLY L 208 79.38 21.65 -13.07
N GLY L 209 79.01 22.05 -14.29
CA GLY L 209 77.64 22.31 -14.75
C GLY L 209 76.80 21.11 -15.20
N ASP L 210 77.22 19.88 -14.92
CA ASP L 210 76.36 18.70 -15.00
C ASP L 210 75.11 18.90 -14.11
N TYR L 211 73.89 18.65 -14.61
CA TYR L 211 72.65 18.93 -13.87
C TYR L 211 71.44 18.11 -14.35
N THR L 212 70.58 17.68 -13.42
CA THR L 212 69.16 17.34 -13.69
C THR L 212 68.37 17.28 -12.37
N LEU L 213 67.17 17.85 -12.33
CA LEU L 213 66.33 17.93 -11.12
C LEU L 213 64.84 17.82 -11.46
N LEU L 214 64.23 16.67 -11.14
CA LEU L 214 62.81 16.42 -11.39
C LEU L 214 61.90 17.25 -10.47
N VAL L 215 60.90 17.90 -11.05
CA VAL L 215 59.75 18.52 -10.36
C VAL L 215 58.47 18.23 -11.13
N GLY L 216 57.38 17.85 -10.47
CA GLY L 216 56.11 17.51 -11.12
C GLY L 216 56.20 16.38 -12.17
N GLY L 217 57.25 15.55 -12.13
CA GLY L 217 57.55 14.49 -13.10
C GLY L 217 58.46 14.86 -14.30
N LYS L 218 58.98 16.09 -14.39
CA LYS L 218 59.84 16.56 -15.51
C LYS L 218 61.11 17.24 -14.99
N SER L 219 62.22 17.18 -15.72
CA SER L 219 63.45 17.86 -15.28
C SER L 219 63.37 19.37 -15.46
N THR L 220 63.85 20.09 -14.46
CA THR L 220 64.23 21.51 -14.52
C THR L 220 65.38 21.70 -15.53
N GLY L 221 65.46 22.87 -16.17
CA GLY L 221 66.57 23.23 -17.06
C GLY L 221 67.93 23.34 -16.34
N ASP L 222 69.03 23.20 -17.07
CA ASP L 222 70.38 23.10 -16.51
C ASP L 222 70.87 24.38 -15.79
N ILE L 223 71.59 24.19 -14.69
CA ILE L 223 72.17 25.25 -13.84
C ILE L 223 73.65 24.94 -13.57
N ALA L 224 74.52 25.95 -13.64
CA ALA L 224 75.96 25.79 -13.41
C ALA L 224 76.30 25.53 -11.93
N TYR L 225 76.59 24.26 -11.58
CA TYR L 225 77.23 23.84 -10.32
C TYR L 225 76.46 24.26 -9.04
N ASN L 226 75.17 24.62 -9.16
CA ASN L 226 74.36 25.25 -8.11
C ASN L 226 75.10 26.42 -7.41
N ALA L 227 75.92 27.15 -8.17
CA ALA L 227 77.00 27.99 -7.64
C ALA L 227 76.57 29.29 -6.95
N ASN L 228 75.29 29.68 -7.04
CA ASN L 228 74.74 30.86 -6.37
C ASN L 228 73.52 30.48 -5.51
N ALA L 229 73.40 31.09 -4.32
CA ALA L 229 72.32 30.80 -3.38
C ALA L 229 70.94 31.13 -3.97
N SER L 230 69.97 30.23 -3.76
CA SER L 230 68.59 30.32 -4.26
C SER L 230 68.43 30.45 -5.79
N ALA L 231 69.50 30.28 -6.59
CA ALA L 231 69.48 30.43 -8.04
C ALA L 231 68.68 29.34 -8.80
N ILE L 232 68.11 28.36 -8.09
CA ILE L 232 67.15 27.38 -8.62
C ILE L 232 65.77 28.04 -8.87
N LYS L 233 65.46 29.16 -8.19
CA LYS L 233 64.37 30.08 -8.59
C LYS L 233 64.65 30.65 -9.99
N THR L 234 63.60 30.99 -10.74
CA THR L 234 63.70 31.32 -12.18
C THR L 234 64.18 30.12 -13.03
N ALA L 235 63.96 28.90 -12.54
CA ALA L 235 64.05 27.65 -13.28
C ALA L 235 62.94 26.71 -12.76
N ILE L 236 63.00 26.35 -11.47
CA ILE L 236 61.77 26.03 -10.74
C ILE L 236 60.97 27.35 -10.65
N GLY L 237 59.66 27.28 -10.90
CA GLY L 237 58.85 28.47 -11.15
C GLY L 237 59.05 29.10 -12.55
N ALA L 238 59.68 28.37 -13.48
CA ALA L 238 59.68 28.70 -14.91
C ALA L 238 59.37 27.48 -15.81
N VAL L 239 59.80 26.27 -15.43
CA VAL L 239 59.41 24.99 -16.07
C VAL L 239 58.59 24.20 -15.05
N ASP L 240 57.32 24.58 -14.90
CA ASP L 240 56.56 24.34 -13.65
C ASP L 240 55.10 23.88 -13.85
N ASP L 241 54.62 23.79 -15.09
CA ASP L 241 53.26 23.36 -15.46
C ASP L 241 52.10 24.20 -14.89
N GLY L 242 52.35 25.45 -14.46
CA GLY L 242 51.29 26.42 -14.13
C GLY L 242 51.41 27.08 -12.77
N VAL L 243 52.58 27.03 -12.13
CA VAL L 243 52.87 27.60 -10.79
C VAL L 243 54.17 28.39 -10.82
N ALA L 244 54.04 29.70 -11.07
CA ALA L 244 55.12 30.65 -11.24
C ALA L 244 55.97 30.88 -9.98
N GLU L 245 57.08 31.62 -10.13
CA GLU L 245 58.11 31.86 -9.12
C GLU L 245 57.59 32.15 -7.70
N SER L 246 56.56 32.97 -7.55
CA SER L 246 56.02 33.37 -6.24
C SER L 246 55.40 32.22 -5.44
N ALA L 247 55.06 31.10 -6.07
CA ALA L 247 54.56 29.91 -5.39
C ALA L 247 55.65 29.12 -4.65
N TRP L 248 56.93 29.37 -4.93
CA TRP L 248 58.06 28.55 -4.47
C TRP L 248 58.90 29.26 -3.40
N THR L 249 59.11 28.60 -2.27
CA THR L 249 59.92 29.08 -1.14
C THR L 249 61.19 28.24 -0.99
N VAL L 250 62.35 28.91 -1.05
CA VAL L 250 63.68 28.29 -1.17
C VAL L 250 64.67 28.93 -0.21
N THR L 251 65.56 28.11 0.37
CA THR L 251 66.61 28.50 1.33
C THR L 251 67.88 27.72 1.02
N ALA L 252 69.07 28.27 1.30
CA ALA L 252 70.32 27.52 1.15
C ALA L 252 71.40 27.95 2.18
N ASP L 253 72.26 27.01 2.56
CA ASP L 253 73.39 27.23 3.46
C ASP L 253 74.45 26.13 3.26
N GLY L 254 75.66 26.50 2.81
CA GLY L 254 76.77 25.56 2.61
C GLY L 254 76.42 24.44 1.62
N SER L 255 76.48 23.19 2.10
CA SER L 255 76.10 21.99 1.36
C SER L 255 74.60 21.85 1.08
N ASP L 256 73.74 22.67 1.71
CA ASP L 256 72.31 22.42 1.81
C ASP L 256 71.49 23.41 0.98
N PHE L 257 70.58 22.91 0.15
CA PHE L 257 69.49 23.68 -0.45
C PHE L 257 68.15 23.07 -0.02
N GLU L 258 67.25 23.88 0.54
CA GLU L 258 65.88 23.48 0.88
C GLU L 258 64.87 24.12 -0.07
N ILE L 259 63.97 23.32 -0.64
CA ILE L 259 62.96 23.75 -1.61
C ILE L 259 61.57 23.32 -1.14
N SER L 260 60.58 24.21 -1.30
CA SER L 260 59.18 23.96 -0.94
C SER L 260 58.22 24.72 -1.87
N GLY L 261 57.03 24.18 -2.08
CA GLY L 261 56.06 24.73 -3.04
C GLY L 261 54.89 23.77 -3.31
N PRO L 262 54.04 24.08 -4.30
CA PRO L 262 52.76 23.40 -4.51
C PRO L 262 52.87 22.03 -5.20
N LEU L 263 53.97 21.74 -5.92
CA LEU L 263 54.21 20.46 -6.60
C LEU L 263 55.48 19.80 -6.09
N ALA L 264 55.51 18.47 -6.08
CA ALA L 264 56.62 17.70 -5.51
C ALA L 264 57.92 17.84 -6.33
N VAL L 265 59.03 18.14 -5.65
CA VAL L 265 60.40 17.89 -6.13
C VAL L 265 60.73 16.41 -5.91
N ALA L 266 61.45 15.80 -6.86
CA ALA L 266 61.85 14.40 -6.83
C ALA L 266 63.35 14.25 -7.10
N LEU L 267 63.78 13.13 -7.70
CA LEU L 267 65.20 12.81 -7.90
C LEU L 267 65.93 13.88 -8.74
N GLY L 268 67.19 14.13 -8.38
CA GLY L 268 68.13 14.90 -9.20
C GLY L 268 69.57 14.46 -8.97
N VAL L 269 70.43 14.68 -9.96
CA VAL L 269 71.87 14.38 -9.93
C VAL L 269 72.63 15.44 -10.72
N ASP L 270 73.54 16.15 -10.04
CA ASP L 270 74.31 17.28 -10.58
C ASP L 270 75.81 17.12 -10.27
N SER L 271 76.64 17.80 -11.05
CA SER L 271 78.05 18.09 -10.76
C SER L 271 78.92 16.84 -10.49
N THR L 272 78.63 15.75 -11.22
CA THR L 272 79.27 14.43 -11.11
C THR L 272 80.77 14.48 -11.45
N THR L 273 81.55 13.49 -11.00
CA THR L 273 83.03 13.34 -11.13
C THR L 273 83.88 14.34 -10.33
N GLY L 274 83.28 15.38 -9.73
CA GLY L 274 83.93 16.19 -8.70
C GLY L 274 83.93 15.56 -7.29
N GLY L 275 83.31 14.39 -7.14
CA GLY L 275 83.13 13.69 -5.87
C GLY L 275 81.89 12.78 -5.88
N SER L 276 81.22 12.64 -4.74
CA SER L 276 80.00 11.84 -4.58
C SER L 276 78.77 12.37 -5.34
N GLY L 277 78.80 13.62 -5.82
CA GLY L 277 77.73 14.26 -6.58
C GLY L 277 76.58 14.80 -5.72
N VAL L 278 75.76 15.69 -6.30
CA VAL L 278 74.59 16.28 -5.62
C VAL L 278 73.48 15.23 -5.45
N THR L 279 72.74 15.33 -4.34
CA THR L 279 71.72 14.37 -3.90
C THR L 279 70.45 15.09 -3.41
N VAL L 280 69.32 14.39 -3.37
CA VAL L 280 68.00 14.95 -3.01
C VAL L 280 67.21 14.00 -2.11
N ASP L 281 66.50 14.52 -1.12
CA ASP L 281 65.54 13.76 -0.30
C ASP L 281 64.42 14.67 0.27
N VAL L 282 63.30 14.09 0.71
CA VAL L 282 62.27 14.81 1.47
C VAL L 282 62.71 14.99 2.94
N VAL L 283 62.36 16.13 3.56
CA VAL L 283 62.68 16.45 4.97
C VAL L 283 61.79 15.66 5.95
#